data_9PNU
#
_entry.id   9PNU
#
_cell.length_a   1.00
_cell.length_b   1.00
_cell.length_c   1.00
_cell.angle_alpha   90.00
_cell.angle_beta   90.00
_cell.angle_gamma   90.00
#
_symmetry.space_group_name_H-M   'P 1'
#
loop_
_entity.id
_entity.type
_entity.pdbx_description
1 polymer 'K001-A1 Fab heavy chain'
2 polymer 'K001-A1 Fab light chain'
3 polymer '459C-OPT probe RnS DS-SOSIP gp41'
4 polymer '459C-OPT probe RnS DS-SOSIP gp120'
5 branched alpha-D-mannopyranose-(1-3)-beta-D-mannopyranose-(1-4)-2-acetamido-2-deoxy-beta-D-glucopyranose-(1-4)-2-acetamido-2-deoxy-beta-D-glucopyranose
6 branched beta-D-mannopyranose-(1-4)-2-acetamido-2-deoxy-beta-D-glucopyranose-(1-4)-2-acetamido-2-deoxy-beta-D-glucopyranose
7 branched alpha-D-mannopyranose-(1-2)-alpha-D-mannopyranose-(1-3)-[alpha-D-mannopyranose-(1-6)]beta-D-mannopyranose-(1-4)-2-acetamido-2-deoxy-beta-D-glucopyranose-(1-4)-2-acetamido-2-deoxy-beta-D-glucopyranose
8 branched 2-acetamido-2-deoxy-beta-D-glucopyranose-(1-4)-2-acetamido-2-deoxy-beta-D-glucopyranose
9 branched alpha-D-mannopyranose-(1-3)-[alpha-D-mannopyranose-(1-6)]beta-D-mannopyranose-(1-4)-2-acetamido-2-deoxy-beta-D-glucopyranose-(1-4)-2-acetamido-2-deoxy-beta-D-glucopyranose
10 non-polymer 2-acetamido-2-deoxy-beta-D-glucopyranose
#
loop_
_entity_poly.entity_id
_entity_poly.type
_entity_poly.pdbx_seq_one_letter_code
_entity_poly.pdbx_strand_id
1 'polypeptide(L)'
;QVQLQQWGEGLVKPSETLSLTCAVYGGSISGDYYWTWIRQPPGMGLEWIGYIYGDTASTNYNPSLKNRVTISKDTSKNQF
SLKLDSVTAADTAVYYCARECGGQQVLHDDD(TYS)DFYDPTIGLDSWGQGVVVTVSSASTKGPSVFPLAPSSKSTSGGT
AALGCLVKDYFPEPVTVSWNSGALTSGVHTFPAVLQSSGLYSLSSVVTVPSSSLGTQTYICNVNHKPSNTKVDKKVEPKS
CDKGLEVLFQ
;
H
2 'polypeptide(L)'
;DIVMTQTPLSLPVTPGEPASISCRSSQSLLDSGDGNTYLDWYLQKPGQSPQPLIYEVSNRASGVPDRFSGSGSDTDFTLR
IRKVEAEDVGVYYCMQYTHIPWTFGQGTKVEIKRTVAAPSVFIFPPSDEQLKSGTASVVCLLNNFYPREAKVQWKVDNAL
QSGNSQESVTEQDSKDSTYSLSSTLTLSKADYEKHKVYACEVTHQGLSSPVTKSFNRGEC
;
L
3 'polypeptide(L)'
;AVGIGAVFLGFLGAAGSTMGAASNTLTVQARQLLSGIVQQQSNLLKAPEAQQHLLQLGVWGFKQLQTRVLAIERYLEVQQ
LLGLWGCSGKLICCTAVPWNSSWSNKSETEIWNNMTWMQWDREISNYTNTIYRLLEESQFQQEINEKDLLALDGGGLVPQ
QSGGLNDIFEAQKIEWHEG
;
A,B,F
4 'polypeptide(L)'
;GPNLWVTVYYGVPVWREAKTTLFCASDAKAYDREVHNVWATHACVPTDPNPQEIVLENVTENFNMWKNDMVDQMHEDIIS
LWDQSLKPCVKLTPLCVTLECTAFNSSSHTNSSIAMQEMKNCSFNMTTELRDKKKKVSALFYKLDIVPLNKNGRQYRLIN
CNTSTCTQICPKVSFDPIPIHYCTPAGYAILKCNNKTFNGTGPCNNVSTVQCTHGIKPVVSTQLLLNGSLAEEDIIIRSE
NLTNNAKTIIVHLNESVEIVCIRPNNMTRKSIRIGPGQTFYALNDIIGDIRQPHCNISKEKWNNTLHRVWKKLVEHFPNK
TIIFFDRHSGGDLEITTHSFNCGGEFFYCNTSGLFNITYNSNYTYNDTKHNGTKVITLPCRIKQIINMWQEVGRCMYAPP
IAGNITCTSNITGLLLTRDGGNNSTETETFRPGGGDMRDNWRSELYKYKVVEIKPLGIAPTGCKRRVVER
;
C,G,I
#
loop_
_chem_comp.id
_chem_comp.type
_chem_comp.name
_chem_comp.formula
BMA D-saccharide, beta linking beta-D-mannopyranose 'C6 H12 O6'
MAN D-saccharide, alpha linking alpha-D-mannopyranose 'C6 H12 O6'
NAG D-saccharide, beta linking 2-acetamido-2-deoxy-beta-D-glucopyranose 'C8 H15 N O6'
#
# COMPACT_ATOMS: atom_id res chain seq x y z
N GLN A 1 12.08 30.53 32.40
CA GLN A 1 12.17 31.78 31.65
C GLN A 1 13.35 32.60 32.14
N VAL A 2 13.56 33.77 31.54
CA VAL A 2 14.71 34.61 31.82
C VAL A 2 14.23 36.02 32.09
N GLN A 3 14.76 36.64 33.15
CA GLN A 3 14.47 38.03 33.45
C GLN A 3 15.34 38.92 32.57
N LEU A 4 14.71 39.81 31.81
CA LEU A 4 15.42 40.74 30.94
C LEU A 4 15.18 42.15 31.47
N GLN A 5 16.24 42.76 32.01
CA GLN A 5 16.18 44.12 32.54
C GLN A 5 16.96 45.02 31.60
N GLN A 6 16.27 45.97 30.97
CA GLN A 6 16.88 46.82 29.97
C GLN A 6 16.89 48.27 30.41
N TRP A 7 17.89 49.01 29.93
CA TRP A 7 18.04 50.43 30.20
C TRP A 7 18.47 51.11 28.91
N GLY A 8 18.76 52.39 28.99
CA GLY A 8 19.20 53.15 27.84
C GLY A 8 18.73 54.58 27.94
N GLU A 9 19.08 55.36 26.92
CA GLU A 9 18.70 56.77 26.86
C GLU A 9 17.37 56.87 26.12
N GLY A 10 16.32 57.26 26.84
CA GLY A 10 14.99 57.35 26.29
C GLY A 10 14.67 58.63 25.58
N LEU A 11 15.62 59.55 25.46
CA LEU A 11 15.39 60.84 24.81
C LEU A 11 16.58 61.14 23.90
N VAL A 12 16.37 61.04 22.59
CA VAL A 12 17.43 61.25 21.61
C VAL A 12 17.00 62.36 20.65
N LYS A 13 17.97 63.18 20.25
CA LYS A 13 17.72 64.24 19.30
C LYS A 13 17.63 63.67 17.88
N PRO A 14 16.89 64.33 16.99
CA PRO A 14 16.81 63.84 15.61
C PRO A 14 18.19 63.79 14.96
N SER A 15 18.40 62.75 14.15
CA SER A 15 19.62 62.42 13.43
C SER A 15 20.74 61.93 14.32
N GLU A 16 20.50 61.73 15.62
CA GLU A 16 21.49 61.12 16.49
C GLU A 16 21.36 59.60 16.46
N THR A 17 22.01 58.93 17.39
CA THR A 17 22.03 57.47 17.45
C THR A 17 21.40 57.01 18.75
N LEU A 18 20.45 56.09 18.65
CA LEU A 18 19.76 55.53 19.81
C LEU A 18 20.49 54.26 20.25
N SER A 19 20.90 54.23 21.52
CA SER A 19 21.66 53.11 22.06
C SER A 19 20.93 52.56 23.27
N LEU A 20 20.38 51.35 23.13
CA LEU A 20 19.68 50.67 24.21
C LEU A 20 20.41 49.38 24.54
N THR A 21 20.34 48.98 25.81
CA THR A 21 21.00 47.78 26.28
C THR A 21 20.02 46.94 27.08
N CYS A 22 20.08 45.63 26.91
CA CYS A 22 19.23 44.70 27.63
C CYS A 22 20.12 43.69 28.34
N ALA A 23 19.94 43.56 29.65
CA ALA A 23 20.74 42.67 30.47
C ALA A 23 19.97 41.39 30.77
N VAL A 24 20.69 40.27 30.79
CA VAL A 24 20.10 38.95 30.97
C VAL A 24 20.45 38.46 32.37
N TYR A 25 19.43 38.14 33.15
CA TYR A 25 19.59 37.55 34.48
C TYR A 25 18.85 36.22 34.54
N GLY A 26 19.43 35.25 35.22
CA GLY A 26 18.82 33.94 35.32
C GLY A 26 19.05 33.05 34.11
N GLY A 27 20.00 33.38 33.25
CA GLY A 27 20.26 32.57 32.08
C GLY A 27 21.54 33.02 31.41
N SER A 28 21.92 32.27 30.39
CA SER A 28 23.13 32.55 29.64
C SER A 28 22.77 33.12 28.27
N ILE A 29 23.49 34.17 27.86
CA ILE A 29 23.26 34.77 26.56
C ILE A 29 23.83 33.95 25.41
N SER A 30 24.71 33.00 25.72
CA SER A 30 25.27 32.12 24.70
C SER A 30 24.47 30.82 24.69
N GLY A 31 23.84 30.54 23.56
CA GLY A 31 23.00 29.37 23.45
C GLY A 31 22.19 29.44 22.16
N ASP A 32 21.20 28.56 22.08
CA ASP A 32 20.29 28.56 20.93
C ASP A 32 19.10 29.48 21.19
N TYR A 33 19.40 30.76 21.37
CA TYR A 33 18.39 31.78 21.59
C TYR A 33 18.56 32.89 20.59
N TYR A 34 17.43 33.44 20.14
CA TYR A 34 17.42 34.59 19.23
C TYR A 34 17.04 35.81 20.06
N TRP A 35 18.03 36.65 20.37
CA TRP A 35 17.81 37.83 21.19
C TRP A 35 17.23 38.94 20.31
N THR A 36 15.96 39.26 20.52
CA THR A 36 15.16 40.04 19.60
C THR A 36 14.89 41.43 20.17
N TRP A 37 14.76 42.40 19.27
CA TRP A 37 14.32 43.75 19.62
C TRP A 37 13.03 44.05 18.87
N ILE A 38 12.03 44.51 19.60
CA ILE A 38 10.71 44.80 19.03
C ILE A 38 10.23 46.13 19.59
N ARG A 39 9.72 47.00 18.72
CA ARG A 39 9.26 48.32 19.13
C ARG A 39 7.78 48.48 18.79
N GLN A 40 7.09 49.26 19.62
CA GLN A 40 5.68 49.55 19.42
C GLN A 40 5.48 51.06 19.30
N PRO A 41 5.20 51.58 18.10
CA PRO A 41 4.93 53.00 17.98
C PRO A 41 3.71 53.38 18.77
N PRO A 42 3.66 54.60 19.29
CA PRO A 42 2.53 55.00 20.15
C PRO A 42 1.21 54.92 19.40
N GLY A 43 0.33 54.02 19.87
CA GLY A 43 -0.96 53.83 19.27
C GLY A 43 -1.02 52.84 18.13
N MET A 44 0.10 52.29 17.70
CA MET A 44 0.15 51.34 16.60
C MET A 44 0.49 49.95 17.14
N GLY A 45 0.53 48.99 16.23
CA GLY A 45 0.86 47.63 16.57
C GLY A 45 2.34 47.43 16.76
N LEU A 46 2.70 46.20 17.11
CA LEU A 46 4.10 45.86 17.31
C LEU A 46 4.84 45.75 15.98
N GLU A 47 6.12 46.09 16.00
CA GLU A 47 6.97 46.01 14.82
C GLU A 47 8.29 45.35 15.20
N TRP A 48 8.77 44.48 14.33
CA TRP A 48 9.98 43.70 14.60
C TRP A 48 11.20 44.45 14.06
N ILE A 49 12.20 44.61 14.91
CA ILE A 49 13.41 45.33 14.52
C ILE A 49 14.50 44.38 14.03
N GLY A 50 14.80 43.35 14.81
CA GLY A 50 15.83 42.41 14.42
C GLY A 50 16.19 41.51 15.57
N TYR A 51 17.21 40.68 15.34
CA TYR A 51 17.68 39.76 16.36
C TYR A 51 19.15 39.46 16.12
N ILE A 52 19.79 38.91 17.16
CA ILE A 52 21.15 38.39 17.06
C ILE A 52 21.17 37.00 17.66
N TYR A 53 21.71 36.05 16.92
CA TYR A 53 21.77 34.67 17.41
C TYR A 53 22.72 34.57 18.59
N GLY A 54 22.44 33.59 19.46
CA GLY A 54 23.25 33.41 20.65
C GLY A 54 24.57 32.72 20.38
N ASP A 55 24.54 31.62 19.63
CA ASP A 55 25.76 30.87 19.37
C ASP A 55 26.70 31.63 18.43
N THR A 56 26.26 31.88 17.21
CA THR A 56 27.08 32.56 16.22
C THR A 56 26.84 34.06 16.29
N ALA A 57 27.34 34.79 15.30
CA ALA A 57 27.11 36.23 15.19
C ALA A 57 26.11 36.56 14.09
N SER A 58 25.27 35.60 13.71
CA SER A 58 24.29 35.83 12.65
C SER A 58 23.19 36.75 13.15
N THR A 59 23.03 37.89 12.47
CA THR A 59 22.01 38.86 12.82
C THR A 59 21.12 39.12 11.62
N ASN A 60 19.83 39.28 11.87
CA ASN A 60 18.86 39.63 10.84
C ASN A 60 18.14 40.89 11.27
N TYR A 61 17.81 41.75 10.31
CA TYR A 61 17.21 43.04 10.59
C TYR A 61 15.98 43.25 9.72
N ASN A 62 15.13 44.15 10.17
CA ASN A 62 13.98 44.56 9.39
C ASN A 62 14.45 45.18 8.07
N PRO A 63 13.93 44.73 6.93
CA PRO A 63 14.38 45.31 5.65
C PRO A 63 14.15 46.81 5.56
N SER A 64 13.12 47.33 6.22
CA SER A 64 12.89 48.77 6.19
C SER A 64 14.00 49.52 6.92
N LEU A 65 14.66 48.89 7.88
CA LEU A 65 15.73 49.53 8.64
C LEU A 65 17.04 48.76 8.55
N LYS A 66 17.22 47.91 7.54
CA LYS A 66 18.39 47.05 7.47
C LYS A 66 19.68 47.83 7.31
N ASN A 67 19.59 49.06 6.83
CA ASN A 67 20.76 49.91 6.59
C ASN A 67 21.04 50.87 7.74
N ARG A 68 20.32 50.75 8.86
CA ARG A 68 20.57 51.57 10.04
C ARG A 68 20.70 50.78 11.32
N VAL A 69 20.16 49.58 11.42
CA VAL A 69 20.11 48.82 12.66
C VAL A 69 21.39 48.02 12.82
N THR A 70 21.88 47.95 14.06
CA THR A 70 23.03 47.10 14.37
C THR A 70 22.84 46.55 15.77
N ILE A 71 22.70 45.23 15.89
CA ILE A 71 22.50 44.56 17.17
C ILE A 71 23.74 43.75 17.50
N SER A 72 24.29 43.99 18.70
CA SER A 72 25.49 43.33 19.14
C SER A 72 25.26 42.71 20.51
N LYS A 73 26.07 41.71 20.84
CA LYS A 73 25.97 41.01 22.11
C LYS A 73 27.32 40.98 22.80
N ASP A 74 27.29 40.93 24.13
CA ASP A 74 28.47 40.91 24.97
C ASP A 74 28.33 39.72 25.91
N THR A 75 28.91 38.58 25.51
CA THR A 75 28.75 37.36 26.31
C THR A 75 29.40 37.50 27.68
N SER A 76 30.47 38.28 27.79
CA SER A 76 31.14 38.43 29.08
C SER A 76 30.23 39.08 30.12
N LYS A 77 29.49 40.11 29.72
CA LYS A 77 28.60 40.80 30.63
C LYS A 77 27.17 40.27 30.58
N ASN A 78 26.89 39.30 29.71
CA ASN A 78 25.55 38.75 29.53
C ASN A 78 24.54 39.86 29.19
N GLN A 79 24.88 40.65 28.18
CA GLN A 79 24.03 41.74 27.73
C GLN A 79 24.05 41.79 26.21
N PHE A 80 22.98 42.32 25.63
CA PHE A 80 22.94 42.58 24.19
C PHE A 80 22.28 43.94 23.97
N SER A 81 22.74 44.66 22.96
CA SER A 81 22.39 46.05 22.79
C SER A 81 21.88 46.31 21.38
N LEU A 82 21.13 47.42 21.25
CA LEU A 82 20.60 47.89 19.98
C LEU A 82 21.17 49.27 19.69
N LYS A 83 21.64 49.46 18.45
CA LYS A 83 22.06 50.78 17.99
C LYS A 83 21.31 51.12 16.72
N LEU A 84 20.68 52.29 16.70
CA LEU A 84 19.86 52.75 15.58
C LEU A 84 20.33 54.15 15.22
N ASP A 85 20.89 54.31 14.03
CA ASP A 85 21.48 55.58 13.62
C ASP A 85 20.50 56.40 12.80
N SER A 86 20.74 57.71 12.77
CA SER A 86 19.95 58.65 11.97
C SER A 86 18.47 58.57 12.31
N VAL A 87 18.16 58.60 13.61
CA VAL A 87 16.79 58.48 14.06
C VAL A 87 15.97 59.67 13.60
N THR A 88 14.68 59.45 13.40
CA THR A 88 13.73 60.49 13.02
C THR A 88 12.53 60.41 13.94
N ALA A 89 11.54 61.28 13.69
CA ALA A 89 10.33 61.27 14.49
C ALA A 89 9.55 59.96 14.34
N ALA A 90 9.76 59.23 13.24
CA ALA A 90 9.08 57.96 13.05
C ALA A 90 9.66 56.85 13.93
N ASP A 91 10.78 57.10 14.59
CA ASP A 91 11.41 56.11 15.46
C ASP A 91 11.00 56.26 16.91
N THR A 92 10.02 57.10 17.22
CA THR A 92 9.47 57.17 18.56
C THR A 92 8.60 55.95 18.82
N ALA A 93 8.90 55.21 19.88
CA ALA A 93 8.19 53.97 20.20
C ALA A 93 8.66 53.51 21.56
N VAL A 94 8.11 52.38 22.00
CA VAL A 94 8.54 51.69 23.21
C VAL A 94 9.27 50.43 22.77
N TYR A 95 10.51 50.26 23.22
CA TYR A 95 11.38 49.20 22.73
C TYR A 95 11.47 48.09 23.77
N TYR A 96 11.13 46.87 23.35
CA TYR A 96 11.19 45.69 24.18
C TYR A 96 12.29 44.76 23.67
N CYS A 97 13.03 44.18 24.59
CA CYS A 97 14.01 43.14 24.26
C CYS A 97 13.43 41.80 24.68
N ALA A 98 13.43 40.85 23.76
CA ALA A 98 12.80 39.56 23.98
C ALA A 98 13.81 38.45 23.69
N ARG A 99 13.40 37.22 23.98
CA ARG A 99 14.20 36.04 23.69
C ARG A 99 13.32 34.99 23.05
N GLU A 100 13.74 34.49 21.90
CA GLU A 100 13.03 33.43 21.20
C GLU A 100 13.85 32.15 21.30
N CYS A 101 13.31 31.15 22.00
CA CYS A 101 14.01 29.89 22.10
C CYS A 101 14.08 29.22 20.74
N GLY A 102 15.28 28.88 20.30
CA GLY A 102 15.47 28.23 19.03
C GLY A 102 15.00 26.80 19.07
N GLY A 103 15.04 26.16 17.91
CA GLY A 103 14.54 24.81 17.76
C GLY A 103 15.58 23.71 17.74
N GLN A 104 16.83 23.99 18.11
CA GLN A 104 17.88 22.99 18.10
C GLN A 104 18.74 23.10 19.35
N GLN A 105 18.10 23.13 20.52
CA GLN A 105 18.83 23.08 21.78
C GLN A 105 19.70 21.84 21.83
N VAL A 106 20.94 22.01 22.30
CA VAL A 106 21.88 20.90 22.32
C VAL A 106 21.61 20.03 23.54
N LEU A 107 21.44 18.73 23.30
CA LEU A 107 21.21 17.75 24.36
C LEU A 107 22.49 17.00 24.66
N HIS A 108 22.75 16.76 25.94
CA HIS A 108 23.95 16.10 26.38
C HIS A 108 23.62 14.70 26.89
N ASP A 109 24.41 13.72 26.44
CA ASP A 109 24.30 12.31 26.85
C ASP A 109 22.86 11.81 26.88
N ASP A 110 22.12 12.13 25.83
CA ASP A 110 20.77 11.62 25.63
C ASP A 110 20.71 10.82 24.35
N ASP A 111 19.56 10.19 24.13
CA ASP A 111 19.36 9.38 22.92
C ASP A 111 19.37 10.26 21.68
N TYS A 112 18.91 11.50 21.84
CA TYS A 112 18.89 12.44 20.74
CB TYS A 112 17.56 13.19 20.69
CG TYS A 112 16.34 12.33 20.58
CD1 TYS A 112 15.97 11.75 19.38
CD2 TYS A 112 15.54 12.08 21.69
CE1 TYS A 112 14.84 10.97 19.26
CE2 TYS A 112 14.40 11.30 21.59
CZ TYS A 112 14.05 10.73 20.38
OH TYS A 112 12.93 9.96 20.29
S TYS A 112 12.97 8.38 20.85
O1 TYS A 112 13.48 8.46 22.21
O2 TYS A 112 13.85 7.68 19.92
O3 TYS A 112 11.56 8.06 20.74
C TYS A 112 20.03 13.45 20.85
O TYS A 112 20.68 13.53 21.89
N ASP A 113 20.26 14.20 19.78
CA ASP A 113 21.30 15.20 19.76
C ASP A 113 20.74 16.58 20.03
N PHE A 114 19.55 16.85 19.49
CA PHE A 114 18.94 18.18 19.57
C PHE A 114 17.55 18.07 20.18
N TYR A 115 17.00 19.23 20.52
CA TYR A 115 15.71 19.29 21.21
C TYR A 115 15.03 20.61 20.83
N ASP A 116 13.79 20.50 20.36
CA ASP A 116 13.02 21.68 19.97
C ASP A 116 11.94 21.94 21.00
N PRO A 117 12.08 22.94 21.86
CA PRO A 117 11.12 23.12 22.96
C PRO A 117 9.76 23.63 22.50
N THR A 118 9.61 24.00 21.24
CA THR A 118 8.39 24.62 20.73
C THR A 118 8.01 25.84 21.58
N ILE A 119 8.92 26.81 21.59
CA ILE A 119 8.77 28.03 22.37
C ILE A 119 9.12 29.21 21.49
N GLY A 120 8.32 30.26 21.60
CA GLY A 120 8.57 31.53 20.93
C GLY A 120 9.21 32.53 21.86
N LEU A 121 8.73 33.77 21.80
CA LEU A 121 9.26 34.85 22.63
C LEU A 121 8.72 34.69 24.04
N ASP A 122 9.42 33.89 24.85
CA ASP A 122 8.95 33.58 26.20
C ASP A 122 9.37 34.62 27.23
N SER A 123 10.45 35.36 26.98
CA SER A 123 10.93 36.39 27.89
C SER A 123 10.80 37.75 27.22
N TRP A 124 10.27 38.72 27.95
CA TRP A 124 10.11 40.08 27.46
C TRP A 124 10.65 41.05 28.49
N GLY A 125 11.29 42.12 28.01
CA GLY A 125 11.71 43.19 28.89
C GLY A 125 10.56 44.11 29.24
N GLN A 126 10.81 44.96 30.24
CA GLN A 126 9.77 45.88 30.67
C GLN A 126 9.52 47.00 29.66
N GLY A 127 10.42 47.21 28.72
CA GLY A 127 10.22 48.24 27.72
C GLY A 127 10.86 49.56 28.11
N VAL A 128 11.33 50.28 27.09
CA VAL A 128 11.96 51.58 27.28
C VAL A 128 11.29 52.56 26.33
N VAL A 129 10.78 53.66 26.88
CA VAL A 129 10.11 54.68 26.07
C VAL A 129 11.17 55.55 25.42
N VAL A 130 11.12 55.66 24.09
CA VAL A 130 12.09 56.42 23.33
C VAL A 130 11.34 57.51 22.57
N THR A 131 11.74 58.76 22.78
CA THR A 131 11.13 59.91 22.13
C THR A 131 12.19 60.62 21.31
N VAL A 132 11.96 60.74 20.01
CA VAL A 132 12.90 61.40 19.11
C VAL A 132 12.34 62.80 18.88
N SER A 133 12.79 63.76 19.70
CA SER A 133 12.34 65.13 19.60
C SER A 133 13.49 66.06 19.93
N SER A 134 13.54 67.19 19.22
CA SER A 134 14.58 68.20 19.44
C SER A 134 14.20 69.20 20.52
N ALA A 135 12.97 69.19 20.99
CA ALA A 135 12.54 70.15 22.01
C ALA A 135 13.23 69.88 23.33
N SER A 136 13.64 70.96 23.99
CA SER A 136 14.29 70.85 25.29
C SER A 136 13.25 70.64 26.38
N THR A 137 13.70 70.12 27.52
CA THR A 137 12.82 69.91 28.66
C THR A 137 12.20 71.23 29.09
N LYS A 138 10.88 71.22 29.30
CA LYS A 138 10.15 72.43 29.63
C LYS A 138 9.16 72.12 30.75
N GLY A 139 8.89 73.14 31.57
CA GLY A 139 7.98 73.00 32.68
C GLY A 139 6.53 73.08 32.25
N PRO A 140 5.67 72.33 32.93
CA PRO A 140 4.24 72.35 32.59
C PRO A 140 3.56 73.64 33.03
N SER A 141 2.46 73.95 32.36
CA SER A 141 1.62 75.08 32.71
C SER A 141 0.27 74.53 33.15
N VAL A 142 -0.15 74.88 34.37
CA VAL A 142 -1.36 74.36 34.97
C VAL A 142 -2.40 75.46 34.98
N PHE A 143 -3.54 75.20 34.34
CA PHE A 143 -4.65 76.13 34.23
C PHE A 143 -5.90 75.54 34.86
N PRO A 144 -6.74 76.35 35.48
CA PRO A 144 -7.94 75.81 36.14
C PRO A 144 -9.11 75.63 35.20
N LEU A 145 -9.58 74.39 35.05
CA LEU A 145 -10.83 74.11 34.35
C LEU A 145 -11.96 74.30 35.34
N ALA A 146 -12.31 75.57 35.56
CA ALA A 146 -13.23 75.92 36.64
C ALA A 146 -14.63 75.38 36.36
N PRO A 147 -15.32 74.86 37.37
CA PRO A 147 -16.71 74.44 37.18
C PRO A 147 -17.61 75.64 36.96
N SER A 148 -18.72 75.40 36.28
CA SER A 148 -19.67 76.45 35.97
C SER A 148 -21.06 75.84 35.83
N SER A 149 -22.07 76.71 35.69
CA SER A 149 -23.42 76.23 35.45
C SER A 149 -23.53 75.47 34.14
N LYS A 150 -22.63 75.75 33.19
CA LYS A 150 -22.61 75.02 31.93
C LYS A 150 -22.07 73.60 32.10
N SER A 151 -21.33 73.33 33.18
CA SER A 151 -20.76 72.02 33.45
C SER A 151 -21.51 71.27 34.54
N THR A 152 -22.82 71.48 34.63
CA THR A 152 -23.66 70.81 35.62
C THR A 152 -24.72 69.99 34.90
N SER A 153 -24.93 68.76 35.35
CA SER A 153 -25.92 67.88 34.74
C SER A 153 -26.52 67.01 35.84
N GLY A 154 -27.76 67.29 36.22
CA GLY A 154 -28.42 66.51 37.26
C GLY A 154 -27.78 66.62 38.62
N GLY A 155 -27.36 67.83 39.00
CA GLY A 155 -26.74 68.04 40.29
C GLY A 155 -25.30 67.60 40.39
N THR A 156 -24.68 67.20 39.28
CA THR A 156 -23.28 66.80 39.26
C THR A 156 -22.49 67.82 38.46
N ALA A 157 -21.47 68.40 39.08
CA ALA A 157 -20.65 69.43 38.47
C ALA A 157 -19.28 68.86 38.11
N ALA A 158 -18.78 69.24 36.95
CA ALA A 158 -17.49 68.79 36.45
C ALA A 158 -16.46 69.90 36.57
N LEU A 159 -15.27 69.56 37.04
CA LEU A 159 -14.16 70.48 37.15
C LEU A 159 -12.88 69.72 36.80
N GLY A 160 -11.77 70.46 36.73
CA GLY A 160 -10.51 69.81 36.40
C GLY A 160 -9.39 70.82 36.27
N CYS A 161 -8.25 70.33 35.79
CA CYS A 161 -7.07 71.15 35.54
C CYS A 161 -6.51 70.79 34.17
N LEU A 162 -6.15 71.82 33.41
CA LEU A 162 -5.56 71.65 32.08
C LEU A 162 -4.06 71.89 32.16
N VAL A 163 -3.28 70.85 31.88
CA VAL A 163 -1.82 70.93 31.89
C VAL A 163 -1.34 70.97 30.45
N LYS A 164 -0.59 72.01 30.08
CA LYS A 164 -0.24 72.25 28.70
C LYS A 164 1.23 72.65 28.60
N ASP A 165 1.82 72.35 27.44
CA ASP A 165 3.16 72.80 27.07
C ASP A 165 4.22 72.32 28.08
N TYR A 166 4.37 71.01 28.11
CA TYR A 166 5.41 70.36 28.90
C TYR A 166 6.11 69.31 28.05
N PHE A 167 7.37 69.02 28.42
CA PHE A 167 8.15 68.02 27.71
C PHE A 167 9.27 67.57 28.62
N PRO A 168 9.60 66.28 28.66
CA PRO A 168 8.92 65.17 27.98
C PRO A 168 7.92 64.48 28.90
N GLU A 169 7.40 63.33 28.50
CA GLU A 169 6.52 62.57 29.36
C GLU A 169 7.29 62.00 30.55
N PRO A 170 6.61 61.69 31.65
CA PRO A 170 5.18 61.87 31.93
C PRO A 170 4.91 62.96 32.95
N VAL A 171 3.63 63.24 33.22
CA VAL A 171 3.22 64.15 34.29
C VAL A 171 2.21 63.42 35.16
N THR A 172 2.40 63.48 36.47
CA THR A 172 1.51 62.85 37.43
C THR A 172 0.57 63.90 38.01
N VAL A 173 -0.73 63.69 37.86
CA VAL A 173 -1.74 64.63 38.34
C VAL A 173 -2.60 63.91 39.37
N SER A 174 -2.77 64.53 40.53
CA SER A 174 -3.61 64.03 41.60
C SER A 174 -4.51 65.15 42.09
N TRP A 175 -5.46 64.80 42.94
CA TRP A 175 -6.41 65.76 43.50
C TRP A 175 -6.42 65.64 45.01
N ASN A 176 -6.27 66.79 45.69
CA ASN A 176 -6.27 66.84 47.16
C ASN A 176 -5.22 65.91 47.74
N SER A 177 -4.03 65.90 47.13
CA SER A 177 -2.93 65.04 47.55
C SER A 177 -3.33 63.57 47.57
N GLY A 178 -4.11 63.17 46.56
CA GLY A 178 -4.55 61.80 46.45
C GLY A 178 -5.78 61.44 47.26
N ALA A 179 -6.35 62.39 48.00
CA ALA A 179 -7.56 62.11 48.77
C ALA A 179 -8.73 61.81 47.86
N LEU A 180 -8.87 62.56 46.76
CA LEU A 180 -9.96 62.40 45.82
C LEU A 180 -9.51 61.50 44.68
N THR A 181 -10.19 60.35 44.53
CA THR A 181 -9.86 59.41 43.48
C THR A 181 -11.09 59.06 42.64
N SER A 182 -12.25 59.04 43.28
CA SER A 182 -13.48 58.68 42.59
C SER A 182 -13.83 59.73 41.55
N GLY A 183 -14.19 59.27 40.34
CA GLY A 183 -14.56 60.18 39.28
C GLY A 183 -13.42 60.91 38.61
N VAL A 184 -12.18 60.56 38.95
CA VAL A 184 -11.01 61.24 38.39
C VAL A 184 -10.62 60.55 37.09
N HIS A 185 -10.51 61.32 36.01
CA HIS A 185 -10.10 60.82 34.71
C HIS A 185 -8.94 61.65 34.21
N THR A 186 -7.80 61.00 33.99
CA THR A 186 -6.61 61.65 33.46
C THR A 186 -6.43 61.18 32.02
N PHE A 187 -6.83 62.03 31.08
CA PHE A 187 -6.78 61.66 29.67
C PHE A 187 -5.34 61.51 29.21
N PRO A 188 -5.09 60.61 28.26
CA PRO A 188 -3.74 60.48 27.70
C PRO A 188 -3.30 61.78 27.04
N ALA A 189 -2.01 62.07 27.15
CA ALA A 189 -1.48 63.29 26.56
C ALA A 189 -1.48 63.21 25.05
N VAL A 190 -1.39 64.38 24.41
CA VAL A 190 -1.37 64.49 22.97
C VAL A 190 -0.19 65.36 22.56
N LEU A 191 0.24 65.17 21.31
CA LEU A 191 1.39 65.89 20.75
C LEU A 191 0.90 66.89 19.73
N GLN A 192 1.12 68.17 19.99
CA GLN A 192 0.73 69.20 19.04
C GLN A 192 1.81 69.37 17.97
N SER A 193 1.59 70.35 17.08
CA SER A 193 2.58 70.64 16.06
C SER A 193 3.82 71.32 16.63
N SER A 194 3.75 71.82 17.87
CA SER A 194 4.86 72.50 18.50
C SER A 194 5.83 71.54 19.19
N GLY A 195 5.54 70.24 19.17
CA GLY A 195 6.40 69.27 19.81
C GLY A 195 6.26 69.18 21.31
N LEU A 196 5.19 69.72 21.88
CA LEU A 196 4.94 69.68 23.32
C LEU A 196 3.81 68.69 23.60
N TYR A 197 3.42 68.63 24.87
CA TYR A 197 2.36 67.72 25.31
C TYR A 197 1.34 68.47 26.13
N SER A 198 0.10 68.00 26.09
CA SER A 198 -0.98 68.56 26.88
C SER A 198 -1.98 67.46 27.22
N LEU A 199 -2.61 67.60 28.38
CA LEU A 199 -3.60 66.63 28.82
C LEU A 199 -4.54 67.32 29.81
N SER A 200 -5.69 66.69 30.03
CA SER A 200 -6.72 67.21 30.92
C SER A 200 -7.02 66.19 32.00
N SER A 201 -7.09 66.65 33.24
CA SER A 201 -7.41 65.80 34.39
C SER A 201 -8.68 66.36 35.04
N VAL A 202 -9.81 65.69 34.78
CA VAL A 202 -11.10 66.18 35.22
C VAL A 202 -11.64 65.25 36.32
N VAL A 203 -12.65 65.73 37.03
CA VAL A 203 -13.30 64.96 38.09
C VAL A 203 -14.72 65.48 38.24
N THR A 204 -15.64 64.56 38.52
CA THR A 204 -17.05 64.89 38.72
C THR A 204 -17.39 64.80 40.19
N VAL A 205 -17.99 65.87 40.72
CA VAL A 205 -18.37 65.94 42.14
C VAL A 205 -19.77 66.51 42.24
N PRO A 206 -20.47 66.22 43.33
CA PRO A 206 -21.78 66.83 43.55
C PRO A 206 -21.68 68.35 43.59
N SER A 207 -22.70 69.02 43.04
CA SER A 207 -22.68 70.47 42.95
C SER A 207 -22.77 71.15 44.30
N SER A 208 -23.46 70.52 45.26
CA SER A 208 -23.62 71.12 46.58
C SER A 208 -22.31 71.25 47.33
N SER A 209 -21.31 70.45 46.99
CA SER A 209 -20.02 70.49 47.66
C SER A 209 -19.01 71.41 46.98
N LEU A 210 -19.44 72.15 45.95
CA LEU A 210 -18.52 73.05 45.25
C LEU A 210 -18.01 74.14 46.18
N GLY A 211 -18.90 74.76 46.94
CA GLY A 211 -18.54 75.85 47.83
C GLY A 211 -18.03 75.45 49.18
N THR A 212 -18.16 74.18 49.56
CA THR A 212 -17.73 73.71 50.87
C THR A 212 -16.40 72.95 50.83
N GLN A 213 -16.18 72.14 49.81
CA GLN A 213 -14.97 71.36 49.67
C GLN A 213 -13.99 72.07 48.75
N THR A 214 -12.74 72.20 49.20
CA THR A 214 -11.70 72.84 48.41
C THR A 214 -11.07 71.82 47.49
N TYR A 215 -11.03 72.14 46.19
CA TYR A 215 -10.48 71.25 45.17
C TYR A 215 -9.17 71.83 44.66
N ILE A 216 -8.10 71.06 44.77
CA ILE A 216 -6.77 71.45 44.29
C ILE A 216 -6.17 70.29 43.52
N CYS A 217 -5.48 70.59 42.44
CA CYS A 217 -4.81 69.58 41.62
C CYS A 217 -3.31 69.73 41.78
N ASN A 218 -2.63 68.62 42.07
CA ASN A 218 -1.19 68.58 42.20
C ASN A 218 -0.60 68.00 40.92
N VAL A 219 0.19 68.81 40.22
CA VAL A 219 0.81 68.41 38.95
C VAL A 219 2.31 68.34 39.18
N ASN A 220 2.89 67.19 38.90
CA ASN A 220 4.32 66.96 39.06
C ASN A 220 4.93 66.57 37.72
N HIS A 221 6.07 67.17 37.41
CA HIS A 221 6.80 66.89 36.17
C HIS A 221 8.24 66.60 36.56
N LYS A 222 8.56 65.32 36.73
CA LYS A 222 9.89 64.93 37.20
C LYS A 222 11.03 65.41 36.30
N PRO A 223 10.96 65.31 34.97
CA PRO A 223 12.12 65.75 34.16
C PRO A 223 12.53 67.19 34.39
N SER A 224 11.56 68.10 34.59
CA SER A 224 11.86 69.49 34.87
C SER A 224 11.78 69.83 36.35
N ASN A 225 11.44 68.87 37.20
CA ASN A 225 11.30 69.05 38.64
C ASN A 225 10.39 70.24 38.96
N THR A 226 9.15 70.14 38.49
CA THR A 226 8.15 71.18 38.68
C THR A 226 6.96 70.61 39.43
N LYS A 227 6.58 71.27 40.53
CA LYS A 227 5.39 70.92 41.29
C LYS A 227 4.51 72.16 41.37
N VAL A 228 3.28 72.04 40.87
CA VAL A 228 2.32 73.13 40.85
C VAL A 228 1.02 72.66 41.48
N ASP A 229 0.52 73.41 42.45
CA ASP A 229 -0.76 73.15 43.09
C ASP A 229 -1.72 74.25 42.68
N LYS A 230 -2.72 73.90 41.89
CA LYS A 230 -3.69 74.86 41.36
C LYS A 230 -5.05 74.59 41.99
N LYS A 231 -5.65 75.64 42.55
CA LYS A 231 -6.96 75.53 43.17
C LYS A 231 -8.04 75.81 42.13
N VAL A 232 -9.07 74.97 42.10
CA VAL A 232 -10.16 75.08 41.14
C VAL A 232 -11.42 75.48 41.90
N GLU A 233 -11.99 76.61 41.53
CA GLU A 233 -13.20 77.14 42.12
C GLU A 233 -14.10 77.64 41.01
N PRO A 234 -15.42 77.70 41.25
CA PRO A 234 -16.33 78.22 40.22
C PRO A 234 -15.98 79.65 39.86
N LYS A 235 -16.18 79.97 38.58
CA LYS A 235 -15.82 81.29 38.08
C LYS A 235 -16.63 82.37 38.80
N SER A 236 -15.95 83.45 39.17
CA SER A 236 -16.58 84.55 39.90
C SER A 236 -17.28 85.46 38.91
N CYS A 237 -18.61 85.58 39.05
CA CYS A 237 -19.42 86.42 38.18
C CYS A 237 -19.39 87.86 38.70
N ASP A 238 -18.25 88.50 38.50
CA ASP A 238 -18.06 89.88 38.95
C ASP A 238 -18.66 90.88 37.98
N ASP B 1 7.41 40.72 2.21
CA ASP B 1 6.95 40.73 3.60
C ASP B 1 5.56 40.14 3.70
N ILE B 2 5.39 39.17 4.60
CA ILE B 2 4.09 38.55 4.80
C ILE B 2 3.16 39.53 5.50
N VAL B 3 1.99 39.75 4.92
CA VAL B 3 0.99 40.64 5.49
C VAL B 3 0.00 39.81 6.28
N MET B 4 -0.22 40.19 7.54
CA MET B 4 -0.95 39.36 8.49
C MET B 4 -2.22 40.12 8.87
N THR B 5 -3.38 39.63 8.44
CA THR B 5 -4.64 40.32 8.60
C THR B 5 -5.40 39.74 9.79
N GLN B 6 -5.75 40.59 10.74
CA GLN B 6 -6.47 40.18 11.94
C GLN B 6 -7.89 40.73 11.90
N THR B 7 -8.86 39.87 12.16
CA THR B 7 -10.26 40.25 12.16
C THR B 7 -10.93 39.62 13.38
N PRO B 8 -11.73 40.37 14.14
CA PRO B 8 -12.02 41.80 13.99
C PRO B 8 -10.95 42.67 14.64
N LEU B 9 -10.87 43.95 14.29
CA LEU B 9 -9.92 44.84 14.95
C LEU B 9 -10.37 45.22 16.35
N SER B 10 -11.66 45.07 16.65
CA SER B 10 -12.17 45.31 18.00
C SER B 10 -13.19 44.22 18.32
N LEU B 11 -13.07 43.63 19.50
CA LEU B 11 -13.89 42.49 19.89
C LEU B 11 -14.48 42.75 21.27
N PRO B 12 -15.63 43.43 21.35
CA PRO B 12 -16.30 43.63 22.64
C PRO B 12 -17.03 42.36 23.05
N VAL B 13 -16.62 41.79 24.19
CA VAL B 13 -17.17 40.52 24.66
C VAL B 13 -17.53 40.65 26.13
N THR B 14 -18.74 40.19 26.48
CA THR B 14 -19.20 40.13 27.86
C THR B 14 -18.65 38.86 28.52
N PRO B 15 -18.20 38.94 29.77
CA PRO B 15 -17.63 37.77 30.43
C PRO B 15 -18.63 36.61 30.48
N GLY B 16 -18.09 35.40 30.28
CA GLY B 16 -18.88 34.19 30.26
C GLY B 16 -19.17 33.65 28.88
N GLU B 17 -18.99 34.46 27.84
CA GLU B 17 -19.27 33.99 26.49
C GLU B 17 -17.97 33.73 25.73
N PRO B 18 -17.98 32.81 24.78
CA PRO B 18 -16.77 32.56 24.00
C PRO B 18 -16.44 33.73 23.08
N ALA B 19 -15.15 33.86 22.76
CA ALA B 19 -14.67 34.85 21.81
C ALA B 19 -13.72 34.17 20.83
N SER B 20 -13.70 34.68 19.60
CA SER B 20 -12.88 34.09 18.55
C SER B 20 -12.20 35.19 17.76
N ILE B 21 -10.90 35.03 17.54
CA ILE B 21 -10.09 35.96 16.76
C ILE B 21 -9.47 35.21 15.61
N SER B 22 -9.58 35.77 14.41
CA SER B 22 -9.07 35.12 13.21
C SER B 22 -7.91 35.93 12.65
N CYS B 23 -6.91 35.21 12.11
CA CYS B 23 -5.71 35.82 11.59
C CYS B 23 -5.28 35.07 10.33
N ARG B 24 -5.12 35.80 9.24
CA ARG B 24 -4.78 35.22 7.95
C ARG B 24 -3.44 35.76 7.45
N SER B 25 -2.73 34.93 6.70
CA SER B 25 -1.41 35.28 6.19
C SER B 25 -1.42 35.22 4.67
N SER B 26 -0.71 36.16 4.04
CA SER B 26 -0.65 36.21 2.59
C SER B 26 0.11 35.04 1.99
N GLN B 27 0.91 34.33 2.78
CA GLN B 27 1.64 33.17 2.31
C GLN B 27 1.55 32.07 3.36
N SER B 28 1.83 30.85 2.92
CA SER B 28 1.84 29.72 3.84
C SER B 28 2.95 29.89 4.86
N LEU B 29 2.62 29.66 6.14
CA LEU B 29 3.58 29.79 7.22
C LEU B 29 4.31 28.51 7.52
N LEU B 30 4.03 27.43 6.79
CA LEU B 30 4.73 26.16 6.99
C LEU B 30 6.18 26.33 6.55
N ASP B 31 7.10 26.38 7.51
CA ASP B 31 8.51 26.53 7.19
C ASP B 31 8.99 25.31 6.44
N SER B 32 9.63 25.54 5.29
CA SER B 32 10.10 24.43 4.46
C SER B 32 11.35 23.78 5.04
N GLY B 33 12.18 24.55 5.74
CA GLY B 33 13.42 23.99 6.25
C GLY B 33 13.22 22.89 7.27
N ASP B 34 12.33 23.12 8.23
CA ASP B 34 12.14 22.16 9.32
C ASP B 34 10.70 21.76 9.57
N GLY B 35 9.75 22.24 8.78
CA GLY B 35 8.39 21.75 8.86
C GLY B 35 7.53 22.32 9.97
N ASN B 36 8.01 23.34 10.68
CA ASN B 36 7.25 23.94 11.76
C ASN B 36 6.48 25.15 11.24
N THR B 37 5.23 25.30 11.71
CA THR B 37 4.43 26.48 11.40
C THR B 37 4.69 27.51 12.48
N TYR B 38 5.39 28.59 12.11
CA TYR B 38 5.84 29.58 13.09
C TYR B 38 4.83 30.71 13.16
N LEU B 39 3.79 30.49 13.97
CA LEU B 39 2.80 31.51 14.28
C LEU B 39 2.59 31.56 15.78
N ASP B 40 2.69 32.74 16.36
CA ASP B 40 2.51 32.92 17.79
C ASP B 40 1.37 33.88 18.06
N TRP B 41 0.80 33.79 19.25
CA TRP B 41 -0.21 34.72 19.72
C TRP B 41 0.30 35.37 21.00
N TYR B 42 0.12 36.69 21.10
CA TYR B 42 0.57 37.44 22.26
C TYR B 42 -0.55 38.33 22.77
N LEU B 43 -0.56 38.56 24.07
CA LEU B 43 -1.56 39.39 24.72
C LEU B 43 -0.84 40.53 25.44
N GLN B 44 -1.09 41.75 25.00
CA GLN B 44 -0.53 42.93 25.65
C GLN B 44 -1.62 43.55 26.51
N LYS B 45 -1.61 43.24 27.80
CA LYS B 45 -2.57 43.81 28.72
C LYS B 45 -2.32 45.31 28.84
N PRO B 46 -3.35 46.08 29.20
CA PRO B 46 -3.19 47.55 29.26
C PRO B 46 -2.01 47.99 30.10
N GLY B 47 -1.10 48.74 29.48
CA GLY B 47 0.07 49.26 30.18
C GLY B 47 1.03 48.19 30.66
N GLN B 48 1.28 47.17 29.85
CA GLN B 48 2.20 46.10 30.22
C GLN B 48 2.91 45.60 28.97
N SER B 49 4.04 44.94 29.18
CA SER B 49 4.77 44.34 28.08
C SER B 49 3.96 43.18 27.49
N PRO B 50 4.11 42.90 26.20
CA PRO B 50 3.41 41.76 25.62
C PRO B 50 3.84 40.47 26.30
N GLN B 51 2.91 39.54 26.38
CA GLN B 51 3.20 38.27 27.02
C GLN B 51 2.79 37.13 26.09
N PRO B 52 3.49 36.00 26.16
CA PRO B 52 3.19 34.90 25.24
C PRO B 52 1.89 34.22 25.61
N LEU B 53 1.14 33.84 24.58
CA LEU B 53 -0.10 33.10 24.75
C LEU B 53 -0.05 31.73 24.08
N ILE B 54 0.27 31.68 22.79
CA ILE B 54 0.30 30.44 22.04
C ILE B 54 1.58 30.42 21.21
N TYR B 55 2.26 29.27 21.22
CA TYR B 55 3.46 29.07 20.44
C TYR B 55 3.16 28.12 19.29
N GLU B 56 3.52 28.52 18.07
CA GLU B 56 3.44 27.66 16.90
C GLU B 56 2.03 27.08 16.73
N VAL B 57 1.08 27.99 16.50
CA VAL B 57 -0.31 27.69 16.14
C VAL B 57 -1.11 27.21 17.34
N SER B 58 -0.75 26.06 17.90
CA SER B 58 -1.59 25.40 18.88
C SER B 58 -0.93 25.16 20.23
N ASN B 59 0.40 25.08 20.30
CA ASN B 59 1.07 24.74 21.55
C ASN B 59 0.91 25.87 22.53
N ARG B 60 0.12 25.66 23.58
CA ARG B 60 -0.14 26.68 24.57
C ARG B 60 1.13 27.04 25.33
N ALA B 61 1.20 28.28 25.77
CA ALA B 61 2.37 28.77 26.49
C ALA B 61 2.36 28.22 27.91
N SER B 62 3.28 28.70 28.75
CA SER B 62 3.38 28.26 30.13
C SER B 62 2.61 29.21 31.03
N GLY B 63 1.75 28.65 31.88
CA GLY B 63 0.93 29.45 32.76
C GLY B 63 -0.31 30.03 32.14
N VAL B 64 -0.56 29.75 30.86
CA VAL B 64 -1.76 30.26 30.19
C VAL B 64 -2.92 29.35 30.52
N PRO B 65 -4.07 29.89 30.94
CA PRO B 65 -5.21 29.05 31.31
C PRO B 65 -5.68 28.17 30.16
N ASP B 66 -6.53 27.20 30.49
CA ASP B 66 -7.00 26.24 29.51
C ASP B 66 -7.96 26.85 28.49
N ARG B 67 -8.59 27.98 28.82
CA ARG B 67 -9.59 28.53 27.92
C ARG B 67 -8.98 28.97 26.60
N PHE B 68 -7.80 29.58 26.65
CA PHE B 68 -7.11 29.97 25.42
C PHE B 68 -6.68 28.73 24.64
N SER B 69 -6.89 28.76 23.33
CA SER B 69 -6.49 27.65 22.48
C SER B 69 -6.51 28.10 21.03
N GLY B 70 -5.39 27.90 20.33
CA GLY B 70 -5.28 28.29 18.95
C GLY B 70 -5.39 27.10 18.00
N SER B 71 -5.46 27.42 16.71
CA SER B 71 -5.60 26.40 15.68
C SER B 71 -5.28 27.03 14.33
N GLY B 72 -5.41 26.23 13.28
CA GLY B 72 -5.14 26.69 11.92
C GLY B 72 -4.09 25.81 11.26
N SER B 73 -4.19 25.72 9.93
CA SER B 73 -3.32 24.78 9.20
C SER B 73 -2.06 25.46 8.66
N ASP B 74 -2.21 26.36 7.70
CA ASP B 74 -1.06 27.10 7.20
C ASP B 74 -1.34 28.56 6.85
N THR B 75 -2.59 28.97 6.65
CA THR B 75 -2.89 30.36 6.32
C THR B 75 -4.06 30.94 7.08
N ASP B 76 -5.00 30.14 7.57
CA ASP B 76 -6.12 30.61 8.38
C ASP B 76 -5.90 30.12 9.80
N PHE B 77 -5.75 31.05 10.74
CA PHE B 77 -5.49 30.71 12.13
C PHE B 77 -6.53 31.37 13.02
N THR B 78 -6.88 30.67 14.10
CA THR B 78 -7.95 31.12 14.98
C THR B 78 -7.50 30.95 16.43
N LEU B 79 -7.71 31.99 17.23
CA LEU B 79 -7.52 31.93 18.67
C LEU B 79 -8.88 32.01 19.33
N ARG B 80 -9.20 31.01 20.14
CA ARG B 80 -10.51 30.90 20.79
C ARG B 80 -10.34 30.99 22.29
N ILE B 81 -11.14 31.84 22.92
CA ILE B 81 -11.23 31.92 24.37
C ILE B 81 -12.55 31.27 24.76
N ARG B 82 -12.47 30.15 25.48
CA ARG B 82 -13.67 29.37 25.78
C ARG B 82 -14.63 30.15 26.67
N LYS B 83 -14.10 30.86 27.67
CA LYS B 83 -14.93 31.59 28.63
C LYS B 83 -14.20 32.89 28.97
N VAL B 84 -14.57 33.98 28.30
CA VAL B 84 -13.91 35.25 28.52
C VAL B 84 -14.11 35.70 29.96
N GLU B 85 -13.04 36.19 30.57
CA GLU B 85 -13.07 36.75 31.91
C GLU B 85 -12.66 38.21 31.86
N ALA B 86 -12.91 38.90 32.98
CA ALA B 86 -12.60 40.33 33.05
C ALA B 86 -11.10 40.60 32.99
N GLU B 87 -10.26 39.58 33.16
CA GLU B 87 -8.81 39.74 33.10
C GLU B 87 -8.25 39.44 31.72
N ASP B 88 -9.09 39.15 30.74
CA ASP B 88 -8.66 38.89 29.38
C ASP B 88 -8.73 40.12 28.49
N VAL B 89 -9.00 41.29 29.07
CA VAL B 89 -9.05 42.52 28.30
C VAL B 89 -7.64 42.93 27.91
N GLY B 90 -7.44 43.21 26.64
CA GLY B 90 -6.13 43.56 26.13
C GLY B 90 -6.11 43.48 24.62
N VAL B 91 -4.91 43.59 24.06
CA VAL B 91 -4.70 43.55 22.62
C VAL B 91 -4.03 42.23 22.27
N TYR B 92 -4.57 41.53 21.27
CA TYR B 92 -4.06 40.23 20.85
C TYR B 92 -3.41 40.36 19.49
N TYR B 93 -2.15 39.91 19.39
CA TYR B 93 -1.38 39.98 18.17
C TYR B 93 -1.05 38.59 17.69
N CYS B 94 -1.16 38.36 16.38
CA CYS B 94 -0.68 37.14 15.75
C CYS B 94 0.60 37.48 15.01
N MET B 95 1.69 36.82 15.39
CA MET B 95 3.00 37.09 14.82
C MET B 95 3.47 35.87 14.03
N GLN B 96 4.01 36.12 12.85
CA GLN B 96 4.66 35.08 12.06
C GLN B 96 6.16 35.32 12.05
N TYR B 97 6.93 34.25 12.15
CA TYR B 97 8.38 34.35 12.06
C TYR B 97 8.94 33.27 11.16
N THR B 98 8.16 32.84 10.18
CA THR B 98 8.68 31.91 9.18
C THR B 98 9.59 32.61 8.20
N HIS B 99 9.23 33.82 7.77
CA HIS B 99 10.00 34.59 6.81
C HIS B 99 10.49 35.87 7.45
N ILE B 100 11.69 36.29 7.06
CA ILE B 100 12.20 37.60 7.48
C ILE B 100 11.58 38.67 6.59
N PRO B 101 11.01 39.73 7.15
CA PRO B 101 10.92 40.08 8.57
C PRO B 101 9.75 39.42 9.29
N TRP B 102 9.83 39.35 10.63
CA TRP B 102 8.68 38.90 11.40
C TRP B 102 7.64 40.01 11.43
N THR B 103 6.40 39.67 11.10
CA THR B 103 5.33 40.64 10.98
C THR B 103 4.21 40.31 11.96
N PHE B 104 3.80 41.29 12.74
CA PHE B 104 2.67 41.14 13.65
C PHE B 104 1.39 41.51 12.94
N GLY B 105 0.27 41.08 13.53
CA GLY B 105 -1.03 41.47 13.05
C GLY B 105 -1.38 42.88 13.48
N GLN B 106 -2.54 43.34 13.01
CA GLN B 106 -3.01 44.66 13.38
C GLN B 106 -3.28 44.76 14.88
N GLY B 107 -3.87 43.73 15.46
CA GLY B 107 -4.13 43.71 16.89
C GLY B 107 -5.60 43.83 17.22
N THR B 108 -6.16 42.82 17.88
CA THR B 108 -7.56 42.81 18.26
C THR B 108 -7.71 43.33 19.68
N LYS B 109 -8.46 44.42 19.85
CA LYS B 109 -8.65 45.02 21.16
C LYS B 109 -9.88 44.40 21.81
N VAL B 110 -9.65 43.45 22.70
CA VAL B 110 -10.75 42.79 23.41
C VAL B 110 -11.14 43.65 24.60
N GLU B 111 -12.43 43.97 24.71
CA GLU B 111 -12.95 44.83 25.77
C GLU B 111 -14.19 44.18 26.36
N ILE B 112 -14.80 44.86 27.32
CA ILE B 112 -15.98 44.38 28.02
C ILE B 112 -17.21 45.04 27.43
N LYS B 113 -18.22 44.25 27.11
CA LYS B 113 -19.46 44.75 26.50
C LYS B 113 -20.50 44.97 27.58
N ARG B 114 -21.13 46.14 27.57
CA ARG B 114 -22.17 46.49 28.52
C ARG B 114 -23.26 47.26 27.80
N THR B 115 -24.26 47.70 28.56
CA THR B 115 -25.39 48.42 27.99
C THR B 115 -24.97 49.80 27.50
N VAL B 116 -25.62 50.25 26.43
CA VAL B 116 -25.33 51.56 25.86
C VAL B 116 -25.68 52.64 26.87
N ALA B 117 -24.77 53.60 27.05
CA ALA B 117 -24.97 54.70 27.98
C ALA B 117 -24.65 56.01 27.27
N ALA B 118 -25.53 56.99 27.42
CA ALA B 118 -25.33 58.28 26.78
C ALA B 118 -24.27 59.09 27.52
N PRO B 119 -23.44 59.86 26.80
CA PRO B 119 -22.43 60.67 27.47
C PRO B 119 -23.05 61.86 28.20
N SER B 120 -22.36 62.30 29.24
CA SER B 120 -22.68 63.55 29.93
C SER B 120 -21.66 64.61 29.50
N VAL B 121 -22.15 65.68 28.89
CA VAL B 121 -21.29 66.65 28.23
C VAL B 121 -21.15 67.90 29.10
N PHE B 122 -19.92 68.38 29.23
CA PHE B 122 -19.62 69.62 29.93
C PHE B 122 -18.68 70.46 29.07
N ILE B 123 -18.72 71.77 29.27
CA ILE B 123 -17.88 72.70 28.53
C ILE B 123 -17.07 73.52 29.53
N PHE B 124 -15.79 73.68 29.25
CA PHE B 124 -14.91 74.50 30.10
C PHE B 124 -14.28 75.62 29.29
N PRO B 125 -14.78 76.85 29.41
CA PRO B 125 -14.17 77.96 28.68
C PRO B 125 -12.77 78.24 29.20
N PRO B 126 -11.88 78.74 28.36
CA PRO B 126 -10.53 79.08 28.83
C PRO B 126 -10.57 80.15 29.90
N SER B 127 -9.67 80.02 30.88
CA SER B 127 -9.67 80.88 32.04
C SER B 127 -8.90 82.17 31.76
N ASP B 128 -8.97 83.10 32.71
CA ASP B 128 -8.26 84.37 32.55
C ASP B 128 -6.75 84.19 32.69
N GLU B 129 -6.30 83.23 33.51
CA GLU B 129 -4.88 82.95 33.61
C GLU B 129 -4.32 82.46 32.30
N GLN B 130 -5.04 81.56 31.63
CA GLN B 130 -4.68 81.20 30.26
C GLN B 130 -4.91 82.36 29.31
N LEU B 131 -5.87 83.25 29.62
CA LEU B 131 -6.06 84.44 28.79
C LEU B 131 -4.81 85.29 28.77
N LYS B 132 -4.11 85.40 29.90
CA LYS B 132 -2.92 86.23 29.93
C LYS B 132 -1.76 85.63 29.11
N SER B 133 -1.81 84.34 28.79
CA SER B 133 -0.68 83.65 28.16
C SER B 133 -0.64 83.80 26.63
N GLY B 134 -1.67 84.39 26.01
CA GLY B 134 -1.69 84.56 24.58
C GLY B 134 -2.29 83.42 23.79
N THR B 135 -2.69 82.33 24.45
CA THR B 135 -3.35 81.22 23.80
C THR B 135 -4.53 80.78 24.65
N ALA B 136 -5.51 80.16 24.01
CA ALA B 136 -6.72 79.72 24.70
C ALA B 136 -7.12 78.35 24.19
N SER B 137 -7.59 77.51 25.10
CA SER B 137 -8.06 76.17 24.77
C SER B 137 -9.38 75.91 25.47
N VAL B 138 -10.37 75.45 24.71
CA VAL B 138 -11.68 75.09 25.23
C VAL B 138 -11.85 73.59 25.08
N VAL B 139 -12.23 72.92 26.17
CA VAL B 139 -12.41 71.47 26.19
C VAL B 139 -13.89 71.18 26.38
N CYS B 140 -14.39 70.22 25.62
CA CYS B 140 -15.74 69.68 25.79
C CYS B 140 -15.61 68.23 26.22
N LEU B 141 -16.10 67.92 27.42
CA LEU B 141 -15.81 66.65 28.08
C LEU B 141 -17.03 65.73 28.02
N LEU B 142 -16.81 64.52 27.51
CA LEU B 142 -17.83 63.46 27.52
C LEU B 142 -17.43 62.43 28.56
N ASN B 143 -18.37 62.07 29.43
CA ASN B 143 -18.08 61.24 30.59
C ASN B 143 -18.96 60.00 30.59
N ASN B 144 -18.35 58.84 30.81
CA ASN B 144 -19.06 57.58 31.03
C ASN B 144 -20.04 57.28 29.89
N PHE B 145 -19.47 57.06 28.71
CA PHE B 145 -20.25 56.71 27.54
C PHE B 145 -19.74 55.42 26.92
N TYR B 146 -20.64 54.71 26.26
CA TYR B 146 -20.38 53.43 25.61
C TYR B 146 -21.45 53.24 24.53
N PRO B 147 -21.07 52.96 23.27
CA PRO B 147 -19.73 52.65 22.75
C PRO B 147 -18.76 53.81 22.70
N ARG B 148 -17.47 53.48 22.56
CA ARG B 148 -16.41 54.48 22.52
C ARG B 148 -16.56 55.44 21.36
N GLU B 149 -17.21 55.02 20.27
CA GLU B 149 -17.41 55.91 19.14
C GLU B 149 -18.27 57.10 19.53
N ALA B 150 -17.83 58.29 19.14
CA ALA B 150 -18.54 59.53 19.44
C ALA B 150 -17.99 60.65 18.58
N LYS B 151 -18.88 61.38 17.90
CA LYS B 151 -18.48 62.45 16.99
C LYS B 151 -18.62 63.79 17.69
N VAL B 152 -17.51 64.51 17.80
CA VAL B 152 -17.46 65.81 18.45
C VAL B 152 -17.19 66.86 17.38
N GLN B 153 -18.14 67.77 17.19
CA GLN B 153 -18.02 68.85 16.23
C GLN B 153 -18.06 70.18 16.96
N TRP B 154 -17.08 71.05 16.67
CA TRP B 154 -17.00 72.37 17.26
C TRP B 154 -17.62 73.38 16.30
N LYS B 155 -18.62 74.11 16.77
CA LYS B 155 -19.26 75.16 16.00
C LYS B 155 -18.96 76.51 16.67
N VAL B 156 -18.47 77.45 15.88
CA VAL B 156 -18.12 78.78 16.32
C VAL B 156 -19.06 79.75 15.63
N ASP B 157 -20.03 80.27 16.37
CA ASP B 157 -21.08 81.11 15.80
C ASP B 157 -21.76 80.40 14.63
N ASN B 158 -22.07 79.12 14.84
CA ASN B 158 -22.71 78.28 13.82
C ASN B 158 -21.82 78.12 12.59
N ALA B 159 -20.52 78.01 12.81
CA ALA B 159 -19.56 77.74 11.75
C ALA B 159 -18.69 76.56 12.18
N LEU B 160 -18.68 75.51 11.37
CA LEU B 160 -17.93 74.31 11.73
C LEU B 160 -16.43 74.56 11.64
N GLN B 161 -15.69 73.99 12.59
CA GLN B 161 -14.24 74.04 12.60
C GLN B 161 -13.64 72.77 12.03
N SER B 162 -12.40 72.87 11.57
CA SER B 162 -11.69 71.73 11.00
C SER B 162 -10.20 71.90 11.24
N GLY B 163 -9.54 70.79 11.58
CA GLY B 163 -8.11 70.81 11.77
C GLY B 163 -7.62 71.63 12.94
N ASN B 164 -8.45 71.83 13.95
CA ASN B 164 -8.06 72.63 15.11
C ASN B 164 -8.44 71.99 16.44
N SER B 165 -9.05 70.81 16.43
CA SER B 165 -9.47 70.13 17.64
C SER B 165 -8.77 68.78 17.75
N GLN B 166 -8.19 68.50 18.91
CA GLN B 166 -7.52 67.24 19.19
C GLN B 166 -8.32 66.48 20.23
N GLU B 167 -8.54 65.18 19.98
CA GLU B 167 -9.38 64.35 20.83
C GLU B 167 -8.51 63.35 21.59
N SER B 168 -8.83 63.16 22.87
CA SER B 168 -8.15 62.21 23.73
C SER B 168 -9.19 61.31 24.38
N VAL B 169 -8.92 60.01 24.39
CA VAL B 169 -9.84 59.02 24.93
C VAL B 169 -9.12 58.23 26.01
N THR B 170 -9.73 58.14 27.19
CA THR B 170 -9.20 57.27 28.23
C THR B 170 -9.51 55.82 27.92
N GLU B 171 -8.77 54.92 28.55
CA GLU B 171 -9.07 53.51 28.41
C GLU B 171 -10.37 53.17 29.13
N GLN B 172 -10.93 52.01 28.77
CA GLN B 172 -12.18 51.58 29.38
C GLN B 172 -12.03 51.49 30.89
N ASP B 173 -12.97 52.08 31.61
CA ASP B 173 -12.92 52.07 33.06
C ASP B 173 -13.13 50.67 33.59
N SER B 174 -12.34 50.29 34.59
CA SER B 174 -12.38 48.94 35.14
C SER B 174 -13.61 48.69 36.01
N LYS B 175 -14.32 49.73 36.42
CA LYS B 175 -15.45 49.59 37.34
C LYS B 175 -16.79 49.55 36.60
N ASP B 176 -17.09 50.57 35.81
CA ASP B 176 -18.35 50.64 35.09
C ASP B 176 -18.22 50.35 33.60
N SER B 177 -17.02 50.06 33.12
CA SER B 177 -16.77 49.70 31.72
C SER B 177 -17.24 50.79 30.76
N THR B 178 -17.02 52.05 31.15
CA THR B 178 -17.41 53.19 30.34
C THR B 178 -16.18 54.02 29.97
N TYR B 179 -16.24 54.64 28.79
CA TYR B 179 -15.15 55.47 28.30
C TYR B 179 -15.35 56.94 28.68
N SER B 180 -14.29 57.71 28.51
CA SER B 180 -14.34 59.15 28.69
C SER B 180 -13.55 59.81 27.58
N LEU B 181 -14.15 60.79 26.91
CA LEU B 181 -13.53 61.48 25.80
C LEU B 181 -13.43 62.98 26.12
N SER B 182 -12.38 63.61 25.60
CA SER B 182 -12.19 65.04 25.77
C SER B 182 -11.58 65.61 24.50
N SER B 183 -12.31 66.52 23.87
CA SER B 183 -11.83 67.22 22.68
C SER B 183 -11.51 68.66 23.06
N THR B 184 -10.30 69.11 22.73
CA THR B 184 -9.86 70.46 23.02
C THR B 184 -9.64 71.22 21.73
N LEU B 185 -10.04 72.50 21.73
CA LEU B 185 -9.88 73.38 20.58
C LEU B 185 -9.01 74.55 20.98
N THR B 186 -7.86 74.70 20.33
CA THR B 186 -6.86 75.69 20.69
C THR B 186 -6.83 76.79 19.64
N LEU B 187 -6.89 78.04 20.10
CA LEU B 187 -6.88 79.19 19.21
C LEU B 187 -6.07 80.32 19.83
N SER B 188 -5.64 81.23 18.96
CA SER B 188 -4.84 82.39 19.35
C SER B 188 -5.73 83.46 19.99
N LYS B 189 -5.20 84.67 20.12
CA LYS B 189 -5.97 85.72 20.81
C LYS B 189 -6.92 86.45 19.87
N ALA B 190 -6.46 86.84 18.68
CA ALA B 190 -7.39 87.43 17.72
C ALA B 190 -8.50 86.44 17.39
N ASP B 191 -8.15 85.15 17.32
CA ASP B 191 -9.14 84.12 17.01
C ASP B 191 -10.13 83.90 18.14
N TYR B 192 -9.68 84.00 19.40
CA TYR B 192 -10.61 83.87 20.52
C TYR B 192 -11.53 85.08 20.61
N GLU B 193 -10.95 86.29 20.52
CA GLU B 193 -11.73 87.50 20.70
C GLU B 193 -12.56 87.88 19.49
N LYS B 194 -12.29 87.28 18.32
CA LYS B 194 -13.05 87.59 17.12
C LYS B 194 -14.41 86.93 17.09
N HIS B 195 -14.69 86.00 18.00
CA HIS B 195 -15.95 85.28 17.99
C HIS B 195 -16.48 85.18 19.42
N LYS B 196 -17.80 85.05 19.54
CA LYS B 196 -18.50 85.16 20.81
C LYS B 196 -19.04 83.83 21.33
N VAL B 197 -19.79 83.11 20.50
CA VAL B 197 -20.47 81.89 20.93
C VAL B 197 -19.60 80.69 20.60
N TYR B 198 -19.48 79.77 21.57
CA TYR B 198 -18.66 78.57 21.42
C TYR B 198 -19.46 77.38 21.90
N ALA B 199 -19.50 76.31 21.10
CA ALA B 199 -20.26 75.12 21.43
C ALA B 199 -19.55 73.88 20.95
N CYS B 200 -19.81 72.76 21.63
CA CYS B 200 -19.36 71.44 21.22
C CYS B 200 -20.58 70.54 21.09
N GLU B 201 -20.79 69.98 19.90
CA GLU B 201 -21.94 69.14 19.61
C GLU B 201 -21.49 67.69 19.54
N VAL B 202 -22.17 66.81 20.28
CA VAL B 202 -21.80 65.42 20.42
C VAL B 202 -22.84 64.55 19.72
N THR B 203 -22.36 63.50 19.06
CA THR B 203 -23.22 62.51 18.42
C THR B 203 -22.88 61.14 18.99
N HIS B 204 -23.88 60.45 19.52
CA HIS B 204 -23.66 59.16 20.14
C HIS B 204 -24.88 58.27 19.91
N GLN B 205 -24.64 56.96 19.97
CA GLN B 205 -25.73 56.00 19.82
C GLN B 205 -26.74 56.13 20.95
N GLY B 206 -26.26 56.42 22.16
CA GLY B 206 -27.14 56.54 23.31
C GLY B 206 -27.96 57.80 23.36
N LEU B 207 -27.72 58.75 22.45
CA LEU B 207 -28.47 59.99 22.36
C LEU B 207 -29.39 59.95 21.15
N SER B 208 -30.67 60.26 21.37
CA SER B 208 -31.63 60.26 20.26
C SER B 208 -31.27 61.29 19.21
N SER B 209 -30.89 62.49 19.64
CA SER B 209 -30.50 63.58 18.76
C SER B 209 -29.19 64.17 19.25
N PRO B 210 -28.42 64.81 18.37
CA PRO B 210 -27.16 65.44 18.81
C PRO B 210 -27.42 66.46 19.92
N VAL B 211 -26.56 66.43 20.93
CA VAL B 211 -26.67 67.31 22.08
C VAL B 211 -25.58 68.36 21.99
N THR B 212 -25.96 69.62 22.00
CA THR B 212 -25.04 70.74 21.89
C THR B 212 -25.02 71.52 23.19
N LYS B 213 -23.82 71.68 23.76
CA LYS B 213 -23.61 72.49 24.95
C LYS B 213 -22.78 73.70 24.57
N SER B 214 -23.27 74.88 24.94
CA SER B 214 -22.68 76.14 24.49
C SER B 214 -22.45 77.06 25.68
N PHE B 215 -21.50 77.98 25.50
CA PHE B 215 -21.28 79.07 26.43
C PHE B 215 -21.06 80.34 25.64
N ASN B 216 -21.43 81.47 26.22
CA ASN B 216 -21.21 82.78 25.63
C ASN B 216 -20.08 83.46 26.38
N ARG B 217 -19.08 83.95 25.64
CA ARG B 217 -17.93 84.58 26.26
C ARG B 217 -18.33 85.85 26.98
N GLY B 218 -17.65 86.14 28.08
CA GLY B 218 -17.99 87.28 28.90
C GLY B 218 -19.17 87.07 29.81
N GLU B 219 -19.76 85.88 29.80
CA GLU B 219 -20.91 85.54 30.62
C GLU B 219 -20.59 84.26 31.39
N CYS B 220 -21.28 84.10 32.51
CA CYS B 220 -21.10 82.91 33.34
C CYS B 220 -21.92 81.75 32.81
N LEU C 9 0.52 -18.06 -47.10
CA LEU C 9 0.01 -16.84 -46.47
C LEU C 9 0.11 -16.93 -44.94
N GLY C 10 0.36 -15.80 -44.29
CA GLY C 10 0.55 -15.77 -42.86
C GLY C 10 -0.74 -15.53 -42.11
N PHE C 11 -0.60 -15.32 -40.80
CA PHE C 11 -1.73 -15.05 -39.93
C PHE C 11 -2.43 -13.76 -40.34
N LEU C 12 -3.75 -13.82 -40.43
CA LEU C 12 -4.59 -12.69 -40.84
C LEU C 12 -4.23 -12.16 -42.21
N GLY C 13 -3.55 -12.97 -43.03
CA GLY C 13 -3.11 -12.50 -44.34
C GLY C 13 -4.26 -12.16 -45.27
N ALA C 14 -5.40 -12.81 -45.08
CA ALA C 14 -6.58 -12.58 -45.90
C ALA C 14 -7.59 -11.66 -45.23
N ALA C 15 -7.12 -10.71 -44.43
CA ALA C 15 -8.03 -9.80 -43.74
C ALA C 15 -8.79 -8.93 -44.73
N GLY C 16 -8.11 -8.41 -45.74
CA GLY C 16 -8.75 -7.61 -46.76
C GLY C 16 -9.28 -8.39 -47.96
N SER C 17 -9.10 -9.70 -47.97
CA SER C 17 -9.59 -10.51 -49.08
C SER C 17 -11.10 -10.70 -48.98
N THR C 18 -11.68 -11.20 -50.06
CA THR C 18 -13.11 -11.49 -50.08
C THR C 18 -13.41 -12.72 -49.23
N MET C 19 -14.71 -13.05 -49.14
CA MET C 19 -15.14 -14.18 -48.32
C MET C 19 -14.52 -15.48 -48.82
N GLY C 20 -14.63 -15.75 -50.11
CA GLY C 20 -14.15 -17.03 -50.63
C GLY C 20 -12.65 -17.19 -50.49
N ALA C 21 -11.89 -16.12 -50.74
CA ALA C 21 -10.44 -16.19 -50.57
C ALA C 21 -10.05 -16.33 -49.11
N ALA C 22 -10.74 -15.60 -48.22
CA ALA C 22 -10.37 -15.65 -46.81
C ALA C 22 -10.73 -16.98 -46.17
N SER C 23 -11.84 -17.59 -46.58
CA SER C 23 -12.27 -18.86 -46.01
C SER C 23 -11.32 -19.99 -46.31
N ASN C 24 -10.38 -19.81 -47.24
CA ASN C 24 -9.40 -20.82 -47.56
C ASN C 24 -8.21 -20.82 -46.60
N THR C 25 -8.18 -19.90 -45.64
CA THR C 25 -7.06 -19.79 -44.71
C THR C 25 -7.55 -19.56 -43.29
N LEU C 26 -8.63 -20.24 -42.91
CA LEU C 26 -9.09 -20.18 -41.53
C LEU C 26 -8.15 -20.91 -40.58
N THR C 27 -7.33 -21.81 -41.11
CA THR C 27 -6.50 -22.67 -40.28
C THR C 27 -5.43 -21.88 -39.54
N VAL C 28 -4.79 -20.92 -40.22
CA VAL C 28 -3.73 -20.15 -39.57
C VAL C 28 -4.29 -19.34 -38.41
N GLN C 29 -5.47 -18.74 -38.59
CA GLN C 29 -6.13 -18.05 -37.50
C GLN C 29 -6.46 -19.01 -36.36
N ALA C 30 -7.00 -20.18 -36.69
CA ALA C 30 -7.36 -21.14 -35.65
C ALA C 30 -6.15 -21.57 -34.85
N ARG C 31 -5.01 -21.81 -35.51
CA ARG C 31 -3.82 -22.24 -34.81
C ARG C 31 -3.22 -21.11 -33.98
N GLN C 32 -3.19 -19.88 -34.52
CA GLN C 32 -2.71 -18.76 -33.74
C GLN C 32 -3.64 -18.41 -32.58
N LEU C 33 -4.86 -18.95 -32.57
CA LEU C 33 -5.77 -18.69 -31.46
C LEU C 33 -5.25 -19.22 -30.13
N LEU C 34 -4.33 -20.18 -30.15
CA LEU C 34 -3.71 -20.70 -28.92
C LEU C 34 -2.21 -20.85 -29.11
N SER C 35 -1.58 -19.81 -29.63
CA SER C 35 -0.14 -19.84 -29.84
C SER C 35 0.60 -19.86 -28.51
N GLY C 36 1.82 -20.41 -28.53
CA GLY C 36 2.63 -20.49 -27.34
C GLY C 36 3.92 -21.27 -27.55
N GLN C 56 8.56 -17.46 -11.46
CA GLN C 56 8.92 -16.12 -11.90
C GLN C 56 8.03 -15.07 -11.23
N LEU C 57 8.03 -15.05 -9.90
CA LEU C 57 7.22 -14.09 -9.16
C LEU C 57 7.69 -12.67 -9.45
N GLY C 58 6.74 -11.75 -9.57
CA GLY C 58 7.04 -10.37 -9.87
C GLY C 58 5.88 -9.69 -10.57
N VAL C 59 6.16 -9.02 -11.68
CA VAL C 59 5.14 -8.42 -12.51
C VAL C 59 5.06 -9.09 -13.87
N TRP C 60 6.21 -9.38 -14.49
CA TRP C 60 6.20 -10.02 -15.80
C TRP C 60 5.58 -11.41 -15.73
N GLY C 61 5.98 -12.21 -14.75
CA GLY C 61 5.43 -13.55 -14.62
C GLY C 61 3.94 -13.52 -14.32
N PHE C 62 3.52 -12.64 -13.41
CA PHE C 62 2.10 -12.55 -13.07
C PHE C 62 1.28 -12.11 -14.27
N LYS C 63 1.76 -11.12 -15.02
CA LYS C 63 1.03 -10.69 -16.20
C LYS C 63 0.97 -11.78 -17.25
N GLN C 64 2.07 -12.51 -17.46
CA GLN C 64 2.06 -13.62 -18.40
C GLN C 64 1.01 -14.66 -17.99
N LEU C 65 0.96 -14.98 -16.70
CA LEU C 65 0.01 -15.98 -16.23
C LEU C 65 -1.44 -15.50 -16.39
N GLN C 66 -1.70 -14.24 -16.07
CA GLN C 66 -3.05 -13.71 -16.17
C GLN C 66 -3.50 -13.70 -17.63
N THR C 67 -2.62 -13.27 -18.54
CA THR C 67 -2.98 -13.26 -19.95
C THR C 67 -3.16 -14.68 -20.49
N ARG C 68 -2.34 -15.63 -20.05
CA ARG C 68 -2.52 -17.01 -20.49
C ARG C 68 -3.86 -17.56 -20.02
N VAL C 69 -4.24 -17.25 -18.78
CA VAL C 69 -5.55 -17.70 -18.28
C VAL C 69 -6.67 -17.09 -19.12
N LEU C 70 -6.56 -15.79 -19.44
CA LEU C 70 -7.61 -15.13 -20.21
C LEU C 70 -7.72 -15.72 -21.61
N ALA C 71 -6.57 -15.97 -22.26
CA ALA C 71 -6.59 -16.59 -23.58
C ALA C 71 -7.21 -17.98 -23.52
N ILE C 72 -6.87 -18.74 -22.48
CA ILE C 72 -7.48 -20.06 -22.30
C ILE C 72 -8.99 -19.93 -22.18
N GLU C 73 -9.45 -18.93 -21.43
CA GLU C 73 -10.89 -18.72 -21.27
C GLU C 73 -11.55 -18.42 -22.60
N ARG C 74 -10.96 -17.53 -23.39
CA ARG C 74 -11.55 -17.20 -24.69
C ARG C 74 -11.62 -18.43 -25.58
N TYR C 75 -10.54 -19.20 -25.63
CA TYR C 75 -10.52 -20.41 -26.44
C TYR C 75 -11.59 -21.39 -25.98
N LEU C 76 -11.77 -21.53 -24.66
CA LEU C 76 -12.74 -22.47 -24.14
C LEU C 76 -14.17 -22.02 -24.45
N GLU C 77 -14.46 -20.72 -24.36
CA GLU C 77 -15.78 -20.25 -24.72
C GLU C 77 -16.07 -20.50 -26.20
N VAL C 78 -15.08 -20.25 -27.06
CA VAL C 78 -15.30 -20.49 -28.48
C VAL C 78 -15.55 -21.98 -28.74
N GLN C 79 -14.75 -22.84 -28.11
CA GLN C 79 -14.93 -24.28 -28.29
C GLN C 79 -16.27 -24.74 -27.75
N GLN C 80 -16.71 -24.18 -26.62
CA GLN C 80 -18.00 -24.53 -26.06
C GLN C 80 -19.14 -24.12 -26.99
N LEU C 81 -19.05 -22.93 -27.58
CA LEU C 81 -20.06 -22.51 -28.54
C LEU C 81 -20.09 -23.45 -29.73
N LEU C 82 -18.92 -23.80 -30.27
CA LEU C 82 -18.88 -24.69 -31.43
C LEU C 82 -19.45 -26.06 -31.07
N GLY C 83 -19.16 -26.56 -29.88
CA GLY C 83 -19.73 -27.83 -29.46
C GLY C 83 -21.23 -27.77 -29.27
N LEU C 84 -21.73 -26.66 -28.71
CA LEU C 84 -23.16 -26.50 -28.53
C LEU C 84 -23.88 -26.42 -29.87
N TRP C 85 -23.23 -25.87 -30.89
CA TRP C 85 -23.86 -25.78 -32.20
C TRP C 85 -23.71 -27.05 -33.02
N GLY C 86 -23.02 -28.06 -32.50
CA GLY C 86 -22.81 -29.28 -33.26
C GLY C 86 -21.67 -29.22 -34.24
N CYS C 87 -20.88 -28.15 -34.24
CA CYS C 87 -19.76 -27.99 -35.15
C CYS C 87 -18.42 -28.29 -34.48
N SER C 88 -18.44 -29.00 -33.36
CA SER C 88 -17.22 -29.25 -32.60
C SER C 88 -16.19 -29.99 -33.44
N GLY C 89 -14.94 -29.54 -33.34
CA GLY C 89 -13.87 -30.15 -34.11
C GLY C 89 -13.92 -29.88 -35.58
N LYS C 90 -14.63 -28.83 -36.00
CA LYS C 90 -14.78 -28.50 -37.40
C LYS C 90 -14.58 -27.01 -37.61
N LEU C 91 -13.82 -26.64 -38.65
CA LEU C 91 -13.63 -25.23 -38.97
C LEU C 91 -14.74 -24.71 -39.86
N ILE C 92 -15.20 -25.50 -40.82
CA ILE C 92 -16.34 -25.16 -41.67
C ILE C 92 -17.45 -26.14 -41.33
N CYS C 93 -18.60 -25.62 -40.89
CA CYS C 93 -19.70 -26.46 -40.44
C CYS C 93 -21.00 -25.89 -40.98
N CYS C 94 -21.69 -26.66 -41.82
CA CYS C 94 -23.01 -26.29 -42.27
C CYS C 94 -24.05 -26.69 -41.23
N THR C 95 -25.01 -25.80 -40.98
CA THR C 95 -26.05 -26.04 -40.00
C THR C 95 -27.41 -26.07 -40.68
N ALA C 96 -28.40 -26.57 -39.96
CA ALA C 96 -29.75 -26.70 -40.49
C ALA C 96 -30.61 -25.49 -40.22
N VAL C 97 -30.08 -24.44 -39.61
CA VAL C 97 -30.84 -23.23 -39.36
C VAL C 97 -31.05 -22.49 -40.67
N PRO C 98 -32.29 -22.26 -41.10
CA PRO C 98 -32.51 -21.51 -42.33
C PRO C 98 -32.04 -20.07 -42.19
N TRP C 99 -31.51 -19.52 -43.29
CA TRP C 99 -31.03 -18.15 -43.29
C TRP C 99 -32.21 -17.21 -43.48
N ASN C 100 -32.59 -16.51 -42.41
CA ASN C 100 -33.67 -15.54 -42.50
C ASN C 100 -33.28 -14.41 -43.45
N SER C 101 -34.19 -14.10 -44.38
CA SER C 101 -33.94 -12.99 -45.29
C SER C 101 -33.95 -11.65 -44.57
N SER C 102 -34.60 -11.56 -43.41
CA SER C 102 -34.62 -10.31 -42.66
C SER C 102 -33.23 -9.93 -42.16
N TRP C 103 -32.40 -10.92 -41.85
CA TRP C 103 -31.03 -10.64 -41.41
C TRP C 103 -30.24 -9.94 -42.51
N SER C 104 -30.29 -10.48 -43.72
CA SER C 104 -29.62 -9.88 -44.87
C SER C 104 -30.24 -10.45 -46.14
N ASN C 105 -30.88 -9.59 -46.93
CA ASN C 105 -31.55 -10.04 -48.14
C ASN C 105 -30.62 -10.21 -49.32
N LYS C 106 -29.35 -9.80 -49.18
CA LYS C 106 -28.41 -9.94 -50.29
C LYS C 106 -28.11 -11.41 -50.57
N SER C 107 -28.03 -11.75 -51.85
CA SER C 107 -27.81 -13.13 -52.24
C SER C 107 -26.34 -13.52 -51.99
N GLU C 108 -26.08 -14.82 -52.10
CA GLU C 108 -24.81 -15.38 -51.65
C GLU C 108 -23.62 -14.82 -52.43
N THR C 109 -23.75 -14.70 -53.75
CA THR C 109 -22.57 -14.41 -54.58
C THR C 109 -22.04 -13.01 -54.33
N GLU C 110 -22.91 -12.03 -54.10
CA GLU C 110 -22.44 -10.66 -53.86
C GLU C 110 -21.68 -10.56 -52.55
N ILE C 111 -22.24 -11.12 -51.48
CA ILE C 111 -21.55 -11.05 -50.19
C ILE C 111 -20.28 -11.89 -50.21
N TRP C 112 -20.24 -12.95 -51.01
CA TRP C 112 -19.13 -13.88 -50.97
C TRP C 112 -17.99 -13.53 -51.91
N ASN C 113 -18.24 -12.76 -52.98
CA ASN C 113 -17.17 -12.33 -53.86
C ASN C 113 -17.06 -10.82 -53.96
N ASN C 114 -17.74 -10.07 -53.10
CA ASN C 114 -17.63 -8.62 -53.10
C ASN C 114 -17.15 -8.07 -51.76
N MET C 115 -17.71 -8.54 -50.65
CA MET C 115 -17.45 -7.96 -49.35
C MET C 115 -16.38 -8.75 -48.60
N THR C 116 -15.99 -8.22 -47.44
CA THR C 116 -15.00 -8.84 -46.57
C THR C 116 -15.67 -9.23 -45.26
N TRP C 117 -14.91 -9.97 -44.44
CA TRP C 117 -15.46 -10.49 -43.20
C TRP C 117 -15.78 -9.38 -42.20
N MET C 118 -14.96 -8.33 -42.19
CA MET C 118 -15.22 -7.21 -41.29
C MET C 118 -16.56 -6.54 -41.59
N GLN C 119 -16.83 -6.31 -42.87
CA GLN C 119 -18.08 -5.67 -43.27
C GLN C 119 -19.27 -6.54 -42.92
N TRP C 120 -19.17 -7.85 -43.15
CA TRP C 120 -20.26 -8.74 -42.80
C TRP C 120 -20.48 -8.74 -41.29
N ASP C 121 -19.40 -8.72 -40.52
CA ASP C 121 -19.51 -8.72 -39.07
C ASP C 121 -20.23 -7.46 -38.60
N ARG C 122 -19.88 -6.31 -39.17
CA ARG C 122 -20.55 -5.08 -38.74
C ARG C 122 -22.00 -5.05 -39.19
N GLU C 123 -22.33 -5.69 -40.32
CA GLU C 123 -23.74 -5.74 -40.73
C GLU C 123 -24.55 -6.65 -39.82
N ILE C 124 -24.06 -7.85 -39.55
CA ILE C 124 -24.85 -8.85 -38.84
C ILE C 124 -24.60 -8.76 -37.34
N SER C 125 -23.93 -7.68 -36.92
CA SER C 125 -23.64 -7.51 -35.50
C SER C 125 -24.93 -7.42 -34.67
N ASN C 126 -26.01 -6.93 -35.26
CA ASN C 126 -27.25 -6.78 -34.52
C ASN C 126 -27.90 -8.13 -34.21
N TYR C 127 -27.77 -9.09 -35.11
CA TYR C 127 -28.55 -10.32 -35.06
C TYR C 127 -27.74 -11.53 -34.62
N THR C 128 -26.53 -11.33 -34.11
CA THR C 128 -25.67 -12.47 -33.77
C THR C 128 -26.28 -13.32 -32.67
N ASN C 129 -26.83 -12.69 -31.63
CA ASN C 129 -27.35 -13.46 -30.50
C ASN C 129 -28.53 -14.34 -30.93
N THR C 130 -29.40 -13.81 -31.78
CA THR C 130 -30.53 -14.60 -32.25
C THR C 130 -30.07 -15.82 -33.03
N ILE C 131 -29.09 -15.65 -33.91
CA ILE C 131 -28.59 -16.78 -34.68
C ILE C 131 -27.91 -17.80 -33.78
N TYR C 132 -27.15 -17.34 -32.79
CA TYR C 132 -26.51 -18.27 -31.85
C TYR C 132 -27.56 -19.09 -31.11
N ARG C 133 -28.61 -18.42 -30.61
CA ARG C 133 -29.66 -19.12 -29.89
C ARG C 133 -30.39 -20.11 -30.79
N LEU C 134 -30.64 -19.72 -32.03
CA LEU C 134 -31.29 -20.63 -32.98
C LEU C 134 -30.42 -21.84 -33.26
N LEU C 135 -29.10 -21.63 -33.39
CA LEU C 135 -28.20 -22.75 -33.63
C LEU C 135 -28.20 -23.72 -32.46
N GLU C 136 -28.19 -23.19 -31.23
CA GLU C 136 -28.23 -24.07 -30.07
C GLU C 136 -29.52 -24.88 -30.04
N GLU C 137 -30.66 -24.24 -30.29
CA GLU C 137 -31.92 -24.97 -30.30
C GLU C 137 -31.95 -26.01 -31.42
N SER C 138 -31.43 -25.67 -32.60
CA SER C 138 -31.43 -26.62 -33.69
C SER C 138 -30.58 -27.83 -33.37
N GLN C 139 -29.41 -27.62 -32.78
CA GLN C 139 -28.57 -28.76 -32.42
C GLN C 139 -29.23 -29.62 -31.36
N PHE C 140 -29.85 -28.99 -30.36
CA PHE C 140 -30.51 -29.78 -29.32
C PHE C 140 -31.67 -30.58 -29.88
N GLN C 141 -32.45 -29.98 -30.78
CA GLN C 141 -33.56 -30.71 -31.40
C GLN C 141 -33.05 -31.87 -32.26
N GLN C 142 -31.97 -31.65 -33.01
CA GLN C 142 -31.38 -32.74 -33.78
C GLN C 142 -30.91 -33.86 -32.87
N GLU C 143 -30.33 -33.50 -31.72
CA GLU C 143 -29.85 -34.52 -30.80
C GLU C 143 -30.99 -35.33 -30.22
N ILE C 144 -32.08 -34.68 -29.83
CA ILE C 144 -33.24 -35.40 -29.32
C ILE C 144 -33.82 -36.30 -30.41
N ASN C 145 -33.89 -35.79 -31.64
CA ASN C 145 -34.44 -36.59 -32.73
C ASN C 145 -33.58 -37.82 -33.00
N GLU C 146 -32.26 -37.66 -32.99
CA GLU C 146 -31.37 -38.80 -33.21
C GLU C 146 -31.50 -39.81 -32.08
N LYS C 147 -31.60 -39.33 -30.84
CA LYS C 147 -31.78 -40.24 -29.71
C LYS C 147 -33.07 -41.04 -29.85
N ASP C 148 -34.16 -40.36 -30.22
CA ASP C 148 -35.43 -41.05 -30.40
C ASP C 148 -35.36 -42.06 -31.54
N LEU C 149 -34.72 -41.67 -32.65
CA LEU C 149 -34.60 -42.57 -33.79
C LEU C 149 -33.80 -43.81 -33.42
N LEU C 150 -32.73 -43.65 -32.66
CA LEU C 150 -31.98 -44.82 -32.19
C LEU C 150 -32.80 -45.65 -31.22
N ALA C 151 -33.63 -45.00 -30.39
CA ALA C 151 -34.47 -45.73 -29.45
C ALA C 151 -35.51 -46.57 -30.16
N LEU C 152 -36.06 -46.09 -31.27
CA LEU C 152 -37.03 -46.87 -32.03
C LEU C 152 -36.41 -48.16 -32.55
N ASP C 153 -35.18 -48.10 -33.03
CA ASP C 153 -34.49 -49.29 -33.53
C ASP C 153 -34.17 -50.25 -32.38
N PRO D 2 -31.47 -20.40 -53.67
CA PRO D 2 -32.81 -19.98 -53.22
C PRO D 2 -32.94 -19.96 -51.70
N ASN D 3 -32.90 -21.13 -51.07
CA ASN D 3 -32.98 -21.27 -49.62
C ASN D 3 -31.58 -21.48 -49.07
N LEU D 4 -31.05 -20.46 -48.41
CA LEU D 4 -29.73 -20.53 -47.82
C LEU D 4 -29.83 -20.95 -46.35
N TRP D 5 -28.70 -21.42 -45.82
CA TRP D 5 -28.62 -21.88 -44.45
C TRP D 5 -27.40 -21.26 -43.78
N VAL D 6 -27.51 -21.03 -42.48
CA VAL D 6 -26.40 -20.46 -41.73
C VAL D 6 -25.21 -21.41 -41.78
N THR D 7 -24.01 -20.84 -41.90
CA THR D 7 -22.78 -21.62 -41.88
C THR D 7 -21.80 -20.95 -40.93
N VAL D 8 -21.13 -21.76 -40.13
CA VAL D 8 -20.23 -21.27 -39.09
C VAL D 8 -18.80 -21.49 -39.54
N TYR D 9 -18.01 -20.42 -39.54
CA TYR D 9 -16.60 -20.45 -39.92
C TYR D 9 -15.75 -20.12 -38.70
N TYR D 10 -14.82 -21.00 -38.36
CA TYR D 10 -13.91 -20.80 -37.24
C TYR D 10 -12.54 -20.47 -37.80
N GLY D 11 -12.09 -19.24 -37.54
CA GLY D 11 -10.84 -18.78 -38.09
C GLY D 11 -11.05 -17.60 -39.02
N VAL D 12 -12.16 -16.91 -38.86
CA VAL D 12 -12.50 -15.76 -39.71
C VAL D 12 -11.52 -14.63 -39.44
N PRO D 13 -10.96 -13.99 -40.46
CA PRO D 13 -10.09 -12.82 -40.25
C PRO D 13 -10.87 -11.55 -39.96
N VAL D 14 -11.45 -11.49 -38.77
CA VAL D 14 -12.16 -10.30 -38.29
C VAL D 14 -11.66 -9.99 -36.89
N TRP D 15 -11.80 -8.72 -36.50
CA TRP D 15 -11.28 -8.27 -35.22
C TRP D 15 -12.18 -7.18 -34.67
N ARG D 16 -11.80 -6.65 -33.51
CA ARG D 16 -12.50 -5.55 -32.88
C ARG D 16 -11.53 -4.87 -31.93
N GLU D 17 -11.74 -3.58 -31.70
CA GLU D 17 -10.90 -2.86 -30.75
C GLU D 17 -11.09 -3.42 -29.35
N ALA D 18 -9.99 -3.51 -28.61
CA ALA D 18 -10.05 -4.08 -27.27
C ALA D 18 -8.82 -3.65 -26.48
N LYS D 19 -8.93 -3.76 -25.16
CA LYS D 19 -7.83 -3.48 -24.25
C LYS D 19 -7.45 -4.78 -23.55
N THR D 20 -6.16 -5.08 -23.55
CA THR D 20 -5.65 -6.30 -22.93
C THR D 20 -4.32 -6.00 -22.26
N THR D 21 -3.73 -7.03 -21.67
CA THR D 21 -2.42 -6.94 -21.04
C THR D 21 -1.39 -7.64 -21.92
N LEU D 22 -0.24 -7.01 -22.09
CA LEU D 22 0.83 -7.53 -22.91
C LEU D 22 2.02 -7.92 -22.04
N PHE D 23 2.82 -8.84 -22.54
CA PHE D 23 4.03 -9.26 -21.86
C PHE D 23 5.26 -8.78 -22.62
N CYS D 24 6.39 -8.79 -21.93
CA CYS D 24 7.64 -8.26 -22.46
C CYS D 24 8.45 -9.35 -23.15
N ALA D 25 9.21 -8.94 -24.17
CA ALA D 25 10.16 -9.81 -24.83
C ALA D 25 11.40 -8.99 -25.15
N SER D 26 12.57 -9.51 -24.80
CA SER D 26 13.83 -8.80 -24.98
C SER D 26 14.77 -9.64 -25.81
N ASP D 27 15.83 -9.00 -26.29
CA ASP D 27 16.81 -9.68 -27.14
C ASP D 27 17.53 -10.78 -26.37
N ALA D 28 17.93 -11.82 -27.10
CA ALA D 28 18.62 -12.95 -26.47
C ALA D 28 19.97 -12.53 -25.89
N LYS D 29 20.59 -11.51 -26.46
CA LYS D 29 21.87 -11.03 -25.93
C LYS D 29 21.73 -10.44 -24.53
N ALA D 30 20.53 -9.98 -24.17
CA ALA D 30 20.31 -9.42 -22.83
C ALA D 30 20.32 -10.47 -21.74
N TYR D 31 20.29 -11.76 -22.09
CA TYR D 31 20.32 -12.83 -21.11
C TYR D 31 21.73 -13.33 -20.83
N ASP D 32 22.74 -12.80 -21.51
CA ASP D 32 24.12 -13.21 -21.26
C ASP D 32 24.63 -12.61 -19.96
N ARG D 33 24.54 -13.37 -18.88
CA ARG D 33 24.86 -12.90 -17.53
C ARG D 33 23.99 -11.67 -17.27
N GLU D 34 24.57 -10.53 -16.86
CA GLU D 34 23.88 -9.26 -16.66
C GLU D 34 22.51 -9.40 -16.01
N VAL D 35 22.42 -10.26 -14.99
CA VAL D 35 21.20 -10.35 -14.19
C VAL D 35 20.93 -9.02 -13.48
N HIS D 36 21.97 -8.20 -13.33
CA HIS D 36 21.85 -6.87 -12.75
C HIS D 36 21.26 -5.93 -13.79
N ASN D 37 19.93 -5.98 -13.92
CA ASN D 37 19.23 -5.17 -14.90
C ASN D 37 17.80 -4.95 -14.44
N VAL D 38 17.34 -3.70 -14.49
CA VAL D 38 16.01 -3.39 -14.00
C VAL D 38 14.94 -3.96 -14.92
N TRP D 39 15.12 -3.82 -16.23
CA TRP D 39 14.03 -4.07 -17.17
C TRP D 39 13.86 -5.55 -17.47
N ALA D 40 14.91 -6.20 -17.98
CA ALA D 40 14.78 -7.53 -18.56
C ALA D 40 15.71 -8.53 -17.90
N THR D 41 15.71 -8.56 -16.57
CA THR D 41 16.51 -9.53 -15.80
C THR D 41 15.90 -10.92 -15.92
N HIS D 42 16.11 -11.52 -17.10
CA HIS D 42 15.59 -12.85 -17.45
C HIS D 42 14.11 -13.01 -17.14
N ALA D 43 13.38 -11.90 -17.07
CA ALA D 43 11.94 -11.92 -16.83
C ALA D 43 11.14 -11.73 -18.11
N CYS D 44 11.81 -11.59 -19.24
CA CYS D 44 11.17 -11.49 -20.55
C CYS D 44 11.50 -12.73 -21.36
N VAL D 45 10.53 -13.20 -22.14
CA VAL D 45 10.77 -14.33 -23.03
C VAL D 45 11.73 -13.87 -24.13
N PRO D 46 12.59 -14.74 -24.64
CA PRO D 46 13.49 -14.32 -25.72
C PRO D 46 12.70 -13.87 -26.95
N THR D 47 13.22 -12.85 -27.61
CA THR D 47 12.54 -12.31 -28.80
C THR D 47 12.51 -13.36 -29.90
N ASP D 48 11.43 -13.35 -30.66
CA ASP D 48 11.29 -14.29 -31.76
C ASP D 48 12.21 -13.87 -32.91
N PRO D 49 13.14 -14.71 -33.34
CA PRO D 49 13.96 -14.36 -34.51
C PRO D 49 13.09 -14.20 -35.74
N ASN D 50 13.55 -13.33 -36.65
CA ASN D 50 12.85 -12.92 -37.86
C ASN D 50 11.37 -12.68 -37.56
N PRO D 51 11.03 -11.58 -36.87
CA PRO D 51 9.63 -11.33 -36.52
C PRO D 51 8.75 -11.29 -37.75
N GLN D 52 7.59 -11.94 -37.65
CA GLN D 52 6.71 -12.13 -38.79
C GLN D 52 5.75 -10.95 -38.86
N GLU D 53 5.94 -10.09 -39.86
CA GLU D 53 5.03 -8.99 -40.16
C GLU D 53 4.24 -9.34 -41.41
N ILE D 54 2.93 -9.47 -41.27
CA ILE D 54 2.06 -9.84 -42.37
C ILE D 54 1.32 -8.59 -42.84
N VAL D 55 1.57 -8.20 -44.08
CA VAL D 55 0.97 -6.99 -44.63
C VAL D 55 -0.47 -7.28 -45.02
N LEU D 56 -1.40 -6.57 -44.38
CA LEU D 56 -2.82 -6.72 -44.68
C LEU D 56 -3.19 -5.77 -45.81
N GLU D 57 -3.78 -6.31 -46.86
CA GLU D 57 -4.07 -5.53 -48.06
C GLU D 57 -5.52 -5.08 -48.09
N ASN D 58 -5.75 -3.95 -48.76
CA ASN D 58 -7.10 -3.43 -49.00
C ASN D 58 -7.88 -3.25 -47.69
N VAL D 59 -7.19 -2.77 -46.66
CA VAL D 59 -7.78 -2.63 -45.34
C VAL D 59 -7.47 -1.24 -44.80
N THR D 60 -8.48 -0.59 -44.22
CA THR D 60 -8.34 0.74 -43.63
C THR D 60 -8.83 0.69 -42.19
N GLU D 61 -7.98 1.10 -41.26
CA GLU D 61 -8.29 1.08 -39.83
C GLU D 61 -8.03 2.45 -39.23
N ASN D 62 -8.76 2.76 -38.16
CA ASN D 62 -8.67 4.05 -37.51
C ASN D 62 -7.78 3.93 -36.27
N PHE D 63 -6.72 4.73 -36.23
CA PHE D 63 -5.79 4.76 -35.11
C PHE D 63 -6.00 6.03 -34.30
N ASN D 64 -5.49 6.01 -33.06
CA ASN D 64 -5.58 7.18 -32.18
C ASN D 64 -4.44 7.07 -31.17
N MET D 65 -3.36 7.81 -31.43
CA MET D 65 -2.20 7.80 -30.53
C MET D 65 -2.55 8.34 -29.15
N TRP D 66 -3.53 9.23 -29.05
CA TRP D 66 -3.79 9.93 -27.80
C TRP D 66 -4.75 9.19 -26.89
N LYS D 67 -5.75 8.50 -27.45
CA LYS D 67 -6.60 7.61 -26.69
C LYS D 67 -6.11 6.18 -26.73
N ASN D 68 -4.88 5.96 -27.19
CA ASN D 68 -4.34 4.61 -27.30
C ASN D 68 -4.09 4.01 -25.93
N ASP D 69 -4.36 2.72 -25.83
CA ASP D 69 -3.89 1.92 -24.71
C ASP D 69 -2.43 1.59 -24.95
N MET D 70 -1.89 0.58 -24.25
CA MET D 70 -0.53 0.09 -24.35
C MET D 70 0.52 1.18 -24.11
N VAL D 71 0.10 2.34 -23.64
CA VAL D 71 0.99 3.39 -23.17
C VAL D 71 0.85 3.59 -21.67
N ASP D 72 -0.39 3.68 -21.19
CA ASP D 72 -0.62 3.68 -19.75
C ASP D 72 -0.13 2.37 -19.13
N GLN D 73 -0.38 1.26 -19.81
CA GLN D 73 0.11 -0.02 -19.33
C GLN D 73 1.63 -0.06 -19.32
N MET D 74 2.27 0.49 -20.35
CA MET D 74 3.72 0.54 -20.36
C MET D 74 4.26 1.38 -19.21
N HIS D 75 3.61 2.52 -18.93
CA HIS D 75 4.02 3.35 -17.82
C HIS D 75 3.89 2.61 -16.49
N GLU D 76 2.77 1.92 -16.31
CA GLU D 76 2.57 1.15 -15.07
C GLU D 76 3.61 0.03 -14.96
N ASP D 77 3.91 -0.64 -16.07
CA ASP D 77 4.90 -1.71 -16.04
C ASP D 77 6.28 -1.16 -15.69
N ILE D 78 6.64 0.00 -16.23
CA ILE D 78 7.94 0.59 -15.92
C ILE D 78 8.01 0.97 -14.44
N ILE D 79 6.93 1.54 -13.91
CA ILE D 79 6.92 1.91 -12.49
C ILE D 79 7.05 0.67 -11.62
N SER D 80 6.31 -0.39 -11.95
CA SER D 80 6.38 -1.61 -11.16
C SER D 80 7.74 -2.26 -11.26
N LEU D 81 8.37 -2.22 -12.44
CA LEU D 81 9.72 -2.75 -12.60
C LEU D 81 10.70 -2.00 -11.71
N TRP D 82 10.60 -0.67 -11.70
CA TRP D 82 11.49 0.11 -10.85
C TRP D 82 11.27 -0.21 -9.37
N ASP D 83 10.02 -0.31 -8.95
CA ASP D 83 9.75 -0.62 -7.55
C ASP D 83 10.26 -2.00 -7.17
N GLN D 84 10.06 -2.98 -8.04
CA GLN D 84 10.53 -4.34 -7.77
C GLN D 84 12.04 -4.39 -7.69
N SER D 85 12.72 -3.70 -8.61
CA SER D 85 14.19 -3.70 -8.60
C SER D 85 14.75 -2.90 -7.44
N LEU D 86 13.98 -1.96 -6.89
CA LEU D 86 14.42 -1.19 -5.73
C LEU D 86 13.89 -1.75 -4.42
N LYS D 87 13.17 -2.87 -4.45
CA LYS D 87 12.73 -3.50 -3.20
C LYS D 87 13.90 -3.98 -2.34
N PRO D 88 14.86 -4.76 -2.84
CA PRO D 88 15.93 -5.24 -1.95
C PRO D 88 17.00 -4.21 -1.65
N CYS D 89 16.95 -3.03 -2.27
CA CYS D 89 18.00 -2.04 -2.07
C CYS D 89 17.94 -1.43 -0.68
N VAL D 90 19.03 -0.75 -0.31
CA VAL D 90 19.15 -0.18 1.02
C VAL D 90 18.22 1.01 1.15
N LYS D 91 17.43 1.03 2.23
CA LYS D 91 16.57 2.16 2.54
C LYS D 91 17.39 3.13 3.38
N LEU D 92 17.54 4.37 2.91
CA LEU D 92 18.28 5.38 3.66
C LEU D 92 17.45 6.06 4.72
N THR D 93 16.81 5.29 5.59
CA THR D 93 16.16 5.86 6.78
C THR D 93 17.12 6.55 7.73
N PRO D 94 18.25 5.96 8.11
CA PRO D 94 19.14 6.65 9.06
C PRO D 94 19.69 7.96 8.54
N LEU D 95 19.74 8.15 7.22
CA LEU D 95 20.37 9.33 6.64
C LEU D 95 19.59 10.62 6.88
N CYS D 96 18.32 10.54 7.29
CA CYS D 96 17.55 11.74 7.60
C CYS D 96 17.96 12.22 8.98
N VAL D 97 19.05 12.99 9.00
CA VAL D 97 19.67 13.48 10.23
C VAL D 97 20.20 14.88 9.94
N THR D 98 20.47 15.62 11.02
CA THR D 98 21.02 16.95 10.87
C THR D 98 22.45 16.88 10.35
N LEU D 99 22.74 17.64 9.31
CA LEU D 99 24.08 17.70 8.73
C LEU D 99 24.72 19.04 9.03
N GLU D 100 26.00 19.00 9.39
CA GLU D 100 26.79 20.21 9.58
C GLU D 100 27.59 20.42 8.31
N CYS D 101 27.07 21.23 7.40
CA CYS D 101 27.64 21.40 6.08
C CYS D 101 28.45 22.69 6.00
N THR D 102 29.59 22.62 5.33
CA THR D 102 30.40 23.79 5.03
C THR D 102 30.88 23.69 3.59
N ALA D 103 31.09 24.85 2.97
CA ALA D 103 31.54 24.89 1.58
C ALA D 103 32.98 24.38 1.52
N PHE D 104 33.15 23.16 0.99
CA PHE D 104 34.46 22.54 1.01
C PHE D 104 35.42 23.28 0.07
N ASN D 105 36.68 23.38 0.50
CA ASN D 105 37.67 24.26 -0.10
C ASN D 105 38.89 23.41 -0.46
N SER D 106 38.93 22.93 -1.70
CA SER D 106 40.09 22.20 -2.19
C SER D 106 41.12 23.17 -2.74
N SER D 107 42.24 22.61 -3.24
CA SER D 107 43.26 23.45 -3.87
C SER D 107 42.72 24.11 -5.13
N SER D 108 41.96 23.36 -5.94
CA SER D 108 41.37 23.93 -7.15
C SER D 108 40.31 24.97 -6.82
N HIS D 109 39.58 24.79 -5.71
CA HIS D 109 38.60 25.78 -5.30
C HIS D 109 39.27 27.12 -5.00
N THR D 110 40.42 27.09 -4.34
CA THR D 110 41.16 28.32 -4.07
C THR D 110 41.57 28.99 -5.38
N ASN D 111 42.01 28.21 -6.36
CA ASN D 111 42.36 28.73 -7.67
C ASN D 111 41.14 29.31 -8.39
N ALA D 115 32.94 26.22 -10.55
CA ALA D 115 31.63 25.78 -10.07
C ALA D 115 31.77 24.93 -8.80
N MET D 116 32.70 25.34 -7.92
CA MET D 116 32.93 24.62 -6.67
C MET D 116 31.90 24.94 -5.61
N GLN D 117 31.01 25.92 -5.84
CA GLN D 117 29.91 26.19 -4.94
C GLN D 117 28.75 25.22 -5.15
N GLU D 118 28.86 24.31 -6.13
CA GLU D 118 27.82 23.34 -6.40
C GLU D 118 27.79 22.19 -5.40
N MET D 119 28.81 22.07 -4.54
CA MET D 119 28.90 20.98 -3.58
C MET D 119 29.28 21.52 -2.21
N LYS D 120 28.91 20.74 -1.19
CA LYS D 120 29.22 21.08 0.20
C LYS D 120 29.73 19.84 0.91
N ASN D 121 30.55 20.05 1.93
CA ASN D 121 31.12 18.98 2.74
C ASN D 121 30.31 18.89 4.03
N CYS D 122 29.49 17.85 4.15
CA CYS D 122 28.56 17.69 5.24
C CYS D 122 29.01 16.57 6.16
N SER D 123 29.16 16.87 7.45
CA SER D 123 29.53 15.90 8.46
C SER D 123 28.37 15.70 9.42
N PHE D 124 28.05 14.44 9.70
CA PHE D 124 26.89 14.11 10.51
C PHE D 124 27.18 12.85 11.31
N ASN D 125 26.41 12.65 12.38
CA ASN D 125 26.54 11.47 13.20
C ASN D 125 25.72 10.33 12.62
N MET D 126 26.35 9.18 12.46
CA MET D 126 25.70 8.01 11.88
C MET D 126 25.77 6.87 12.89
N THR D 127 24.65 6.16 13.04
CA THR D 127 24.61 5.06 13.97
C THR D 127 25.43 3.89 13.46
N THR D 128 26.28 3.33 14.32
CA THR D 128 27.12 2.21 13.94
C THR D 128 26.31 0.92 14.01
N GLU D 129 27.00 -0.23 13.97
CA GLU D 129 26.32 -1.50 14.12
C GLU D 129 25.67 -1.63 15.50
N LEU D 130 26.22 -0.94 16.49
CA LEU D 130 25.66 -0.93 17.83
C LEU D 130 24.72 0.26 17.98
N ARG D 131 23.50 0.00 18.44
CA ARG D 131 22.48 1.05 18.51
C ARG D 131 22.82 2.11 19.55
N ASP D 132 23.74 1.84 20.47
CA ASP D 132 24.08 2.78 21.53
C ASP D 132 25.35 3.57 21.23
N LYS D 133 25.87 3.48 20.01
CA LYS D 133 27.08 4.20 19.64
C LYS D 133 26.87 4.93 18.32
N LYS D 134 27.52 6.07 18.18
CA LYS D 134 27.43 6.88 16.98
C LYS D 134 28.84 7.27 16.54
N LYS D 135 29.01 7.43 15.24
CA LYS D 135 30.29 7.79 14.65
C LYS D 135 30.11 9.03 13.78
N LYS D 136 30.97 10.01 13.97
CA LYS D 136 30.91 11.24 13.17
C LYS D 136 31.50 10.96 11.80
N VAL D 137 30.63 10.76 10.82
CA VAL D 137 31.06 10.49 9.46
C VAL D 137 30.94 11.76 8.63
N SER D 138 31.52 11.75 7.44
CA SER D 138 31.49 12.89 6.55
C SER D 138 31.17 12.42 5.14
N ALA D 139 30.65 13.33 4.33
CA ALA D 139 30.31 13.04 2.95
C ALA D 139 30.23 14.35 2.19
N LEU D 140 30.25 14.24 0.86
CA LEU D 140 30.08 15.38 -0.03
C LEU D 140 28.72 15.30 -0.68
N PHE D 141 27.97 16.40 -0.62
CA PHE D 141 26.62 16.44 -1.15
C PHE D 141 26.49 17.61 -2.11
N TYR D 142 25.78 17.38 -3.21
CA TYR D 142 25.44 18.47 -4.11
C TYR D 142 24.48 19.43 -3.43
N LYS D 143 24.64 20.72 -3.71
CA LYS D 143 23.79 21.72 -3.09
C LYS D 143 22.33 21.57 -3.50
N LEU D 144 22.06 20.86 -4.58
CA LEU D 144 20.68 20.62 -5.01
C LEU D 144 19.98 19.59 -4.15
N ASP D 145 20.72 18.82 -3.36
CA ASP D 145 20.15 17.74 -2.56
C ASP D 145 20.09 18.05 -1.08
N ILE D 146 20.45 19.26 -0.67
CA ILE D 146 20.40 19.66 0.73
C ILE D 146 19.72 21.02 0.84
N VAL D 147 18.94 21.21 1.90
CA VAL D 147 18.27 22.49 2.14
C VAL D 147 18.64 22.94 3.55
N PRO D 148 18.71 24.24 3.82
CA PRO D 148 19.04 24.70 5.17
C PRO D 148 17.91 24.42 6.14
N LEU D 149 18.29 24.23 7.41
CA LEU D 149 17.30 24.09 8.47
C LEU D 149 16.96 25.44 9.08
N ASN D 150 17.97 26.23 9.43
CA ASN D 150 17.79 27.55 9.99
C ASN D 150 18.18 28.59 8.94
N LYS D 151 18.19 29.86 9.36
CA LYS D 151 18.71 30.93 8.53
C LYS D 151 20.16 31.26 8.86
N ASN D 152 20.79 30.49 9.74
CA ASN D 152 22.19 30.71 10.09
C ASN D 152 23.16 30.08 9.10
N GLY D 153 22.68 29.22 8.22
CA GLY D 153 23.54 28.63 7.20
C GLY D 153 24.67 27.79 7.74
N ARG D 154 24.38 26.93 8.71
CA ARG D 154 25.40 26.02 9.23
C ARG D 154 24.89 24.58 9.24
N GLN D 155 23.58 24.40 9.41
CA GLN D 155 22.98 23.08 9.55
C GLN D 155 21.97 22.88 8.43
N TYR D 156 22.10 21.76 7.73
CA TYR D 156 21.29 21.41 6.58
C TYR D 156 20.60 20.08 6.80
N ARG D 157 19.82 19.66 5.81
CA ARG D 157 19.19 18.35 5.81
C ARG D 157 18.99 17.92 4.37
N LEU D 158 18.86 16.61 4.17
CA LEU D 158 18.57 16.11 2.84
C LEU D 158 17.22 16.61 2.38
N ILE D 159 17.10 16.87 1.07
CA ILE D 159 15.90 17.53 0.57
C ILE D 159 14.67 16.66 0.74
N ASN D 160 14.85 15.34 0.77
CA ASN D 160 13.73 14.41 0.79
C ASN D 160 13.23 14.11 2.19
N CYS D 161 13.84 14.69 3.23
CA CYS D 161 13.55 14.26 4.59
C CYS D 161 12.16 14.68 5.04
N ASN D 162 11.53 15.64 4.37
CA ASN D 162 10.16 16.02 4.66
C ASN D 162 9.14 15.32 3.78
N THR D 163 9.60 14.46 2.87
CA THR D 163 8.72 13.82 1.90
C THR D 163 8.66 12.30 2.08
N SER D 164 9.80 11.63 2.11
CA SER D 164 9.84 10.17 2.21
C SER D 164 11.27 9.79 2.56
N THR D 165 11.54 8.48 2.56
CA THR D 165 12.88 7.95 2.79
C THR D 165 13.43 7.45 1.45
N CYS D 166 14.53 8.03 1.00
CA CYS D 166 15.11 7.62 -0.26
C CYS D 166 15.67 6.21 -0.16
N THR D 167 15.76 5.55 -1.29
CA THR D 167 16.29 4.20 -1.39
C THR D 167 17.51 4.22 -2.29
N GLN D 168 18.68 3.94 -1.71
CA GLN D 168 19.90 3.87 -2.50
C GLN D 168 19.76 2.84 -3.61
N ILE D 169 19.79 3.28 -4.87
CA ILE D 169 19.77 2.37 -6.00
C ILE D 169 20.93 1.41 -5.84
N CYS D 170 20.64 0.11 -5.89
CA CYS D 170 21.66 -0.91 -5.70
C CYS D 170 22.79 -0.71 -6.71
N PRO D 171 24.04 -0.57 -6.27
CA PRO D 171 25.13 -0.28 -7.21
C PRO D 171 25.32 -1.36 -8.26
N LYS D 172 25.00 -2.61 -7.96
CA LYS D 172 25.17 -3.67 -8.95
C LYS D 172 24.12 -3.55 -10.05
N VAL D 173 22.88 -3.30 -9.67
CA VAL D 173 21.79 -3.27 -10.65
C VAL D 173 22.02 -2.13 -11.64
N SER D 174 21.83 -2.44 -12.91
CA SER D 174 22.08 -1.51 -14.01
C SER D 174 20.75 -1.13 -14.63
N PHE D 175 20.41 0.15 -14.57
CA PHE D 175 19.19 0.68 -15.15
C PHE D 175 19.41 1.27 -16.54
N ASP D 176 20.38 0.75 -17.28
CA ASP D 176 20.58 1.14 -18.67
C ASP D 176 19.41 0.66 -19.50
N PRO D 177 18.69 1.54 -20.19
CA PRO D 177 17.57 1.08 -21.03
C PRO D 177 18.04 0.14 -22.14
N ILE D 178 17.23 -0.87 -22.42
CA ILE D 178 17.48 -1.83 -23.48
C ILE D 178 16.20 -2.00 -24.28
N PRO D 179 16.26 -2.39 -25.55
CA PRO D 179 15.03 -2.53 -26.34
C PRO D 179 14.09 -3.56 -25.73
N ILE D 180 12.84 -3.14 -25.51
CA ILE D 180 11.78 -3.99 -24.99
C ILE D 180 10.69 -4.09 -26.06
N HIS D 181 10.26 -5.31 -26.35
CA HIS D 181 9.18 -5.58 -27.28
C HIS D 181 7.93 -5.98 -26.52
N TYR D 182 6.79 -5.45 -26.92
CA TYR D 182 5.50 -5.73 -26.29
C TYR D 182 4.72 -6.69 -27.16
N CYS D 183 4.30 -7.82 -26.57
CA CYS D 183 3.63 -8.88 -27.31
C CYS D 183 2.28 -9.19 -26.67
N THR D 184 1.28 -9.40 -27.52
CA THR D 184 -0.06 -9.75 -27.06
C THR D 184 -0.17 -11.25 -26.80
N PRO D 185 -1.09 -11.66 -25.93
CA PRO D 185 -1.34 -13.09 -25.75
C PRO D 185 -2.05 -13.70 -26.94
N ALA D 186 -2.35 -14.99 -26.87
CA ALA D 186 -3.09 -15.63 -27.95
C ALA D 186 -4.49 -15.06 -28.03
N GLY D 187 -5.01 -14.97 -29.26
CA GLY D 187 -6.32 -14.39 -29.49
C GLY D 187 -6.33 -12.90 -29.68
N TYR D 188 -5.18 -12.23 -29.61
CA TYR D 188 -5.07 -10.81 -29.86
C TYR D 188 -3.99 -10.57 -30.89
N ALA D 189 -4.02 -9.38 -31.49
CA ALA D 189 -3.03 -9.01 -32.50
C ALA D 189 -2.76 -7.52 -32.41
N ILE D 190 -1.57 -7.14 -32.90
CA ILE D 190 -1.16 -5.75 -32.98
C ILE D 190 -1.25 -5.31 -34.44
N LEU D 191 -1.92 -4.20 -34.68
CA LEU D 191 -2.02 -3.62 -36.01
C LEU D 191 -1.04 -2.46 -36.13
N LYS D 192 -0.11 -2.57 -37.06
CA LYS D 192 0.92 -1.56 -37.27
C LYS D 192 0.58 -0.74 -38.50
N CYS D 193 0.52 0.58 -38.34
CA CYS D 193 0.20 1.49 -39.42
C CYS D 193 1.48 1.83 -40.17
N ASN D 194 1.62 1.29 -41.38
CA ASN D 194 2.82 1.49 -42.19
C ASN D 194 2.79 2.76 -43.02
N ASN D 195 1.71 3.54 -42.95
CA ASN D 195 1.65 4.81 -43.65
C ASN D 195 2.77 5.72 -43.13
N LYS D 196 3.69 6.08 -44.03
CA LYS D 196 4.89 6.80 -43.61
C LYS D 196 4.56 8.20 -43.13
N THR D 197 3.61 8.87 -43.77
CA THR D 197 3.24 10.23 -43.40
C THR D 197 2.09 10.26 -42.40
N PHE D 198 1.86 9.18 -41.66
CA PHE D 198 0.79 9.15 -40.69
C PHE D 198 1.06 10.14 -39.57
N ASN D 199 0.04 10.94 -39.24
CA ASN D 199 0.20 12.00 -38.26
C ASN D 199 -0.23 11.59 -36.86
N GLY D 200 -0.54 10.30 -36.65
CA GLY D 200 -0.85 9.78 -35.34
C GLY D 200 -2.32 9.49 -35.10
N THR D 201 -3.21 10.02 -35.92
CA THR D 201 -4.63 9.78 -35.73
C THR D 201 -5.32 9.77 -37.09
N GLY D 202 -6.50 9.15 -37.13
CA GLY D 202 -7.25 9.04 -38.35
C GLY D 202 -7.02 7.70 -39.04
N PRO D 203 -7.67 7.51 -40.19
CA PRO D 203 -7.53 6.25 -40.91
C PRO D 203 -6.12 6.06 -41.45
N CYS D 204 -5.71 4.80 -41.55
CA CYS D 204 -4.40 4.42 -42.07
C CYS D 204 -4.61 3.50 -43.26
N ASN D 205 -4.10 3.92 -44.42
CA ASN D 205 -4.33 3.17 -45.65
C ASN D 205 -3.55 1.85 -45.63
N ASN D 206 -2.27 1.91 -45.30
CA ASN D 206 -1.40 0.74 -45.32
C ASN D 206 -1.27 0.21 -43.90
N VAL D 207 -1.85 -0.95 -43.64
CA VAL D 207 -1.86 -1.56 -42.31
C VAL D 207 -1.31 -2.97 -42.40
N SER D 208 -0.50 -3.35 -41.43
CA SER D 208 0.02 -4.71 -41.30
C SER D 208 -0.22 -5.18 -39.87
N THR D 209 0.19 -6.42 -39.60
CA THR D 209 0.02 -7.00 -38.27
C THR D 209 1.30 -7.67 -37.81
N VAL D 210 1.55 -7.60 -36.50
CA VAL D 210 2.69 -8.24 -35.86
C VAL D 210 2.24 -8.79 -34.52
N GLN D 211 3.09 -9.62 -33.94
CA GLN D 211 2.85 -10.12 -32.58
C GLN D 211 3.56 -9.29 -31.53
N CYS D 212 4.74 -8.75 -31.85
CA CYS D 212 5.52 -7.97 -30.91
C CYS D 212 5.93 -6.66 -31.55
N THR D 213 5.87 -5.58 -30.77
CA THR D 213 6.31 -4.29 -31.25
C THR D 213 7.82 -4.27 -31.42
N HIS D 214 8.31 -3.28 -32.16
CA HIS D 214 9.74 -3.14 -32.35
C HIS D 214 10.42 -2.81 -31.02
N GLY D 215 11.75 -2.91 -31.01
CA GLY D 215 12.51 -2.63 -29.81
C GLY D 215 12.36 -1.21 -29.32
N ILE D 216 11.65 -1.03 -28.21
CA ILE D 216 11.39 0.28 -27.65
C ILE D 216 12.25 0.44 -26.41
N LYS D 217 13.19 1.38 -26.47
CA LYS D 217 14.04 1.66 -25.32
C LYS D 217 13.28 2.55 -24.33
N PRO D 218 13.14 2.14 -23.08
CA PRO D 218 12.40 2.96 -22.09
C PRO D 218 13.25 4.08 -21.52
N VAL D 219 13.64 5.01 -22.38
CA VAL D 219 14.46 6.14 -21.97
C VAL D 219 13.57 7.22 -21.39
N VAL D 220 13.86 7.66 -20.17
CA VAL D 220 13.11 8.72 -19.51
C VAL D 220 13.91 10.00 -19.63
N SER D 221 13.28 11.02 -20.21
CA SER D 221 13.95 12.31 -20.43
C SER D 221 12.88 13.37 -20.60
N THR D 222 13.31 14.62 -20.56
CA THR D 222 12.41 15.75 -20.72
C THR D 222 12.99 16.72 -21.75
N GLN D 223 12.09 17.33 -22.52
CA GLN D 223 12.41 18.39 -23.49
C GLN D 223 13.14 17.86 -24.71
N LEU D 224 13.54 16.59 -24.68
CA LEU D 224 14.30 16.01 -25.79
C LEU D 224 14.15 14.50 -25.73
N LEU D 225 13.55 13.92 -26.76
CA LEU D 225 13.44 12.47 -26.85
C LEU D 225 14.77 11.91 -27.34
N LEU D 226 15.34 10.99 -26.59
CA LEU D 226 16.66 10.45 -26.85
C LEU D 226 16.57 8.98 -27.24
N ASN D 227 17.43 8.58 -28.18
CA ASN D 227 17.59 7.17 -28.56
C ASN D 227 16.28 6.56 -29.02
N GLY D 228 15.49 7.35 -29.77
CA GLY D 228 14.21 6.89 -30.27
C GLY D 228 14.25 6.56 -31.76
N SER D 229 13.10 6.16 -32.27
CA SER D 229 12.93 5.95 -33.69
C SER D 229 12.83 7.29 -34.41
N LEU D 230 13.00 7.25 -35.73
CA LEU D 230 12.97 8.45 -36.55
C LEU D 230 11.94 8.31 -37.66
N ALA D 231 11.39 9.44 -38.06
CA ALA D 231 10.45 9.46 -39.17
C ALA D 231 11.16 9.09 -40.47
N GLU D 232 10.37 8.69 -41.46
CA GLU D 232 10.91 8.18 -42.71
C GLU D 232 11.00 9.22 -43.82
N GLU D 233 10.03 10.12 -43.91
CA GLU D 233 9.98 11.08 -45.02
C GLU D 233 10.22 12.52 -44.57
N ASP D 234 9.55 12.98 -43.53
CA ASP D 234 9.64 14.36 -43.11
C ASP D 234 9.38 14.45 -41.61
N ILE D 235 9.74 15.60 -41.04
CA ILE D 235 9.43 15.86 -39.65
C ILE D 235 7.92 15.85 -39.46
N ILE D 236 7.46 15.14 -38.42
CA ILE D 236 6.05 14.97 -38.16
C ILE D 236 5.73 15.66 -36.84
N ILE D 237 4.82 16.63 -36.87
CA ILE D 237 4.33 17.29 -35.68
C ILE D 237 3.00 16.65 -35.29
N ARG D 238 2.90 16.18 -34.06
CA ARG D 238 1.74 15.46 -33.59
C ARG D 238 1.18 16.13 -32.35
N SER D 239 -0.12 16.38 -32.34
CA SER D 239 -0.79 16.93 -31.16
C SER D 239 -2.22 16.40 -31.15
N GLU D 240 -2.72 16.18 -29.93
CA GLU D 240 -4.11 15.74 -29.80
C GLU D 240 -5.06 16.78 -30.35
N ASN D 241 -4.77 18.06 -30.09
CA ASN D 241 -5.63 19.16 -30.56
C ASN D 241 -4.74 20.39 -30.63
N LEU D 242 -4.33 20.76 -31.86
CA LEU D 242 -3.37 21.83 -32.04
C LEU D 242 -3.89 23.16 -31.50
N THR D 243 -5.17 23.45 -31.74
CA THR D 243 -5.74 24.69 -31.25
C THR D 243 -5.84 24.74 -29.73
N ASN D 244 -5.69 23.59 -29.06
CA ASN D 244 -5.67 23.54 -27.61
C ASN D 244 -4.23 23.73 -27.13
N ASN D 245 -4.00 24.76 -26.32
CA ASN D 245 -2.66 25.05 -25.84
C ASN D 245 -2.18 24.10 -24.76
N ALA D 246 -3.09 23.38 -24.12
CA ALA D 246 -2.72 22.49 -23.02
C ALA D 246 -2.24 21.12 -23.50
N LYS D 247 -2.30 20.83 -24.79
CA LYS D 247 -1.85 19.57 -25.34
C LYS D 247 -0.44 19.73 -25.88
N THR D 248 0.48 18.94 -25.34
CA THR D 248 1.87 19.02 -25.75
C THR D 248 2.03 18.56 -27.20
N ILE D 249 2.98 19.19 -27.90
CA ILE D 249 3.25 18.88 -29.29
C ILE D 249 4.49 18.01 -29.35
N ILE D 250 4.36 16.83 -29.94
CA ILE D 250 5.46 15.88 -30.08
C ILE D 250 6.02 16.02 -31.48
N VAL D 251 7.27 16.44 -31.58
CA VAL D 251 7.95 16.62 -32.85
C VAL D 251 8.83 15.40 -33.09
N HIS D 252 8.70 14.80 -34.26
CA HIS D 252 9.47 13.62 -34.64
C HIS D 252 10.44 14.00 -35.75
N LEU D 253 11.74 13.83 -35.50
CA LEU D 253 12.77 14.20 -36.44
C LEU D 253 13.18 12.99 -37.27
N ASN D 254 13.31 13.20 -38.58
CA ASN D 254 13.79 12.11 -39.43
C ASN D 254 15.30 11.97 -39.42
N GLU D 255 16.02 12.97 -38.91
CA GLU D 255 17.47 12.92 -38.79
C GLU D 255 17.86 13.15 -37.34
N SER D 256 18.65 12.23 -36.79
CA SER D 256 19.08 12.34 -35.40
C SER D 256 20.18 13.37 -35.26
N VAL D 257 20.13 14.12 -34.17
CA VAL D 257 21.14 15.13 -33.84
C VAL D 257 21.97 14.57 -32.69
N GLU D 258 23.25 14.31 -32.96
CA GLU D 258 24.11 13.69 -31.95
C GLU D 258 24.40 14.68 -30.83
N ILE D 259 24.26 14.23 -29.59
CA ILE D 259 24.57 15.03 -28.41
C ILE D 259 25.51 14.23 -27.52
N VAL D 260 26.63 14.84 -27.14
CA VAL D 260 27.67 14.18 -26.37
C VAL D 260 27.73 14.85 -25.01
N CYS D 261 27.37 14.10 -23.96
CA CYS D 261 27.32 14.63 -22.60
C CYS D 261 28.42 13.98 -21.77
N ILE D 262 29.12 14.80 -20.99
CA ILE D 262 30.28 14.33 -20.25
C ILE D 262 30.26 14.89 -18.83
N ARG D 263 30.86 14.15 -17.91
CA ARG D 263 31.11 14.59 -16.54
C ARG D 263 32.59 14.37 -16.27
N PRO D 264 33.43 15.37 -16.54
CA PRO D 264 34.87 15.13 -16.61
C PRO D 264 35.56 15.04 -15.25
N ASN D 265 34.88 15.33 -14.15
CA ASN D 265 35.53 15.25 -12.85
C ASN D 265 35.84 13.80 -12.49
N ASN D 266 36.88 13.62 -11.67
CA ASN D 266 37.30 12.30 -11.19
C ASN D 266 36.86 12.20 -9.73
N MET D 267 35.63 11.77 -9.52
CA MET D 267 35.10 11.63 -8.18
C MET D 267 35.62 10.35 -7.52
N THR D 268 35.61 10.34 -6.19
CA THR D 268 36.01 9.21 -5.39
C THR D 268 34.83 8.82 -4.50
N ARG D 269 34.63 7.52 -4.31
CA ARG D 269 33.52 7.01 -3.51
C ARG D 269 34.02 6.48 -2.17
N LYS D 270 33.17 6.57 -1.16
CA LYS D 270 33.44 6.05 0.17
C LYS D 270 32.22 5.29 0.66
N SER D 271 32.46 4.35 1.58
CA SER D 271 31.40 3.49 2.11
C SER D 271 31.16 3.83 3.58
N ILE D 272 29.88 3.96 3.94
CA ILE D 272 29.48 4.28 5.30
C ILE D 272 28.53 3.18 5.78
N ARG D 273 28.92 2.48 6.84
CA ARG D 273 28.10 1.41 7.40
C ARG D 273 26.99 2.04 8.24
N ILE D 274 25.75 2.00 7.73
CA ILE D 274 24.61 2.60 8.40
C ILE D 274 23.78 1.57 9.17
N GLY D 275 24.19 0.32 9.17
CA GLY D 275 23.44 -0.72 9.85
C GLY D 275 24.05 -2.09 9.64
N PRO D 276 23.35 -3.13 10.07
CA PRO D 276 23.86 -4.49 9.86
C PRO D 276 23.80 -4.91 8.41
N GLY D 277 24.95 -4.96 7.75
CA GLY D 277 25.00 -5.31 6.34
C GLY D 277 24.53 -4.22 5.40
N GLN D 278 24.38 -2.99 5.89
CA GLN D 278 23.91 -1.87 5.09
C GLN D 278 25.06 -0.90 4.88
N THR D 279 25.41 -0.65 3.64
CA THR D 279 26.45 0.31 3.29
C THR D 279 25.85 1.42 2.43
N PHE D 280 26.21 2.65 2.73
CA PHE D 280 25.75 3.82 2.00
C PHE D 280 26.94 4.44 1.29
N TYR D 281 26.90 4.47 -0.03
CA TYR D 281 28.03 4.92 -0.84
C TYR D 281 27.92 6.43 -1.04
N ALA D 282 28.88 7.17 -0.51
CA ALA D 282 28.85 8.62 -0.53
C ALA D 282 29.96 9.16 -1.43
N LEU D 283 30.09 10.47 -1.47
CA LEU D 283 31.06 11.16 -2.31
C LEU D 283 32.23 11.63 -1.47
N ASN D 284 33.44 11.24 -1.87
CA ASN D 284 34.66 11.70 -1.26
C ASN D 284 35.18 12.92 -2.03
N ASP D 285 36.43 13.30 -1.79
CA ASP D 285 37.03 14.44 -2.46
C ASP D 285 37.07 14.22 -3.97
N ILE D 286 37.42 15.29 -4.68
CA ILE D 286 37.55 15.28 -6.13
C ILE D 286 39.03 15.32 -6.49
N ILE D 287 39.44 14.44 -7.39
CA ILE D 287 40.84 14.33 -7.78
C ILE D 287 41.07 15.17 -9.03
N GLY D 288 42.11 15.99 -9.01
CA GLY D 288 42.47 16.79 -10.15
C GLY D 288 41.63 18.05 -10.29
N ASP D 289 41.88 18.78 -11.36
CA ASP D 289 41.17 20.01 -11.63
C ASP D 289 39.70 19.72 -11.93
N ILE D 290 38.85 20.67 -11.58
CA ILE D 290 37.40 20.52 -11.72
C ILE D 290 36.96 21.16 -13.04
N ARG D 291 36.04 20.50 -13.72
CA ARG D 291 35.44 21.03 -14.93
C ARG D 291 33.95 20.72 -14.91
N GLN D 292 33.15 21.72 -15.26
CA GLN D 292 31.70 21.57 -15.19
C GLN D 292 31.22 20.56 -16.22
N PRO D 293 30.31 19.66 -15.85
CA PRO D 293 29.71 18.76 -16.84
C PRO D 293 28.90 19.55 -17.85
N HIS D 294 28.85 19.03 -19.09
CA HIS D 294 28.21 19.74 -20.16
C HIS D 294 27.88 18.76 -21.28
N CYS D 295 27.03 19.22 -22.20
CA CYS D 295 26.68 18.48 -23.41
C CYS D 295 27.02 19.30 -24.64
N ASN D 296 27.37 18.62 -25.72
CA ASN D 296 27.80 19.26 -26.95
C ASN D 296 26.87 18.88 -28.08
N ILE D 297 26.39 19.87 -28.82
CA ILE D 297 25.52 19.69 -29.97
C ILE D 297 26.09 20.50 -31.12
N SER D 298 26.19 19.88 -32.29
CA SER D 298 26.67 20.61 -33.46
C SER D 298 25.74 21.77 -33.76
N LYS D 299 26.33 22.96 -33.94
CA LYS D 299 25.51 24.15 -34.12
C LYS D 299 24.77 24.13 -35.44
N GLU D 300 25.45 23.73 -36.53
CA GLU D 300 24.81 23.73 -37.84
C GLU D 300 23.65 22.73 -37.88
N LYS D 301 23.87 21.52 -37.36
CA LYS D 301 22.84 20.50 -37.39
C LYS D 301 21.62 20.92 -36.59
N TRP D 302 21.84 21.45 -35.39
CA TRP D 302 20.72 21.88 -34.57
C TRP D 302 20.01 23.07 -35.18
N ASN D 303 20.76 24.00 -35.78
CA ASN D 303 20.12 25.13 -36.43
C ASN D 303 19.24 24.67 -37.58
N ASN D 304 19.73 23.72 -38.38
CA ASN D 304 18.92 23.19 -39.47
C ASN D 304 17.68 22.49 -38.95
N THR D 305 17.83 21.69 -37.90
CA THR D 305 16.68 20.98 -37.33
C THR D 305 15.64 21.94 -36.81
N LEU D 306 16.07 22.96 -36.07
CA LEU D 306 15.12 23.94 -35.54
C LEU D 306 14.48 24.75 -36.66
N HIS D 307 15.21 25.03 -37.74
CA HIS D 307 14.61 25.71 -38.87
C HIS D 307 13.52 24.87 -39.51
N ARG D 308 13.78 23.57 -39.67
CA ARG D 308 12.76 22.68 -40.23
C ARG D 308 11.54 22.61 -39.33
N VAL D 309 11.76 22.53 -38.02
CA VAL D 309 10.64 22.50 -37.08
C VAL D 309 9.85 23.80 -37.17
N TRP D 310 10.54 24.93 -37.29
CA TRP D 310 9.84 26.20 -37.44
C TRP D 310 9.02 26.23 -38.72
N LYS D 311 9.57 25.69 -39.82
CA LYS D 311 8.82 25.64 -41.06
C LYS D 311 7.55 24.80 -40.91
N LYS D 312 7.66 23.64 -40.27
CA LYS D 312 6.47 22.82 -40.06
C LYS D 312 5.46 23.54 -39.16
N LEU D 313 5.95 24.22 -38.14
CA LEU D 313 5.06 24.92 -37.22
C LEU D 313 4.33 26.05 -37.91
N VAL D 314 5.02 26.81 -38.77
CA VAL D 314 4.33 27.87 -39.49
C VAL D 314 3.40 27.29 -40.53
N GLU D 315 3.69 26.09 -41.04
CA GLU D 315 2.74 25.40 -41.90
C GLU D 315 1.46 25.07 -41.15
N HIS D 316 1.57 24.59 -39.92
CA HIS D 316 0.39 24.27 -39.13
C HIS D 316 -0.25 25.51 -38.51
N PHE D 317 0.47 26.63 -38.45
CA PHE D 317 -0.03 27.88 -37.90
C PHE D 317 0.19 28.96 -38.96
N PRO D 318 -0.71 29.09 -39.93
CA PRO D 318 -0.40 29.88 -41.13
C PRO D 318 -0.10 31.34 -40.86
N ASN D 319 -1.06 32.08 -40.29
CA ASN D 319 -0.89 33.52 -40.09
C ASN D 319 -0.55 33.82 -38.63
N LYS D 320 0.70 33.52 -38.28
CA LYS D 320 1.22 33.82 -36.96
C LYS D 320 2.75 33.83 -37.01
N THR D 321 3.34 34.51 -36.05
CA THR D 321 4.80 34.56 -35.92
C THR D 321 5.24 33.49 -34.93
N ILE D 322 6.03 32.54 -35.41
CA ILE D 322 6.48 31.42 -34.59
C ILE D 322 7.83 31.78 -33.97
N ILE D 323 7.89 31.81 -32.65
CA ILE D 323 9.09 32.14 -31.91
C ILE D 323 9.31 31.09 -30.83
N PHE D 324 10.56 30.72 -30.59
CA PHE D 324 10.92 29.73 -29.59
C PHE D 324 11.53 30.43 -28.39
N PHE D 325 11.00 30.13 -27.21
CA PHE D 325 11.53 30.62 -25.95
C PHE D 325 12.10 29.46 -25.16
N ASP D 326 12.66 29.79 -24.00
CA ASP D 326 13.13 28.80 -23.04
C ASP D 326 12.16 28.73 -21.88
N ARG D 327 12.07 27.56 -21.26
CA ARG D 327 11.17 27.39 -20.13
C ARG D 327 11.60 28.28 -18.97
N HIS D 328 10.62 28.82 -18.26
CA HIS D 328 10.91 29.75 -17.16
C HIS D 328 11.77 29.06 -16.11
N SER D 329 12.72 29.81 -15.55
CA SER D 329 13.65 29.27 -14.57
C SER D 329 13.13 29.44 -13.14
N GLY D 330 11.91 28.97 -12.89
CA GLY D 330 11.32 29.06 -11.57
C GLY D 330 10.64 27.80 -11.12
N GLY D 331 10.45 26.85 -12.04
CA GLY D 331 9.76 25.61 -11.74
C GLY D 331 10.69 24.52 -11.28
N ASP D 332 10.15 23.30 -11.26
CA ASP D 332 10.95 22.13 -10.88
C ASP D 332 12.04 21.88 -11.92
N LEU D 333 13.20 21.43 -11.44
CA LEU D 333 14.31 21.15 -12.33
C LEU D 333 13.99 20.09 -13.36
N GLU D 334 13.03 19.20 -13.07
CA GLU D 334 12.68 18.16 -14.03
C GLU D 334 12.03 18.74 -15.28
N ILE D 335 11.31 19.86 -15.14
CA ILE D 335 10.56 20.40 -16.26
C ILE D 335 11.23 21.61 -16.91
N THR D 336 12.11 22.32 -16.21
CA THR D 336 12.76 23.49 -16.76
C THR D 336 14.08 23.18 -17.45
N THR D 337 14.60 21.97 -17.30
CA THR D 337 15.86 21.60 -17.94
C THR D 337 15.71 20.23 -18.59
N HIS D 338 16.55 19.98 -19.58
CA HIS D 338 16.59 18.68 -20.25
C HIS D 338 17.25 17.68 -19.31
N SER D 339 16.44 16.89 -18.62
CA SER D 339 16.93 15.92 -17.66
C SER D 339 17.02 14.54 -18.30
N PHE D 340 18.05 13.79 -17.93
CA PHE D 340 18.21 12.44 -18.44
C PHE D 340 19.15 11.70 -17.51
N ASN D 341 19.47 10.46 -17.88
CA ASN D 341 20.32 9.58 -17.11
C ASN D 341 21.43 9.08 -18.02
N CYS D 342 22.67 9.46 -17.71
CA CYS D 342 23.82 9.14 -18.55
C CYS D 342 24.84 8.38 -17.70
N GLY D 343 25.06 7.11 -18.04
CA GLY D 343 26.08 6.32 -17.36
C GLY D 343 25.84 6.14 -15.88
N GLY D 344 24.59 6.12 -15.45
CA GLY D 344 24.26 5.95 -14.05
C GLY D 344 24.14 7.22 -13.25
N GLU D 345 24.51 8.37 -13.82
CA GLU D 345 24.39 9.65 -13.15
C GLU D 345 23.30 10.48 -13.84
N PHE D 346 22.56 11.24 -13.05
CA PHE D 346 21.42 11.99 -13.57
C PHE D 346 21.85 13.41 -13.88
N PHE D 347 21.66 13.82 -15.13
CA PHE D 347 22.04 15.15 -15.59
C PHE D 347 20.81 16.03 -15.72
N TYR D 348 21.01 17.34 -15.57
CA TYR D 348 19.96 18.33 -15.74
C TYR D 348 20.57 19.51 -16.49
N CYS D 349 20.44 19.49 -17.82
CA CYS D 349 21.14 20.42 -18.69
C CYS D 349 20.26 21.59 -19.08
N ASN D 350 20.85 22.78 -19.08
CA ASN D 350 20.13 24.02 -19.39
C ASN D 350 20.11 24.21 -20.90
N THR D 351 18.94 24.02 -21.52
CA THR D 351 18.79 24.15 -22.96
C THR D 351 18.38 25.56 -23.38
N SER D 352 18.74 26.58 -22.60
CA SER D 352 18.43 27.95 -23.00
C SER D 352 19.13 28.32 -24.28
N GLY D 353 20.31 27.75 -24.54
CA GLY D 353 21.02 28.01 -25.76
C GLY D 353 20.51 27.28 -26.99
N LEU D 354 19.65 26.28 -26.80
CA LEU D 354 19.11 25.54 -27.93
C LEU D 354 17.93 26.26 -28.55
N PHE D 355 16.94 26.62 -27.75
CA PHE D 355 15.72 27.27 -28.23
C PHE D 355 15.79 28.78 -28.11
N ASN D 356 16.99 29.35 -28.22
CA ASN D 356 17.20 30.78 -28.18
C ASN D 356 17.09 31.44 -29.55
N ILE D 357 16.92 30.65 -30.60
CA ILE D 357 16.99 31.14 -31.97
C ILE D 357 15.61 31.60 -32.43
N THR D 358 15.58 32.68 -33.19
CA THR D 358 14.37 33.17 -33.83
C THR D 358 14.58 33.21 -35.34
N TYR D 359 13.52 32.89 -36.09
CA TYR D 359 13.59 32.80 -37.53
C TYR D 359 12.65 33.80 -38.18
N ASN D 360 13.11 34.44 -39.24
CA ASN D 360 12.32 35.38 -40.01
C ASN D 360 11.84 34.75 -41.30
N SER D 361 10.73 35.27 -41.82
CA SER D 361 10.13 34.71 -43.03
C SER D 361 10.98 34.92 -44.28
N ASN D 362 11.99 35.78 -44.21
CA ASN D 362 12.87 36.02 -45.37
C ASN D 362 13.68 34.79 -45.71
N THR D 373 31.42 24.01 -37.71
CA THR D 373 32.37 23.42 -36.77
C THR D 373 32.08 23.89 -35.35
N LYS D 374 31.39 25.02 -35.23
CA LYS D 374 31.03 25.54 -33.91
C LYS D 374 30.06 24.58 -33.23
N VAL D 375 30.15 24.51 -31.90
CA VAL D 375 29.40 23.56 -31.10
C VAL D 375 28.71 24.32 -29.98
N ILE D 376 27.41 24.08 -29.82
CA ILE D 376 26.66 24.62 -28.69
C ILE D 376 26.94 23.76 -27.47
N THR D 377 27.34 24.40 -26.38
CA THR D 377 27.66 23.71 -25.13
C THR D 377 26.60 24.05 -24.09
N LEU D 378 25.96 23.01 -23.54
CA LEU D 378 24.90 23.19 -22.57
C LEU D 378 25.42 22.87 -21.18
N PRO D 379 25.40 23.82 -20.25
CA PRO D 379 25.87 23.52 -18.89
C PRO D 379 24.87 22.64 -18.16
N CYS D 380 25.36 21.57 -17.56
CA CYS D 380 24.54 20.60 -16.87
C CYS D 380 24.89 20.55 -15.39
N ARG D 381 23.95 20.04 -14.60
CA ARG D 381 24.14 19.86 -13.18
C ARG D 381 23.72 18.44 -12.79
N ILE D 382 24.52 17.81 -11.96
CA ILE D 382 24.24 16.45 -11.52
C ILE D 382 23.43 16.50 -10.23
N LYS D 383 22.63 15.48 -10.01
CA LYS D 383 21.86 15.34 -8.78
C LYS D 383 21.94 13.89 -8.31
N GLN D 384 21.78 13.68 -7.02
CA GLN D 384 21.83 12.35 -6.43
C GLN D 384 20.50 11.86 -5.91
N ILE D 385 19.67 12.75 -5.35
CA ILE D 385 18.36 12.38 -4.86
C ILE D 385 17.35 12.68 -5.96
N ILE D 386 16.76 11.64 -6.54
CA ILE D 386 15.93 11.76 -7.73
C ILE D 386 14.50 11.37 -7.37
N ASN D 387 13.57 12.29 -7.55
CA ASN D 387 12.15 12.04 -7.37
C ASN D 387 11.51 11.93 -8.76
N MET D 388 11.66 10.77 -9.39
CA MET D 388 11.11 10.63 -10.73
C MET D 388 9.63 10.27 -10.67
N TRP D 389 9.03 10.12 -11.85
CA TRP D 389 7.59 9.90 -12.07
C TRP D 389 6.73 11.04 -11.55
N GLN D 390 7.36 12.14 -11.12
CA GLN D 390 6.64 13.29 -10.55
C GLN D 390 5.74 12.88 -9.39
N GLU D 391 6.11 11.82 -8.68
CA GLU D 391 5.35 11.34 -7.53
C GLU D 391 6.06 11.77 -6.26
N VAL D 392 5.36 12.51 -5.40
CA VAL D 392 5.91 12.88 -4.12
C VAL D 392 5.77 11.69 -3.18
N GLY D 393 6.90 11.28 -2.58
CA GLY D 393 6.93 10.12 -1.73
C GLY D 393 7.71 8.94 -2.29
N ARG D 394 8.17 9.03 -3.55
CA ARG D 394 8.95 7.98 -4.17
C ARG D 394 10.26 8.60 -4.65
N CYS D 395 11.26 8.59 -3.77
CA CYS D 395 12.58 9.11 -4.07
C CYS D 395 13.61 8.01 -3.92
N MET D 396 14.78 8.23 -4.51
CA MET D 396 15.88 7.28 -4.41
C MET D 396 17.16 8.09 -4.31
N TYR D 397 18.26 7.40 -4.02
CA TYR D 397 19.59 8.00 -3.99
C TYR D 397 20.47 7.24 -4.98
N ALA D 398 20.90 7.91 -6.03
CA ALA D 398 21.80 7.32 -7.01
C ALA D 398 23.23 7.38 -6.49
N PRO D 399 23.91 6.26 -6.28
CA PRO D 399 25.26 6.32 -5.70
C PRO D 399 26.23 6.97 -6.66
N PRO D 400 27.28 7.60 -6.15
CA PRO D 400 28.28 8.20 -7.03
C PRO D 400 29.07 7.14 -7.79
N ILE D 401 29.59 7.54 -8.95
CA ILE D 401 30.34 6.67 -9.83
C ILE D 401 31.74 7.23 -9.98
N ALA D 402 32.75 6.42 -9.69
CA ALA D 402 34.13 6.86 -9.80
C ALA D 402 34.53 7.05 -11.25
N GLY D 403 35.38 8.04 -11.51
CA GLY D 403 35.86 8.31 -12.85
C GLY D 403 34.90 9.16 -13.66
N ASN D 404 35.38 9.60 -14.82
CA ASN D 404 34.57 10.40 -15.71
C ASN D 404 33.47 9.55 -16.34
N ILE D 405 32.46 10.23 -16.88
CA ILE D 405 31.30 9.59 -17.49
C ILE D 405 31.01 10.28 -18.81
N THR D 406 30.81 9.49 -19.86
CA THR D 406 30.52 10.03 -21.18
C THR D 406 29.40 9.24 -21.83
N CYS D 407 28.48 9.94 -22.49
CA CYS D 407 27.41 9.32 -23.25
C CYS D 407 27.26 10.05 -24.57
N THR D 408 26.75 9.33 -25.57
CA THR D 408 26.54 9.87 -26.91
C THR D 408 25.15 9.45 -27.36
N SER D 409 24.16 10.27 -27.06
CA SER D 409 22.77 9.98 -27.37
C SER D 409 22.37 10.62 -28.70
N ASN D 410 21.21 10.21 -29.20
CA ASN D 410 20.64 10.73 -30.43
C ASN D 410 19.37 11.49 -30.11
N ILE D 411 19.31 12.76 -30.50
CA ILE D 411 18.09 13.54 -30.32
C ILE D 411 17.16 13.21 -31.48
N THR D 412 16.14 12.41 -31.22
CA THR D 412 15.20 11.98 -32.24
C THR D 412 13.85 12.67 -32.13
N GLY D 413 13.67 13.58 -31.19
CA GLY D 413 12.40 14.26 -31.06
C GLY D 413 12.47 15.38 -30.04
N LEU D 414 11.46 16.23 -30.08
CA LEU D 414 11.32 17.33 -29.14
C LEU D 414 9.91 17.31 -28.56
N LEU D 415 9.74 17.97 -27.43
CA LEU D 415 8.44 18.16 -26.80
C LEU D 415 8.23 19.65 -26.59
N LEU D 416 7.25 20.22 -27.29
CA LEU D 416 6.96 21.64 -27.20
C LEU D 416 5.60 21.83 -26.52
N THR D 417 5.32 23.08 -26.17
CA THR D 417 4.05 23.45 -25.56
C THR D 417 3.73 24.88 -25.95
N ARG D 418 2.61 25.06 -26.66
CA ARG D 418 2.21 26.39 -27.07
C ARG D 418 1.67 27.17 -25.88
N ASP D 419 2.17 28.38 -25.70
CA ASP D 419 1.71 29.21 -24.59
C ASP D 419 0.28 29.68 -24.81
N GLY D 420 -0.38 30.01 -23.71
CA GLY D 420 -1.75 30.50 -23.76
C GLY D 420 -1.91 31.74 -24.61
N GLY D 421 -2.93 31.75 -25.47
CA GLY D 421 -3.16 32.87 -26.35
C GLY D 421 -3.43 34.17 -25.62
N ASN D 422 -2.47 35.08 -25.64
CA ASN D 422 -2.63 36.37 -24.98
C ASN D 422 -3.46 37.32 -25.84
N ASN D 423 -3.76 38.48 -25.26
CA ASN D 423 -4.49 39.51 -26.00
C ASN D 423 -3.68 39.99 -27.20
N SER D 424 -2.36 40.13 -27.02
CA SER D 424 -1.46 40.50 -28.11
C SER D 424 -1.25 39.26 -28.98
N THR D 425 -2.14 39.09 -29.94
CA THR D 425 -2.13 37.91 -30.80
C THR D 425 -1.15 38.12 -31.96
N GLU D 426 -1.23 37.25 -32.96
CA GLU D 426 -0.42 37.22 -34.18
C GLU D 426 0.99 36.71 -33.91
N THR D 427 1.24 36.15 -32.74
CA THR D 427 2.54 35.53 -32.44
C THR D 427 2.32 34.40 -31.46
N GLU D 428 2.91 33.24 -31.75
CA GLU D 428 2.78 32.05 -30.91
C GLU D 428 4.16 31.67 -30.41
N THR D 429 4.30 31.51 -29.10
CA THR D 429 5.55 31.12 -28.48
C THR D 429 5.47 29.66 -28.05
N PHE D 430 6.50 28.90 -28.39
CA PHE D 430 6.56 27.48 -28.06
C PHE D 430 7.67 27.26 -27.05
N ARG D 431 7.32 26.71 -25.89
CA ARG D 431 8.26 26.47 -24.82
C ARG D 431 8.55 24.98 -24.73
N PRO D 432 9.80 24.54 -24.79
CA PRO D 432 10.10 23.12 -24.68
C PRO D 432 9.73 22.60 -23.29
N GLY D 433 9.37 21.33 -23.24
CA GLY D 433 9.01 20.70 -21.99
C GLY D 433 7.70 19.95 -22.04
N GLY D 434 6.79 20.28 -21.13
CA GLY D 434 5.51 19.60 -21.06
C GLY D 434 5.59 18.36 -20.21
N GLY D 435 4.68 18.24 -19.24
CA GLY D 435 4.68 17.09 -18.35
C GLY D 435 4.20 15.83 -19.03
N ASP D 436 3.63 14.91 -18.24
CA ASP D 436 3.09 13.66 -18.75
C ASP D 436 4.16 12.86 -19.49
N MET D 437 5.12 12.38 -18.70
CA MET D 437 6.25 11.59 -19.18
C MET D 437 5.85 10.41 -20.06
N ARG D 438 4.56 10.05 -20.05
CA ARG D 438 4.06 9.03 -20.96
C ARG D 438 4.24 9.41 -22.42
N ASP D 439 4.46 10.70 -22.70
CA ASP D 439 4.66 11.13 -24.08
C ASP D 439 5.91 10.52 -24.69
N ASN D 440 6.92 10.21 -23.87
CA ASN D 440 8.10 9.53 -24.38
C ASN D 440 7.73 8.18 -24.99
N TRP D 441 6.89 7.41 -24.28
CA TRP D 441 6.44 6.14 -24.83
C TRP D 441 5.48 6.36 -25.99
N ARG D 442 4.64 7.40 -25.90
CA ARG D 442 3.66 7.66 -26.94
C ARG D 442 4.33 7.95 -28.27
N SER D 443 5.48 8.61 -28.24
CA SER D 443 6.21 8.90 -29.48
C SER D 443 6.69 7.64 -30.17
N GLU D 444 6.76 6.51 -29.45
CA GLU D 444 7.21 5.24 -30.03
C GLU D 444 6.07 4.32 -30.39
N LEU D 445 4.99 4.32 -29.62
CA LEU D 445 3.85 3.44 -29.83
C LEU D 445 2.73 4.11 -30.62
N TYR D 446 3.08 5.04 -31.52
CA TYR D 446 2.04 5.73 -32.28
C TYR D 446 1.43 4.86 -33.36
N LYS D 447 2.21 3.93 -33.92
CA LYS D 447 1.76 3.13 -35.05
C LYS D 447 1.14 1.81 -34.63
N TYR D 448 1.00 1.54 -33.34
CA TYR D 448 0.52 0.26 -32.86
C TYR D 448 -0.85 0.40 -32.21
N LYS D 449 -1.70 -0.59 -32.40
CA LYS D 449 -2.96 -0.72 -31.68
C LYS D 449 -3.23 -2.19 -31.42
N VAL D 450 -4.03 -2.47 -30.40
CA VAL D 450 -4.33 -3.82 -29.97
C VAL D 450 -5.76 -4.15 -30.35
N VAL D 451 -5.95 -5.26 -31.05
CA VAL D 451 -7.26 -5.70 -31.48
C VAL D 451 -7.47 -7.14 -31.02
N GLU D 452 -8.73 -7.47 -30.73
CA GLU D 452 -9.11 -8.81 -30.30
C GLU D 452 -9.72 -9.56 -31.48
N ILE D 453 -9.19 -10.74 -31.76
CA ILE D 453 -9.69 -11.55 -32.86
C ILE D 453 -11.00 -12.20 -32.44
N LYS D 454 -11.95 -12.27 -33.39
CA LYS D 454 -13.25 -12.89 -33.17
C LYS D 454 -13.46 -13.93 -34.26
N PRO D 455 -12.78 -15.08 -34.15
CA PRO D 455 -12.73 -16.00 -35.29
C PRO D 455 -14.07 -16.61 -35.65
N LEU D 456 -15.06 -16.57 -34.76
CA LEU D 456 -16.35 -17.21 -35.04
C LEU D 456 -17.19 -16.29 -35.91
N GLY D 457 -17.51 -16.75 -37.11
CA GLY D 457 -18.35 -15.98 -38.01
C GLY D 457 -19.42 -16.86 -38.62
N ILE D 458 -20.54 -16.23 -38.95
CA ILE D 458 -21.71 -16.92 -39.51
C ILE D 458 -22.12 -16.22 -40.79
N ALA D 459 -22.28 -16.98 -41.87
CA ALA D 459 -22.67 -16.45 -43.17
C ALA D 459 -23.52 -17.48 -43.89
N PRO D 460 -24.53 -17.03 -44.64
CA PRO D 460 -25.38 -17.97 -45.36
C PRO D 460 -24.63 -18.69 -46.47
N THR D 461 -25.05 -19.93 -46.73
CA THR D 461 -24.47 -20.73 -47.80
C THR D 461 -25.53 -21.71 -48.27
N GLY D 462 -25.32 -22.26 -49.47
CA GLY D 462 -26.26 -23.19 -50.05
C GLY D 462 -26.06 -24.63 -49.60
N CYS D 463 -25.64 -24.81 -48.35
CA CYS D 463 -25.43 -26.14 -47.79
C CYS D 463 -26.30 -26.29 -46.55
N LYS D 464 -26.99 -27.43 -46.45
CA LYS D 464 -27.81 -27.77 -45.30
C LYS D 464 -27.24 -29.02 -44.65
N ARG D 465 -27.11 -28.99 -43.33
CA ARG D 465 -26.57 -30.14 -42.61
C ARG D 465 -27.49 -31.35 -42.78
N ARG D 466 -26.89 -32.51 -43.02
CA ARG D 466 -27.66 -33.72 -43.21
C ARG D 466 -28.42 -34.08 -41.94
N VAL D 467 -29.67 -34.52 -42.11
CA VAL D 467 -30.52 -34.90 -40.99
C VAL D 467 -30.02 -36.19 -40.35
N PHE E 8 -39.53 -20.85 -21.91
CA PHE E 8 -38.13 -20.88 -21.51
C PHE E 8 -38.00 -20.98 -20.00
N LEU E 9 -37.07 -21.81 -19.55
CA LEU E 9 -36.82 -22.02 -18.13
C LEU E 9 -35.38 -21.61 -17.81
N GLY E 10 -35.20 -21.02 -16.63
CA GLY E 10 -33.91 -20.50 -16.24
C GLY E 10 -32.93 -21.58 -15.85
N PHE E 11 -31.76 -21.12 -15.40
CA PHE E 11 -30.71 -22.03 -14.94
C PHE E 11 -31.21 -22.85 -13.76
N LEU E 12 -30.99 -24.17 -13.83
CA LEU E 12 -31.41 -25.13 -12.80
C LEU E 12 -32.91 -25.11 -12.55
N GLY E 13 -33.69 -24.49 -13.45
CA GLY E 13 -35.12 -24.37 -13.22
C GLY E 13 -35.86 -25.69 -13.23
N ALA E 14 -35.29 -26.71 -13.86
CA ALA E 14 -35.90 -28.03 -13.92
C ALA E 14 -35.39 -28.96 -12.85
N ALA E 15 -34.89 -28.43 -11.73
CA ALA E 15 -34.39 -29.28 -10.67
C ALA E 15 -35.50 -30.11 -10.05
N GLY E 16 -36.67 -29.52 -9.85
CA GLY E 16 -37.80 -30.26 -9.30
C GLY E 16 -38.61 -31.03 -10.31
N SER E 17 -38.37 -30.81 -11.60
CA SER E 17 -39.10 -31.54 -12.63
C SER E 17 -38.64 -32.98 -12.70
N THR E 18 -39.46 -33.82 -13.33
CA THR E 18 -39.12 -35.23 -13.50
C THR E 18 -37.92 -35.37 -14.44
N MET E 19 -37.45 -36.61 -14.59
CA MET E 19 -36.25 -36.86 -15.39
C MET E 19 -36.47 -36.43 -16.85
N GLY E 20 -37.55 -36.91 -17.46
CA GLY E 20 -37.77 -36.58 -18.86
C GLY E 20 -38.01 -35.11 -19.09
N ALA E 21 -38.73 -34.46 -18.18
CA ALA E 21 -38.99 -33.03 -18.31
C ALA E 21 -37.72 -32.21 -18.10
N ALA E 22 -36.85 -32.65 -17.19
CA ALA E 22 -35.59 -31.95 -16.95
C ALA E 22 -34.55 -32.23 -18.02
N SER E 23 -34.71 -33.31 -18.78
CA SER E 23 -33.79 -33.61 -19.87
C SER E 23 -33.95 -32.67 -21.05
N ASN E 24 -34.97 -31.82 -21.06
CA ASN E 24 -35.22 -30.90 -22.15
C ASN E 24 -34.57 -29.54 -21.94
N THR E 25 -33.84 -29.35 -20.85
CA THR E 25 -33.22 -28.06 -20.53
C THR E 25 -31.75 -28.24 -20.20
N LEU E 26 -31.05 -29.07 -20.96
CA LEU E 26 -29.62 -29.27 -20.72
C LEU E 26 -28.78 -28.11 -21.23
N THR E 27 -29.26 -27.43 -22.28
CA THR E 27 -28.44 -26.39 -22.90
C THR E 27 -28.16 -25.24 -21.94
N VAL E 28 -29.14 -24.84 -21.14
CA VAL E 28 -28.94 -23.71 -20.23
C VAL E 28 -27.89 -24.05 -19.17
N GLN E 29 -27.96 -25.24 -18.58
CA GLN E 29 -26.96 -25.64 -17.59
C GLN E 29 -25.58 -25.78 -18.22
N ALA E 30 -25.51 -26.39 -19.40
CA ALA E 30 -24.23 -26.57 -20.07
C ALA E 30 -23.59 -25.23 -20.40
N ARG E 31 -24.39 -24.26 -20.85
CA ARG E 31 -23.88 -22.93 -21.12
C ARG E 31 -23.45 -22.23 -19.83
N GLN E 32 -24.23 -22.38 -18.76
CA GLN E 32 -23.90 -21.71 -17.52
C GLN E 32 -22.69 -22.32 -16.82
N LEU E 33 -22.28 -23.53 -17.21
CA LEU E 33 -21.09 -24.12 -16.60
C LEU E 33 -19.84 -23.30 -16.90
N LEU E 34 -19.81 -22.60 -18.03
CA LEU E 34 -18.62 -21.83 -18.38
C LEU E 34 -19.04 -20.39 -18.61
N SER E 35 -19.79 -19.83 -17.66
CA SER E 35 -20.25 -18.44 -17.76
C SER E 35 -19.07 -17.47 -17.72
N LEU E 55 -7.64 -8.83 -11.94
CA LEU E 55 -7.15 -7.54 -11.49
C LEU E 55 -5.71 -7.64 -10.98
N GLN E 56 -5.35 -6.75 -10.07
CA GLN E 56 -3.99 -6.68 -9.54
C GLN E 56 -3.80 -7.75 -8.47
N LEU E 57 -2.70 -7.65 -7.73
CA LEU E 57 -2.37 -8.62 -6.69
C LEU E 57 -3.21 -8.45 -5.44
N GLY E 58 -4.29 -7.68 -5.49
CA GLY E 58 -5.20 -7.58 -4.37
C GLY E 58 -5.88 -8.90 -4.09
N VAL E 59 -6.70 -8.90 -3.03
CA VAL E 59 -7.35 -10.14 -2.62
C VAL E 59 -8.36 -10.58 -3.68
N TRP E 60 -9.03 -9.64 -4.34
CA TRP E 60 -10.09 -10.00 -5.28
C TRP E 60 -9.55 -10.36 -6.66
N GLY E 61 -8.48 -9.71 -7.11
CA GLY E 61 -7.84 -10.16 -8.33
C GLY E 61 -7.37 -11.60 -8.23
N PHE E 62 -6.67 -11.91 -7.13
CA PHE E 62 -6.22 -13.28 -6.91
C PHE E 62 -7.39 -14.23 -6.73
N LYS E 63 -8.45 -13.77 -6.05
CA LYS E 63 -9.62 -14.62 -5.84
C LYS E 63 -10.27 -14.99 -7.16
N GLN E 64 -10.57 -13.99 -7.99
CA GLN E 64 -11.07 -14.26 -9.33
C GLN E 64 -10.11 -15.17 -10.08
N LEU E 65 -8.82 -15.00 -9.86
CA LEU E 65 -7.83 -15.79 -10.60
C LEU E 65 -7.95 -17.27 -10.27
N GLN E 66 -7.92 -17.63 -8.98
CA GLN E 66 -7.97 -19.06 -8.71
C GLN E 66 -9.36 -19.62 -8.98
N THR E 67 -10.42 -18.82 -8.81
CA THR E 67 -11.75 -19.33 -9.13
C THR E 67 -11.87 -19.63 -10.62
N ARG E 68 -11.34 -18.75 -11.47
CA ARG E 68 -11.37 -19.01 -12.91
C ARG E 68 -10.53 -20.22 -13.26
N VAL E 69 -9.35 -20.36 -12.64
CA VAL E 69 -8.52 -21.53 -12.92
C VAL E 69 -9.23 -22.82 -12.51
N LEU E 70 -9.85 -22.82 -11.34
CA LEU E 70 -10.56 -24.00 -10.86
C LEU E 70 -11.75 -24.34 -11.76
N ALA E 71 -12.50 -23.33 -12.18
CA ALA E 71 -13.62 -23.58 -13.08
C ALA E 71 -13.13 -24.16 -14.40
N ILE E 72 -12.01 -23.65 -14.91
CA ILE E 72 -11.43 -24.20 -16.13
C ILE E 72 -11.04 -25.65 -15.92
N GLU E 73 -10.44 -25.97 -14.77
CA GLU E 73 -10.04 -27.34 -14.48
C GLU E 73 -11.24 -28.27 -14.46
N ARG E 74 -12.32 -27.87 -13.79
CA ARG E 74 -13.50 -28.73 -13.72
C ARG E 74 -14.13 -28.92 -15.09
N TYR E 75 -14.24 -27.83 -15.86
CA TYR E 75 -14.80 -27.94 -17.20
C TYR E 75 -13.97 -28.87 -18.07
N LEU E 76 -12.64 -28.76 -17.99
CA LEU E 76 -11.77 -29.62 -18.77
C LEU E 76 -11.88 -31.08 -18.31
N GLU E 77 -12.03 -31.30 -17.00
CA GLU E 77 -12.19 -32.67 -16.50
C GLU E 77 -13.45 -33.31 -17.06
N VAL E 78 -14.56 -32.57 -17.04
CA VAL E 78 -15.81 -33.11 -17.56
C VAL E 78 -15.71 -33.34 -19.07
N GLN E 79 -15.11 -32.40 -19.79
CA GLN E 79 -14.95 -32.58 -21.23
C GLN E 79 -14.06 -33.77 -21.55
N GLN E 80 -13.02 -34.00 -20.73
CA GLN E 80 -12.17 -35.16 -20.92
C GLN E 80 -12.95 -36.45 -20.71
N LEU E 81 -13.80 -36.49 -19.67
CA LEU E 81 -14.62 -37.68 -19.45
C LEU E 81 -15.53 -37.92 -20.65
N LEU E 82 -16.16 -36.87 -21.15
CA LEU E 82 -17.05 -37.02 -22.30
C LEU E 82 -16.29 -37.51 -23.53
N GLY E 83 -15.09 -36.97 -23.74
CA GLY E 83 -14.28 -37.42 -24.87
C GLY E 83 -13.85 -38.87 -24.73
N LEU E 84 -13.50 -39.29 -23.51
CA LEU E 84 -13.13 -40.67 -23.28
C LEU E 84 -14.30 -41.61 -23.50
N TRP E 85 -15.52 -41.16 -23.24
CA TRP E 85 -16.70 -41.98 -23.49
C TRP E 85 -17.19 -41.89 -24.92
N GLY E 86 -16.56 -41.09 -25.76
CA GLY E 86 -17.01 -40.93 -27.13
C GLY E 86 -18.19 -40.01 -27.29
N CYS E 87 -18.62 -39.34 -26.22
CA CYS E 87 -19.76 -38.44 -26.25
C CYS E 87 -19.35 -36.98 -26.38
N SER E 88 -18.13 -36.73 -26.86
CA SER E 88 -17.61 -35.37 -26.89
C SER E 88 -18.49 -34.46 -27.74
N GLY E 89 -18.76 -33.27 -27.22
CA GLY E 89 -19.58 -32.31 -27.93
C GLY E 89 -21.05 -32.65 -28.00
N LYS E 90 -21.52 -33.61 -27.20
CA LYS E 90 -22.90 -34.07 -27.26
C LYS E 90 -23.56 -33.88 -25.90
N LEU E 91 -24.72 -33.21 -25.89
CA LEU E 91 -25.50 -33.10 -24.66
C LEU E 91 -26.12 -34.44 -24.30
N ILE E 92 -26.76 -35.10 -25.26
CA ILE E 92 -27.36 -36.42 -25.06
C ILE E 92 -26.63 -37.39 -25.97
N CYS E 93 -26.03 -38.42 -25.39
CA CYS E 93 -25.19 -39.36 -26.12
C CYS E 93 -25.57 -40.78 -25.77
N CYS E 94 -26.06 -41.53 -26.75
CA CYS E 94 -26.32 -42.95 -26.55
C CYS E 94 -25.01 -43.72 -26.55
N THR E 95 -24.92 -44.72 -25.67
CA THR E 95 -23.73 -45.55 -25.56
C THR E 95 -24.12 -47.01 -25.70
N ALA E 96 -23.11 -47.86 -25.84
CA ALA E 96 -23.31 -49.28 -26.07
C ALA E 96 -23.21 -50.12 -24.81
N VAL E 97 -23.02 -49.50 -23.64
CA VAL E 97 -22.92 -50.25 -22.39
C VAL E 97 -24.31 -50.75 -22.01
N PRO E 98 -24.49 -52.06 -21.81
CA PRO E 98 -25.81 -52.56 -21.41
C PRO E 98 -26.09 -52.25 -19.95
N TRP E 99 -27.33 -51.83 -19.68
CA TRP E 99 -27.73 -51.53 -18.32
C TRP E 99 -27.77 -52.80 -17.49
N ASN E 100 -27.37 -52.69 -16.23
CA ASN E 100 -27.30 -53.81 -15.31
C ASN E 100 -28.37 -53.65 -14.24
N SER E 101 -29.19 -54.68 -14.07
CA SER E 101 -30.26 -54.62 -13.07
C SER E 101 -29.71 -54.47 -11.66
N SER E 102 -28.45 -54.88 -11.43
CA SER E 102 -27.85 -54.70 -10.11
C SER E 102 -27.74 -53.23 -9.75
N TRP E 103 -27.38 -52.39 -10.72
CA TRP E 103 -27.31 -50.95 -10.48
C TRP E 103 -28.67 -50.40 -10.08
N SER E 104 -29.71 -50.79 -10.81
CA SER E 104 -31.09 -50.42 -10.51
C SER E 104 -32.00 -51.30 -11.35
N ASN E 105 -33.11 -51.72 -10.75
CA ASN E 105 -34.04 -52.63 -11.42
C ASN E 105 -35.40 -51.99 -11.68
N LYS E 106 -35.48 -50.66 -11.62
CA LYS E 106 -36.72 -49.98 -11.91
C LYS E 106 -36.94 -49.89 -13.42
N SER E 107 -38.21 -49.91 -13.82
CA SER E 107 -38.55 -49.77 -15.23
C SER E 107 -38.29 -48.33 -15.68
N GLU E 108 -38.13 -48.18 -17.00
CA GLU E 108 -37.80 -46.87 -17.55
C GLU E 108 -38.92 -45.86 -17.29
N THR E 109 -40.18 -46.30 -17.37
CA THR E 109 -41.28 -45.36 -17.26
C THR E 109 -41.35 -44.70 -15.89
N GLU E 110 -41.16 -45.46 -14.81
CA GLU E 110 -41.21 -44.83 -13.50
C GLU E 110 -39.95 -44.03 -13.22
N ILE E 111 -38.81 -44.44 -13.78
CA ILE E 111 -37.58 -43.67 -13.63
C ILE E 111 -37.76 -42.29 -14.24
N TRP E 112 -38.33 -42.23 -15.44
CA TRP E 112 -38.41 -40.98 -16.19
C TRP E 112 -39.72 -40.23 -16.00
N ASN E 113 -40.67 -40.75 -15.23
CA ASN E 113 -41.88 -40.00 -14.93
C ASN E 113 -42.20 -39.96 -13.43
N ASN E 114 -41.30 -40.46 -12.58
CA ASN E 114 -41.51 -40.46 -11.14
C ASN E 114 -40.48 -39.62 -10.41
N MET E 115 -39.19 -39.89 -10.59
CA MET E 115 -38.15 -39.27 -9.80
C MET E 115 -37.55 -38.07 -10.52
N THR E 116 -36.63 -37.40 -9.84
CA THR E 116 -35.89 -36.28 -10.37
C THR E 116 -34.41 -36.65 -10.48
N TRP E 117 -33.62 -35.74 -11.04
CA TRP E 117 -32.22 -36.05 -11.25
C TRP E 117 -31.45 -36.18 -9.94
N MET E 118 -31.83 -35.37 -8.94
CA MET E 118 -31.17 -35.44 -7.64
C MET E 118 -31.37 -36.82 -7.00
N GLN E 119 -32.61 -37.31 -7.01
CA GLN E 119 -32.90 -38.61 -6.41
C GLN E 119 -32.20 -39.74 -7.16
N TRP E 120 -32.20 -39.67 -8.49
CA TRP E 120 -31.53 -40.70 -9.27
C TRP E 120 -30.03 -40.70 -9.01
N ASP E 121 -29.43 -39.51 -8.93
CA ASP E 121 -28.00 -39.44 -8.63
C ASP E 121 -27.71 -40.01 -7.25
N ARG E 122 -28.58 -39.72 -6.29
CA ARG E 122 -28.41 -40.30 -4.96
C ARG E 122 -28.49 -41.82 -5.00
N GLU E 123 -29.41 -42.35 -5.81
CA GLU E 123 -29.56 -43.81 -5.92
C GLU E 123 -28.34 -44.44 -6.60
N ILE E 124 -27.77 -43.77 -7.60
CA ILE E 124 -26.77 -44.40 -8.46
C ILE E 124 -25.34 -44.15 -8.00
N SER E 125 -25.14 -43.32 -6.98
CA SER E 125 -23.79 -42.90 -6.59
C SER E 125 -22.90 -44.08 -6.21
N ASN E 126 -23.47 -45.23 -5.88
CA ASN E 126 -22.66 -46.39 -5.56
C ASN E 126 -21.94 -46.93 -6.79
N TYR E 127 -22.62 -47.00 -7.92
CA TYR E 127 -22.09 -47.66 -9.11
C TYR E 127 -21.61 -46.68 -10.17
N THR E 128 -21.45 -45.40 -9.84
CA THR E 128 -21.06 -44.41 -10.84
C THR E 128 -19.68 -44.71 -11.41
N ASN E 129 -18.71 -45.06 -10.54
CA ASN E 129 -17.36 -45.31 -11.02
C ASN E 129 -17.31 -46.54 -11.92
N THR E 130 -18.06 -47.58 -11.57
CA THR E 130 -18.10 -48.78 -12.40
C THR E 130 -18.67 -48.46 -13.79
N ILE E 131 -19.74 -47.67 -13.84
CA ILE E 131 -20.33 -47.32 -15.12
C ILE E 131 -19.38 -46.45 -15.93
N TYR E 132 -18.66 -45.55 -15.27
CA TYR E 132 -17.68 -44.72 -15.97
C TYR E 132 -16.59 -45.58 -16.60
N ARG E 133 -16.07 -46.53 -15.82
CA ARG E 133 -15.04 -47.43 -16.34
C ARG E 133 -15.58 -48.25 -17.51
N LEU E 134 -16.81 -48.74 -17.40
CA LEU E 134 -17.39 -49.51 -18.49
C LEU E 134 -17.55 -48.66 -19.74
N LEU E 135 -17.93 -47.39 -19.58
CA LEU E 135 -18.05 -46.50 -20.73
C LEU E 135 -16.70 -46.28 -21.40
N GLU E 136 -15.65 -46.06 -20.61
CA GLU E 136 -14.33 -45.88 -21.21
C GLU E 136 -13.89 -47.12 -21.97
N GLU E 137 -14.05 -48.29 -21.35
CA GLU E 137 -13.63 -49.52 -22.01
C GLU E 137 -14.45 -49.78 -23.28
N SER E 138 -15.75 -49.51 -23.23
CA SER E 138 -16.60 -49.70 -24.40
C SER E 138 -16.19 -48.77 -25.53
N GLN E 139 -15.90 -47.51 -25.21
CA GLN E 139 -15.49 -46.58 -26.26
C GLN E 139 -14.17 -47.01 -26.88
N PHE E 140 -13.22 -47.44 -26.06
CA PHE E 140 -11.94 -47.89 -26.60
C PHE E 140 -12.10 -49.14 -27.47
N GLN E 141 -12.95 -50.06 -27.03
CA GLN E 141 -13.22 -51.27 -27.80
C GLN E 141 -13.82 -50.92 -29.15
N GLN E 142 -14.81 -50.03 -29.16
CA GLN E 142 -15.42 -49.59 -30.41
C GLN E 142 -14.38 -48.90 -31.30
N GLU E 143 -13.49 -48.12 -30.70
CA GLU E 143 -12.48 -47.42 -31.47
C GLU E 143 -11.56 -48.39 -32.19
N ILE E 144 -11.07 -49.40 -31.47
CA ILE E 144 -10.13 -50.31 -32.13
C ILE E 144 -10.87 -51.22 -33.11
N ASN E 145 -12.15 -51.51 -32.84
CA ASN E 145 -12.97 -52.22 -33.83
C ASN E 145 -13.05 -51.44 -35.12
N GLU E 146 -13.37 -50.14 -35.03
CA GLU E 146 -13.48 -49.32 -36.22
C GLU E 146 -12.13 -49.20 -36.92
N LYS E 147 -11.05 -49.11 -36.15
CA LYS E 147 -9.72 -49.03 -36.74
C LYS E 147 -9.41 -50.27 -37.56
N ASP E 148 -9.60 -51.46 -36.99
CA ASP E 148 -9.30 -52.67 -37.75
C ASP E 148 -10.28 -52.86 -38.90
N LEU E 149 -11.53 -52.42 -38.75
CA LEU E 149 -12.49 -52.53 -39.85
C LEU E 149 -12.07 -51.65 -41.02
N LEU E 150 -11.63 -50.43 -40.75
CA LEU E 150 -11.14 -49.57 -41.83
C LEU E 150 -9.85 -50.11 -42.43
N ALA E 151 -8.99 -50.72 -41.60
CA ALA E 151 -7.78 -51.33 -42.12
C ALA E 151 -8.08 -52.51 -43.02
N LEU E 152 -9.19 -53.21 -42.77
CA LEU E 152 -9.59 -54.32 -43.63
C LEU E 152 -9.88 -53.84 -45.06
N ASP E 153 -10.56 -52.72 -45.19
CA ASP E 153 -10.89 -52.16 -46.50
C ASP E 153 -9.65 -51.58 -47.17
N PRO F 2 -36.96 -53.83 -22.69
CA PRO F 2 -36.39 -54.91 -21.87
C PRO F 2 -34.89 -54.78 -21.69
N ASN F 3 -34.17 -54.53 -22.79
CA ASN F 3 -32.72 -54.34 -22.77
C ASN F 3 -32.45 -52.85 -22.80
N LEU F 4 -32.09 -52.29 -21.64
CA LEU F 4 -31.76 -50.88 -21.54
C LEU F 4 -30.25 -50.68 -21.65
N TRP F 5 -29.86 -49.45 -21.95
CA TRP F 5 -28.46 -49.08 -22.11
C TRP F 5 -28.22 -47.74 -21.44
N VAL F 6 -26.96 -47.53 -21.02
CA VAL F 6 -26.61 -46.28 -20.36
C VAL F 6 -26.67 -45.13 -21.35
N THR F 7 -27.22 -44.00 -20.90
CA THR F 7 -27.28 -42.78 -21.70
C THR F 7 -26.66 -41.65 -20.89
N VAL F 8 -25.74 -40.92 -21.50
CA VAL F 8 -24.98 -39.88 -20.83
C VAL F 8 -25.63 -38.54 -21.14
N TYR F 9 -25.99 -37.81 -20.09
CA TYR F 9 -26.59 -36.48 -20.20
C TYR F 9 -25.64 -35.44 -19.65
N TYR F 10 -25.42 -34.38 -20.42
CA TYR F 10 -24.58 -33.26 -20.03
C TYR F 10 -25.44 -32.03 -19.81
N GLY F 11 -25.28 -31.40 -18.65
CA GLY F 11 -26.16 -30.31 -18.25
C GLY F 11 -27.28 -30.73 -17.35
N VAL F 12 -27.14 -31.81 -16.61
CA VAL F 12 -28.22 -32.32 -15.75
C VAL F 12 -28.36 -31.41 -14.54
N PRO F 13 -29.58 -31.07 -14.12
CA PRO F 13 -29.79 -30.26 -12.91
C PRO F 13 -29.66 -31.06 -11.62
N VAL F 14 -28.42 -31.36 -11.24
CA VAL F 14 -28.10 -32.01 -9.98
C VAL F 14 -26.90 -31.31 -9.37
N TRP F 15 -26.93 -31.13 -8.05
CA TRP F 15 -25.86 -30.44 -7.34
C TRP F 15 -25.39 -31.30 -6.17
N ARG F 16 -24.47 -30.76 -5.39
CA ARG F 16 -23.92 -31.45 -4.24
C ARG F 16 -23.28 -30.41 -3.33
N GLU F 17 -23.52 -30.54 -2.03
CA GLU F 17 -23.00 -29.56 -1.09
C GLU F 17 -21.48 -29.51 -1.15
N ALA F 18 -20.95 -28.31 -1.26
CA ALA F 18 -19.51 -28.13 -1.37
C ALA F 18 -19.16 -26.71 -0.96
N LYS F 19 -17.88 -26.51 -0.65
CA LYS F 19 -17.35 -25.21 -0.27
C LYS F 19 -16.37 -24.73 -1.33
N THR F 20 -16.36 -23.43 -1.58
CA THR F 20 -15.50 -22.85 -2.60
C THR F 20 -15.24 -21.40 -2.24
N THR F 21 -14.41 -20.75 -3.04
CA THR F 21 -14.05 -19.35 -2.84
C THR F 21 -14.94 -18.48 -3.73
N LEU F 22 -15.62 -17.54 -3.12
CA LEU F 22 -16.47 -16.58 -3.83
C LEU F 22 -15.72 -15.27 -4.01
N PHE F 23 -16.19 -14.46 -4.95
CA PHE F 23 -15.66 -13.13 -5.16
C PHE F 23 -16.73 -12.09 -4.92
N CYS F 24 -16.32 -10.83 -4.90
CA CYS F 24 -17.19 -9.73 -4.51
C CYS F 24 -17.64 -8.95 -5.75
N ALA F 25 -18.91 -8.56 -5.74
CA ALA F 25 -19.47 -7.64 -6.72
C ALA F 25 -20.07 -6.46 -5.98
N SER F 26 -19.82 -5.26 -6.49
CA SER F 26 -20.28 -4.04 -5.84
C SER F 26 -21.03 -3.18 -6.85
N ASP F 27 -21.86 -2.29 -6.33
CA ASP F 27 -22.70 -1.45 -7.18
C ASP F 27 -21.83 -0.58 -8.08
N ALA F 28 -22.29 -0.42 -9.33
CA ALA F 28 -21.53 0.36 -10.30
C ALA F 28 -21.43 1.83 -9.92
N LYS F 29 -22.39 2.34 -9.14
CA LYS F 29 -22.34 3.73 -8.73
C LYS F 29 -21.16 4.02 -7.82
N ALA F 30 -20.72 3.02 -7.05
CA ALA F 30 -19.58 3.20 -6.17
C ALA F 30 -18.26 3.37 -6.92
N TYR F 31 -18.22 3.04 -8.21
CA TYR F 31 -17.01 3.21 -9.00
C TYR F 31 -16.79 4.65 -9.44
N ASP F 32 -17.79 5.51 -9.30
CA ASP F 32 -17.66 6.92 -9.67
C ASP F 32 -16.74 7.60 -8.67
N ARG F 33 -15.47 7.77 -9.04
CA ARG F 33 -14.45 8.28 -8.15
C ARG F 33 -14.44 7.50 -6.84
N GLU F 34 -14.35 8.21 -5.71
CA GLU F 34 -14.38 7.64 -4.36
C GLU F 34 -13.63 6.32 -4.28
N VAL F 35 -12.41 6.32 -4.82
CA VAL F 35 -11.54 5.15 -4.82
C VAL F 35 -11.00 4.92 -3.41
N HIS F 36 -11.34 5.83 -2.50
CA HIS F 36 -10.88 5.76 -1.11
C HIS F 36 -11.92 5.01 -0.28
N ASN F 37 -12.02 3.72 -0.52
CA ASN F 37 -12.93 2.86 0.23
C ASN F 37 -12.17 1.68 0.80
N VAL F 38 -12.36 1.42 2.09
CA VAL F 38 -11.65 0.33 2.75
C VAL F 38 -12.04 -1.01 2.16
N TRP F 39 -13.34 -1.22 1.92
CA TRP F 39 -13.78 -2.52 1.41
C TRP F 39 -13.56 -2.61 -0.10
N ALA F 40 -14.29 -1.81 -0.87
CA ALA F 40 -14.32 -1.93 -2.32
C ALA F 40 -13.67 -0.70 -2.93
N THR F 41 -12.34 -0.75 -3.08
CA THR F 41 -11.60 0.29 -3.79
C THR F 41 -11.67 0.02 -5.29
N HIS F 42 -12.90 0.05 -5.80
CA HIS F 42 -13.26 -0.34 -7.17
C HIS F 42 -12.54 -1.61 -7.61
N ALA F 43 -12.35 -2.55 -6.67
CA ALA F 43 -11.65 -3.79 -6.93
C ALA F 43 -12.59 -4.98 -7.06
N CYS F 44 -13.90 -4.74 -7.11
CA CYS F 44 -14.88 -5.79 -7.28
C CYS F 44 -15.50 -5.70 -8.67
N VAL F 45 -16.03 -6.82 -9.13
CA VAL F 45 -16.74 -6.85 -10.41
C VAL F 45 -17.98 -5.99 -10.31
N PRO F 46 -18.34 -5.23 -11.35
CA PRO F 46 -19.60 -4.48 -11.29
C PRO F 46 -20.79 -5.41 -11.12
N THR F 47 -21.76 -4.97 -10.32
CA THR F 47 -22.94 -5.77 -10.08
C THR F 47 -23.73 -5.94 -11.37
N ASP F 48 -24.14 -7.17 -11.64
CA ASP F 48 -24.97 -7.43 -12.80
C ASP F 48 -26.33 -6.79 -12.61
N PRO F 49 -26.77 -5.91 -13.52
CA PRO F 49 -28.11 -5.32 -13.38
C PRO F 49 -29.19 -6.37 -13.50
N ASN F 50 -30.36 -6.05 -12.94
CA ASN F 50 -31.53 -6.91 -12.85
C ASN F 50 -31.12 -8.33 -12.47
N PRO F 51 -30.76 -8.56 -11.21
CA PRO F 51 -30.28 -9.89 -10.80
C PRO F 51 -31.32 -10.96 -11.10
N GLN F 52 -30.83 -12.11 -11.56
CA GLN F 52 -31.68 -13.19 -12.03
C GLN F 52 -31.84 -14.21 -10.91
N GLU F 53 -33.07 -14.35 -10.41
CA GLU F 53 -33.41 -15.37 -9.42
C GLU F 53 -34.36 -16.36 -10.06
N ILE F 54 -33.99 -17.64 -10.02
CA ILE F 54 -34.74 -18.71 -10.66
C ILE F 54 -35.35 -19.57 -9.57
N VAL F 55 -36.67 -19.61 -9.50
CA VAL F 55 -37.36 -20.40 -8.49
C VAL F 55 -37.33 -21.87 -8.90
N LEU F 56 -36.85 -22.73 -8.02
CA LEU F 56 -36.78 -24.17 -8.26
C LEU F 56 -37.97 -24.81 -7.58
N GLU F 57 -39.07 -24.96 -8.32
CA GLU F 57 -40.28 -25.52 -7.76
C GLU F 57 -40.07 -26.99 -7.42
N ASN F 58 -40.82 -27.45 -6.41
CA ASN F 58 -40.79 -28.83 -5.94
C ASN F 58 -39.41 -29.27 -5.45
N VAL F 59 -38.60 -28.33 -4.99
CA VAL F 59 -37.25 -28.62 -4.51
C VAL F 59 -37.18 -28.29 -3.03
N THR F 60 -36.77 -29.27 -2.23
CA THR F 60 -36.59 -29.09 -0.79
C THR F 60 -35.13 -29.38 -0.45
N GLU F 61 -34.48 -28.43 0.22
CA GLU F 61 -33.08 -28.53 0.54
C GLU F 61 -32.87 -28.25 2.02
N ASN F 62 -31.86 -28.89 2.60
CA ASN F 62 -31.54 -28.73 4.01
C ASN F 62 -30.53 -27.61 4.17
N PHE F 63 -30.93 -26.55 4.84
CA PHE F 63 -30.05 -25.43 5.13
C PHE F 63 -29.57 -25.52 6.57
N ASN F 64 -28.46 -24.84 6.84
CA ASN F 64 -27.91 -24.79 8.20
C ASN F 64 -27.11 -23.51 8.29
N MET F 65 -27.63 -22.55 9.04
CA MET F 65 -26.99 -21.24 9.17
C MET F 65 -25.70 -21.29 9.98
N TRP F 66 -25.51 -22.35 10.79
CA TRP F 66 -24.46 -22.39 11.78
C TRP F 66 -23.24 -23.19 11.36
N LYS F 67 -23.43 -24.30 10.66
CA LYS F 67 -22.32 -25.00 10.03
C LYS F 67 -22.01 -24.46 8.64
N ASN F 68 -22.71 -23.41 8.24
CA ASN F 68 -22.51 -22.84 6.92
C ASN F 68 -21.13 -22.22 6.78
N ASP F 69 -20.53 -22.41 5.61
CA ASP F 69 -19.36 -21.63 5.20
C ASP F 69 -19.86 -20.28 4.72
N MET F 70 -19.04 -19.54 3.98
CA MET F 70 -19.33 -18.24 3.38
C MET F 70 -19.59 -17.17 4.43
N VAL F 71 -19.55 -17.52 5.72
CA VAL F 71 -19.51 -16.54 6.80
C VAL F 71 -18.11 -16.41 7.35
N ASP F 72 -17.46 -17.54 7.62
CA ASP F 72 -16.03 -17.52 7.95
C ASP F 72 -15.23 -16.93 6.81
N GLN F 73 -15.60 -17.27 5.57
CA GLN F 73 -14.90 -16.72 4.42
C GLN F 73 -15.05 -15.20 4.34
N MET F 74 -16.26 -14.69 4.57
CA MET F 74 -16.45 -13.25 4.52
C MET F 74 -15.75 -12.55 5.68
N HIS F 75 -15.70 -13.20 6.85
CA HIS F 75 -14.92 -12.66 7.96
C HIS F 75 -13.46 -12.53 7.59
N GLU F 76 -12.89 -13.57 6.98
CA GLU F 76 -11.50 -13.51 6.54
C GLU F 76 -11.31 -12.44 5.48
N ASP F 77 -12.27 -12.31 4.57
CA ASP F 77 -12.19 -11.28 3.53
C ASP F 77 -12.16 -9.89 4.15
N ILE F 78 -13.01 -9.64 5.13
CA ILE F 78 -13.06 -8.32 5.75
C ILE F 78 -11.77 -8.04 6.51
N ILE F 79 -11.25 -9.04 7.22
CA ILE F 79 -9.99 -8.85 7.95
C ILE F 79 -8.87 -8.52 6.98
N SER F 80 -8.78 -9.28 5.89
CA SER F 80 -7.73 -9.03 4.90
C SER F 80 -7.90 -7.67 4.23
N LEU F 81 -9.15 -7.27 3.98
CA LEU F 81 -9.40 -5.95 3.40
C LEU F 81 -8.91 -4.86 4.32
N TRP F 82 -9.23 -4.98 5.61
CA TRP F 82 -8.78 -3.97 6.57
C TRP F 82 -7.26 -3.92 6.65
N ASP F 83 -6.62 -5.09 6.68
CA ASP F 83 -5.15 -5.11 6.74
C ASP F 83 -4.54 -4.48 5.50
N GLN F 84 -5.05 -4.82 4.31
CA GLN F 84 -4.52 -4.27 3.08
C GLN F 84 -4.72 -2.76 3.01
N SER F 85 -5.89 -2.29 3.44
CA SER F 85 -6.14 -0.86 3.42
C SER F 85 -5.29 -0.11 4.43
N LEU F 86 -5.00 -0.73 5.57
CA LEU F 86 -4.21 -0.10 6.62
C LEU F 86 -2.71 -0.30 6.43
N LYS F 87 -2.30 -1.06 5.42
CA LYS F 87 -0.88 -1.26 5.17
C LYS F 87 -0.10 0.03 4.92
N PRO F 88 -0.54 0.95 4.05
CA PRO F 88 0.35 2.05 3.66
C PRO F 88 0.45 3.21 4.66
N CYS F 89 -0.61 3.51 5.41
CA CYS F 89 -0.62 4.74 6.18
C CYS F 89 0.25 4.61 7.43
N VAL F 90 0.24 5.65 8.27
CA VAL F 90 1.27 5.85 9.28
C VAL F 90 1.15 4.81 10.38
N LYS F 91 2.28 4.23 10.76
CA LYS F 91 2.38 3.37 11.94
C LYS F 91 2.90 4.20 13.10
N LEU F 92 2.16 4.23 14.20
CA LEU F 92 2.47 5.12 15.31
C LEU F 92 3.44 4.47 16.30
N THR F 93 4.59 4.08 15.78
CA THR F 93 5.68 3.64 16.65
C THR F 93 6.18 4.75 17.55
N PRO F 94 6.46 5.98 17.07
CA PRO F 94 6.98 7.01 17.98
C PRO F 94 6.01 7.44 19.06
N LEU F 95 4.72 7.11 18.93
CA LEU F 95 3.73 7.57 19.90
C LEU F 95 3.89 6.92 21.26
N CYS F 96 4.67 5.83 21.35
CA CYS F 96 4.84 5.13 22.63
C CYS F 96 5.96 5.81 23.41
N VAL F 97 5.61 6.94 24.02
CA VAL F 97 6.52 7.69 24.88
C VAL F 97 5.76 8.10 26.13
N THR F 98 6.51 8.52 27.15
CA THR F 98 5.91 9.02 28.36
C THR F 98 5.19 10.33 28.09
N LEU F 99 3.96 10.45 28.58
CA LEU F 99 3.17 11.65 28.43
C LEU F 99 2.92 12.26 29.80
N GLU F 100 3.24 13.54 29.95
CA GLU F 100 2.92 14.29 31.16
C GLU F 100 1.53 14.88 30.98
N CYS F 101 0.54 14.30 31.66
CA CYS F 101 -0.85 14.62 31.41
C CYS F 101 -1.50 15.22 32.66
N THR F 102 -2.38 16.20 32.44
CA THR F 102 -3.16 16.82 33.48
C THR F 102 -4.63 16.83 33.09
N ALA F 103 -5.50 16.95 34.08
CA ALA F 103 -6.93 16.91 33.83
C ALA F 103 -7.35 18.08 32.96
N PHE F 104 -8.30 17.82 32.06
CA PHE F 104 -8.82 18.84 31.16
C PHE F 104 -9.97 19.59 31.84
N ASN F 105 -9.58 20.44 32.78
CA ASN F 105 -10.54 21.16 33.63
C ASN F 105 -11.04 22.40 32.88
N SER F 106 -11.97 22.16 31.95
CA SER F 106 -12.57 23.24 31.19
C SER F 106 -14.07 23.14 31.04
N SER F 107 -14.70 22.04 31.43
CA SER F 107 -16.13 21.87 31.24
C SER F 107 -16.92 22.87 32.10
N SER F 108 -18.14 23.16 31.65
CA SER F 108 -18.99 24.10 32.37
C SER F 108 -19.34 23.55 33.75
N HIS F 109 -19.97 22.37 33.80
CA HIS F 109 -20.35 21.72 35.05
C HIS F 109 -21.20 22.64 35.94
N ILE F 114 -18.52 12.57 33.83
CA ILE F 114 -18.97 11.94 32.60
C ILE F 114 -18.12 12.44 31.43
N ALA F 115 -18.48 13.60 30.89
CA ALA F 115 -17.69 14.25 29.86
C ALA F 115 -16.69 15.23 30.44
N MET F 116 -16.69 15.45 31.76
CA MET F 116 -15.73 16.35 32.38
C MET F 116 -14.36 15.69 32.50
N GLN F 117 -14.32 14.47 33.05
CA GLN F 117 -13.09 13.71 33.24
C GLN F 117 -12.74 12.85 32.03
N GLU F 118 -13.58 12.84 31.00
CA GLU F 118 -13.38 11.94 29.88
C GLU F 118 -12.10 12.24 29.11
N MET F 119 -11.51 13.43 29.27
CA MET F 119 -10.39 13.85 28.45
C MET F 119 -9.27 14.41 29.31
N LYS F 120 -8.07 14.42 28.74
CA LYS F 120 -6.87 14.85 29.45
C LYS F 120 -5.96 15.65 28.53
N ASN F 121 -5.45 16.77 29.05
CA ASN F 121 -4.30 17.42 28.44
C ASN F 121 -3.09 16.52 28.54
N CYS F 122 -2.24 16.55 27.51
CA CYS F 122 -1.03 15.72 27.53
C CYS F 122 0.07 16.41 26.75
N SER F 123 1.27 16.47 27.34
CA SER F 123 2.45 17.01 26.69
C SER F 123 3.53 15.95 26.68
N PHE F 124 4.23 15.82 25.56
CA PHE F 124 5.21 14.76 25.42
C PHE F 124 6.27 15.20 24.42
N ASN F 125 7.29 14.36 24.25
CA ASN F 125 8.34 14.56 23.27
C ASN F 125 8.20 13.52 22.16
N MET F 126 8.50 13.92 20.93
CA MET F 126 8.37 13.01 19.80
C MET F 126 9.47 13.31 18.79
N THR F 127 9.80 12.29 18.00
CA THR F 127 10.76 12.47 16.93
C THR F 127 10.20 13.39 15.85
N THR F 128 11.06 14.20 15.27
CA THR F 128 10.70 15.04 14.14
C THR F 128 10.99 14.28 12.85
N GLU F 129 10.94 14.99 11.71
CA GLU F 129 11.32 14.39 10.46
C GLU F 129 12.78 13.93 10.45
N LEU F 130 13.62 14.54 11.28
CA LEU F 130 15.00 14.12 11.46
C LEU F 130 15.10 13.25 12.71
N ARG F 131 15.66 12.06 12.56
CA ARG F 131 15.73 11.13 13.68
C ARG F 131 16.94 11.39 14.57
N ASP F 132 17.13 12.63 14.98
CA ASP F 132 18.10 12.98 16.00
C ASP F 132 17.63 14.15 16.85
N LYS F 133 16.42 14.66 16.62
CA LYS F 133 15.89 15.80 17.35
C LYS F 133 14.47 15.46 17.78
N LYS F 134 14.16 15.73 19.05
CA LYS F 134 12.83 15.51 19.59
C LYS F 134 12.17 16.85 19.87
N LYS F 135 10.91 16.97 19.48
CA LYS F 135 10.14 18.19 19.61
C LYS F 135 9.06 18.01 20.66
N LYS F 136 8.91 18.99 21.55
CA LYS F 136 7.88 18.93 22.57
C LYS F 136 6.55 19.32 21.95
N VAL F 137 5.63 18.37 21.87
CA VAL F 137 4.31 18.61 21.32
C VAL F 137 3.27 18.37 22.39
N SER F 138 2.00 18.58 22.06
CA SER F 138 0.91 18.38 23.00
C SER F 138 -0.34 18.02 22.22
N ALA F 139 -1.28 17.39 22.93
CA ALA F 139 -2.53 16.96 22.32
C ALA F 139 -3.55 16.67 23.41
N LEU F 140 -4.78 16.42 22.98
CA LEU F 140 -5.86 16.04 23.87
C LEU F 140 -6.16 14.56 23.66
N PHE F 141 -6.15 13.80 24.74
CA PHE F 141 -6.38 12.36 24.69
C PHE F 141 -7.56 11.99 25.59
N TYR F 142 -8.41 11.11 25.09
CA TYR F 142 -9.46 10.54 25.94
C TYR F 142 -8.83 9.72 27.05
N LYS F 143 -9.44 9.76 28.23
CA LYS F 143 -8.93 8.98 29.34
C LYS F 143 -9.04 7.49 29.12
N LEU F 144 -9.81 7.06 28.12
CA LEU F 144 -9.90 5.65 27.77
C LEU F 144 -8.72 5.17 26.95
N ASP F 145 -7.89 6.09 26.45
CA ASP F 145 -6.74 5.74 25.62
C ASP F 145 -5.42 5.82 26.35
N ILE F 146 -5.39 6.30 27.58
CA ILE F 146 -4.16 6.48 28.32
C ILE F 146 -4.25 5.71 29.63
N VAL F 147 -3.15 5.06 30.00
CA VAL F 147 -3.06 4.26 31.21
C VAL F 147 -1.97 4.87 32.08
N PRO F 148 -2.23 5.15 33.36
CA PRO F 148 -1.20 5.73 34.22
C PRO F 148 0.00 4.81 34.34
N LEU F 149 1.19 5.40 34.38
CA LEU F 149 2.41 4.63 34.56
C LEU F 149 2.65 4.31 36.02
N ASN F 150 2.80 5.33 36.85
CA ASN F 150 3.00 5.20 38.28
C ASN F 150 1.72 5.63 39.01
N LYS F 151 1.80 5.67 40.33
CA LYS F 151 0.65 5.97 41.17
C LYS F 151 0.49 7.45 41.50
N ASN F 152 1.39 8.30 41.02
CA ASN F 152 1.30 9.73 41.33
C ASN F 152 0.35 10.49 40.42
N GLY F 153 -0.17 9.85 39.38
CA GLY F 153 -1.14 10.49 38.49
C GLY F 153 -0.60 11.66 37.71
N ARG F 154 0.61 11.56 37.20
CA ARG F 154 1.17 12.61 36.36
C ARG F 154 1.68 12.08 35.02
N GLN F 155 2.22 10.88 34.99
CA GLN F 155 2.77 10.29 33.78
C GLN F 155 1.82 9.20 33.28
N TYR F 156 1.51 9.26 31.99
CA TYR F 156 0.62 8.30 31.35
C TYR F 156 1.31 7.73 30.12
N ARG F 157 0.67 6.74 29.51
CA ARG F 157 1.14 6.16 28.27
C ARG F 157 -0.06 5.66 27.49
N LEU F 158 0.12 5.51 26.19
CA LEU F 158 -0.96 4.99 25.37
C LEU F 158 -1.30 3.57 25.80
N ILE F 159 -2.59 3.24 25.76
CA ILE F 159 -3.06 1.98 26.31
C ILE F 159 -2.48 0.79 25.56
N ASN F 160 -2.12 0.97 24.29
CA ASN F 160 -1.66 -0.12 23.45
C ASN F 160 -0.15 -0.28 23.44
N CYS F 161 0.57 0.49 24.27
CA CYS F 161 2.03 0.50 24.18
C CYS F 161 2.63 -0.85 24.50
N ASN F 162 2.08 -1.55 25.49
CA ASN F 162 2.60 -2.85 25.87
C ASN F 162 2.00 -3.99 25.07
N THR F 163 1.12 -3.70 24.11
CA THR F 163 0.43 -4.72 23.34
C THR F 163 0.89 -4.78 21.89
N SER F 164 0.86 -3.67 21.18
CA SER F 164 1.24 -3.64 19.77
C SER F 164 1.50 -2.19 19.37
N THR F 165 1.70 -1.96 18.08
CA THR F 165 1.87 -0.63 17.52
C THR F 165 0.62 -0.27 16.73
N CYS F 166 -0.10 0.75 17.18
CA CYS F 166 -1.33 1.14 16.52
C CYS F 166 -1.03 1.80 15.19
N THR F 167 -1.75 1.39 14.15
CA THR F 167 -1.62 1.97 12.82
C THR F 167 -2.72 3.01 12.66
N GLN F 168 -2.33 4.26 12.41
CA GLN F 168 -3.31 5.31 12.20
C GLN F 168 -4.12 5.02 10.95
N ILE F 169 -5.45 5.08 11.08
CA ILE F 169 -6.32 4.87 9.93
C ILE F 169 -6.04 5.97 8.92
N CYS F 170 -5.83 5.57 7.67
CA CYS F 170 -5.45 6.52 6.64
C CYS F 170 -6.55 7.57 6.52
N PRO F 171 -6.26 8.85 6.68
CA PRO F 171 -7.33 9.86 6.75
C PRO F 171 -8.12 9.98 5.46
N LYS F 172 -7.59 9.54 4.33
CA LYS F 172 -8.30 9.67 3.06
C LYS F 172 -9.26 8.50 2.81
N VAL F 173 -8.85 7.28 3.17
CA VAL F 173 -9.74 6.13 2.95
C VAL F 173 -10.96 6.24 3.86
N SER F 174 -12.07 5.69 3.38
CA SER F 174 -13.33 5.72 4.11
C SER F 174 -13.79 4.30 4.37
N PHE F 175 -14.09 4.01 5.64
CA PHE F 175 -14.57 2.68 6.03
C PHE F 175 -16.09 2.66 6.18
N ASP F 176 -16.79 3.58 5.54
CA ASP F 176 -18.25 3.55 5.56
C ASP F 176 -18.72 2.32 4.78
N PRO F 177 -19.49 1.42 5.39
CA PRO F 177 -19.88 0.19 4.69
C PRO F 177 -20.73 0.49 3.46
N ILE F 178 -20.49 -0.29 2.41
CA ILE F 178 -21.27 -0.22 1.19
C ILE F 178 -21.73 -1.64 0.86
N PRO F 179 -22.86 -1.82 0.19
CA PRO F 179 -23.35 -3.18 -0.08
C PRO F 179 -22.33 -3.99 -0.86
N ILE F 180 -22.17 -5.25 -0.47
CA ILE F 180 -21.22 -6.16 -1.10
C ILE F 180 -21.96 -7.45 -1.42
N HIS F 181 -21.94 -7.85 -2.69
CA HIS F 181 -22.55 -9.10 -3.13
C HIS F 181 -21.48 -10.17 -3.29
N TYR F 182 -21.81 -11.39 -2.86
CA TYR F 182 -20.90 -12.52 -2.97
C TYR F 182 -21.36 -13.42 -4.11
N CYS F 183 -20.48 -13.66 -5.08
CA CYS F 183 -20.82 -14.40 -6.28
C CYS F 183 -19.99 -15.67 -6.35
N THR F 184 -20.63 -16.77 -6.74
CA THR F 184 -19.96 -18.03 -6.95
C THR F 184 -19.23 -18.05 -8.29
N PRO F 185 -18.16 -18.83 -8.41
CA PRO F 185 -17.51 -18.98 -9.71
C PRO F 185 -18.36 -19.81 -10.67
N ALA F 186 -17.87 -20.01 -11.88
CA ALA F 186 -18.57 -20.87 -12.82
C ALA F 186 -18.54 -22.31 -12.33
N GLY F 187 -19.63 -23.02 -12.56
CA GLY F 187 -19.77 -24.38 -12.08
C GLY F 187 -20.32 -24.51 -10.69
N TYR F 188 -20.61 -23.41 -10.01
CA TYR F 188 -21.20 -23.41 -8.68
C TYR F 188 -22.43 -22.50 -8.69
N ALA F 189 -23.33 -22.75 -7.75
CA ALA F 189 -24.55 -21.97 -7.63
C ALA F 189 -24.84 -21.69 -6.16
N ILE F 190 -25.63 -20.65 -5.93
CA ILE F 190 -26.08 -20.28 -4.59
C ILE F 190 -27.57 -20.60 -4.49
N LEU F 191 -27.94 -21.31 -3.43
CA LEU F 191 -29.34 -21.65 -3.18
C LEU F 191 -29.87 -20.73 -2.09
N LYS F 192 -30.96 -20.03 -2.40
CA LYS F 192 -31.57 -19.08 -1.48
C LYS F 192 -32.90 -19.65 -0.98
N CYS F 193 -33.11 -19.60 0.34
CA CYS F 193 -34.34 -20.10 0.94
C CYS F 193 -35.32 -18.95 1.06
N ASN F 194 -36.41 -19.02 0.29
CA ASN F 194 -37.43 -17.99 0.27
C ASN F 194 -38.53 -18.21 1.30
N ASN F 195 -38.46 -19.28 2.08
CA ASN F 195 -39.44 -19.51 3.13
C ASN F 195 -39.33 -18.41 4.18
N LYS F 196 -40.43 -17.72 4.44
CA LYS F 196 -40.38 -16.54 5.29
C LYS F 196 -40.21 -16.90 6.75
N THR F 197 -40.87 -17.95 7.22
CA THR F 197 -40.80 -18.37 8.62
C THR F 197 -39.66 -19.34 8.88
N PHE F 198 -38.64 -19.36 8.02
CA PHE F 198 -37.52 -20.29 8.18
C PHE F 198 -36.63 -19.82 9.31
N ASN F 199 -36.31 -20.73 10.23
CA ASN F 199 -35.52 -20.39 11.40
C ASN F 199 -34.02 -20.60 11.20
N GLY F 200 -33.59 -20.92 9.98
CA GLY F 200 -32.19 -20.97 9.64
C GLY F 200 -31.59 -22.35 9.56
N THR F 201 -32.28 -23.37 10.08
CA THR F 201 -31.80 -24.74 10.00
C THR F 201 -32.97 -25.65 9.68
N GLY F 202 -32.68 -26.75 8.99
CA GLY F 202 -33.70 -27.70 8.61
C GLY F 202 -34.13 -27.51 7.17
N PRO F 203 -35.13 -28.28 6.74
CA PRO F 203 -35.57 -28.21 5.35
C PRO F 203 -36.20 -26.88 5.01
N CYS F 204 -36.08 -26.50 3.74
CA CYS F 204 -36.67 -25.29 3.21
C CYS F 204 -37.52 -25.65 2.01
N ASN F 205 -38.76 -25.15 1.97
CA ASN F 205 -39.69 -25.51 0.90
C ASN F 205 -39.43 -24.68 -0.35
N ASN F 206 -39.58 -23.36 -0.23
CA ASN F 206 -39.41 -22.47 -1.38
C ASN F 206 -37.93 -22.16 -1.55
N VAL F 207 -37.32 -22.72 -2.59
CA VAL F 207 -35.90 -22.58 -2.84
C VAL F 207 -35.71 -21.94 -4.22
N SER F 208 -34.69 -21.10 -4.34
CA SER F 208 -34.37 -20.46 -5.60
C SER F 208 -32.86 -20.44 -5.79
N THR F 209 -32.44 -20.26 -7.03
CA THR F 209 -31.04 -20.26 -7.40
C THR F 209 -30.62 -18.84 -7.77
N VAL F 210 -29.51 -18.38 -7.19
CA VAL F 210 -29.04 -17.03 -7.34
C VAL F 210 -27.54 -17.07 -7.63
N GLN F 211 -27.06 -16.11 -8.42
CA GLN F 211 -25.64 -16.06 -8.73
C GLN F 211 -24.87 -15.17 -7.76
N CYS F 212 -25.45 -14.06 -7.31
CA CYS F 212 -24.81 -13.16 -6.38
C CYS F 212 -25.78 -12.80 -5.26
N THR F 213 -25.31 -12.92 -4.02
CA THR F 213 -26.16 -12.64 -2.87
C THR F 213 -26.58 -11.17 -2.87
N HIS F 214 -27.62 -10.89 -2.10
CA HIS F 214 -28.10 -9.51 -2.01
C HIS F 214 -27.03 -8.63 -1.37
N GLY F 215 -27.20 -7.32 -1.55
CA GLY F 215 -26.23 -6.37 -1.02
C GLY F 215 -26.12 -6.44 0.49
N ILE F 216 -25.00 -6.95 0.97
CA ILE F 216 -24.76 -7.11 2.41
C ILE F 216 -23.78 -6.02 2.83
N LYS F 217 -24.25 -5.09 3.65
CA LYS F 217 -23.38 -4.05 4.17
C LYS F 217 -22.54 -4.62 5.33
N PRO F 218 -21.22 -4.56 5.25
CA PRO F 218 -20.38 -5.11 6.33
C PRO F 218 -20.28 -4.17 7.53
N VAL F 219 -21.40 -4.03 8.22
CA VAL F 219 -21.45 -3.18 9.41
C VAL F 219 -20.94 -3.97 10.61
N VAL F 220 -19.99 -3.40 11.32
CA VAL F 220 -19.42 -4.03 12.51
C VAL F 220 -19.99 -3.32 13.74
N SER F 221 -20.74 -4.05 14.55
CA SER F 221 -21.38 -3.49 15.73
C SER F 221 -21.64 -4.61 16.72
N THR F 222 -21.94 -4.24 17.96
CA THR F 222 -22.20 -5.20 19.01
C THR F 222 -23.53 -4.87 19.69
N GLN F 223 -24.21 -5.92 20.12
CA GLN F 223 -25.45 -5.88 20.90
C GLN F 223 -26.65 -5.41 20.09
N LEU F 224 -26.42 -4.92 18.88
CA LEU F 224 -27.51 -4.37 18.07
C LEU F 224 -27.08 -4.44 16.62
N LEU F 225 -27.73 -5.29 15.83
CA LEU F 225 -27.44 -5.33 14.41
C LEU F 225 -28.06 -4.11 13.73
N LEU F 226 -27.24 -3.37 13.00
CA LEU F 226 -27.66 -2.12 12.38
C LEU F 226 -27.65 -2.27 10.86
N ASN F 227 -28.62 -1.63 10.21
CA ASN F 227 -28.67 -1.52 8.76
C ASN F 227 -28.75 -2.88 8.08
N GLY F 228 -29.37 -3.85 8.75
CA GLY F 228 -29.55 -5.17 8.18
C GLY F 228 -30.83 -5.25 7.35
N SER F 229 -31.12 -6.47 6.91
CA SER F 229 -32.33 -6.75 6.16
C SER F 229 -33.39 -7.28 7.13
N LEU F 230 -34.57 -6.67 7.08
CA LEU F 230 -35.61 -7.03 8.04
C LEU F 230 -36.18 -8.41 7.72
N ALA F 231 -36.76 -9.03 8.75
CA ALA F 231 -37.45 -10.29 8.56
C ALA F 231 -38.72 -10.08 7.75
N GLU F 232 -39.24 -11.17 7.18
CA GLU F 232 -40.33 -11.07 6.22
C GLU F 232 -41.68 -10.90 6.91
N GLU F 233 -42.03 -11.82 7.81
CA GLU F 233 -43.35 -11.86 8.40
C GLU F 233 -43.37 -11.57 9.89
N ASP F 234 -42.38 -12.05 10.64
CA ASP F 234 -42.41 -11.97 12.09
C ASP F 234 -40.98 -11.95 12.62
N ILE F 235 -40.85 -11.62 13.90
CA ILE F 235 -39.56 -11.69 14.56
C ILE F 235 -39.15 -13.15 14.68
N ILE F 236 -37.94 -13.47 14.23
CA ILE F 236 -37.46 -14.85 14.18
C ILE F 236 -36.29 -14.98 15.14
N ILE F 237 -36.41 -15.92 16.07
CA ILE F 237 -35.35 -16.21 17.03
C ILE F 237 -34.51 -17.34 16.46
N ARG F 238 -33.20 -17.11 16.32
CA ARG F 238 -32.31 -18.04 15.65
C ARG F 238 -31.15 -18.37 16.57
N SER F 239 -31.06 -19.62 17.00
CA SER F 239 -29.94 -20.10 17.78
C SER F 239 -29.55 -21.48 17.28
N GLU F 240 -28.26 -21.80 17.39
CA GLU F 240 -27.79 -23.11 16.98
C GLU F 240 -28.39 -24.21 17.85
N ASN F 241 -28.49 -23.95 19.15
CA ASN F 241 -29.06 -24.91 20.10
C ASN F 241 -29.56 -24.09 21.28
N LEU F 242 -30.89 -23.91 21.35
CA LEU F 242 -31.46 -22.98 22.33
C LEU F 242 -31.17 -23.43 23.76
N THR F 243 -31.26 -24.73 24.03
CA THR F 243 -31.01 -25.24 25.37
C THR F 243 -29.56 -25.09 25.79
N ASN F 244 -28.65 -24.83 24.86
CA ASN F 244 -27.24 -24.58 25.18
C ASN F 244 -27.06 -23.08 25.37
N ASN F 245 -26.75 -22.66 26.59
CA ASN F 245 -26.59 -21.24 26.88
C ASN F 245 -25.31 -20.66 26.30
N ALA F 246 -24.41 -21.50 25.79
CA ALA F 246 -23.17 -21.01 25.21
C ALA F 246 -23.34 -20.52 23.78
N LYS F 247 -24.52 -20.68 23.18
CA LYS F 247 -24.79 -20.23 21.83
C LYS F 247 -25.56 -18.92 21.87
N THR F 248 -25.11 -17.95 21.08
CA THR F 248 -25.78 -16.66 21.02
C THR F 248 -27.15 -16.80 20.37
N ILE F 249 -28.05 -15.90 20.76
CA ILE F 249 -29.42 -15.89 20.25
C ILE F 249 -29.56 -14.69 19.34
N ILE F 250 -29.62 -14.93 18.04
CA ILE F 250 -29.74 -13.86 17.05
C ILE F 250 -31.21 -13.56 16.85
N VAL F 251 -31.66 -12.40 17.31
CA VAL F 251 -33.03 -11.96 17.09
C VAL F 251 -33.08 -11.15 15.81
N HIS F 252 -34.07 -11.42 14.97
CA HIS F 252 -34.27 -10.68 13.74
C HIS F 252 -35.58 -9.92 13.83
N LEU F 253 -35.53 -8.61 13.62
CA LEU F 253 -36.70 -7.75 13.74
C LEU F 253 -37.33 -7.57 12.38
N ASN F 254 -38.65 -7.72 12.30
CA ASN F 254 -39.34 -7.58 11.03
C ASN F 254 -39.62 -6.13 10.67
N GLU F 255 -39.48 -5.20 11.61
CA GLU F 255 -39.55 -3.78 11.30
C GLU F 255 -38.50 -3.04 12.12
N SER F 256 -37.81 -2.12 11.48
CA SER F 256 -36.65 -1.48 12.08
C SER F 256 -37.05 -0.44 13.11
N VAL F 257 -36.13 -0.19 14.04
CA VAL F 257 -36.28 0.86 15.04
C VAL F 257 -35.18 1.88 14.80
N GLU F 258 -35.57 3.11 14.48
CA GLU F 258 -34.59 4.12 14.13
C GLU F 258 -33.83 4.58 15.36
N ILE F 259 -32.51 4.70 15.22
CA ILE F 259 -31.64 5.22 16.28
C ILE F 259 -30.82 6.35 15.69
N VAL F 260 -30.79 7.49 16.40
CA VAL F 260 -30.11 8.68 15.93
C VAL F 260 -28.99 8.99 16.92
N CYS F 261 -27.75 8.95 16.45
CA CYS F 261 -26.58 9.18 17.28
C CYS F 261 -25.89 10.46 16.85
N ILE F 262 -25.42 11.23 17.83
CA ILE F 262 -24.84 12.55 17.57
C ILE F 262 -23.65 12.78 18.47
N ARG F 263 -22.67 13.53 17.96
CA ARG F 263 -21.58 14.08 18.75
C ARG F 263 -21.70 15.60 18.68
N PRO F 264 -22.24 16.25 19.71
CA PRO F 264 -22.67 17.65 19.55
C PRO F 264 -21.56 18.62 19.17
N ASN F 265 -20.35 18.40 19.65
CA ASN F 265 -19.32 19.44 19.61
C ASN F 265 -18.42 19.32 18.40
N ASN F 266 -17.95 20.47 17.92
CA ASN F 266 -16.90 20.51 16.92
C ASN F 266 -15.55 20.30 17.58
N MET F 267 -14.70 19.52 16.92
CA MET F 267 -13.34 19.28 17.40
C MET F 267 -12.36 19.86 16.40
N THR F 268 -11.17 20.21 16.88
CA THR F 268 -10.13 20.77 16.04
C THR F 268 -8.97 19.78 15.93
N ARG F 269 -8.48 19.58 14.72
CA ARG F 269 -7.39 18.65 14.48
C ARG F 269 -6.05 19.35 14.60
N LYS F 270 -5.00 18.55 14.69
CA LYS F 270 -3.64 19.05 14.80
C LYS F 270 -2.72 18.07 14.09
N SER F 271 -1.76 18.60 13.34
CA SER F 271 -0.83 17.77 12.58
C SER F 271 0.53 17.77 13.28
N ILE F 272 1.05 16.57 13.56
CA ILE F 272 2.35 16.40 14.18
C ILE F 272 3.18 15.51 13.27
N ARG F 273 4.39 15.95 12.95
CA ARG F 273 5.23 15.23 11.99
C ARG F 273 5.84 14.02 12.69
N ILE F 274 5.36 12.83 12.35
CA ILE F 274 5.95 11.59 12.86
C ILE F 274 7.38 11.45 12.37
N GLY F 275 7.59 11.64 11.07
CA GLY F 275 8.87 11.45 10.45
C GLY F 275 8.86 11.92 9.01
N PRO F 276 9.62 11.25 8.16
CA PRO F 276 9.64 11.65 6.74
C PRO F 276 8.33 11.30 6.05
N GLY F 277 7.52 12.31 5.76
CA GLY F 277 6.26 12.09 5.07
C GLY F 277 5.17 11.48 5.92
N GLN F 278 5.38 11.37 7.22
CA GLN F 278 4.41 10.79 8.14
C GLN F 278 3.83 11.90 9.01
N THR F 279 2.50 11.94 9.09
CA THR F 279 1.80 12.91 9.93
C THR F 279 0.87 12.18 10.87
N PHE F 280 0.76 12.68 12.09
CA PHE F 280 -0.08 12.11 13.13
C PHE F 280 -1.13 13.13 13.51
N TYR F 281 -2.37 12.89 13.11
CA TYR F 281 -3.45 13.83 13.36
C TYR F 281 -3.98 13.61 14.77
N ALA F 282 -3.67 14.53 15.67
CA ALA F 282 -4.11 14.45 17.04
C ALA F 282 -5.28 15.40 17.26
N LEU F 283 -5.73 15.50 18.49
CA LEU F 283 -6.86 16.36 18.86
C LEU F 283 -6.33 17.61 19.53
N ASN F 284 -6.83 18.77 19.11
CA ASN F 284 -6.36 20.05 19.61
C ASN F 284 -7.20 20.54 20.79
N ASP F 285 -8.50 20.74 20.55
CA ASP F 285 -9.40 21.25 21.58
C ASP F 285 -10.84 21.00 21.13
N ILE F 286 -11.78 21.42 21.96
CA ILE F 286 -13.20 21.31 21.69
C ILE F 286 -13.78 22.71 21.60
N ILE F 287 -14.49 22.99 20.51
CA ILE F 287 -15.09 24.31 20.30
C ILE F 287 -16.39 24.39 21.09
N GLY F 288 -16.50 25.38 21.97
CA GLY F 288 -17.69 25.58 22.74
C GLY F 288 -17.77 24.67 23.95
N ASP F 289 -18.85 24.84 24.70
CA ASP F 289 -19.06 24.03 25.91
C ASP F 289 -19.21 22.56 25.55
N ILE F 290 -18.71 21.70 26.42
CA ILE F 290 -18.65 20.27 26.13
C ILE F 290 -20.01 19.64 26.41
N ARG F 291 -20.55 18.95 25.41
CA ARG F 291 -21.80 18.20 25.53
C ARG F 291 -21.53 16.75 25.16
N GLN F 292 -21.99 15.83 26.01
CA GLN F 292 -21.71 14.43 25.78
C GLN F 292 -22.44 13.92 24.55
N PRO F 293 -21.84 13.00 23.80
CA PRO F 293 -22.57 12.34 22.72
C PRO F 293 -23.62 11.39 23.26
N HIS F 294 -24.62 11.11 22.43
CA HIS F 294 -25.73 10.27 22.86
C HIS F 294 -26.46 9.74 21.63
N CYS F 295 -27.32 8.74 21.87
CA CYS F 295 -28.18 8.19 20.84
C CYS F 295 -29.62 8.19 21.34
N ASN F 296 -30.55 8.58 20.48
CA ASN F 296 -31.96 8.66 20.82
C ASN F 296 -32.72 7.56 20.11
N ILE F 297 -33.49 6.79 20.88
CA ILE F 297 -34.35 5.73 20.36
C ILE F 297 -35.76 5.98 20.86
N SER F 298 -36.74 5.89 19.96
CA SER F 298 -38.12 6.12 20.34
C SER F 298 -38.54 5.15 21.44
N LYS F 299 -39.13 5.69 22.50
CA LYS F 299 -39.46 4.86 23.65
C LYS F 299 -40.57 3.88 23.32
N GLU F 300 -41.62 4.33 22.64
CA GLU F 300 -42.75 3.45 22.32
C GLU F 300 -42.32 2.32 21.39
N LYS F 301 -41.59 2.67 20.32
CA LYS F 301 -41.17 1.65 19.36
C LYS F 301 -40.26 0.63 20.01
N TRP F 302 -39.28 1.09 20.79
CA TRP F 302 -38.38 0.15 21.44
C TRP F 302 -39.12 -0.72 22.45
N ASN F 303 -40.05 -0.14 23.19
CA ASN F 303 -40.81 -0.94 24.15
C ASN F 303 -41.63 -2.00 23.44
N ASN F 304 -42.24 -1.65 22.31
CA ASN F 304 -42.99 -2.64 21.54
C ASN F 304 -42.08 -3.75 21.03
N THR F 305 -40.91 -3.38 20.50
CA THR F 305 -39.98 -4.39 19.99
C THR F 305 -39.52 -5.33 21.10
N LEU F 306 -39.18 -4.77 22.27
CA LEU F 306 -38.76 -5.61 23.37
C LEU F 306 -39.90 -6.50 23.86
N HIS F 307 -41.13 -5.99 23.87
CA HIS F 307 -42.26 -6.80 24.25
C HIS F 307 -42.46 -7.97 23.30
N ARG F 308 -42.30 -7.72 21.99
CA ARG F 308 -42.45 -8.78 21.02
C ARG F 308 -41.37 -9.84 21.19
N VAL F 309 -40.11 -9.43 21.35
CA VAL F 309 -39.06 -10.43 21.51
C VAL F 309 -39.23 -11.17 22.83
N TRP F 310 -39.77 -10.51 23.86
CA TRP F 310 -40.07 -11.21 25.11
C TRP F 310 -41.15 -12.25 24.89
N LYS F 311 -42.18 -11.92 24.10
CA LYS F 311 -43.22 -12.90 23.81
C LYS F 311 -42.66 -14.10 23.08
N LYS F 312 -41.77 -13.85 22.10
CA LYS F 312 -41.16 -14.97 21.37
C LYS F 312 -40.30 -15.82 22.30
N LEU F 313 -39.53 -15.18 23.18
CA LEU F 313 -38.69 -15.93 24.11
C LEU F 313 -39.53 -16.74 25.10
N VAL F 314 -40.68 -16.20 25.51
CA VAL F 314 -41.60 -16.95 26.35
C VAL F 314 -42.13 -18.15 25.59
N GLU F 315 -42.44 -17.97 24.31
CA GLU F 315 -42.91 -19.09 23.49
C GLU F 315 -41.86 -20.18 23.41
N HIS F 316 -40.59 -19.80 23.24
CA HIS F 316 -39.52 -20.80 23.17
C HIS F 316 -39.15 -21.37 24.53
N PHE F 317 -39.47 -20.68 25.62
CA PHE F 317 -39.16 -21.12 26.98
C PHE F 317 -40.46 -21.08 27.77
N PRO F 318 -41.28 -22.13 27.69
CA PRO F 318 -42.68 -22.03 28.13
C PRO F 318 -42.87 -21.66 29.59
N ASN F 319 -42.37 -22.48 30.51
CA ASN F 319 -42.62 -22.28 31.93
C ASN F 319 -41.41 -21.63 32.61
N LYS F 320 -41.11 -20.40 32.19
CA LYS F 320 -40.00 -19.64 32.75
C LYS F 320 -40.38 -18.17 32.80
N THR F 321 -39.68 -17.44 33.66
CA THR F 321 -39.83 -15.99 33.75
C THR F 321 -38.68 -15.34 33.00
N ILE F 322 -39.00 -14.59 31.96
CA ILE F 322 -37.99 -13.99 31.09
C ILE F 322 -37.72 -12.57 31.57
N ILE F 323 -36.45 -12.29 31.89
CA ILE F 323 -36.02 -10.98 32.34
C ILE F 323 -34.80 -10.56 31.54
N PHE F 324 -34.72 -9.27 31.23
CA PHE F 324 -33.62 -8.70 30.47
C PHE F 324 -32.74 -7.88 31.40
N PHE F 325 -31.44 -8.14 31.37
CA PHE F 325 -30.48 -7.43 32.20
C PHE F 325 -29.33 -6.95 31.34
N ASP F 326 -28.77 -5.80 31.70
CA ASP F 326 -27.62 -5.28 30.98
C ASP F 326 -26.37 -6.09 31.33
N ARG F 327 -25.34 -5.93 30.51
CA ARG F 327 -24.10 -6.63 30.73
C ARG F 327 -23.37 -6.08 31.95
N HIS F 328 -22.56 -6.93 32.58
CA HIS F 328 -21.78 -6.49 33.73
C HIS F 328 -20.78 -5.43 33.32
N SER F 329 -20.54 -4.49 34.23
CA SER F 329 -19.60 -3.39 33.98
C SER F 329 -18.19 -3.75 34.44
N GLY F 330 -17.68 -4.88 33.97
CA GLY F 330 -16.34 -5.30 34.31
C GLY F 330 -15.49 -5.67 33.11
N GLY F 331 -16.13 -6.10 32.03
CA GLY F 331 -15.41 -6.50 30.84
C GLY F 331 -14.98 -5.32 29.99
N ASP F 332 -14.36 -5.63 28.87
CA ASP F 332 -13.92 -4.59 27.95
C ASP F 332 -15.12 -3.92 27.29
N LEU F 333 -14.90 -2.68 26.84
CA LEU F 333 -15.99 -1.89 26.29
C LEU F 333 -16.54 -2.45 24.99
N GLU F 334 -15.81 -3.34 24.33
CA GLU F 334 -16.29 -3.88 23.07
C GLU F 334 -17.55 -4.74 23.27
N ILE F 335 -17.70 -5.36 24.42
CA ILE F 335 -18.78 -6.32 24.64
C ILE F 335 -19.83 -5.83 25.62
N THR F 336 -19.53 -4.87 26.48
CA THR F 336 -20.50 -4.40 27.47
C THR F 336 -21.31 -3.20 27.00
N THR F 337 -20.99 -2.63 25.84
CA THR F 337 -21.72 -1.49 25.32
C THR F 337 -21.94 -1.67 23.83
N HIS F 338 -22.99 -1.03 23.32
CA HIS F 338 -23.31 -1.07 21.90
C HIS F 338 -22.26 -0.25 21.16
N SER F 339 -21.26 -0.93 20.61
CA SER F 339 -20.16 -0.28 19.92
C SER F 339 -20.42 -0.25 18.42
N PHE F 340 -20.00 0.83 17.78
CA PHE F 340 -20.13 0.99 16.34
C PHE F 340 -19.25 2.16 15.95
N ASN F 341 -19.16 2.41 14.64
CA ASN F 341 -18.47 3.57 14.12
C ASN F 341 -19.45 4.39 13.29
N CYS F 342 -19.50 5.69 13.55
CA CYS F 342 -20.47 6.58 12.91
C CYS F 342 -19.74 7.82 12.43
N GLY F 343 -19.72 8.03 11.12
CA GLY F 343 -19.07 9.20 10.57
C GLY F 343 -17.58 9.24 10.77
N GLY F 344 -16.95 8.11 11.06
CA GLY F 344 -15.52 8.05 11.27
C GLY F 344 -15.08 8.01 12.72
N GLU F 345 -15.98 8.30 13.65
CA GLU F 345 -15.68 8.24 15.08
C GLU F 345 -16.34 7.01 15.68
N PHE F 346 -15.62 6.33 16.57
CA PHE F 346 -16.09 5.08 17.15
C PHE F 346 -16.82 5.37 18.45
N PHE F 347 -18.08 4.96 18.53
CA PHE F 347 -18.93 5.19 19.69
C PHE F 347 -19.03 3.93 20.52
N TYR F 348 -19.32 4.11 21.81
CA TYR F 348 -19.56 3.00 22.74
C TYR F 348 -20.70 3.43 23.65
N CYS F 349 -21.92 3.05 23.28
CA CYS F 349 -23.12 3.55 23.94
C CYS F 349 -23.60 2.58 25.00
N ASN F 350 -23.89 3.11 26.18
CA ASN F 350 -24.35 2.31 27.31
C ASN F 350 -25.83 2.00 27.13
N THR F 351 -26.15 0.74 26.88
CA THR F 351 -27.53 0.31 26.62
C THR F 351 -28.23 -0.19 27.88
N SER F 352 -27.86 0.30 29.05
CA SER F 352 -28.58 -0.09 30.26
C SER F 352 -30.00 0.44 30.24
N GLY F 353 -30.26 1.52 29.52
CA GLY F 353 -31.60 2.06 29.42
C GLY F 353 -32.51 1.33 28.46
N LEU F 354 -31.97 0.43 27.64
CA LEU F 354 -32.78 -0.32 26.69
C LEU F 354 -33.29 -1.62 27.28
N PHE F 355 -32.41 -2.41 27.89
CA PHE F 355 -32.77 -3.71 28.44
C PHE F 355 -33.04 -3.64 29.94
N ASN F 356 -33.59 -2.52 30.40
CA ASN F 356 -33.90 -2.33 31.81
C ASN F 356 -35.32 -2.78 32.16
N ILE F 357 -36.24 -2.76 31.19
CA ILE F 357 -37.63 -3.05 31.49
C ILE F 357 -37.82 -4.52 31.82
N THR F 358 -38.79 -4.80 32.68
CA THR F 358 -39.23 -6.15 32.99
C THR F 358 -40.71 -6.26 32.65
N TYR F 359 -41.11 -7.42 32.12
CA TYR F 359 -42.46 -7.64 31.65
C TYR F 359 -43.16 -8.68 32.52
N ASN F 360 -44.41 -8.40 32.86
CA ASN F 360 -45.23 -9.32 33.63
C ASN F 360 -46.11 -10.14 32.71
N SER F 361 -46.51 -11.32 33.18
CA SER F 361 -47.32 -12.22 32.35
C SER F 361 -48.70 -11.66 32.05
N ASN F 362 -49.17 -10.69 32.82
CA ASN F 362 -50.48 -10.10 32.59
C ASN F 362 -50.54 -9.34 31.27
N THR F 373 -44.57 10.30 23.95
CA THR F 373 -43.62 9.97 22.89
C THR F 373 -42.21 10.39 23.25
N LYS F 374 -41.79 10.05 24.47
CA LYS F 374 -40.45 10.35 24.93
C LYS F 374 -39.42 9.53 24.15
N VAL F 375 -38.15 9.79 24.42
CA VAL F 375 -37.05 9.12 23.74
C VAL F 375 -36.06 8.63 24.79
N ILE F 376 -35.54 7.42 24.59
CA ILE F 376 -34.50 6.89 25.45
C ILE F 376 -33.15 7.43 24.96
N THR F 377 -32.42 8.07 25.85
CA THR F 377 -31.13 8.68 25.52
C THR F 377 -30.02 7.83 26.11
N LEU F 378 -29.21 7.23 25.25
CA LEU F 378 -28.10 6.39 25.69
C LEU F 378 -26.82 7.21 25.71
N PRO F 379 -26.17 7.37 26.86
CA PRO F 379 -24.91 8.13 26.90
C PRO F 379 -23.77 7.32 26.31
N CYS F 380 -23.15 7.86 25.27
CA CYS F 380 -22.07 7.19 24.57
C CYS F 380 -20.73 7.82 24.91
N ARG F 381 -19.67 7.05 24.67
CA ARG F 381 -18.31 7.50 24.84
C ARG F 381 -17.51 7.20 23.58
N ILE F 382 -16.67 8.14 23.18
CA ILE F 382 -15.87 8.00 21.98
C ILE F 382 -14.45 7.59 22.36
N LYS F 383 -13.84 6.74 21.54
CA LYS F 383 -12.50 6.24 21.78
C LYS F 383 -11.70 6.35 20.50
N GLN F 384 -10.39 6.50 20.64
CA GLN F 384 -9.50 6.67 19.49
C GLN F 384 -8.63 5.46 19.21
N ILE F 385 -8.15 4.75 20.23
CA ILE F 385 -7.42 3.52 20.04
C ILE F 385 -8.44 2.38 20.03
N ILE F 386 -8.47 1.63 18.93
CA ILE F 386 -9.49 0.62 18.70
C ILE F 386 -8.82 -0.74 18.54
N ASN F 387 -9.27 -1.71 19.31
CA ASN F 387 -8.79 -3.10 19.19
C ASN F 387 -9.86 -3.89 18.44
N MET F 388 -9.80 -3.80 17.11
CA MET F 388 -10.83 -4.41 16.28
C MET F 388 -10.57 -5.91 16.13
N TRP F 389 -11.65 -6.65 15.86
CA TRP F 389 -11.64 -8.10 15.72
C TRP F 389 -11.19 -8.81 17.00
N GLN F 390 -11.27 -8.13 18.14
CA GLN F 390 -10.90 -8.64 19.46
C GLN F 390 -9.48 -9.17 19.54
N GLU F 391 -8.69 -9.03 18.48
CA GLU F 391 -7.35 -9.59 18.43
C GLU F 391 -6.38 -8.70 19.19
N VAL F 392 -5.61 -9.32 20.09
CA VAL F 392 -4.54 -8.62 20.78
C VAL F 392 -3.34 -8.58 19.83
N GLY F 393 -2.98 -7.38 19.39
CA GLY F 393 -1.94 -7.20 18.39
C GLY F 393 -2.38 -6.57 17.10
N ARG F 394 -3.67 -6.24 16.94
CA ARG F 394 -4.18 -5.54 15.75
C ARG F 394 -5.01 -4.36 16.24
N CYS F 395 -4.35 -3.23 16.47
CA CYS F 395 -5.02 -2.02 16.92
C CYS F 395 -4.83 -0.91 15.89
N MET F 396 -5.84 -0.06 15.78
CA MET F 396 -5.82 1.06 14.86
C MET F 396 -6.21 2.32 15.60
N TYR F 397 -5.68 3.46 15.14
CA TYR F 397 -5.96 4.76 15.74
C TYR F 397 -6.82 5.56 14.78
N ALA F 398 -7.99 5.97 15.24
CA ALA F 398 -8.92 6.72 14.41
C ALA F 398 -8.64 8.21 14.54
N PRO F 399 -8.19 8.89 13.50
CA PRO F 399 -7.92 10.32 13.59
C PRO F 399 -9.18 11.09 13.94
N PRO F 400 -9.07 12.15 14.72
CA PRO F 400 -10.26 12.91 15.10
C PRO F 400 -10.91 13.54 13.88
N ILE F 401 -12.23 13.68 13.94
CA ILE F 401 -13.01 14.27 12.86
C ILE F 401 -13.43 15.66 13.30
N ALA F 402 -13.06 16.67 12.51
CA ALA F 402 -13.42 18.04 12.80
C ALA F 402 -14.87 18.27 12.37
N GLY F 403 -15.75 18.45 13.33
CA GLY F 403 -17.14 18.66 12.96
C GLY F 403 -18.04 17.65 13.65
N ASN F 404 -19.14 18.17 14.20
CA ASN F 404 -20.19 17.35 14.80
C ASN F 404 -20.59 16.22 13.88
N ILE F 405 -20.84 15.05 14.47
CA ILE F 405 -21.20 13.84 13.73
C ILE F 405 -22.66 13.52 14.01
N THR F 406 -23.34 12.98 13.00
CA THR F 406 -24.73 12.54 13.16
C THR F 406 -24.99 11.36 12.25
N CYS F 407 -25.57 10.30 12.81
CA CYS F 407 -25.95 9.13 12.04
C CYS F 407 -27.36 8.71 12.42
N THR F 408 -28.07 8.12 11.46
CA THR F 408 -29.40 7.57 11.67
C THR F 408 -29.40 6.14 11.13
N SER F 409 -29.26 5.17 12.02
CA SER F 409 -29.21 3.77 11.65
C SER F 409 -30.52 3.08 12.01
N ASN F 410 -30.65 1.84 11.55
CA ASN F 410 -31.84 1.04 11.77
C ASN F 410 -31.46 -0.18 12.61
N ILE F 411 -32.05 -0.29 13.79
CA ILE F 411 -31.85 -1.47 14.63
C ILE F 411 -32.71 -2.59 14.05
N THR F 412 -32.08 -3.51 13.31
CA THR F 412 -32.80 -4.59 12.65
C THR F 412 -32.52 -5.94 13.29
N GLY F 413 -32.01 -5.96 14.51
CA GLY F 413 -31.77 -7.22 15.20
C GLY F 413 -31.00 -7.00 16.47
N LEU F 414 -31.02 -8.03 17.31
CA LEU F 414 -30.28 -8.03 18.57
C LEU F 414 -29.44 -9.29 18.65
N LEU F 415 -28.52 -9.33 19.61
CA LEU F 415 -27.71 -10.50 19.89
C LEU F 415 -27.80 -10.77 21.39
N LEU F 416 -28.80 -11.56 21.79
CA LEU F 416 -28.96 -11.90 23.19
C LEU F 416 -28.05 -13.07 23.56
N THR F 417 -27.93 -13.31 24.86
CA THR F 417 -27.14 -14.43 25.37
C THR F 417 -27.74 -14.87 26.69
N ARG F 418 -28.19 -16.11 26.75
CA ARG F 418 -28.81 -16.64 27.96
C ARG F 418 -27.75 -17.00 28.99
N ASP F 419 -27.95 -16.56 30.23
CA ASP F 419 -27.00 -16.87 31.28
C ASP F 419 -27.13 -18.32 31.71
N GLY F 420 -26.14 -18.79 32.47
CA GLY F 420 -26.14 -20.17 32.92
C GLY F 420 -27.31 -20.47 33.84
N GLY F 421 -27.65 -21.75 33.91
CA GLY F 421 -28.78 -22.17 34.70
C GLY F 421 -28.46 -22.33 36.17
N ASN F 422 -28.88 -21.34 36.96
CA ASN F 422 -28.64 -21.39 38.39
C ASN F 422 -29.56 -22.42 39.06
N ASN F 423 -29.19 -22.81 40.28
CA ASN F 423 -30.04 -23.71 41.03
C ASN F 423 -31.40 -23.08 41.31
N SER F 424 -31.46 -21.75 41.38
CA SER F 424 -32.73 -21.03 41.46
C SER F 424 -33.32 -20.97 40.05
N THR F 425 -33.98 -22.06 39.68
CA THR F 425 -34.53 -22.22 38.33
C THR F 425 -35.83 -21.42 38.23
N GLU F 426 -36.59 -21.67 37.16
CA GLU F 426 -37.87 -21.05 36.82
C GLU F 426 -37.68 -19.64 36.27
N THR F 427 -36.48 -19.08 36.33
CA THR F 427 -36.20 -17.77 35.75
C THR F 427 -35.07 -17.88 34.73
N GLU F 428 -35.15 -17.04 33.70
CA GLU F 428 -34.15 -16.97 32.65
C GLU F 428 -33.76 -15.52 32.43
N THR F 429 -32.47 -15.22 32.50
CA THR F 429 -31.96 -13.87 32.32
C THR F 429 -31.25 -13.79 30.98
N PHE F 430 -31.58 -12.78 30.19
CA PHE F 430 -30.99 -12.58 28.88
C PHE F 430 -30.20 -11.29 28.88
N ARG F 431 -28.93 -11.39 28.51
CA ARG F 431 -28.03 -10.26 28.46
C ARG F 431 -27.62 -9.98 27.02
N PRO F 432 -27.63 -8.72 26.59
CA PRO F 432 -27.17 -8.41 25.23
C PRO F 432 -25.69 -8.72 25.08
N GLY F 433 -25.21 -8.58 23.85
CA GLY F 433 -23.81 -8.88 23.60
C GLY F 433 -23.63 -9.96 22.57
N GLY F 434 -23.16 -11.13 23.00
CA GLY F 434 -23.01 -12.25 22.09
C GLY F 434 -21.56 -12.69 21.95
N GLY F 435 -21.26 -13.36 20.85
CA GLY F 435 -19.92 -13.86 20.63
C GLY F 435 -19.12 -13.01 19.68
N ASP F 436 -18.44 -13.66 18.73
CA ASP F 436 -17.64 -12.93 17.76
C ASP F 436 -18.54 -12.15 16.80
N MET F 437 -17.92 -11.23 16.07
CA MET F 437 -18.62 -10.46 15.04
C MET F 437 -19.04 -11.30 13.85
N ARG F 438 -18.75 -12.60 13.85
CA ARG F 438 -19.24 -13.47 12.78
C ARG F 438 -20.76 -13.52 12.75
N ASP F 439 -21.40 -13.34 13.91
CA ASP F 439 -22.86 -13.38 13.95
C ASP F 439 -23.48 -12.20 13.22
N ASN F 440 -22.76 -11.07 13.16
CA ASN F 440 -23.26 -9.94 12.38
C ASN F 440 -23.45 -10.32 10.92
N TRP F 441 -22.48 -11.05 10.35
CA TRP F 441 -22.65 -11.54 8.98
C TRP F 441 -23.64 -12.69 8.93
N ARG F 442 -23.61 -13.56 9.94
CA ARG F 442 -24.49 -14.73 9.95
C ARG F 442 -25.95 -14.33 9.94
N SER F 443 -26.29 -13.15 10.46
CA SER F 443 -27.67 -12.69 10.41
C SER F 443 -28.12 -12.37 9.00
N GLU F 444 -27.18 -12.14 8.07
CA GLU F 444 -27.53 -11.81 6.70
C GLU F 444 -27.40 -12.98 5.74
N LEU F 445 -26.54 -13.96 6.05
CA LEU F 445 -26.30 -15.10 5.17
C LEU F 445 -26.98 -16.37 5.68
N TYR F 446 -28.12 -16.22 6.35
CA TYR F 446 -28.83 -17.40 6.84
C TYR F 446 -29.54 -18.15 5.72
N LYS F 447 -29.94 -17.45 4.66
CA LYS F 447 -30.74 -18.06 3.60
C LYS F 447 -29.91 -18.55 2.44
N TYR F 448 -28.58 -18.38 2.46
CA TYR F 448 -27.75 -18.73 1.33
C TYR F 448 -26.90 -19.96 1.64
N LYS F 449 -26.68 -20.79 0.62
CA LYS F 449 -25.74 -21.88 0.69
C LYS F 449 -25.12 -22.07 -0.69
N VAL F 450 -23.92 -22.63 -0.71
CA VAL F 450 -23.15 -22.82 -1.94
C VAL F 450 -23.18 -24.30 -2.29
N VAL F 451 -23.56 -24.61 -3.52
CA VAL F 451 -23.61 -25.98 -4.00
C VAL F 451 -22.80 -26.08 -5.28
N GLU F 452 -22.28 -27.28 -5.54
CA GLU F 452 -21.46 -27.56 -6.70
C GLU F 452 -22.29 -28.33 -7.72
N ILE F 453 -22.34 -27.82 -8.95
CA ILE F 453 -23.12 -28.46 -10.00
C ILE F 453 -22.37 -29.68 -10.51
N LYS F 454 -23.05 -30.82 -10.58
CA LYS F 454 -22.47 -32.03 -11.14
C LYS F 454 -23.18 -32.35 -12.45
N PRO F 455 -22.86 -31.63 -13.53
CA PRO F 455 -23.67 -31.74 -14.75
C PRO F 455 -23.71 -33.12 -15.35
N LEU F 456 -22.63 -33.88 -15.24
CA LEU F 456 -22.57 -35.19 -15.87
C LEU F 456 -23.53 -36.15 -15.17
N GLY F 457 -24.37 -36.80 -15.95
CA GLY F 457 -25.35 -37.72 -15.40
C GLY F 457 -25.56 -38.88 -16.35
N ILE F 458 -25.94 -40.03 -15.77
CA ILE F 458 -26.19 -41.24 -16.54
C ILE F 458 -27.52 -41.81 -16.11
N ALA F 459 -28.20 -42.49 -17.05
CA ALA F 459 -29.50 -43.07 -16.78
C ALA F 459 -29.87 -44.04 -17.89
N PRO F 460 -30.48 -45.18 -17.58
CA PRO F 460 -30.82 -46.14 -18.63
C PRO F 460 -31.89 -45.61 -19.57
N THR F 461 -31.76 -46.01 -20.83
CA THR F 461 -32.72 -45.66 -21.87
C THR F 461 -32.69 -46.74 -22.94
N GLY F 462 -33.73 -46.77 -23.76
CA GLY F 462 -33.81 -47.79 -24.79
C GLY F 462 -32.96 -47.54 -26.01
N CYS F 463 -32.29 -46.39 -26.09
CA CYS F 463 -31.46 -46.08 -27.24
C CYS F 463 -30.10 -46.78 -27.13
N LYS F 464 -29.58 -47.24 -28.26
CA LYS F 464 -28.28 -47.90 -28.32
C LYS F 464 -27.47 -47.29 -29.45
N ARG F 465 -26.19 -47.04 -29.19
CA ARG F 465 -25.30 -46.48 -30.19
C ARG F 465 -25.06 -47.46 -31.32
N ARG F 466 -24.75 -46.93 -32.50
CA ARG F 466 -24.53 -47.76 -33.67
C ARG F 466 -23.22 -48.54 -33.53
N VAL F 467 -22.92 -49.32 -34.56
CA VAL F 467 -21.70 -50.13 -34.56
C VAL F 467 -20.65 -49.50 -35.48
N PHE G 8 -5.30 -55.74 -15.77
CA PHE G 8 -5.26 -54.29 -15.83
C PHE G 8 -3.84 -53.77 -15.68
N LEU G 9 -3.39 -53.00 -16.67
CA LEU G 9 -2.06 -52.41 -16.66
C LEU G 9 -2.14 -50.97 -16.19
N GLY G 10 -1.17 -50.55 -15.39
CA GLY G 10 -1.17 -49.22 -14.80
C GLY G 10 -0.70 -48.15 -15.77
N PHE G 11 -0.58 -46.94 -15.22
CA PHE G 11 -0.12 -45.80 -16.00
C PHE G 11 1.30 -46.05 -16.50
N LEU G 12 1.51 -45.79 -17.80
CA LEU G 12 2.78 -46.06 -18.48
C LEU G 12 3.21 -47.52 -18.34
N GLY G 13 2.26 -48.43 -18.13
CA GLY G 13 2.62 -49.82 -17.89
C GLY G 13 3.31 -50.47 -19.06
N ALA G 14 2.91 -50.09 -20.29
CA ALA G 14 3.44 -50.69 -21.51
C ALA G 14 4.52 -49.83 -22.15
N ALA G 15 5.32 -49.15 -21.35
CA ALA G 15 6.39 -48.31 -21.91
C ALA G 15 7.41 -49.16 -22.65
N GLY G 16 7.79 -50.31 -22.09
CA GLY G 16 8.72 -51.20 -22.74
C GLY G 16 8.11 -52.23 -23.66
N SER G 17 6.79 -52.32 -23.69
CA SER G 17 6.13 -53.24 -24.60
C SER G 17 6.19 -52.72 -26.04
N THR G 18 5.94 -53.63 -26.98
CA THR G 18 5.89 -53.24 -28.38
C THR G 18 4.71 -52.32 -28.64
N MET G 19 4.70 -51.72 -29.84
CA MET G 19 3.65 -50.77 -30.17
C MET G 19 2.27 -51.41 -30.14
N GLY G 20 2.16 -52.63 -30.67
CA GLY G 20 0.86 -53.28 -30.73
C GLY G 20 0.27 -53.53 -29.36
N ALA G 21 1.09 -53.99 -28.41
CA ALA G 21 0.59 -54.23 -27.07
C ALA G 21 0.37 -52.93 -26.32
N ALA G 22 1.20 -51.92 -26.55
CA ALA G 22 1.05 -50.65 -25.85
C ALA G 22 -0.17 -49.88 -26.32
N SER G 23 -0.57 -50.05 -27.58
CA SER G 23 -1.71 -49.31 -28.12
C SER G 23 -3.02 -49.73 -27.49
N ASN G 24 -3.06 -50.82 -26.74
CA ASN G 24 -4.28 -51.30 -26.09
C ASN G 24 -4.50 -50.68 -24.72
N THR G 25 -3.60 -49.82 -24.25
CA THR G 25 -3.68 -49.23 -22.92
C THR G 25 -3.56 -47.71 -22.99
N LEU G 26 -4.18 -47.10 -23.99
CA LEU G 26 -4.11 -45.65 -24.12
C LEU G 26 -5.04 -44.92 -23.16
N THR G 27 -6.07 -45.61 -22.65
CA THR G 27 -7.04 -44.94 -21.79
C THR G 27 -6.42 -44.46 -20.49
N VAL G 28 -5.55 -45.26 -19.88
CA VAL G 28 -4.95 -44.87 -18.61
C VAL G 28 -4.07 -43.63 -18.79
N GLN G 29 -3.26 -43.62 -19.85
CA GLN G 29 -2.44 -42.44 -20.12
C GLN G 29 -3.31 -41.21 -20.41
N ALA G 30 -4.36 -41.38 -21.22
CA ALA G 30 -5.23 -40.25 -21.52
C ALA G 30 -5.88 -39.70 -20.27
N ARG G 31 -6.29 -40.59 -19.36
CA ARG G 31 -6.85 -40.14 -18.09
C ARG G 31 -5.82 -39.40 -17.24
N GLN G 32 -4.58 -39.91 -17.21
CA GLN G 32 -3.57 -39.33 -16.34
C GLN G 32 -2.97 -38.03 -16.88
N LEU G 33 -3.14 -37.74 -18.18
CA LEU G 33 -2.66 -36.47 -18.69
C LEU G 33 -3.35 -35.26 -18.06
N LEU G 34 -4.52 -35.43 -17.49
CA LEU G 34 -5.21 -34.36 -16.76
C LEU G 34 -5.77 -34.90 -15.45
N SER G 35 -4.96 -35.65 -14.72
CA SER G 35 -5.39 -36.23 -13.46
C SER G 35 -5.68 -35.14 -12.42
N LEU G 54 -5.80 -25.08 -0.44
CA LEU G 54 -5.62 -23.80 -1.11
C LEU G 54 -4.14 -23.44 -1.19
N LEU G 55 -3.84 -22.32 -1.85
CA LEU G 55 -2.48 -21.84 -2.03
C LEU G 55 -2.35 -20.42 -1.48
N GLN G 56 -1.21 -20.14 -0.86
CA GLN G 56 -0.95 -18.83 -0.32
C GLN G 56 -0.58 -17.85 -1.43
N LEU G 57 -0.57 -16.55 -1.08
CA LEU G 57 -0.27 -15.49 -2.03
C LEU G 57 1.22 -15.34 -2.29
N GLY G 58 2.06 -16.08 -1.59
CA GLY G 58 3.50 -15.98 -1.75
C GLY G 58 4.00 -16.66 -3.01
N VAL G 59 5.31 -16.88 -3.04
CA VAL G 59 5.96 -17.48 -4.21
C VAL G 59 5.46 -18.91 -4.43
N TRP G 60 5.26 -19.65 -3.34
CA TRP G 60 4.97 -21.08 -3.43
C TRP G 60 3.65 -21.33 -4.15
N GLY G 61 2.58 -20.68 -3.70
CA GLY G 61 1.28 -20.89 -4.35
C GLY G 61 1.27 -20.39 -5.78
N PHE G 62 1.95 -19.27 -6.04
CA PHE G 62 2.05 -18.76 -7.40
C PHE G 62 2.72 -19.78 -8.31
N LYS G 63 3.82 -20.38 -7.85
CA LYS G 63 4.51 -21.38 -8.65
C LYS G 63 3.61 -22.60 -8.89
N GLN G 64 2.94 -23.08 -7.84
CA GLN G 64 2.10 -24.28 -8.00
C GLN G 64 0.96 -24.02 -8.99
N LEU G 65 0.30 -22.87 -8.88
CA LEU G 65 -0.78 -22.58 -9.79
C LEU G 65 -0.25 -22.30 -11.19
N GLN G 66 1.00 -21.84 -11.30
CA GLN G 66 1.65 -21.74 -12.60
C GLN G 66 1.81 -23.12 -13.24
N THR G 67 2.22 -24.12 -12.45
CA THR G 67 2.31 -25.47 -12.99
C THR G 67 0.93 -25.98 -13.42
N ARG G 68 -0.11 -25.65 -12.64
CA ARG G 68 -1.46 -26.03 -13.04
C ARG G 68 -1.83 -25.42 -14.39
N VAL G 69 -1.53 -24.13 -14.56
CA VAL G 69 -1.82 -23.45 -15.82
C VAL G 69 -1.04 -24.09 -16.96
N LEU G 70 0.24 -24.40 -16.72
CA LEU G 70 1.06 -25.01 -17.76
C LEU G 70 0.50 -26.36 -18.19
N ALA G 71 0.05 -27.17 -17.23
CA ALA G 71 -0.57 -28.44 -17.57
C ALA G 71 -1.83 -28.23 -18.40
N ILE G 72 -2.63 -27.21 -18.05
CA ILE G 72 -3.83 -26.93 -18.82
C ILE G 72 -3.46 -26.53 -20.25
N GLU G 73 -2.43 -25.69 -20.41
CA GLU G 73 -1.99 -25.31 -21.75
C GLU G 73 -1.53 -26.51 -22.55
N ARG G 74 -0.80 -27.42 -21.90
CA ARG G 74 -0.33 -28.61 -22.62
C ARG G 74 -1.51 -29.45 -23.10
N TYR G 75 -2.48 -29.67 -22.22
CA TYR G 75 -3.66 -30.45 -22.60
C TYR G 75 -4.42 -29.78 -23.73
N LEU G 76 -4.62 -28.46 -23.64
CA LEU G 76 -5.37 -27.74 -24.66
C LEU G 76 -4.63 -27.72 -25.99
N GLU G 77 -3.30 -27.63 -25.95
CA GLU G 77 -2.51 -27.62 -27.17
C GLU G 77 -2.64 -28.96 -27.88
N VAL G 78 -2.53 -30.06 -27.13
CA VAL G 78 -2.67 -31.38 -27.75
C VAL G 78 -4.08 -31.55 -28.30
N GLN G 79 -5.09 -31.11 -27.54
CA GLN G 79 -6.46 -31.23 -28.02
C GLN G 79 -6.69 -30.41 -29.29
N GLN G 80 -6.11 -29.21 -29.35
CA GLN G 80 -6.23 -28.38 -30.54
C GLN G 80 -5.58 -29.05 -31.74
N LEU G 81 -4.41 -29.65 -31.54
CA LEU G 81 -3.76 -30.35 -32.65
C LEU G 81 -4.62 -31.51 -33.13
N LEU G 82 -5.17 -32.28 -32.20
CA LEU G 82 -6.03 -33.40 -32.60
C LEU G 82 -7.27 -32.91 -33.34
N GLY G 83 -7.86 -31.81 -32.88
CA GLY G 83 -9.00 -31.25 -33.58
C GLY G 83 -8.66 -30.75 -34.97
N LEU G 84 -7.50 -30.10 -35.10
CA LEU G 84 -7.05 -29.64 -36.42
C LEU G 84 -6.81 -30.80 -37.36
N TRP G 85 -6.40 -31.95 -36.83
CA TRP G 85 -6.23 -33.13 -37.67
C TRP G 85 -7.54 -33.87 -37.93
N GLY G 86 -8.64 -33.40 -37.36
CA GLY G 86 -9.93 -34.05 -37.52
C GLY G 86 -10.16 -35.23 -36.61
N CYS G 87 -9.23 -35.54 -35.71
CA CYS G 87 -9.31 -36.69 -34.83
C CYS G 87 -9.70 -36.31 -33.41
N SER G 88 -10.46 -35.22 -33.24
CA SER G 88 -10.84 -34.78 -31.91
C SER G 88 -11.73 -35.83 -31.24
N GLY G 89 -11.45 -36.09 -29.97
CA GLY G 89 -12.21 -37.04 -29.20
C GLY G 89 -11.92 -38.49 -29.48
N LYS G 90 -10.89 -38.78 -30.29
CA LYS G 90 -10.55 -40.15 -30.67
C LYS G 90 -9.10 -40.40 -30.34
N LEU G 91 -8.83 -41.40 -29.50
CA LEU G 91 -7.46 -41.77 -29.18
C LEU G 91 -6.74 -42.30 -30.42
N ILE G 92 -7.34 -43.25 -31.12
CA ILE G 92 -6.76 -43.81 -32.34
C ILE G 92 -7.61 -43.32 -33.51
N CYS G 93 -6.96 -42.63 -34.45
CA CYS G 93 -7.65 -42.06 -35.59
C CYS G 93 -6.86 -42.31 -36.86
N CYS G 94 -7.51 -42.90 -37.85
CA CYS G 94 -6.90 -43.13 -39.15
C CYS G 94 -7.11 -41.92 -40.04
N THR G 95 -6.06 -41.48 -40.71
CA THR G 95 -6.09 -40.29 -41.54
C THR G 95 -5.83 -40.65 -42.99
N ALA G 96 -5.97 -39.66 -43.86
CA ALA G 96 -5.85 -39.83 -45.30
C ALA G 96 -4.48 -39.44 -45.84
N VAL G 97 -3.54 -39.08 -44.98
CA VAL G 97 -2.21 -38.68 -45.43
C VAL G 97 -1.40 -39.93 -45.77
N PRO G 98 -0.93 -40.06 -47.00
CA PRO G 98 -0.06 -41.20 -47.34
C PRO G 98 1.26 -41.10 -46.59
N TRP G 99 1.80 -42.26 -46.25
CA TRP G 99 3.05 -42.33 -45.50
C TRP G 99 4.22 -42.38 -46.48
N ASN G 100 5.02 -41.32 -46.49
CA ASN G 100 6.20 -41.28 -47.34
C ASN G 100 7.20 -42.34 -46.93
N SER G 101 7.77 -43.03 -47.91
CA SER G 101 8.85 -43.97 -47.62
C SER G 101 10.14 -43.25 -47.24
N SER G 102 10.24 -41.96 -47.55
CA SER G 102 11.41 -41.19 -47.14
C SER G 102 11.52 -41.11 -45.62
N TRP G 103 10.39 -40.92 -44.94
CA TRP G 103 10.40 -40.87 -43.49
C TRP G 103 10.87 -42.19 -42.88
N SER G 104 10.39 -43.30 -43.41
CA SER G 104 10.79 -44.61 -42.93
C SER G 104 10.38 -45.67 -43.96
N ASN G 105 11.20 -46.70 -44.07
CA ASN G 105 10.95 -47.82 -44.97
C ASN G 105 10.76 -49.13 -44.23
N LYS G 106 10.61 -49.08 -42.91
CA LYS G 106 10.56 -50.30 -42.10
C LYS G 106 9.26 -51.05 -42.34
N SER G 107 9.37 -52.39 -42.33
CA SER G 107 8.21 -53.23 -42.55
C SER G 107 7.26 -53.16 -41.34
N GLU G 108 6.03 -53.64 -41.56
CA GLU G 108 4.93 -53.34 -40.64
C GLU G 108 4.87 -54.29 -39.46
N THR G 109 4.91 -55.60 -39.73
CA THR G 109 4.79 -56.56 -38.63
C THR G 109 5.96 -56.40 -37.66
N GLU G 110 7.15 -56.08 -38.16
CA GLU G 110 8.28 -55.87 -37.27
C GLU G 110 8.22 -54.54 -36.55
N ILE G 111 7.67 -53.50 -37.20
CA ILE G 111 7.56 -52.21 -36.52
C ILE G 111 6.48 -52.24 -35.46
N TRP G 112 5.50 -53.14 -35.58
CA TRP G 112 4.42 -53.23 -34.61
C TRP G 112 4.58 -54.38 -33.62
N ASN G 113 5.55 -55.28 -33.83
CA ASN G 113 5.78 -56.36 -32.90
C ASN G 113 7.23 -56.47 -32.45
N ASN G 114 8.07 -55.49 -32.78
CA ASN G 114 9.48 -55.52 -32.44
C ASN G 114 10.02 -54.21 -31.91
N MET G 115 9.30 -53.10 -32.08
CA MET G 115 9.76 -51.78 -31.70
C MET G 115 8.88 -51.21 -30.60
N THR G 116 9.48 -50.45 -29.70
CA THR G 116 8.73 -49.70 -28.70
C THR G 116 8.48 -48.28 -29.21
N TRP G 117 7.66 -47.54 -28.46
CA TRP G 117 7.29 -46.21 -28.89
C TRP G 117 8.48 -45.25 -28.87
N MET G 118 9.37 -45.41 -27.89
CA MET G 118 10.55 -44.55 -27.79
C MET G 118 11.43 -44.64 -29.02
N GLN G 119 11.75 -45.85 -29.47
CA GLN G 119 12.61 -45.99 -30.63
C GLN G 119 11.97 -45.36 -31.86
N TRP G 120 10.65 -45.55 -32.00
CA TRP G 120 9.94 -44.97 -33.13
C TRP G 120 10.05 -43.44 -33.09
N ASP G 121 9.83 -42.87 -31.90
CA ASP G 121 9.89 -41.42 -31.74
C ASP G 121 11.30 -40.93 -32.06
N ARG G 122 12.32 -41.69 -31.65
CA ARG G 122 13.69 -41.32 -31.96
C ARG G 122 13.92 -41.26 -33.47
N GLU G 123 13.41 -42.26 -34.21
CA GLU G 123 13.59 -42.21 -35.66
C GLU G 123 12.85 -41.04 -36.29
N ILE G 124 11.60 -40.80 -35.89
CA ILE G 124 10.77 -39.81 -36.59
C ILE G 124 10.85 -38.42 -35.97
N SER G 125 11.76 -38.19 -35.03
CA SER G 125 11.89 -36.85 -34.45
C SER G 125 12.25 -35.81 -35.51
N ASN G 126 12.83 -36.23 -36.63
CA ASN G 126 13.20 -35.30 -37.69
C ASN G 126 11.99 -34.86 -38.51
N TYR G 127 11.04 -35.77 -38.74
CA TYR G 127 9.95 -35.53 -39.69
C TYR G 127 8.59 -35.34 -39.04
N THR G 128 8.53 -35.16 -37.71
CA THR G 128 7.23 -35.02 -37.07
C THR G 128 6.48 -33.79 -37.56
N ASN G 129 7.19 -32.66 -37.69
CA ASN G 129 6.53 -31.40 -38.01
C ASN G 129 5.92 -31.41 -39.41
N THR G 130 6.63 -31.96 -40.38
CA THR G 130 6.10 -32.05 -41.73
C THR G 130 4.85 -32.92 -41.76
N ILE G 131 4.86 -34.03 -41.02
CA ILE G 131 3.68 -34.88 -40.95
C ILE G 131 2.54 -34.14 -40.29
N TYR G 132 2.83 -33.31 -39.28
CA TYR G 132 1.79 -32.51 -38.66
C TYR G 132 1.11 -31.58 -39.67
N ARG G 133 1.92 -30.83 -40.43
CA ARG G 133 1.31 -29.98 -41.46
C ARG G 133 0.55 -30.80 -42.49
N LEU G 134 1.09 -31.94 -42.92
CA LEU G 134 0.41 -32.74 -43.93
C LEU G 134 -0.94 -33.24 -43.43
N LEU G 135 -0.99 -33.71 -42.18
CA LEU G 135 -2.26 -34.14 -41.60
C LEU G 135 -3.24 -32.99 -41.57
N GLU G 136 -2.78 -31.79 -41.19
CA GLU G 136 -3.71 -30.68 -41.11
C GLU G 136 -4.24 -30.31 -42.49
N GLU G 137 -3.37 -30.28 -43.51
CA GLU G 137 -3.86 -29.90 -44.84
C GLU G 137 -4.82 -30.95 -45.38
N SER G 138 -4.55 -32.22 -45.11
CA SER G 138 -5.50 -33.26 -45.53
C SER G 138 -6.85 -33.04 -44.87
N GLN G 139 -6.86 -32.75 -43.57
CA GLN G 139 -8.14 -32.52 -42.90
C GLN G 139 -8.87 -31.31 -43.47
N PHE G 140 -8.14 -30.22 -43.70
CA PHE G 140 -8.79 -29.01 -44.21
C PHE G 140 -9.35 -29.23 -45.62
N GLN G 141 -8.60 -29.92 -46.47
CA GLN G 141 -9.09 -30.22 -47.80
C GLN G 141 -10.32 -31.13 -47.74
N GLN G 142 -10.30 -32.12 -46.84
CA GLN G 142 -11.46 -32.97 -46.65
C GLN G 142 -12.67 -32.14 -46.25
N GLU G 143 -12.48 -31.18 -45.35
CA GLU G 143 -13.58 -30.33 -44.91
C GLU G 143 -14.13 -29.51 -46.07
N ILE G 144 -13.23 -28.94 -46.89
CA ILE G 144 -13.66 -28.12 -48.02
C ILE G 144 -14.46 -28.96 -49.01
N ASN G 145 -13.97 -30.15 -49.34
CA ASN G 145 -14.68 -31.00 -50.28
C ASN G 145 -16.01 -31.47 -49.72
N GLU G 146 -16.08 -31.77 -48.41
CA GLU G 146 -17.35 -32.17 -47.83
C GLU G 146 -18.37 -31.04 -47.88
N LYS G 147 -17.92 -29.81 -47.58
CA LYS G 147 -18.81 -28.66 -47.70
C LYS G 147 -19.30 -28.48 -49.12
N ASP G 148 -18.40 -28.63 -50.10
CA ASP G 148 -18.80 -28.49 -51.50
C ASP G 148 -19.81 -29.55 -51.90
N LEU G 149 -19.58 -30.80 -51.46
CA LEU G 149 -20.51 -31.88 -51.78
C LEU G 149 -21.88 -31.64 -51.15
N LEU G 150 -21.91 -31.16 -49.91
CA LEU G 150 -23.19 -30.84 -49.27
C LEU G 150 -23.89 -29.70 -50.00
N ALA G 151 -23.13 -28.69 -50.44
CA ALA G 151 -23.71 -27.60 -51.20
C ALA G 151 -24.27 -28.06 -52.54
N LEU G 152 -23.65 -29.09 -53.14
CA LEU G 152 -24.15 -29.61 -54.40
C LEU G 152 -25.55 -30.19 -54.25
N ASP G 153 -25.79 -30.91 -53.16
CA ASP G 153 -27.11 -31.48 -52.89
C ASP G 153 -28.14 -30.39 -52.61
N PRO H 2 0.93 -51.95 -48.86
CA PRO H 2 1.53 -51.11 -49.90
C PRO H 2 1.28 -49.62 -49.65
N ASN H 3 0.08 -49.15 -50.01
CA ASN H 3 -0.27 -47.75 -49.76
C ASN H 3 -0.54 -47.55 -48.28
N LEU H 4 0.24 -46.68 -47.67
CA LEU H 4 0.21 -46.47 -46.23
C LEU H 4 -0.47 -45.15 -45.87
N TRP H 5 -0.91 -45.05 -44.62
CA TRP H 5 -1.56 -43.85 -44.12
C TRP H 5 -1.09 -43.57 -42.70
N VAL H 6 -0.95 -42.30 -42.37
CA VAL H 6 -0.53 -41.91 -41.03
C VAL H 6 -1.66 -42.14 -40.04
N THR H 7 -1.33 -42.71 -38.88
CA THR H 7 -2.29 -42.93 -37.81
C THR H 7 -1.80 -42.22 -36.57
N VAL H 8 -2.71 -41.54 -35.88
CA VAL H 8 -2.39 -40.74 -34.71
C VAL H 8 -2.91 -41.45 -33.47
N TYR H 9 -2.06 -41.54 -32.44
CA TYR H 9 -2.42 -42.19 -31.19
C TYR H 9 -2.28 -41.19 -30.05
N TYR H 10 -3.33 -41.07 -29.25
CA TYR H 10 -3.33 -40.26 -28.05
C TYR H 10 -3.23 -41.16 -26.83
N GLY H 11 -2.25 -40.90 -25.97
CA GLY H 11 -1.96 -41.77 -24.86
C GLY H 11 -0.77 -42.68 -25.06
N VAL H 12 0.09 -42.38 -26.02
CA VAL H 12 1.28 -43.21 -26.28
C VAL H 12 2.21 -43.12 -25.09
N PRO H 13 2.71 -44.24 -24.57
CA PRO H 13 3.69 -44.21 -23.46
C PRO H 13 5.10 -43.87 -23.92
N VAL H 14 5.31 -42.59 -24.23
CA VAL H 14 6.63 -42.07 -24.58
C VAL H 14 6.84 -40.78 -23.78
N TRP H 15 8.10 -40.46 -23.52
CA TRP H 15 8.41 -39.29 -22.71
C TRP H 15 9.75 -38.71 -23.10
N ARG H 16 9.98 -37.47 -22.67
CA ARG H 16 11.21 -36.76 -22.91
C ARG H 16 11.73 -36.20 -21.59
N GLU H 17 13.05 -35.98 -21.53
CA GLU H 17 13.64 -35.33 -20.37
C GLU H 17 13.23 -33.86 -20.34
N ALA H 18 12.75 -33.40 -19.18
CA ALA H 18 12.29 -32.02 -19.07
C ALA H 18 12.40 -31.57 -17.62
N LYS H 19 12.37 -30.26 -17.44
CA LYS H 19 12.44 -29.63 -16.13
C LYS H 19 11.10 -28.97 -15.83
N THR H 20 10.61 -29.17 -14.62
CA THR H 20 9.33 -28.59 -14.22
C THR H 20 9.36 -28.35 -12.71
N THR H 21 8.27 -27.79 -12.20
CA THR H 21 8.13 -27.50 -10.78
C THR H 21 7.18 -28.52 -10.15
N LEU H 22 7.60 -29.10 -9.03
CA LEU H 22 6.80 -30.07 -8.31
C LEU H 22 6.15 -29.40 -7.10
N PHE H 23 5.25 -30.15 -6.46
CA PHE H 23 4.55 -29.65 -5.28
C PHE H 23 4.70 -30.64 -4.14
N CYS H 24 4.56 -30.12 -2.92
CA CYS H 24 4.77 -30.91 -1.71
C CYS H 24 3.66 -31.91 -1.50
N ALA H 25 3.86 -32.77 -0.50
CA ALA H 25 2.86 -33.73 -0.04
C ALA H 25 3.29 -34.29 1.31
N SER H 26 2.41 -34.23 2.30
CA SER H 26 2.73 -34.71 3.64
C SER H 26 1.67 -35.70 4.09
N ASP H 27 2.06 -36.55 5.03
CA ASP H 27 1.17 -37.57 5.54
C ASP H 27 0.00 -36.93 6.29
N ALA H 28 -1.14 -37.64 6.29
CA ALA H 28 -2.33 -37.11 6.94
C ALA H 28 -2.15 -36.95 8.44
N LYS H 29 -1.21 -37.69 9.04
CA LYS H 29 -0.96 -37.53 10.47
C LYS H 29 -0.41 -36.15 10.81
N ALA H 30 0.30 -35.53 9.86
CA ALA H 30 0.85 -34.19 10.09
C ALA H 30 -0.22 -33.12 10.15
N TYR H 31 -1.43 -33.40 9.71
CA TYR H 31 -2.51 -32.43 9.75
C TYR H 31 -3.27 -32.44 11.07
N ASP H 32 -2.95 -33.37 11.97
CA ASP H 32 -3.59 -33.40 13.29
C ASP H 32 -3.01 -32.28 14.13
N ARG H 33 -3.74 -31.16 14.21
CA ARG H 33 -3.29 -29.96 14.88
C ARG H 33 -1.93 -29.54 14.34
N GLU H 34 -1.00 -29.18 15.24
CA GLU H 34 0.38 -28.83 14.91
C GLU H 34 0.49 -27.97 13.67
N VAL H 35 -0.45 -27.03 13.49
CA VAL H 35 -0.46 -26.17 12.31
C VAL H 35 0.82 -25.34 12.26
N HIS H 36 1.42 -25.07 13.40
CA HIS H 36 2.69 -24.33 13.49
C HIS H 36 3.82 -25.30 13.18
N ASN H 37 3.96 -25.61 11.89
CA ASN H 37 5.05 -26.44 11.40
C ASN H 37 5.53 -25.88 10.07
N VAL H 38 6.83 -25.69 9.94
CA VAL H 38 7.37 -25.05 8.74
C VAL H 38 7.12 -25.92 7.51
N TRP H 39 7.32 -27.23 7.62
CA TRP H 39 7.30 -28.10 6.44
C TRP H 39 5.88 -28.29 5.92
N ALA H 40 5.00 -28.85 6.75
CA ALA H 40 3.62 -29.06 6.33
C ALA H 40 2.93 -27.74 6.03
N THR H 41 3.15 -26.73 6.88
CA THR H 41 2.66 -25.35 6.72
C THR H 41 1.19 -25.31 6.31
N HIS H 42 0.42 -26.32 6.73
CA HIS H 42 -1.00 -26.47 6.45
C HIS H 42 -1.35 -26.13 5.00
N ALA H 43 -0.44 -26.41 4.07
CA ALA H 43 -0.66 -26.13 2.66
C ALA H 43 -0.12 -27.25 1.78
N CYS H 44 -0.02 -28.46 2.33
CA CYS H 44 0.42 -29.62 1.59
C CYS H 44 -0.77 -30.54 1.36
N VAL H 45 -0.90 -31.05 0.13
CA VAL H 45 -1.97 -31.98 -0.20
C VAL H 45 -1.72 -33.27 0.56
N PRO H 46 -2.76 -33.96 1.02
CA PRO H 46 -2.56 -35.23 1.72
C PRO H 46 -1.87 -36.25 0.83
N THR H 47 -1.01 -37.06 1.42
CA THR H 47 -0.32 -38.11 0.68
C THR H 47 -1.33 -39.08 0.11
N ASP H 48 -1.13 -39.45 -1.15
CA ASP H 48 -2.01 -40.41 -1.80
C ASP H 48 -1.94 -41.74 -1.06
N PRO H 49 -3.05 -42.29 -0.57
CA PRO H 49 -3.00 -43.59 0.11
C PRO H 49 -2.56 -44.68 -0.85
N ASN H 50 -1.41 -45.29 -0.55
CA ASN H 50 -0.78 -46.28 -1.40
C ASN H 50 -0.64 -45.75 -2.81
N PRO H 51 0.27 -44.81 -3.05
CA PRO H 51 0.41 -44.26 -4.41
C PRO H 51 0.83 -45.33 -5.40
N GLN H 52 0.36 -45.19 -6.63
CA GLN H 52 0.64 -46.18 -7.66
C GLN H 52 2.13 -46.25 -7.95
N GLU H 53 2.61 -47.45 -8.25
CA GLU H 53 4.00 -47.69 -8.59
C GLU H 53 4.03 -48.77 -9.67
N ILE H 54 4.19 -48.36 -10.91
CA ILE H 54 4.14 -49.26 -12.07
C ILE H 54 5.56 -49.60 -12.47
N VAL H 55 5.89 -50.88 -12.44
CA VAL H 55 7.21 -51.34 -12.88
C VAL H 55 7.22 -51.39 -14.41
N LEU H 56 8.20 -50.72 -15.01
CA LEU H 56 8.33 -50.66 -16.46
C LEU H 56 9.38 -51.68 -16.89
N GLU H 57 8.97 -52.65 -17.69
CA GLU H 57 9.86 -53.71 -18.13
C GLU H 57 10.51 -53.35 -19.46
N ASN H 58 11.67 -53.97 -19.71
CA ASN H 58 12.36 -53.85 -21.00
C ASN H 58 12.67 -52.40 -21.36
N VAL H 59 13.01 -51.60 -20.35
CA VAL H 59 13.30 -50.18 -20.55
C VAL H 59 14.57 -49.82 -19.78
N THR H 60 15.42 -49.01 -20.40
CA THR H 60 16.66 -48.55 -19.79
C THR H 60 16.74 -47.04 -19.93
N GLU H 61 16.90 -46.34 -18.81
CA GLU H 61 16.94 -44.89 -18.79
C GLU H 61 18.24 -44.41 -18.16
N ASN H 62 18.74 -43.28 -18.67
CA ASN H 62 20.01 -42.71 -18.22
C ASN H 62 19.72 -41.69 -17.12
N PHE H 63 20.01 -42.07 -15.88
CA PHE H 63 19.89 -41.16 -14.75
C PHE H 63 21.19 -40.39 -14.55
N ASN H 64 21.09 -39.28 -13.82
CA ASN H 64 22.27 -38.49 -13.49
C ASN H 64 21.97 -37.73 -12.20
N MET H 65 22.49 -38.23 -11.08
CA MET H 65 22.26 -37.58 -9.79
C MET H 65 22.89 -36.19 -9.71
N TRP H 66 23.96 -35.95 -10.45
CA TRP H 66 24.71 -34.70 -10.31
C TRP H 66 24.17 -33.60 -11.20
N LYS H 67 23.69 -33.93 -12.39
CA LYS H 67 23.00 -32.97 -13.23
C LYS H 67 21.49 -32.98 -12.98
N ASN H 68 21.05 -33.69 -11.94
CA ASN H 68 19.63 -33.83 -11.66
C ASN H 68 19.03 -32.50 -11.22
N ASP H 69 17.81 -32.24 -11.69
CA ASP H 69 16.97 -31.20 -11.13
C ASP H 69 16.31 -31.72 -9.87
N MET H 70 15.26 -31.03 -9.42
CA MET H 70 14.43 -31.36 -8.25
C MET H 70 15.29 -31.47 -6.99
N VAL H 71 16.54 -31.05 -7.09
CA VAL H 71 17.41 -30.82 -5.95
C VAL H 71 17.61 -29.34 -5.72
N ASP H 72 17.91 -28.60 -6.79
CA ASP H 72 17.89 -27.14 -6.72
C ASP H 72 16.50 -26.64 -6.41
N GLN H 73 15.47 -27.27 -7.00
CA GLN H 73 14.09 -26.91 -6.69
C GLN H 73 13.80 -27.16 -5.22
N MET H 74 14.24 -28.29 -4.67
CA MET H 74 14.02 -28.57 -3.26
C MET H 74 14.75 -27.57 -2.38
N HIS H 75 15.99 -27.21 -2.75
CA HIS H 75 16.74 -26.24 -1.98
C HIS H 75 16.04 -24.89 -1.95
N GLU H 76 15.57 -24.43 -3.12
CA GLU H 76 14.83 -23.17 -3.17
C GLU H 76 13.54 -23.25 -2.36
N ASP H 77 12.84 -24.38 -2.43
CA ASP H 77 11.62 -24.55 -1.66
C ASP H 77 11.89 -24.46 -0.17
N ILE H 78 12.96 -25.12 0.30
CA ILE H 78 13.27 -25.08 1.73
C ILE H 78 13.65 -23.68 2.16
N ILE H 79 14.44 -22.98 1.35
CA ILE H 79 14.85 -21.62 1.72
C ILE H 79 13.63 -20.70 1.79
N SER H 80 12.76 -20.77 0.78
CA SER H 80 11.58 -19.92 0.78
C SER H 80 10.64 -20.28 1.92
N LEU H 81 10.52 -21.57 2.24
CA LEU H 81 9.67 -21.98 3.34
C LEU H 81 10.18 -21.45 4.67
N TRP H 82 11.50 -21.52 4.88
CA TRP H 82 12.08 -20.97 6.10
C TRP H 82 11.86 -19.46 6.18
N ASP H 83 12.04 -18.76 5.06
CA ASP H 83 11.82 -17.32 5.05
C ASP H 83 10.37 -16.98 5.38
N GLN H 84 9.42 -17.70 4.76
CA GLN H 84 8.02 -17.45 5.02
C GLN H 84 7.66 -17.71 6.47
N SER H 85 8.17 -18.80 7.04
CA SER H 85 7.85 -19.11 8.43
C SER H 85 8.48 -18.11 9.38
N LEU H 86 9.67 -17.61 9.08
CA LEU H 86 10.34 -16.67 9.97
C LEU H 86 9.94 -15.23 9.74
N LYS H 87 9.14 -14.96 8.71
CA LYS H 87 8.72 -13.58 8.45
C LYS H 87 7.96 -12.94 9.62
N PRO H 88 6.95 -13.58 10.22
CA PRO H 88 6.21 -12.89 11.30
C PRO H 88 6.91 -12.87 12.64
N CYS H 89 8.01 -13.59 12.82
CA CYS H 89 8.66 -13.64 14.12
C CYS H 89 9.41 -12.34 14.41
N VAL H 90 9.79 -12.18 15.67
CA VAL H 90 10.39 -10.93 16.15
C VAL H 90 11.84 -10.84 15.68
N LYS H 91 12.20 -9.68 15.14
CA LYS H 91 13.56 -9.42 14.70
C LYS H 91 14.36 -8.78 15.83
N LEU H 92 15.55 -9.31 16.09
CA LEU H 92 16.38 -8.83 17.19
C LEU H 92 17.25 -7.65 16.78
N THR H 93 16.63 -6.65 16.16
CA THR H 93 17.35 -5.40 15.90
C THR H 93 17.78 -4.69 17.17
N PRO H 94 16.94 -4.56 18.21
CA PRO H 94 17.40 -3.87 19.42
C PRO H 94 18.53 -4.57 20.14
N LEU H 95 18.78 -5.85 19.84
CA LEU H 95 19.77 -6.61 20.60
C LEU H 95 21.19 -6.14 20.36
N CYS H 96 21.45 -5.45 19.25
CA CYS H 96 22.79 -4.92 18.99
C CYS H 96 23.01 -3.69 19.85
N VAL H 97 23.43 -3.94 21.09
CA VAL H 97 23.93 -2.91 22.00
C VAL H 97 25.17 -3.48 22.67
N THR H 98 25.95 -2.59 23.28
CA THR H 98 27.12 -3.04 24.00
C THR H 98 26.70 -3.86 25.20
N LEU H 99 27.19 -5.10 25.27
CA LEU H 99 26.91 -5.99 26.38
C LEU H 99 28.09 -6.01 27.32
N GLU H 100 27.83 -5.81 28.62
CA GLU H 100 28.87 -5.87 29.64
C GLU H 100 28.83 -7.28 30.22
N CYS H 101 29.60 -8.18 29.64
CA CYS H 101 29.58 -9.58 30.00
C CYS H 101 30.69 -9.91 31.00
N THR H 102 30.41 -10.88 31.86
CA THR H 102 31.37 -11.38 32.82
C THR H 102 31.27 -12.90 32.87
N ALA H 103 32.37 -13.55 33.21
CA ALA H 103 32.40 -15.00 33.32
C ALA H 103 31.64 -15.41 34.57
N PHE H 104 30.38 -15.82 34.40
CA PHE H 104 29.53 -16.09 35.54
C PHE H 104 29.99 -17.34 36.28
N ASN H 105 29.98 -17.25 37.60
CA ASN H 105 30.54 -18.26 38.49
C ASN H 105 29.43 -18.76 39.41
N SER H 106 28.85 -19.91 39.08
CA SER H 106 27.89 -20.55 39.95
C SER H 106 28.62 -21.41 40.98
N SER H 107 27.85 -22.11 41.81
CA SER H 107 28.46 -23.03 42.77
C SER H 107 29.19 -24.15 42.06
N SER H 108 28.62 -24.67 40.97
CA SER H 108 29.27 -25.73 40.22
C SER H 108 30.54 -25.23 39.55
N HIS H 109 30.53 -24.00 39.04
CA HIS H 109 31.73 -23.44 38.43
C HIS H 109 32.87 -23.32 39.43
N THR H 110 32.55 -22.88 40.65
CA THR H 110 33.56 -22.84 41.71
C THR H 110 34.06 -24.25 42.03
N ASN H 111 33.16 -25.22 42.04
CA ASN H 111 33.51 -26.62 42.28
C ASN H 111 34.41 -27.16 41.17
N ALA H 115 32.79 -27.00 32.27
CA ALA H 115 32.78 -26.35 30.97
C ALA H 115 32.04 -25.01 31.02
N MET H 116 32.24 -24.28 32.12
CA MET H 116 31.54 -23.01 32.30
C MET H 116 32.19 -21.86 31.55
N GLN H 117 33.36 -22.08 30.96
CA GLN H 117 33.95 -21.09 30.06
C GLN H 117 33.20 -21.00 28.74
N GLU H 118 32.26 -21.90 28.49
CA GLU H 118 31.46 -21.89 27.27
C GLU H 118 30.31 -20.88 27.34
N MET H 119 30.08 -20.26 28.48
CA MET H 119 28.97 -19.33 28.64
C MET H 119 29.44 -18.10 29.40
N LYS H 120 28.74 -16.99 29.19
CA LYS H 120 29.02 -15.74 29.88
C LYS H 120 27.70 -15.10 30.29
N ASN H 121 27.78 -14.22 31.28
CA ASN H 121 26.62 -13.50 31.81
C ASN H 121 26.71 -12.04 31.37
N CYS H 122 25.80 -11.63 30.49
CA CYS H 122 25.84 -10.33 29.86
C CYS H 122 24.69 -9.47 30.35
N SER H 123 25.01 -8.26 30.80
CA SER H 123 24.01 -7.28 31.22
C SER H 123 24.09 -6.07 30.31
N PHE H 124 22.93 -5.58 29.87
CA PHE H 124 22.88 -4.50 28.90
C PHE H 124 21.60 -3.70 29.09
N ASN H 125 21.62 -2.47 28.57
CA ASN H 125 20.44 -1.61 28.62
C ASN H 125 19.54 -1.93 27.44
N MET H 126 18.26 -2.10 27.71
CA MET H 126 17.28 -2.47 26.69
C MET H 126 16.09 -1.53 26.76
N THR H 127 15.52 -1.22 25.59
CA THR H 127 14.38 -0.33 25.53
C THR H 127 13.12 -1.03 26.06
N THR H 128 12.40 -0.36 26.94
CA THR H 128 11.16 -0.87 27.48
C THR H 128 10.04 -0.63 26.47
N GLU H 129 8.79 -0.77 26.92
CA GLU H 129 7.66 -0.48 26.05
C GLU H 129 7.61 0.98 25.65
N LEU H 130 8.27 1.86 26.40
CA LEU H 130 8.35 3.28 26.07
C LEU H 130 9.70 3.56 25.45
N ARG H 131 9.70 4.27 24.32
CA ARG H 131 10.93 4.49 23.57
C ARG H 131 11.91 5.41 24.30
N ASP H 132 11.46 6.11 25.33
CA ASP H 132 12.30 7.04 26.06
C ASP H 132 12.77 6.49 27.40
N LYS H 133 12.49 5.22 27.69
CA LYS H 133 12.91 4.60 28.93
C LYS H 133 13.72 3.34 28.64
N LYS H 134 14.82 3.18 29.38
CA LYS H 134 15.70 2.03 29.23
C LYS H 134 15.86 1.34 30.58
N LYS H 135 15.88 0.02 30.56
CA LYS H 135 16.07 -0.78 31.76
C LYS H 135 17.24 -1.73 31.55
N LYS H 136 17.96 -2.03 32.63
CA LYS H 136 19.13 -2.89 32.58
C LYS H 136 18.68 -4.33 32.78
N VAL H 137 18.76 -5.13 31.72
CA VAL H 137 18.41 -6.54 31.77
C VAL H 137 19.68 -7.36 31.72
N SER H 138 19.56 -8.66 31.99
CA SER H 138 20.69 -9.57 31.97
C SER H 138 20.27 -10.88 31.32
N ALA H 139 21.24 -11.57 30.73
CA ALA H 139 20.98 -12.83 30.06
C ALA H 139 22.29 -13.62 29.98
N LEU H 140 22.14 -14.93 29.83
CA LEU H 140 23.29 -15.83 29.67
C LEU H 140 23.46 -16.15 28.20
N PHE H 141 24.66 -15.90 27.68
CA PHE H 141 24.96 -16.09 26.27
C PHE H 141 26.11 -17.07 26.12
N TYR H 142 26.00 -17.96 25.14
CA TYR H 142 27.10 -18.83 24.79
C TYR H 142 28.25 -18.01 24.24
N LYS H 143 29.47 -18.39 24.61
CA LYS H 143 30.65 -17.64 24.18
C LYS H 143 30.79 -17.64 22.67
N LEU H 144 30.28 -18.66 21.99
CA LEU H 144 30.42 -18.75 20.54
C LEU H 144 29.61 -17.67 19.83
N ASP H 145 28.55 -17.17 20.45
CA ASP H 145 27.72 -16.12 19.86
C ASP H 145 28.15 -14.72 20.26
N ILE H 146 29.24 -14.60 21.02
CA ILE H 146 29.68 -13.32 21.56
C ILE H 146 31.04 -12.99 20.95
N VAL H 147 31.20 -11.73 20.53
CA VAL H 147 32.43 -11.26 19.90
C VAL H 147 32.93 -10.07 20.71
N PRO H 148 34.19 -10.07 21.15
CA PRO H 148 34.69 -8.93 21.93
C PRO H 148 34.73 -7.65 21.12
N LEU H 149 34.54 -6.54 21.82
CA LEU H 149 34.65 -5.22 21.21
C LEU H 149 36.05 -4.65 21.36
N ASN H 150 36.52 -4.54 22.59
CA ASN H 150 37.84 -4.00 22.91
C ASN H 150 38.72 -5.10 23.47
N LYS H 151 39.99 -4.76 23.71
CA LYS H 151 40.98 -5.74 24.13
C LYS H 151 41.00 -6.01 25.62
N ASN H 152 40.29 -5.21 26.42
CA ASN H 152 40.27 -5.43 27.86
C ASN H 152 39.32 -6.56 28.27
N GLY H 153 38.56 -7.10 27.34
CA GLY H 153 37.74 -8.27 27.62
C GLY H 153 36.61 -8.05 28.60
N ARG H 154 35.89 -6.93 28.48
CA ARG H 154 34.74 -6.66 29.33
C ARG H 154 33.47 -6.44 28.53
N GLN H 155 33.54 -5.75 27.40
CA GLN H 155 32.38 -5.41 26.60
C GLN H 155 32.39 -6.25 25.33
N TYR H 156 31.27 -6.92 25.07
CA TYR H 156 31.14 -7.77 23.89
C TYR H 156 29.90 -7.37 23.09
N ARG H 157 29.61 -8.12 22.03
CA ARG H 157 28.43 -7.87 21.22
C ARG H 157 28.06 -9.16 20.51
N LEU H 158 26.83 -9.22 20.01
CA LEU H 158 26.39 -10.39 19.29
C LEU H 158 27.20 -10.58 18.01
N ILE H 159 27.42 -11.84 17.65
CA ILE H 159 28.28 -12.15 16.50
C ILE H 159 27.68 -11.67 15.19
N ASN H 160 26.37 -11.52 15.12
CA ASN H 160 25.70 -11.22 13.86
C ASN H 160 25.52 -9.74 13.60
N CYS H 161 25.87 -8.88 14.55
CA CYS H 161 25.36 -7.51 14.52
C CYS H 161 26.06 -6.62 13.50
N ASN H 162 27.24 -7.02 13.01
CA ASN H 162 27.87 -6.32 11.89
C ASN H 162 27.65 -7.05 10.57
N THR H 163 26.80 -8.06 10.55
CA THR H 163 26.51 -8.83 9.36
C THR H 163 25.06 -8.72 8.90
N SER H 164 24.11 -9.02 9.77
CA SER H 164 22.69 -8.96 9.43
C SER H 164 21.89 -9.07 10.72
N THR H 165 20.61 -8.70 10.64
CA THR H 165 19.74 -8.75 11.80
C THR H 165 19.17 -10.15 11.95
N CYS H 166 19.44 -10.78 13.08
CA CYS H 166 18.90 -12.11 13.34
C CYS H 166 17.40 -12.03 13.65
N THR H 167 16.70 -13.09 13.32
CA THR H 167 15.27 -13.22 13.59
C THR H 167 15.06 -14.38 14.55
N GLN H 168 14.43 -14.10 15.69
CA GLN H 168 14.14 -15.16 16.63
C GLN H 168 13.22 -16.20 15.99
N ILE H 169 13.54 -17.47 16.18
CA ILE H 169 12.63 -18.51 15.75
C ILE H 169 11.37 -18.43 16.59
N CYS H 170 10.22 -18.45 15.94
CA CYS H 170 8.95 -18.36 16.66
C CYS H 170 8.85 -19.53 17.63
N PRO H 171 8.69 -19.27 18.94
CA PRO H 171 8.69 -20.38 19.91
C PRO H 171 7.59 -21.39 19.68
N LYS H 172 6.43 -20.95 19.20
CA LYS H 172 5.33 -21.88 18.95
C LYS H 172 5.48 -22.62 17.64
N VAL H 173 6.35 -22.18 16.76
CA VAL H 173 6.54 -22.80 15.45
C VAL H 173 7.52 -23.96 15.59
N SER H 174 7.10 -25.14 15.17
CA SER H 174 7.94 -26.32 15.16
C SER H 174 8.60 -26.49 13.80
N PHE H 175 9.82 -27.01 13.80
CA PHE H 175 10.56 -27.20 12.57
C PHE H 175 11.31 -28.53 12.51
N ASP H 176 10.85 -29.53 13.25
CA ASP H 176 11.44 -30.86 13.15
C ASP H 176 11.16 -31.44 11.78
N PRO H 177 12.13 -32.13 11.16
CA PRO H 177 11.94 -32.63 9.79
C PRO H 177 10.88 -33.71 9.74
N ILE H 178 9.80 -33.43 9.02
CA ILE H 178 8.74 -34.41 8.80
C ILE H 178 8.83 -34.88 7.35
N PRO H 179 8.40 -36.10 7.03
CA PRO H 179 8.53 -36.58 5.65
C PRO H 179 7.77 -35.70 4.67
N ILE H 180 8.37 -35.50 3.50
CA ILE H 180 7.78 -34.69 2.43
C ILE H 180 7.95 -35.45 1.12
N HIS H 181 6.86 -35.56 0.37
CA HIS H 181 6.87 -36.21 -0.93
C HIS H 181 6.74 -35.15 -2.03
N TYR H 182 7.54 -35.28 -3.07
CA TYR H 182 7.50 -34.37 -4.21
C TYR H 182 6.71 -35.03 -5.33
N CYS H 183 5.68 -34.36 -5.81
CA CYS H 183 4.76 -34.90 -6.80
C CYS H 183 4.76 -34.02 -8.05
N THR H 184 4.83 -34.66 -9.21
CA THR H 184 4.76 -33.95 -10.48
C THR H 184 3.32 -33.54 -10.79
N PRO H 185 3.14 -32.45 -11.52
CA PRO H 185 1.78 -32.08 -11.96
C PRO H 185 1.29 -33.01 -13.05
N ALA H 186 0.08 -32.76 -13.56
CA ALA H 186 -0.44 -33.57 -14.65
C ALA H 186 0.43 -33.40 -15.89
N GLY H 187 0.59 -34.48 -16.64
CA GLY H 187 1.42 -34.47 -17.82
C GLY H 187 2.89 -34.71 -17.58
N TYR H 188 3.30 -34.97 -16.33
CA TYR H 188 4.67 -35.29 -16.00
C TYR H 188 4.71 -36.54 -15.14
N ALA H 189 5.84 -37.24 -15.20
CA ALA H 189 5.99 -38.49 -14.46
C ALA H 189 7.38 -38.55 -13.83
N ILE H 190 7.49 -39.31 -12.76
CA ILE H 190 8.74 -39.53 -12.05
C ILE H 190 9.20 -40.95 -12.32
N LEU H 191 10.46 -41.10 -12.74
CA LEU H 191 11.06 -42.39 -12.99
C LEU H 191 11.98 -42.74 -11.83
N LYS H 192 11.68 -43.83 -11.13
CA LYS H 192 12.46 -44.30 -10.00
C LYS H 192 13.29 -45.50 -10.42
N CYS H 193 14.60 -45.40 -10.23
CA CYS H 193 15.52 -46.48 -10.57
C CYS H 193 15.57 -47.47 -9.42
N ASN H 194 15.12 -48.70 -9.67
CA ASN H 194 15.10 -49.74 -8.66
C ASN H 194 16.32 -50.65 -8.70
N ASN H 195 17.29 -50.37 -9.58
CA ASN H 195 18.54 -51.11 -9.61
C ASN H 195 19.24 -50.94 -8.27
N LYS H 196 19.37 -52.04 -7.52
CA LYS H 196 19.83 -51.96 -6.14
C LYS H 196 21.31 -51.59 -6.03
N THR H 197 22.10 -51.78 -7.08
CA THR H 197 23.51 -51.44 -7.08
C THR H 197 23.81 -50.20 -7.92
N PHE H 198 22.82 -49.33 -8.09
CA PHE H 198 22.99 -48.15 -8.91
C PHE H 198 23.86 -47.14 -8.18
N ASN H 199 24.87 -46.62 -8.88
CA ASN H 199 25.80 -45.66 -8.29
C ASN H 199 25.39 -44.22 -8.52
N GLY H 200 24.17 -43.98 -9.02
CA GLY H 200 23.67 -42.64 -9.20
C GLY H 200 23.91 -42.01 -10.56
N THR H 201 24.61 -42.70 -11.46
CA THR H 201 24.87 -42.15 -12.78
C THR H 201 24.86 -43.29 -13.79
N GLY H 202 24.48 -42.98 -15.03
CA GLY H 202 24.48 -43.94 -16.10
C GLY H 202 23.16 -44.67 -16.25
N PRO H 203 23.13 -45.66 -17.13
CA PRO H 203 21.88 -46.38 -17.38
C PRO H 203 21.43 -47.19 -16.17
N CYS H 204 20.12 -47.36 -16.05
CA CYS H 204 19.50 -48.13 -14.98
C CYS H 204 18.56 -49.16 -15.59
N ASN H 205 18.83 -50.44 -15.32
CA ASN H 205 18.07 -51.51 -15.95
C ASN H 205 16.63 -51.52 -15.46
N ASN H 206 16.43 -51.52 -14.14
CA ASN H 206 15.11 -51.66 -13.54
C ASN H 206 14.54 -50.29 -13.24
N VAL H 207 13.47 -49.92 -13.94
CA VAL H 207 12.87 -48.60 -13.82
C VAL H 207 11.41 -48.76 -13.42
N SER H 208 10.89 -47.74 -12.74
CA SER H 208 9.49 -47.73 -12.31
C SER H 208 8.98 -46.30 -12.40
N THR H 209 7.66 -46.15 -12.43
CA THR H 209 7.02 -44.84 -12.54
C THR H 209 6.13 -44.62 -11.33
N VAL H 210 6.29 -43.46 -10.69
CA VAL H 210 5.47 -43.07 -9.55
C VAL H 210 5.04 -41.62 -9.73
N GLN H 211 4.02 -41.23 -8.98
CA GLN H 211 3.55 -39.86 -8.99
C GLN H 211 4.24 -39.01 -7.94
N CYS H 212 4.50 -39.57 -6.76
CA CYS H 212 5.16 -38.86 -5.68
C CYS H 212 6.36 -39.65 -5.20
N THR H 213 7.41 -38.94 -4.80
CA THR H 213 8.59 -39.57 -4.24
C THR H 213 8.28 -40.12 -2.85
N HIS H 214 9.19 -40.96 -2.35
CA HIS H 214 9.03 -41.49 -1.02
C HIS H 214 9.21 -40.39 0.02
N GLY H 215 8.84 -40.70 1.26
CA GLY H 215 8.96 -39.74 2.34
C GLY H 215 10.38 -39.27 2.57
N ILE H 216 10.66 -38.02 2.22
CA ILE H 216 12.00 -37.45 2.34
C ILE H 216 11.96 -36.39 3.44
N LYS H 217 12.70 -36.63 4.51
CA LYS H 217 12.78 -35.70 5.62
C LYS H 217 13.85 -34.66 5.31
N PRO H 218 13.52 -33.37 5.30
CA PRO H 218 14.54 -32.32 5.05
C PRO H 218 15.41 -32.07 6.28
N VAL H 219 16.41 -32.92 6.46
CA VAL H 219 17.33 -32.85 7.59
C VAL H 219 18.56 -32.07 7.16
N VAL H 220 18.91 -31.05 7.93
CA VAL H 220 20.08 -30.23 7.66
C VAL H 220 21.18 -30.69 8.61
N SER H 221 22.25 -31.24 8.05
CA SER H 221 23.35 -31.75 8.85
C SER H 221 24.61 -31.76 8.00
N THR H 222 25.76 -31.82 8.66
CA THR H 222 27.05 -31.83 8.00
C THR H 222 27.88 -32.99 8.50
N GLN H 223 28.65 -33.60 7.59
CA GLN H 223 29.62 -34.65 7.88
C GLN H 223 28.96 -35.97 8.23
N LEU H 224 27.64 -35.98 8.40
CA LEU H 224 26.93 -37.19 8.81
C LEU H 224 25.49 -37.04 8.39
N LEU H 225 25.08 -37.77 7.35
CA LEU H 225 23.69 -37.77 6.95
C LEU H 225 22.87 -38.56 7.98
N LEU H 226 21.79 -37.96 8.45
CA LEU H 226 20.98 -38.52 9.52
C LEU H 226 19.55 -38.77 9.04
N ASN H 227 18.96 -39.84 9.53
CA ASN H 227 17.54 -40.13 9.32
C ASN H 227 17.18 -40.28 7.85
N GLY H 228 18.14 -40.69 7.03
CA GLY H 228 17.90 -40.89 5.62
C GLY H 228 17.51 -42.34 5.31
N SER H 229 17.39 -42.61 4.01
CA SER H 229 17.16 -43.96 3.56
C SER H 229 18.44 -44.78 3.66
N LEU H 230 18.31 -46.09 3.47
CA LEU H 230 19.41 -47.02 3.59
C LEU H 230 19.58 -47.81 2.31
N ALA H 231 20.82 -48.08 1.94
CA ALA H 231 21.10 -48.93 0.80
C ALA H 231 20.62 -50.36 1.08
N GLU H 232 20.23 -51.06 0.01
CA GLU H 232 19.62 -52.37 0.16
C GLU H 232 20.65 -53.49 0.22
N GLU H 233 21.64 -53.48 -0.68
CA GLU H 233 22.56 -54.59 -0.82
C GLU H 233 23.93 -54.30 -0.23
N ASP H 234 24.52 -53.14 -0.53
CA ASP H 234 25.88 -52.85 -0.13
C ASP H 234 26.07 -51.35 0.01
N ILE H 235 27.13 -50.97 0.73
CA ILE H 235 27.50 -49.57 0.81
C ILE H 235 27.86 -49.06 -0.56
N ILE H 236 27.32 -47.90 -0.93
CA ILE H 236 27.48 -47.34 -2.26
C ILE H 236 28.24 -46.02 -2.14
N ILE H 237 29.30 -45.88 -2.92
CA ILE H 237 30.09 -44.65 -2.98
C ILE H 237 29.76 -43.94 -4.27
N ARG H 238 29.37 -42.67 -4.16
CA ARG H 238 28.92 -41.90 -5.31
C ARG H 238 29.74 -40.62 -5.43
N SER H 239 30.15 -40.30 -6.65
CA SER H 239 30.89 -39.07 -6.91
C SER H 239 30.64 -38.66 -8.35
N GLU H 240 30.55 -37.35 -8.58
CA GLU H 240 30.41 -36.85 -9.94
C GLU H 240 31.63 -37.21 -10.78
N ASN H 241 32.82 -37.09 -10.19
CA ASN H 241 34.06 -37.42 -10.88
C ASN H 241 35.06 -37.78 -9.80
N LEU H 242 35.28 -39.09 -9.61
CA LEU H 242 36.13 -39.54 -8.50
C LEU H 242 37.54 -39.03 -8.63
N THR H 243 38.09 -39.02 -9.85
CA THR H 243 39.44 -38.50 -10.05
C THR H 243 39.53 -37.00 -9.79
N ASN H 244 38.40 -36.30 -9.78
CA ASN H 244 38.36 -34.88 -9.43
C ASN H 244 38.16 -34.76 -7.93
N ASN H 245 39.16 -34.24 -7.24
CA ASN H 245 39.08 -34.12 -5.78
C ASN H 245 38.07 -33.08 -5.34
N ALA H 246 37.72 -32.12 -6.20
CA ALA H 246 36.83 -31.05 -5.81
C ALA H 246 35.39 -31.52 -5.58
N LYS H 247 35.04 -32.72 -6.01
CA LYS H 247 33.69 -33.24 -5.89
C LYS H 247 33.57 -34.07 -4.62
N THR H 248 32.56 -33.77 -3.81
CA THR H 248 32.34 -34.51 -2.57
C THR H 248 31.95 -35.95 -2.89
N ILE H 249 32.33 -36.85 -1.99
CA ILE H 249 32.06 -38.28 -2.12
C ILE H 249 30.95 -38.62 -1.15
N ILE H 250 29.79 -38.98 -1.68
CA ILE H 250 28.65 -39.37 -0.85
C ILE H 250 28.70 -40.87 -0.62
N VAL H 251 28.77 -41.27 0.64
CA VAL H 251 28.81 -42.67 1.03
C VAL H 251 27.45 -43.03 1.64
N HIS H 252 26.82 -44.06 1.10
CA HIS H 252 25.52 -44.52 1.57
C HIS H 252 25.69 -45.83 2.32
N LEU H 253 25.21 -45.88 3.55
CA LEU H 253 25.34 -47.07 4.38
C LEU H 253 24.12 -47.96 4.22
N ASN H 254 24.36 -49.27 4.18
CA ASN H 254 23.27 -50.23 4.08
C ASN H 254 22.68 -50.61 5.44
N GLU H 255 23.32 -50.23 6.54
CA GLU H 255 22.77 -50.42 7.87
C GLU H 255 23.11 -49.22 8.72
N SER H 256 22.11 -48.67 9.40
CA SER H 256 22.28 -47.44 10.15
C SER H 256 23.11 -47.66 11.40
N VAL H 257 23.77 -46.60 11.85
CA VAL H 257 24.53 -46.59 13.10
C VAL H 257 23.84 -45.62 14.03
N GLU H 258 23.30 -46.14 15.14
CA GLU H 258 22.52 -45.30 16.04
C GLU H 258 23.43 -44.33 16.79
N ILE H 259 23.01 -43.07 16.84
CA ILE H 259 23.70 -42.03 17.59
C ILE H 259 22.69 -41.35 18.51
N VAL H 260 23.04 -41.22 19.77
CA VAL H 260 22.17 -40.62 20.79
C VAL H 260 22.87 -39.40 21.35
N CYS H 261 22.18 -38.26 21.33
CA CYS H 261 22.73 -36.99 21.78
C CYS H 261 21.89 -36.43 22.92
N ILE H 262 22.57 -35.87 23.91
CA ILE H 262 21.90 -35.36 25.11
C ILE H 262 22.49 -34.00 25.48
N ARG H 263 21.63 -33.14 26.00
CA ARG H 263 22.05 -31.89 26.64
C ARG H 263 21.58 -31.94 28.09
N PRO H 264 22.45 -32.35 29.03
CA PRO H 264 21.96 -32.68 30.37
C PRO H 264 21.72 -31.49 31.28
N ASN H 265 22.18 -30.30 30.92
CA ASN H 265 21.99 -29.14 31.78
C ASN H 265 20.52 -28.79 31.89
N ASN H 266 20.12 -28.33 33.08
CA ASN H 266 18.74 -27.92 33.32
C ASN H 266 18.66 -26.40 33.14
N MET H 267 18.52 -25.99 31.89
CA MET H 267 18.49 -24.58 31.57
C MET H 267 17.17 -23.94 31.97
N THR H 268 17.20 -22.63 32.21
CA THR H 268 16.03 -21.85 32.56
C THR H 268 15.80 -20.77 31.53
N ARG H 269 14.54 -20.46 31.27
CA ARG H 269 14.17 -19.50 30.25
C ARG H 269 13.76 -18.17 30.89
N LYS H 270 14.06 -17.08 30.18
CA LYS H 270 13.78 -15.73 30.64
C LYS H 270 13.17 -14.93 29.50
N SER H 271 12.16 -14.14 29.80
CA SER H 271 11.49 -13.33 28.80
C SER H 271 11.83 -11.87 29.01
N ILE H 272 12.26 -11.21 27.93
CA ILE H 272 12.62 -9.79 27.96
C ILE H 272 11.73 -9.06 26.96
N ARG H 273 11.10 -7.98 27.41
CA ARG H 273 10.19 -7.21 26.56
C ARG H 273 11.03 -6.34 25.64
N ILE H 274 11.13 -6.74 24.37
CA ILE H 274 11.88 -5.96 23.39
C ILE H 274 11.17 -4.63 23.14
N GLY H 275 9.87 -4.66 22.91
CA GLY H 275 9.08 -3.48 22.64
C GLY H 275 7.61 -3.77 22.75
N PRO H 276 6.81 -3.19 21.87
CA PRO H 276 5.36 -3.45 21.89
C PRO H 276 5.02 -4.84 21.39
N GLY H 277 4.66 -5.74 22.30
CA GLY H 277 4.29 -7.09 21.91
C GLY H 277 5.43 -7.96 21.47
N GLN H 278 6.67 -7.56 21.74
CA GLN H 278 7.86 -8.31 21.34
C GLN H 278 8.51 -8.90 22.58
N THR H 279 8.69 -10.21 22.60
CA THR H 279 9.36 -10.91 23.69
C THR H 279 10.56 -11.66 23.15
N PHE H 280 11.71 -11.46 23.78
CA PHE H 280 12.96 -12.11 23.40
C PHE H 280 13.32 -13.10 24.49
N TYR H 281 13.33 -14.38 24.14
CA TYR H 281 13.57 -15.44 25.12
C TYR H 281 15.07 -15.67 25.24
N ALA H 282 15.61 -15.40 26.41
CA ALA H 282 17.02 -15.53 26.70
C ALA H 282 17.24 -16.67 27.69
N LEU H 283 18.49 -16.83 28.10
CA LEU H 283 18.89 -17.90 29.00
C LEU H 283 19.08 -17.36 30.40
N ASN H 284 18.46 -18.02 31.37
CA ASN H 284 18.67 -17.72 32.78
C ASN H 284 19.71 -18.70 33.34
N ASP H 285 19.83 -18.72 34.67
CA ASP H 285 20.82 -19.56 35.32
C ASP H 285 20.56 -21.04 35.03
N ILE H 286 21.51 -21.88 35.44
CA ILE H 286 21.45 -23.32 35.22
C ILE H 286 21.19 -23.99 36.57
N ILE H 287 20.20 -24.88 36.60
CA ILE H 287 19.83 -25.58 37.81
C ILE H 287 20.61 -26.88 37.89
N GLY H 288 21.24 -27.13 39.04
CA GLY H 288 21.96 -28.37 39.25
C GLY H 288 23.37 -28.31 38.68
N ASP H 289 24.04 -29.46 38.77
CA ASP H 289 25.39 -29.58 38.27
C ASP H 289 25.41 -29.44 36.74
N ILE H 290 26.55 -28.99 36.23
CA ILE H 290 26.71 -28.74 34.80
C ILE H 290 27.51 -29.88 34.18
N ARG H 291 27.01 -30.42 33.08
CA ARG H 291 27.69 -31.47 32.33
C ARG H 291 27.70 -31.11 30.86
N GLN H 292 28.78 -31.47 30.18
CA GLN H 292 28.93 -31.11 28.78
C GLN H 292 27.99 -31.94 27.91
N PRO H 293 27.30 -31.32 26.96
CA PRO H 293 26.51 -32.09 26.01
C PRO H 293 27.40 -32.96 25.14
N HIS H 294 26.89 -34.10 24.74
CA HIS H 294 27.70 -35.08 24.01
C HIS H 294 26.78 -36.02 23.24
N CYS H 295 27.39 -36.75 22.31
CA CYS H 295 26.71 -37.79 21.55
C CYS H 295 27.47 -39.10 21.69
N ASN H 296 26.73 -40.20 21.75
CA ASN H 296 27.30 -41.52 21.99
C ASN H 296 27.10 -42.39 20.76
N ILE H 297 28.19 -42.95 20.24
CA ILE H 297 28.17 -43.84 19.10
C ILE H 297 28.90 -45.11 19.49
N SER H 298 28.28 -46.27 19.24
CA SER H 298 28.90 -47.54 19.58
C SER H 298 30.24 -47.69 18.86
N LYS H 299 31.26 -48.13 19.59
CA LYS H 299 32.60 -48.19 19.02
C LYS H 299 32.72 -49.32 18.01
N GLU H 300 32.22 -50.50 18.34
CA GLU H 300 32.34 -51.64 17.42
C GLU H 300 31.56 -51.40 16.14
N LYS H 301 30.32 -50.91 16.24
CA LYS H 301 29.51 -50.66 15.06
C LYS H 301 30.16 -49.61 14.16
N TRP H 302 30.64 -48.52 14.75
CA TRP H 302 31.27 -47.49 13.94
C TRP H 302 32.57 -47.98 13.33
N ASN H 303 33.35 -48.76 14.07
CA ASN H 303 34.58 -49.28 13.50
C ASN H 303 34.30 -50.20 12.32
N ASN H 304 33.28 -51.05 12.44
CA ASN H 304 32.91 -51.91 11.32
C ASN H 304 32.45 -51.08 10.13
N THR H 305 31.64 -50.06 10.37
CA THR H 305 31.17 -49.21 9.26
C THR H 305 32.33 -48.53 8.56
N LEU H 306 33.26 -47.97 9.33
CA LEU H 306 34.40 -47.30 8.72
C LEU H 306 35.33 -48.29 8.03
N HIS H 307 35.43 -49.51 8.55
CA HIS H 307 36.24 -50.53 7.88
C HIS H 307 35.64 -50.89 6.52
N ARG H 308 34.31 -51.05 6.47
CA ARG H 308 33.66 -51.32 5.19
C ARG H 308 33.84 -50.15 4.22
N VAL H 309 33.72 -48.93 4.72
CA VAL H 309 33.93 -47.76 3.87
C VAL H 309 35.35 -47.72 3.34
N TRP H 310 36.32 -48.07 4.19
CA TRP H 310 37.71 -48.10 3.74
C TRP H 310 37.92 -49.17 2.69
N LYS H 311 37.28 -50.33 2.85
CA LYS H 311 37.40 -51.39 1.84
C LYS H 311 36.83 -50.91 0.51
N LYS H 312 35.67 -50.25 0.54
CA LYS H 312 35.08 -49.75 -0.70
C LYS H 312 35.96 -48.69 -1.35
N LEU H 313 36.53 -47.80 -0.54
CA LEU H 313 37.43 -46.79 -1.08
C LEU H 313 38.68 -47.40 -1.68
N VAL H 314 39.18 -48.48 -1.07
CA VAL H 314 40.30 -49.21 -1.65
C VAL H 314 39.89 -49.82 -2.99
N GLU H 315 38.67 -50.33 -3.07
CA GLU H 315 38.18 -50.87 -4.34
C GLU H 315 38.15 -49.79 -5.41
N HIS H 316 37.69 -48.59 -5.06
CA HIS H 316 37.66 -47.50 -6.04
C HIS H 316 39.02 -46.86 -6.26
N PHE H 317 39.96 -47.04 -5.35
CA PHE H 317 41.32 -46.49 -5.45
C PHE H 317 42.29 -47.63 -5.24
N PRO H 318 42.62 -48.38 -6.30
CA PRO H 318 43.33 -49.65 -6.13
C PRO H 318 44.69 -49.54 -5.45
N ASN H 319 45.61 -48.79 -6.04
CA ASN H 319 46.98 -48.70 -5.55
C ASN H 319 47.18 -47.38 -4.83
N LYS H 320 46.77 -47.34 -3.57
CA LYS H 320 46.95 -46.19 -2.70
C LYS H 320 46.61 -46.60 -1.27
N THR H 321 47.29 -45.97 -0.31
CA THR H 321 46.98 -46.16 1.10
C THR H 321 45.98 -45.10 1.52
N ILE H 322 44.79 -45.52 1.93
CA ILE H 322 43.69 -44.63 2.23
C ILE H 322 43.59 -44.44 3.73
N ILE H 323 43.67 -43.19 4.17
CA ILE H 323 43.57 -42.83 5.58
C ILE H 323 42.49 -41.77 5.74
N PHE H 324 41.95 -41.67 6.95
CA PHE H 324 40.93 -40.70 7.29
C PHE H 324 41.52 -39.67 8.24
N PHE H 325 41.43 -38.40 7.88
CA PHE H 325 41.91 -37.30 8.70
C PHE H 325 40.77 -36.34 8.99
N ASP H 326 40.66 -35.91 10.24
CA ASP H 326 39.65 -34.92 10.61
C ASP H 326 39.92 -33.62 9.87
N ARG H 327 38.83 -32.96 9.46
CA ARG H 327 38.95 -31.67 8.78
C ARG H 327 39.66 -30.67 9.67
N HIS H 328 40.52 -29.85 9.05
CA HIS H 328 41.32 -28.88 9.80
C HIS H 328 40.43 -27.95 10.61
N SER H 329 40.76 -27.80 11.88
CA SER H 329 39.91 -27.06 12.82
C SER H 329 40.27 -25.57 12.81
N GLY H 330 40.13 -24.96 11.63
CA GLY H 330 40.35 -23.54 11.49
C GLY H 330 39.16 -22.80 10.90
N GLY H 331 38.34 -23.50 10.14
CA GLY H 331 37.21 -22.90 9.47
C GLY H 331 36.04 -22.67 10.39
N ASP H 332 34.91 -22.28 9.79
CA ASP H 332 33.70 -22.05 10.55
C ASP H 332 33.16 -23.37 11.12
N LEU H 333 32.39 -23.24 12.20
CA LEU H 333 31.92 -24.42 12.92
C LEU H 333 30.97 -25.28 12.09
N GLU H 334 30.31 -24.71 11.10
CA GLU H 334 29.38 -25.50 10.30
C GLU H 334 30.10 -26.48 9.39
N ILE H 335 31.40 -26.32 9.19
CA ILE H 335 32.17 -27.17 8.29
C ILE H 335 33.03 -28.16 9.04
N THR H 336 33.74 -27.71 10.07
CA THR H 336 34.70 -28.56 10.76
C THR H 336 34.07 -29.53 11.75
N THR H 337 32.79 -29.36 12.10
CA THR H 337 32.13 -30.21 13.07
C THR H 337 30.82 -30.75 12.50
N HIS H 338 30.40 -31.89 13.01
CA HIS H 338 29.13 -32.49 12.62
C HIS H 338 28.01 -31.69 13.25
N SER H 339 27.47 -30.73 12.50
CA SER H 339 26.38 -29.90 12.98
C SER H 339 25.04 -30.52 12.64
N PHE H 340 24.12 -30.47 13.59
CA PHE H 340 22.78 -31.01 13.39
C PHE H 340 21.83 -30.28 14.33
N ASN H 341 20.60 -30.76 14.40
CA ASN H 341 19.55 -30.13 15.19
C ASN H 341 18.89 -31.18 16.08
N CYS H 342 19.03 -31.01 17.38
CA CYS H 342 18.56 -31.97 18.38
C CYS H 342 17.39 -31.34 19.13
N GLY H 343 16.18 -31.59 18.65
CA GLY H 343 14.99 -31.14 19.35
C GLY H 343 14.91 -29.64 19.57
N GLY H 344 15.24 -28.86 18.54
CA GLY H 344 15.16 -27.42 18.62
C GLY H 344 16.40 -26.72 19.11
N GLU H 345 17.42 -27.47 19.55
CA GLU H 345 18.70 -26.91 19.95
C GLU H 345 19.77 -27.39 18.98
N PHE H 346 20.63 -26.46 18.56
CA PHE H 346 21.62 -26.74 17.53
C PHE H 346 22.91 -27.24 18.16
N PHE H 347 23.40 -28.38 17.67
CA PHE H 347 24.60 -29.01 18.19
C PHE H 347 25.72 -28.93 17.16
N TYR H 348 26.95 -28.86 17.65
CA TYR H 348 28.14 -28.85 16.81
C TYR H 348 29.14 -29.82 17.43
N CYS H 349 29.03 -31.09 17.04
CA CYS H 349 29.79 -32.16 17.68
C CYS H 349 31.14 -32.35 17.00
N ASN H 350 32.15 -32.64 17.80
CA ASN H 350 33.50 -32.86 17.31
C ASN H 350 33.67 -34.33 16.95
N THR H 351 34.04 -34.59 15.69
CA THR H 351 34.14 -35.94 15.17
C THR H 351 35.58 -36.44 15.05
N SER H 352 36.46 -35.97 15.93
CA SER H 352 37.84 -36.47 15.90
C SER H 352 37.91 -37.93 16.31
N GLY H 353 36.97 -38.38 17.15
CA GLY H 353 36.97 -39.77 17.56
C GLY H 353 36.41 -40.74 16.54
N LEU H 354 35.77 -40.23 15.50
CA LEU H 354 35.20 -41.09 14.46
C LEU H 354 36.19 -41.37 13.34
N PHE H 355 36.81 -40.33 12.81
CA PHE H 355 37.71 -40.44 11.66
C PHE H 355 39.17 -40.44 12.10
N ASN H 356 39.47 -41.06 13.23
CA ASN H 356 40.83 -41.14 13.75
C ASN H 356 41.52 -42.45 13.39
N ILE H 357 40.78 -43.48 13.04
CA ILE H 357 41.34 -44.81 12.85
C ILE H 357 42.00 -44.91 11.50
N THR H 358 43.16 -45.54 11.46
CA THR H 358 43.85 -45.88 10.22
C THR H 358 43.86 -47.40 10.07
N TYR H 359 43.76 -47.87 8.83
CA TYR H 359 43.66 -49.29 8.55
C TYR H 359 44.86 -49.74 7.72
N ASN H 360 45.37 -50.91 8.04
CA ASN H 360 46.47 -51.52 7.30
C ASN H 360 45.93 -52.53 6.30
N SER H 361 46.78 -52.91 5.35
CA SER H 361 46.39 -53.87 4.33
C SER H 361 46.15 -55.26 4.89
N ASN H 362 46.62 -55.54 6.11
CA ASN H 362 46.43 -56.86 6.71
C ASN H 362 44.97 -57.09 7.09
N THR H 373 31.72 -53.33 24.01
CA THR H 373 30.60 -52.53 24.46
C THR H 373 31.03 -51.09 24.73
N LYS H 374 32.24 -50.76 24.31
CA LYS H 374 32.75 -49.40 24.49
C LYS H 374 31.95 -48.42 23.65
N VAL H 375 31.95 -47.16 24.09
CA VAL H 375 31.17 -46.11 23.46
C VAL H 375 32.09 -44.94 23.14
N ILE H 376 32.02 -44.44 21.91
CA ILE H 376 32.73 -43.22 21.55
C ILE H 376 31.87 -42.03 21.92
N THR H 377 32.43 -41.10 22.69
CA THR H 377 31.71 -39.92 23.15
C THR H 377 32.24 -38.70 22.41
N LEU H 378 31.36 -38.07 21.64
CA LEU H 378 31.73 -36.87 20.90
C LEU H 378 31.36 -35.63 21.69
N PRO H 379 32.31 -34.77 22.06
CA PRO H 379 31.95 -33.54 22.76
C PRO H 379 31.34 -32.53 21.80
N CYS H 380 30.14 -32.05 22.13
CA CYS H 380 29.41 -31.12 21.29
C CYS H 380 29.31 -29.76 21.97
N ARG H 381 28.99 -28.75 21.17
CA ARG H 381 28.79 -27.39 21.65
C ARG H 381 27.50 -26.85 21.07
N ILE H 382 26.92 -25.89 21.80
CA ILE H 382 25.61 -25.34 21.47
C ILE H 382 25.79 -23.88 21.04
N LYS H 383 25.06 -23.49 20.00
CA LYS H 383 25.01 -22.11 19.56
C LYS H 383 23.56 -21.68 19.42
N GLN H 384 23.30 -20.41 19.71
CA GLN H 384 21.97 -19.85 19.54
C GLN H 384 21.82 -19.10 18.23
N ILE H 385 22.77 -18.24 17.91
CA ILE H 385 22.75 -17.48 16.66
C ILE H 385 23.25 -18.41 15.56
N ILE H 386 22.36 -18.79 14.65
CA ILE H 386 22.65 -19.80 13.64
C ILE H 386 22.60 -19.14 12.27
N ASN H 387 23.66 -19.32 11.48
CA ASN H 387 23.70 -18.79 10.12
C ASN H 387 23.06 -19.81 9.18
N MET H 388 21.89 -19.48 8.65
CA MET H 388 21.23 -20.36 7.71
C MET H 388 22.08 -20.53 6.46
N TRP H 389 22.16 -21.77 5.97
CA TRP H 389 22.52 -22.06 4.59
C TRP H 389 23.92 -21.55 4.22
N GLN H 390 24.78 -21.32 5.20
CA GLN H 390 26.11 -20.77 4.96
C GLN H 390 26.04 -19.45 4.18
N GLU H 391 24.94 -18.72 4.31
CA GLU H 391 24.77 -17.44 3.65
C GLU H 391 25.01 -16.31 4.64
N VAL H 392 25.83 -15.35 4.24
CA VAL H 392 26.12 -14.18 5.06
C VAL H 392 24.96 -13.21 4.88
N GLY H 393 23.99 -13.26 5.80
CA GLY H 393 22.85 -12.38 5.72
C GLY H 393 21.54 -13.03 6.12
N ARG H 394 21.58 -14.32 6.45
CA ARG H 394 20.40 -15.07 6.86
C ARG H 394 20.73 -15.79 8.16
N CYS H 395 20.34 -15.19 9.28
CA CYS H 395 20.64 -15.75 10.59
C CYS H 395 19.38 -15.78 11.44
N MET H 396 19.27 -16.80 12.29
CA MET H 396 18.20 -16.90 13.26
C MET H 396 18.77 -16.74 14.67
N TYR H 397 17.88 -16.73 15.65
CA TYR H 397 18.24 -16.88 17.06
C TYR H 397 17.35 -17.98 17.62
N ALA H 398 17.95 -19.11 17.98
CA ALA H 398 17.18 -20.22 18.51
C ALA H 398 16.85 -19.96 19.97
N PRO H 399 15.57 -19.83 20.33
CA PRO H 399 15.24 -19.60 21.73
C PRO H 399 15.66 -20.78 22.57
N PRO H 400 16.09 -20.55 23.81
CA PRO H 400 16.49 -21.65 24.67
C PRO H 400 15.30 -22.54 25.02
N ILE H 401 15.60 -23.80 25.29
CA ILE H 401 14.60 -24.79 25.65
C ILE H 401 14.91 -25.26 27.06
N ALA H 402 13.96 -25.08 27.98
CA ALA H 402 14.15 -25.48 29.36
C ALA H 402 14.13 -27.00 29.48
N GLY H 403 14.89 -27.51 30.43
CA GLY H 403 14.94 -28.94 30.68
C GLY H 403 16.14 -29.61 30.04
N ASN H 404 16.00 -30.88 29.68
CA ASN H 404 17.05 -31.63 29.03
C ASN H 404 16.56 -32.15 27.68
N ILE H 405 17.49 -32.21 26.73
CA ILE H 405 17.20 -32.61 25.36
C ILE H 405 17.85 -33.96 25.10
N THR H 406 17.11 -34.85 24.45
CA THR H 406 17.63 -36.15 24.04
C THR H 406 17.02 -36.54 22.71
N CYS H 407 17.87 -36.88 21.74
CA CYS H 407 17.42 -37.25 20.40
C CYS H 407 18.29 -38.38 19.89
N THR H 408 17.65 -39.36 19.24
CA THR H 408 18.33 -40.52 18.69
C THR H 408 18.15 -40.52 17.18
N SER H 409 19.25 -40.42 16.46
CA SER H 409 19.24 -40.39 15.01
C SER H 409 19.96 -41.60 14.45
N ASN H 410 19.80 -41.82 13.15
CA ASN H 410 20.42 -42.93 12.44
C ASN H 410 21.44 -42.37 11.46
N ILE H 411 22.71 -42.68 11.67
CA ILE H 411 23.74 -42.30 10.72
C ILE H 411 23.59 -43.19 9.49
N THR H 412 23.07 -42.63 8.40
CA THR H 412 22.84 -43.40 7.18
C THR H 412 23.74 -42.98 6.03
N GLY H 413 24.67 -42.06 6.25
CA GLY H 413 25.54 -41.63 5.19
C GLY H 413 26.65 -40.73 5.70
N LEU H 414 27.69 -40.61 4.88
CA LEU H 414 28.82 -39.74 5.15
C LEU H 414 29.07 -38.86 3.94
N LEU H 415 29.75 -37.73 4.17
CA LEU H 415 30.16 -36.84 3.10
C LEU H 415 31.66 -36.58 3.26
N LEU H 416 32.47 -37.28 2.47
CA LEU H 416 33.91 -37.13 2.53
C LEU H 416 34.40 -36.24 1.39
N THR H 417 35.65 -35.81 1.50
CA THR H 417 36.27 -34.98 0.47
C THR H 417 37.76 -35.31 0.41
N ARG H 418 38.24 -35.62 -0.78
CA ARG H 418 39.63 -36.01 -0.97
C ARG H 418 40.50 -34.77 -1.10
N ASP H 419 41.63 -34.77 -0.41
CA ASP H 419 42.55 -33.64 -0.47
C ASP H 419 43.28 -33.63 -1.81
N GLY H 420 43.80 -32.45 -2.16
CA GLY H 420 44.58 -32.30 -3.37
C GLY H 420 45.80 -33.19 -3.40
N GLY H 421 46.00 -33.90 -4.51
CA GLY H 421 47.12 -34.81 -4.63
C GLY H 421 48.46 -34.12 -4.52
N ASN H 422 49.15 -34.34 -3.41
CA ASN H 422 50.45 -33.73 -3.19
C ASN H 422 51.53 -34.46 -3.99
N ASN H 423 52.74 -33.92 -3.92
CA ASN H 423 53.87 -34.58 -4.58
C ASN H 423 54.14 -35.95 -3.98
N SER H 424 53.90 -36.11 -2.68
CA SER H 424 54.03 -37.40 -2.02
C SER H 424 52.78 -38.21 -2.32
N THR H 425 52.80 -38.90 -3.45
CA THR H 425 51.66 -39.66 -3.92
C THR H 425 51.62 -41.01 -3.20
N GLU H 426 50.82 -41.95 -3.71
CA GLU H 426 50.63 -43.29 -3.16
C GLU H 426 49.92 -43.28 -1.81
N THR H 427 49.22 -42.20 -1.49
CA THR H 427 48.38 -42.14 -0.31
C THR H 427 47.27 -41.14 -0.55
N GLU H 428 46.10 -41.40 0.02
CA GLU H 428 44.93 -40.56 -0.14
C GLU H 428 44.31 -40.26 1.22
N THR H 429 43.98 -39.00 1.46
CA THR H 429 43.37 -38.57 2.71
C THR H 429 41.96 -38.09 2.43
N PHE H 430 40.99 -38.65 3.15
CA PHE H 430 39.58 -38.31 3.00
C PHE H 430 39.14 -37.59 4.27
N ARG H 431 38.98 -36.29 4.17
CA ARG H 431 38.53 -35.50 5.32
C ARG H 431 37.02 -35.36 5.29
N PRO H 432 36.33 -35.72 6.37
CA PRO H 432 34.88 -35.54 6.41
C PRO H 432 34.52 -34.08 6.27
N GLY H 433 33.35 -33.82 5.69
CA GLY H 433 32.96 -32.46 5.42
C GLY H 433 32.27 -32.30 4.09
N GLY H 434 32.84 -31.46 3.23
CA GLY H 434 32.21 -31.16 1.95
C GLY H 434 31.57 -29.80 1.94
N GLY H 435 30.26 -29.76 2.15
CA GLY H 435 29.48 -28.55 2.08
C GLY H 435 28.41 -28.67 1.01
N ASP H 436 27.77 -27.54 0.71
CA ASP H 436 26.74 -27.48 -0.31
C ASP H 436 25.63 -28.48 0.01
N MET H 437 24.86 -28.14 1.05
CA MET H 437 23.84 -29.00 1.64
C MET H 437 22.83 -29.51 0.63
N ARG H 438 22.88 -29.02 -0.61
CA ARG H 438 22.21 -29.69 -1.72
C ARG H 438 22.53 -31.17 -1.75
N ASP H 439 23.73 -31.56 -1.29
CA ASP H 439 24.11 -32.97 -1.26
C ASP H 439 23.27 -33.77 -0.27
N ASN H 440 22.83 -33.13 0.82
CA ASN H 440 21.95 -33.81 1.76
C ASN H 440 20.66 -34.23 1.08
N TRP H 441 20.10 -33.36 0.24
CA TRP H 441 18.93 -33.75 -0.53
C TRP H 441 19.29 -34.75 -1.62
N ARG H 442 20.44 -34.56 -2.24
CA ARG H 442 20.85 -35.42 -3.35
C ARG H 442 21.03 -36.87 -2.91
N SER H 443 21.41 -37.08 -1.65
CA SER H 443 21.56 -38.44 -1.16
C SER H 443 20.25 -39.21 -1.16
N GLU H 444 19.11 -38.51 -1.15
CA GLU H 444 17.81 -39.15 -1.16
C GLU H 444 17.16 -39.17 -2.55
N LEU H 445 17.45 -38.18 -3.39
CA LEU H 445 16.83 -38.05 -4.70
C LEU H 445 17.72 -38.59 -5.81
N TYR H 446 18.53 -39.61 -5.52
CA TYR H 446 19.40 -40.16 -6.54
C TYR H 446 18.66 -41.02 -7.55
N LYS H 447 17.60 -41.69 -7.13
CA LYS H 447 16.89 -42.63 -7.98
C LYS H 447 15.75 -41.99 -8.75
N TYR H 448 15.44 -40.73 -8.49
CA TYR H 448 14.29 -40.07 -9.10
C TYR H 448 14.72 -39.14 -10.22
N LYS H 449 13.90 -39.08 -11.27
CA LYS H 449 14.07 -38.09 -12.32
C LYS H 449 12.69 -37.72 -12.85
N VAL H 450 12.60 -36.51 -13.41
CA VAL H 450 11.33 -35.96 -13.88
C VAL H 450 11.34 -35.95 -15.40
N VAL H 451 10.28 -36.51 -16.00
CA VAL H 451 10.13 -36.58 -17.44
C VAL H 451 8.77 -36.04 -17.82
N GLU H 452 8.67 -35.58 -19.06
CA GLU H 452 7.46 -34.98 -19.61
C GLU H 452 6.84 -35.94 -20.63
N ILE H 453 5.56 -36.24 -20.45
CA ILE H 453 4.88 -37.14 -21.36
C ILE H 453 4.67 -36.47 -22.70
N LYS H 454 4.73 -37.25 -23.78
CA LYS H 454 4.45 -36.78 -25.13
C LYS H 454 3.42 -37.70 -25.76
N PRO H 455 2.17 -37.61 -25.31
CA PRO H 455 1.17 -38.62 -25.68
C PRO H 455 0.94 -38.73 -27.18
N LEU H 456 1.08 -37.65 -27.92
CA LEU H 456 0.83 -37.69 -29.36
C LEU H 456 1.89 -38.53 -30.06
N GLY H 457 1.46 -39.41 -30.95
CA GLY H 457 2.37 -40.25 -31.69
C GLY H 457 1.82 -40.69 -33.03
N ILE H 458 2.64 -40.61 -34.07
CA ILE H 458 2.23 -40.90 -35.44
C ILE H 458 2.98 -42.13 -35.93
N ALA H 459 2.24 -43.13 -36.37
CA ALA H 459 2.80 -44.37 -36.89
C ALA H 459 2.04 -44.80 -38.13
N PRO H 460 2.69 -45.42 -39.10
CA PRO H 460 2.00 -45.85 -40.32
C PRO H 460 1.15 -47.08 -40.07
N THR H 461 -0.01 -47.11 -40.72
CA THR H 461 -0.92 -48.24 -40.64
C THR H 461 -1.70 -48.34 -41.94
N GLY H 462 -2.24 -49.52 -42.20
CA GLY H 462 -2.98 -49.76 -43.43
C GLY H 462 -4.45 -49.45 -43.32
N CYS H 463 -4.79 -48.32 -42.69
CA CYS H 463 -6.18 -47.88 -42.57
C CYS H 463 -6.30 -46.46 -43.13
N LYS H 464 -7.30 -46.26 -43.98
CA LYS H 464 -7.54 -44.96 -44.61
C LYS H 464 -8.89 -44.42 -44.17
N ARG H 465 -8.93 -43.12 -43.89
CA ARG H 465 -10.18 -42.48 -43.51
C ARG H 465 -11.08 -42.32 -44.71
N ARG H 466 -12.39 -42.29 -44.45
CA ARG H 466 -13.37 -42.14 -45.51
C ARG H 466 -13.32 -40.72 -46.09
N VAL H 467 -13.97 -40.56 -47.25
CA VAL H 467 -14.03 -39.26 -47.90
C VAL H 467 -15.47 -38.76 -47.94
C1 NAG I . 35.20 17.25 4.83
C2 NAG I . 36.62 17.01 4.32
C3 NAG I . 37.27 15.88 5.11
C4 NAG I . 37.14 16.08 6.62
C5 NAG I . 35.69 16.45 6.98
C6 NAG I . 35.48 16.81 8.43
C7 NAG I . 37.03 17.50 1.94
C8 NAG I . 36.91 16.94 0.55
N2 NAG I . 36.60 16.69 2.92
O3 NAG I . 38.62 15.81 4.71
O4 NAG I . 37.48 14.85 7.20
O5 NAG I . 35.29 17.56 6.20
O6 NAG I . 34.17 17.32 8.59
O7 NAG I . 37.48 18.61 2.14
C1 NAG I . 38.56 15.04 8.15
C2 NAG I . 38.33 14.08 9.33
C3 NAG I . 39.46 14.27 10.34
C4 NAG I . 40.79 13.98 9.64
C5 NAG I . 40.90 14.93 8.44
C6 NAG I . 42.18 14.77 7.65
C7 NAG I . 36.07 13.38 9.96
C8 NAG I . 34.81 13.80 10.68
N2 NAG I . 37.06 14.29 9.95
O3 NAG I . 39.16 13.42 11.41
O4 NAG I . 41.87 14.16 10.52
O5 NAG I . 39.81 14.74 7.56
O6 NAG I . 42.18 13.51 7.02
O7 NAG I . 36.16 12.28 9.44
C1 BMA I . 42.16 12.98 11.32
C2 BMA I . 43.39 12.27 10.73
C3 BMA I . 44.75 12.87 11.19
C4 BMA I . 44.80 13.34 12.66
C5 BMA I . 43.53 14.01 13.14
C6 BMA I . 43.48 15.51 12.84
O2 BMA I . 43.27 12.23 9.33
O3 BMA I . 45.07 13.89 10.28
O4 BMA I . 45.08 12.18 13.42
O5 BMA I . 42.33 13.39 12.67
O6 BMA I . 44.70 16.06 13.31
C1 MAN I . 46.12 13.47 9.39
C2 MAN I . 47.44 13.42 10.15
C3 MAN I . 47.83 14.82 10.63
C4 MAN I . 47.81 15.82 9.48
C5 MAN I . 46.47 15.73 8.75
C6 MAN I . 46.45 16.60 7.50
O2 MAN I . 48.40 12.88 9.27
O3 MAN I . 49.11 14.71 11.21
O4 MAN I . 48.02 17.09 10.04
O5 MAN I . 46.24 14.39 8.34
O6 MAN I . 45.11 16.92 7.20
C1 NAG J . 10.10 19.89 1.58
C2 NAG J . 8.81 20.57 1.09
C3 NAG J . 9.05 21.26 -0.25
C4 NAG J . 10.28 22.16 -0.18
C5 NAG J . 11.46 21.35 0.33
C6 NAG J . 12.74 22.14 0.45
C7 NAG J . 6.68 19.56 1.76
C8 NAG J . 5.69 18.47 1.45
N2 NAG J . 7.75 19.61 0.96
O3 NAG J . 7.88 21.97 -0.57
O4 NAG J . 10.51 22.64 -1.49
O5 NAG J . 11.14 20.83 1.60
O6 NAG J . 12.50 23.27 1.25
O7 NAG J . 6.51 20.33 2.69
C1 NAG J . 10.22 24.05 -1.54
C2 NAG J . 11.17 24.71 -2.54
C3 NAG J . 10.85 26.19 -2.62
C4 NAG J . 9.40 26.38 -3.02
C5 NAG J . 8.52 25.64 -2.00
C6 NAG J . 7.04 25.71 -2.28
C7 NAG J . 13.38 23.70 -2.87
C8 NAG J . 14.79 23.64 -2.32
N2 NAG J . 12.55 24.51 -2.18
O3 NAG J . 11.74 26.77 -3.55
O4 NAG J . 9.14 27.76 -3.07
O5 NAG J . 8.90 24.28 -1.95
O6 NAG J . 6.57 27.02 -2.10
O7 NAG J . 13.05 23.05 -3.84
C1 BMA J . 8.91 28.13 -4.44
C2 BMA J . 7.92 29.29 -4.46
C3 BMA J . 7.60 29.67 -5.93
C4 BMA J . 8.71 29.33 -6.95
C5 BMA J . 10.10 29.19 -6.32
C6 BMA J . 10.85 30.51 -6.22
O2 BMA J . 8.46 30.35 -3.73
O3 BMA J . 7.27 31.03 -5.93
O4 BMA J . 8.31 28.12 -7.58
O5 BMA J . 10.12 28.53 -5.06
O6 BMA J . 12.04 30.28 -5.50
C1 NAG K . -4.20 14.23 -38.56
C2 NAG K . -4.67 15.56 -37.97
C3 NAG K . -6.18 15.49 -37.74
C4 NAG K . -6.88 15.12 -39.05
C5 NAG K . -6.25 13.85 -39.63
C6 NAG K . -6.83 13.46 -40.98
C7 NAG K . -2.95 16.74 -36.68
C8 NAG K . -2.36 16.92 -35.31
N2 NAG K . -3.96 15.86 -36.76
O3 NAG K . -6.57 16.74 -37.24
O4 NAG K . -8.24 14.91 -38.73
O5 NAG K . -4.85 14.03 -39.79
O6 NAG K . -6.13 12.34 -41.48
O7 NAG K . -2.53 17.37 -37.65
C1 NAG K . -9.01 16.03 -39.22
C2 NAG K . -10.40 15.53 -39.63
C3 NAG K . -11.26 16.71 -40.08
C4 NAG K . -11.27 17.81 -39.02
C5 NAG K . -9.82 18.17 -38.68
C6 NAG K . -9.67 19.23 -37.61
C7 NAG K . -10.63 13.23 -40.50
C8 NAG K . -10.45 12.38 -41.73
N2 NAG K . -10.31 14.54 -40.66
O3 NAG K . -12.56 16.22 -40.34
O4 NAG K . -11.97 18.90 -39.56
O5 NAG K . -9.15 17.01 -38.23
O6 NAG K . -8.32 19.37 -37.26
O7 NAG K . -11.03 12.77 -39.45
C1 BMA K . -13.12 19.18 -38.73
C2 BMA K . -13.83 20.39 -39.32
C3 BMA K . -15.08 20.74 -38.47
C4 BMA K . -15.64 19.57 -37.62
C5 BMA K . -15.29 18.17 -38.13
C6 BMA K . -16.32 17.58 -39.10
O2 BMA K . -14.15 20.11 -40.66
O3 BMA K . -16.03 21.27 -39.36
O4 BMA K . -15.14 19.77 -36.31
O5 BMA K . -13.99 18.06 -38.69
O6 BMA K . -16.37 18.39 -40.25
C1 NAG L . 2.97 -0.95 -46.94
C2 NAG L . 3.97 -0.53 -48.01
C3 NAG L . 4.95 -1.68 -48.28
C4 NAG L . 5.57 -2.16 -46.99
C5 NAG L . 4.47 -2.48 -45.97
C6 NAG L . 4.99 -2.95 -44.64
C7 NAG L . 3.13 1.12 -49.62
C8 NAG L . 2.38 1.30 -50.92
N2 NAG L . 3.29 -0.16 -49.22
O3 NAG L . 5.91 -1.21 -49.19
O4 NAG L . 6.32 -3.31 -47.30
O5 NAG L . 3.67 -1.33 -45.78
O6 NAG L . 5.83 -1.95 -44.09
O7 NAG L . 3.55 2.08 -48.99
C1 NAG L . 7.71 -3.03 -47.09
C2 NAG L . 8.42 -4.34 -46.74
C3 NAG L . 9.92 -4.11 -46.59
C4 NAG L . 10.48 -3.38 -47.82
C5 NAG L . 9.64 -2.12 -48.09
C6 NAG L . 10.06 -1.34 -49.32
C7 NAG L . 7.08 -5.97 -45.46
C8 NAG L . 6.65 -6.36 -44.07
N2 NAG L . 7.88 -4.89 -45.52
O3 NAG L . 10.53 -5.36 -46.41
O4 NAG L . 11.82 -3.07 -47.53
O5 NAG L . 8.29 -2.50 -48.26
O6 NAG L . 10.06 -2.19 -50.43
O7 NAG L . 6.72 -6.60 -46.44
C1 BMA L . 12.67 -3.63 -48.55
C2 BMA L . 14.11 -3.53 -48.07
C3 BMA L . 15.05 -4.05 -49.18
C4 BMA L . 14.41 -5.07 -50.14
C5 BMA L . 13.20 -5.81 -49.56
C6 BMA L . 13.58 -7.06 -48.77
O2 BMA L . 14.24 -4.24 -46.87
O3 BMA L . 16.19 -4.55 -48.53
O4 BMA L . 14.05 -4.34 -51.30
O5 BMA L . 12.34 -4.99 -48.78
O6 BMA L . 12.40 -7.56 -48.18
C1 NAG M . 21.60 6.28 -25.86
C2 NAG M . 21.88 6.34 -24.36
C3 NAG M . 23.36 6.28 -24.07
C4 NAG M . 23.99 5.09 -24.79
C5 NAG M . 23.69 5.21 -26.27
C6 NAG M . 24.26 4.10 -27.12
C7 NAG M . 20.49 7.57 -22.74
C8 NAG M . 20.02 8.94 -22.33
N2 NAG M . 21.32 7.54 -23.80
O3 NAG M . 23.53 6.19 -22.68
O4 NAG M . 25.37 5.13 -24.52
O5 NAG M . 22.29 5.20 -26.43
O6 NAG M . 23.81 2.87 -26.63
O7 NAG M . 20.13 6.57 -22.15
C1 NAG M . 25.76 3.88 -23.92
C2 NAG M . 27.22 3.60 -24.35
C3 NAG M . 27.69 2.31 -23.71
C4 NAG M . 27.53 2.40 -22.20
C5 NAG M . 26.07 2.71 -21.89
C6 NAG M . 25.74 2.84 -20.42
C7 NAG M . 27.89 4.50 -26.52
C8 NAG M . 27.90 4.24 -28.00
N2 NAG M . 27.31 3.54 -25.78
O3 NAG M . 29.03 2.11 -24.09
O4 NAG M . 27.95 1.17 -21.67
O5 NAG M . 25.71 3.93 -22.52
O6 NAG M . 26.63 3.76 -19.82
O7 NAG M . 28.40 5.50 -26.04
C1 BMA M . 28.95 1.40 -20.65
C2 BMA M . 29.21 0.07 -19.97
C3 BMA M . 30.13 0.34 -18.76
C4 BMA M . 31.32 1.28 -19.05
C5 BMA M . 31.35 1.98 -20.42
C6 BMA M . 32.55 1.62 -21.27
O2 BMA M . 29.76 -0.83 -20.90
O3 BMA M . 30.46 -0.89 -18.18
O4 BMA M . 31.25 2.26 -18.02
O5 BMA M . 30.16 1.90 -21.19
O6 BMA M . 32.32 0.39 -21.92
C1 MAN M . 30.10 -0.79 -16.78
C2 MAN M . 30.50 -2.09 -16.07
C3 MAN M . 29.62 -3.24 -16.55
C4 MAN M . 28.16 -2.90 -16.25
C5 MAN M . 27.81 -1.61 -16.99
C6 MAN M . 26.42 -1.12 -16.67
O2 MAN M . 30.32 -1.83 -14.70
O3 MAN M . 30.02 -4.42 -15.89
O4 MAN M . 27.38 -3.99 -16.70
O5 MAN M . 28.72 -0.57 -16.63
O6 MAN M . 25.55 -1.45 -17.72
C1 MAN M . 31.47 -2.32 -13.96
C2 MAN M . 31.10 -2.26 -12.47
C3 MAN M . 30.99 -0.82 -12.00
C4 MAN M . 32.28 -0.05 -12.32
C5 MAN M . 32.56 -0.16 -13.82
C6 MAN M . 33.90 0.45 -14.18
O2 MAN M . 32.12 -2.95 -11.78
O3 MAN M . 30.73 -0.84 -10.62
O4 MAN M . 32.09 1.29 -11.91
O5 MAN M . 32.61 -1.52 -14.22
O6 MAN M . 34.90 -0.12 -13.36
C1 MAN M . 32.16 0.65 -23.34
C2 MAN M . 31.25 -0.44 -23.88
C3 MAN M . 31.91 -1.78 -23.61
C4 MAN M . 33.28 -1.84 -24.29
C5 MAN M . 34.13 -0.63 -23.88
C6 MAN M . 35.34 -0.50 -24.78
O2 MAN M . 31.10 -0.20 -25.26
O3 MAN M . 31.04 -2.79 -24.09
O4 MAN M . 33.88 -3.06 -23.90
O5 MAN M . 33.39 0.58 -24.00
O6 MAN M . 34.93 -0.68 -26.12
C1 NAG N . -9.56 21.90 -29.43
C2 NAG N . -11.02 21.44 -29.42
C3 NAG N . -11.94 22.65 -29.63
C4 NAG N . -11.59 23.77 -28.66
C5 NAG N . -10.09 24.08 -28.75
C6 NAG N . -9.61 25.17 -27.81
C7 NAG N . -11.60 19.18 -30.20
C8 NAG N . -11.80 18.32 -31.42
N2 NAG N . -11.26 20.46 -30.43
O3 NAG N . -13.26 22.22 -29.48
O4 NAG N . -12.38 24.89 -29.02
O5 NAG N . -9.38 22.91 -28.47
O6 NAG N . -9.90 24.77 -26.48
O7 NAG N . -11.77 18.73 -29.07
C1 NAG N . -13.18 25.27 -27.89
C2 NAG N . -13.56 26.74 -28.06
C3 NAG N . -14.51 27.17 -26.95
C4 NAG N . -15.68 26.22 -26.85
C5 NAG N . -15.15 24.79 -26.69
C6 NAG N . -16.22 23.72 -26.55
C7 NAG N . -11.76 27.97 -29.22
C8 NAG N . -10.53 28.82 -29.01
N2 NAG N . -12.38 27.55 -28.09
O3 NAG N . -14.91 28.49 -27.20
O4 NAG N . -16.48 26.61 -25.76
O5 NAG N . -14.35 24.49 -27.81
O6 NAG N . -15.62 22.45 -26.57
O7 NAG N . -12.16 27.69 -30.34
C1 BMA N . -17.80 26.93 -26.25
C2 BMA N . -18.66 27.35 -25.05
C3 BMA N . -20.10 27.66 -25.53
C4 BMA N . -20.20 28.09 -27.01
C5 BMA N . -18.91 28.66 -27.60
C6 BMA N . -18.74 30.16 -27.33
O2 BMA N . -18.04 28.44 -24.43
O3 BMA N . -20.60 28.62 -24.64
O4 BMA N . -20.62 26.94 -27.73
O5 BMA N . -17.73 27.98 -27.20
O6 BMA N . -17.43 30.51 -27.71
C1 NAG O . 14.24 14.70 -43.62
C2 NAG O . 15.03 14.16 -44.82
C3 NAG O . 15.62 15.31 -45.63
C4 NAG O . 14.53 16.34 -45.97
C5 NAG O . 13.80 16.74 -44.68
C6 NAG O . 12.71 17.75 -44.90
C7 NAG O . 16.01 11.94 -44.42
C8 NAG O . 17.23 11.22 -43.91
N2 NAG O . 16.08 13.28 -44.39
O3 NAG O . 16.21 14.79 -46.78
O4 NAG O . 15.20 17.44 -46.53
O5 NAG O . 13.24 15.58 -44.09
O6 NAG O . 11.78 17.27 -45.85
O7 NAG O . 15.04 11.33 -44.84
C1 NAG O . 14.86 17.56 -47.93
C2 NAG O . 14.79 19.05 -48.26
C3 NAG O . 14.50 19.25 -49.74
C4 NAG O . 15.54 18.50 -50.57
C5 NAG O . 15.55 17.03 -50.13
C6 NAG O . 16.55 16.18 -50.87
C7 NAG O . 14.11 20.77 -46.65
C8 NAG O . 12.94 21.34 -45.89
N2 NAG O . 13.81 19.74 -47.45
O3 NAG O . 14.47 20.63 -49.98
O4 NAG O . 15.20 18.64 -51.93
O5 NAG O . 15.82 16.96 -48.75
O6 NAG O . 17.85 16.69 -50.66
O7 NAG O . 15.23 21.23 -46.53
C1 BMA O . 15.98 19.71 -52.52
C2 BMA O . 17.27 19.12 -53.09
C3 BMA O . 18.15 20.27 -53.64
C4 BMA O . 17.37 21.53 -54.08
C5 BMA O . 15.90 21.28 -54.41
C6 BMA O . 15.69 20.86 -55.88
O2 BMA O . 16.94 18.17 -54.07
O3 BMA O . 18.92 19.71 -54.68
O4 BMA O . 17.50 22.46 -53.02
O5 BMA O . 15.25 20.34 -53.56
O6 BMA O . 14.32 20.54 -56.03
C1 NAG P . 32.54 20.25 -26.16
C2 NAG P . 33.73 19.37 -25.77
C3 NAG P . 34.76 20.22 -25.03
C4 NAG P . 35.11 21.48 -25.83
C5 NAG P . 33.83 22.20 -26.29
C6 NAG P . 34.09 23.39 -27.18
C7 NAG P . 33.05 17.05 -25.43
C8 NAG P . 32.59 16.04 -24.42
N2 NAG P . 33.28 18.28 -24.95
O3 NAG P . 35.88 19.43 -24.80
O4 NAG P . 35.87 22.29 -24.97
O5 NAG P . 33.00 21.29 -26.98
O6 NAG P . 32.86 23.99 -27.53
O7 NAG P . 33.20 16.75 -26.60
C1 NAG P . 37.17 22.53 -25.57
C2 NAG P . 37.92 23.50 -24.67
C3 NAG P . 39.31 23.76 -25.24
C4 NAG P . 40.03 22.42 -25.42
C5 NAG P . 39.16 21.50 -26.29
C6 NAG P . 39.77 20.14 -26.53
C7 NAG P . 36.82 25.61 -25.43
C8 NAG P . 36.05 26.81 -24.91
N2 NAG P . 37.19 24.73 -24.47
O3 NAG P . 39.99 24.61 -24.36
O4 NAG P . 41.28 22.68 -26.01
O5 NAG P . 37.90 21.34 -25.67
O6 NAG P . 40.04 19.52 -25.30
O7 NAG P . 37.07 25.50 -26.62
C1 BMA P . 42.31 22.37 -25.05
C2 BMA P . 43.56 21.95 -25.83
C3 BMA P . 44.71 21.63 -24.86
C4 BMA P . 44.58 22.25 -23.44
C5 BMA P . 43.71 23.52 -23.38
C6 BMA P . 44.49 24.81 -23.59
O2 BMA P . 43.87 22.99 -26.73
O3 BMA P . 45.90 22.01 -25.50
O4 BMA P . 44.03 21.22 -22.62
O5 BMA P . 42.58 23.50 -24.24
O6 BMA P . 44.92 24.86 -24.93
C1 NAG Q . 19.95 28.83 -18.22
C2 NAG Q . 19.16 29.10 -16.94
C3 NAG Q . 18.64 30.54 -16.92
C4 NAG Q . 19.75 31.54 -17.24
C5 NAG Q . 20.44 31.11 -18.53
C6 NAG Q . 21.61 32.00 -18.94
C7 NAG Q . 17.92 27.31 -15.81
C8 NAG Q . 16.67 26.47 -15.86
N2 NAG Q . 18.06 28.20 -16.81
O3 NAG Q . 18.09 30.77 -15.66
O4 NAG Q . 19.11 32.79 -17.35
O5 NAG Q . 20.94 29.81 -18.37
O6 NAG Q . 22.34 31.35 -19.95
O7 NAG Q . 18.74 27.18 -14.91
C1 NAG Q . 19.77 33.73 -16.48
C2 NAG Q . 19.72 35.11 -17.14
C3 NAG Q . 20.43 36.11 -16.24
C4 NAG Q . 19.87 36.10 -14.83
C5 NAG Q . 19.86 34.65 -14.32
C6 NAG Q . 19.27 34.43 -12.94
C7 NAG Q . 19.65 35.13 -19.59
C8 NAG Q . 20.50 35.07 -20.84
N2 NAG Q . 20.33 35.07 -18.44
O3 NAG Q . 20.35 37.37 -16.85
O4 NAG Q . 20.73 36.95 -14.09
O5 NAG Q . 19.13 33.84 -15.23
O6 NAG Q . 19.14 33.05 -12.70
O7 NAG Q . 18.43 35.22 -19.65
C1 BMA Q . 20.05 37.95 -13.27
C2 BMA Q . 19.74 39.22 -14.07
C3 BMA Q . 19.08 40.27 -13.15
C4 BMA Q . 18.58 39.72 -11.80
C5 BMA Q . 18.07 38.28 -11.88
C6 BMA Q . 16.59 38.19 -12.24
O2 BMA Q . 18.90 38.93 -15.16
O3 BMA Q . 18.03 40.80 -13.93
O4 BMA Q . 19.63 39.88 -10.87
O5 BMA Q . 18.82 37.46 -12.75
O6 BMA Q . 15.86 38.72 -11.16
C1 MAN Q . 18.26 42.19 -14.19
C2 MAN Q . 16.96 42.92 -13.86
C3 MAN Q . 16.72 44.09 -14.82
C4 MAN Q . 18.04 44.75 -15.20
C5 MAN Q . 18.93 43.72 -15.93
C6 MAN Q . 20.40 43.95 -15.62
O2 MAN Q . 17.06 43.37 -12.52
O3 MAN Q . 15.84 44.99 -14.20
O4 MAN Q . 17.73 45.85 -16.02
O5 MAN Q . 18.61 42.40 -15.53
O6 MAN Q . 20.95 44.76 -16.64
C1 NAG R . 38.06 9.65 -19.09
C2 NAG R . 38.96 10.40 -20.08
C3 NAG R . 39.78 9.41 -20.88
C4 NAG R . 40.57 8.53 -19.93
C5 NAG R . 39.60 7.86 -18.95
C6 NAG R . 40.29 6.96 -17.94
C7 NAG R . 38.27 12.58 -20.98
C8 NAG R . 37.39 13.27 -21.99
N2 NAG R . 38.19 11.25 -20.96
O3 NAG R . 40.59 10.16 -21.75
O4 NAG R . 41.29 7.59 -20.69
O5 NAG R . 38.88 8.86 -18.26
O6 NAG R . 41.35 7.66 -17.33
O7 NAG R . 39.02 13.22 -20.24
C1 NAG R . 42.69 7.98 -20.71
C2 NAG R . 43.55 6.70 -20.72
C3 NAG R . 45.02 7.08 -20.84
C4 NAG R . 45.25 8.02 -22.01
C5 NAG R . 44.30 9.23 -21.88
C6 NAG R . 44.43 10.24 -22.99
C7 NAG R . 42.75 4.70 -19.53
C8 NAG R . 42.61 4.07 -18.17
N2 NAG R . 43.32 5.92 -19.54
O3 NAG R . 45.76 5.89 -20.98
O4 NAG R . 46.60 8.42 -21.98
O5 NAG R . 42.98 8.74 -21.85
O6 NAG R . 44.19 9.62 -24.23
O7 NAG R . 42.36 4.14 -20.54
C1 NAG S . 22.43 7.49 -33.70
C2 NAG S . 22.56 6.00 -33.37
C3 NAG S . 23.55 5.28 -34.28
C4 NAG S . 23.29 5.63 -35.75
C5 NAG S . 23.25 7.15 -35.90
C6 NAG S . 23.00 7.63 -37.31
C7 NAG S . 23.81 6.04 -31.11
C8 NAG S . 25.03 6.80 -31.60
N2 NAG S . 22.80 5.75 -31.96
O3 NAG S . 23.42 3.90 -34.05
O4 NAG S . 24.36 5.08 -36.49
O5 NAG S . 22.20 7.64 -35.08
O6 NAG S . 21.72 7.19 -37.72
O7 NAG S . 23.76 5.71 -29.94
C1 NAG S . 23.84 4.07 -37.39
C2 NAG S . 24.90 3.82 -38.46
C3 NAG S . 24.46 2.69 -39.39
C4 NAG S . 24.07 1.46 -38.59
C5 NAG S . 23.03 1.86 -37.54
C6 NAG S . 22.56 0.73 -36.66
C7 NAG S . 26.23 5.81 -39.03
C8 NAG S . 26.28 7.03 -39.93
N2 NAG S . 25.16 5.03 -39.21
O3 NAG S . 25.51 2.43 -40.29
O4 NAG S . 23.55 0.52 -39.51
O5 NAG S . 23.58 2.86 -36.71
O6 NAG S . 23.68 0.07 -36.10
O7 NAG S . 27.11 5.58 -38.22
C1 BMA S . 24.32 -0.71 -39.43
C2 BMA S . 23.69 -1.70 -40.40
C3 BMA S . 24.44 -3.06 -40.31
C4 BMA S . 25.89 -2.97 -39.79
C5 BMA S . 26.54 -1.60 -39.99
C6 BMA S . 27.21 -1.44 -41.36
O2 BMA S . 23.73 -1.15 -41.69
O3 BMA S . 24.35 -3.64 -41.58
O4 BMA S . 25.84 -3.32 -38.43
O5 BMA S . 25.67 -0.49 -39.76
O6 BMA S . 27.69 -0.12 -41.44
C1 NAG T . 27.27 14.68 16.59
C2 NAG T . 26.56 16.01 16.85
C3 NAG T . 27.54 16.96 17.53
C4 NAG T . 28.15 16.30 18.77
C5 NAG T . 28.68 14.92 18.43
C6 NAG T . 29.16 14.13 19.63
C7 NAG T . 26.70 16.94 14.53
C8 NAG T . 25.82 17.49 13.43
N2 NAG T . 26.02 16.57 15.63
O3 NAG T . 26.84 18.13 17.84
O4 NAG T . 29.19 17.14 19.21
O5 NAG T . 27.68 14.15 17.81
O6 NAG T . 28.10 13.99 20.54
O7 NAG T . 27.91 16.88 14.40
C1 NAG T . 28.75 17.88 20.36
C2 NAG T . 29.83 17.81 21.42
C3 NAG T . 29.39 18.62 22.63
C4 NAG T . 29.12 20.06 22.19
C5 NAG T . 28.07 20.04 21.07
C6 NAG T . 27.77 21.41 20.52
C7 NAG T . 31.40 15.98 21.84
C8 NAG T . 31.54 14.55 22.29
N2 NAG T . 30.15 16.47 21.82
O3 NAG T . 30.40 18.53 23.59
O4 NAG T . 28.65 20.76 23.31
O5 NAG T . 28.53 19.23 20.01
O6 NAG T . 28.98 22.04 20.16
O7 NAG T . 32.37 16.64 21.51
C1 BMA T . 29.72 21.60 23.80
C2 BMA T . 29.36 23.03 23.45
C3 BMA T . 30.41 24.02 24.02
C4 BMA T . 31.33 23.43 25.11
C5 BMA T . 30.65 22.36 25.95
C6 BMA T . 29.78 22.96 27.05
O2 BMA T . 28.08 23.27 23.96
O3 BMA T . 29.63 25.08 24.51
O4 BMA T . 32.47 22.93 24.44
O5 BMA T . 29.87 21.45 25.19
O6 BMA T . 29.09 21.90 27.67
C1 MAN T . 30.26 26.33 24.23
C2 MAN T . 29.58 27.36 25.14
C3 MAN T . 28.11 27.36 24.78
C4 MAN T . 27.92 27.71 23.30
C5 MAN T . 28.77 26.78 22.42
C6 MAN T . 28.83 27.27 20.99
O2 MAN T . 30.18 28.60 24.88
O3 MAN T . 27.47 28.27 25.63
O4 MAN T . 26.55 27.57 23.03
O5 MAN T . 30.10 26.70 22.89
O6 MAN T . 29.79 28.29 20.89
C1 MAN T . 31.53 28.60 25.35
C2 MAN T . 31.69 29.73 26.36
C3 MAN T . 31.44 31.06 25.67
C4 MAN T . 32.33 31.22 24.43
C5 MAN T . 32.19 29.98 23.54
C6 MAN T . 33.20 29.99 22.41
O2 MAN T . 33.01 29.65 26.86
O3 MAN T . 31.67 32.08 26.61
O4 MAN T . 31.90 32.38 23.77
O5 MAN T . 32.43 28.80 24.29
O6 MAN T . 33.17 28.74 21.76
C1 MAN T . 29.82 21.49 28.84
C2 MAN T . 29.93 19.97 28.81
C3 MAN T . 28.55 19.35 28.95
C4 MAN T . 27.86 19.86 30.21
C5 MAN T . 27.83 21.40 30.17
C6 MAN T . 27.26 21.99 31.44
O2 MAN T . 30.78 19.61 29.88
O3 MAN T . 28.71 17.95 28.97
O4 MAN T . 26.56 19.32 30.22
O5 MAN T . 29.16 21.90 30.01
O6 MAN T . 27.15 23.38 31.29
C1 NAG U . -1.04 8.18 -45.65
C2 NAG U . -1.24 8.05 -47.16
C3 NAG U . -1.52 9.41 -47.78
C4 NAG U . -2.60 10.17 -47.02
C5 NAG U . -2.27 10.18 -45.53
C6 NAG U . -3.27 10.89 -44.66
C7 NAG U . 0.08 6.14 -48.00
C8 NAG U . 1.38 5.76 -48.65
N2 NAG U . -0.08 7.46 -47.76
O3 NAG U . -1.86 9.20 -49.12
O4 NAG U . -2.65 11.49 -47.51
O5 NAG U . -2.15 8.84 -45.09
O6 NAG U . -4.54 10.31 -44.82
O7 NAG U . -0.76 5.31 -47.71
C1 NAG U . -3.77 11.63 -48.41
C2 NAG U . -4.45 12.98 -48.14
C3 NAG U . -5.60 13.16 -49.13
C4 NAG U . -5.09 13.02 -50.56
C5 NAG U . -4.36 11.68 -50.70
C6 NAG U . -3.76 11.46 -52.08
C7 NAG U . -4.54 14.03 -45.92
C8 NAG U . -5.19 13.94 -44.56
N2 NAG U . -4.94 13.08 -46.79
O3 NAG U . -6.17 14.42 -48.89
O4 NAG U . -6.20 13.10 -51.42
O5 NAG U . -3.32 11.61 -49.75
O6 NAG U . -2.86 12.52 -52.35
O7 NAG U . -3.75 14.90 -46.20
C1 NAG V . 20.40 28.62 -39.61
C2 NAG V . 21.48 29.67 -39.93
C3 NAG V . 20.85 30.82 -40.71
C4 NAG V . 19.99 30.35 -41.88
C5 NAG V . 19.08 29.19 -41.46
C6 NAG V . 18.31 28.49 -42.56
C7 NAG V . 21.55 30.79 -37.70
C8 NAG V . 22.49 31.14 -36.58
N2 NAG V . 22.12 30.14 -38.73
O3 NAG V . 21.89 31.67 -41.13
O4 NAG V . 19.26 31.52 -42.24
O5 NAG V . 19.85 28.20 -40.82
O6 NAG V . 17.97 27.19 -42.14
O7 NAG V . 20.36 31.09 -37.63
C1 NAG V . 19.03 31.62 -43.67
C2 NAG V . 18.18 32.87 -43.91
C3 NAG V . 17.81 32.93 -45.38
C4 NAG V . 19.08 32.90 -46.24
C5 NAG V . 19.97 31.71 -45.82
C6 NAG V . 21.30 31.67 -46.55
C7 NAG V . 16.91 33.64 -41.97
C8 NAG V . 15.62 33.48 -41.19
N2 NAG V . 17.03 32.87 -43.06
O3 NAG V . 17.05 34.09 -45.61
O4 NAG V . 18.67 32.79 -47.58
O5 NAG V . 20.21 31.76 -44.42
O6 NAG V . 21.95 32.90 -46.41
O7 NAG V . 17.78 34.43 -41.60
C1 NAG W . -24.13 -56.49 -12.58
C2 NAG W . -23.16 -57.39 -13.36
C3 NAG W . -22.74 -58.58 -12.50
C4 NAG W . -22.23 -58.11 -11.14
C5 NAG W . -23.27 -57.18 -10.50
C6 NAG W . -22.84 -56.61 -9.16
C7 NAG W . -23.47 -57.42 -15.80
C8 NAG W . -24.24 -58.06 -16.92
N2 NAG W . -23.78 -57.86 -14.57
O3 NAG W . -21.77 -59.29 -13.21
O4 NAG W . -22.03 -59.26 -10.34
O5 NAG W . -23.53 -56.10 -11.38
O6 NAG W . -21.63 -55.93 -9.31
O7 NAG W . -22.63 -56.56 -16.01
C1 NAG W . -20.62 -59.50 -10.20
C2 NAG W . -20.36 -60.06 -8.79
C3 NAG W . -18.89 -60.45 -8.63
C4 NAG W . -18.47 -61.37 -9.76
C5 NAG W . -18.78 -60.70 -11.10
C6 NAG W . -18.41 -61.54 -12.31
C7 NAG W . -21.67 -59.29 -6.84
C8 NAG W . -21.88 -58.14 -5.90
N2 NAG W . -20.73 -59.09 -7.79
O3 NAG W . -18.74 -61.05 -7.38
O4 NAG W . -17.09 -61.60 -9.61
O5 NAG W . -20.17 -60.44 -11.16
O6 NAG W . -19.06 -62.78 -12.25
O7 NAG W . -22.29 -60.34 -6.73
C1 NAG X . -43.92 -28.94 -9.58
C2 NAG X . -43.74 -28.81 -11.09
C3 NAG X . -45.08 -28.57 -11.77
C4 NAG X . -46.08 -29.65 -11.36
C5 NAG X . -46.19 -29.63 -9.83
C6 NAG X . -47.16 -30.63 -9.26
C7 NAG X . -41.55 -27.97 -11.79
C8 NAG X . -40.76 -26.72 -12.11
N2 NAG X . -42.83 -27.76 -11.43
O3 NAG X . -44.86 -28.56 -13.15
O4 NAG X . -47.31 -29.35 -11.99
O5 NAG X . -44.91 -29.91 -9.29
O6 NAG X . -46.80 -31.93 -9.67
O7 NAG X . -41.06 -29.08 -11.88
C1 NAG X . -47.71 -30.48 -12.77
C2 NAG X . -49.24 -30.49 -12.86
C3 NAG X . -49.69 -31.70 -13.68
C4 NAG X . -48.99 -31.72 -15.03
C5 NAG X . -47.47 -31.60 -14.83
C6 NAG X . -46.69 -31.56 -16.12
C7 NAG X . -50.45 -29.48 -10.97
C8 NAG X . -50.98 -29.74 -9.59
N2 NAG X . -49.82 -30.52 -11.54
O3 NAG X . -51.09 -31.62 -13.81
O4 NAG X . -49.33 -32.92 -15.67
O5 NAG X . -47.19 -30.43 -14.08
O6 NAG X . -47.18 -30.53 -16.94
O7 NAG X . -50.59 -28.39 -11.52
C1 NAG Y . -0.71 -3.90 29.36
C2 NAG Y . -0.99 -5.34 29.78
C3 NAG Y . -2.43 -5.47 30.25
C4 NAG Y . -2.75 -4.43 31.31
C5 NAG Y . -2.37 -3.04 30.78
C6 NAG Y . -2.60 -1.93 31.77
C7 NAG Y . 0.26 -7.14 28.66
C8 NAG Y . 0.34 -8.00 27.42
N2 NAG Y . -0.74 -6.25 28.69
O3 NAG Y . -2.61 -6.78 30.73
O4 NAG Y . -4.14 -4.55 31.55
O5 NAG Y . -1.01 -3.04 30.43
O6 NAG Y . -1.85 -2.18 32.94
O7 NAG Y . 1.07 -7.27 29.57
C1 NAG Y . -4.34 -4.83 32.95
C2 NAG Y . -5.72 -4.31 33.35
C3 NAG Y . -5.94 -4.58 34.82
C4 NAG Y . -5.78 -6.07 35.10
C5 NAG Y . -4.40 -6.52 34.59
C6 NAG Y . -4.13 -8.00 34.77
C7 NAG Y . -6.73 -2.44 32.12
C8 NAG Y . -6.72 -0.95 31.95
N2 NAG Y . -5.87 -2.92 33.03
O3 NAG Y . -7.22 -4.11 35.17
O4 NAG Y . -5.92 -6.27 36.49
O5 NAG Y . -4.29 -6.21 33.22
O6 NAG Y . -2.94 -8.35 34.12
O7 NAG Y . -7.47 -3.16 31.47
C1 BMA Y . -7.14 -7.01 36.73
C2 BMA Y . -7.00 -7.75 38.05
C3 BMA Y . -8.26 -8.59 38.30
C4 BMA Y . -9.54 -8.08 37.62
C5 BMA Y . -9.50 -6.58 37.27
C6 BMA Y . -9.94 -5.68 38.43
O2 BMA Y . -6.75 -6.81 39.06
O3 BMA Y . -8.40 -8.69 39.71
O4 BMA Y . -9.70 -8.86 36.45
O5 BMA Y . -8.25 -6.13 36.78
O6 BMA Y . -9.69 -4.35 38.04
C1 NAG Z . -35.54 -24.77 13.68
C2 NAG Z . -35.31 -25.24 15.12
C3 NAG Z . -34.83 -26.69 15.08
C4 NAG Z . -35.85 -27.55 14.32
C5 NAG Z . -36.15 -26.90 12.96
C6 NAG Z . -37.21 -27.63 12.16
C7 NAG Z . -34.69 -23.47 16.70
C8 NAG Z . -33.55 -22.69 17.27
N2 NAG Z . -34.36 -24.39 15.78
O3 NAG Z . -34.66 -27.12 16.40
O4 NAG Z . -35.26 -28.82 14.16
O5 NAG Z . -36.56 -25.56 13.13
O6 NAG Z . -37.56 -26.87 11.02
O7 NAG Z . -35.84 -23.27 17.06
C1 NAG Z . -36.07 -29.80 14.84
C2 NAG Z . -35.44 -31.18 14.57
C3 NAG Z . -36.23 -32.25 15.33
C4 NAG Z . -36.32 -31.89 16.81
C5 NAG Z . -36.92 -30.49 16.93
C6 NAG Z . -37.08 -30.00 18.35
C7 NAG Z . -34.29 -31.44 12.43
C8 NAG Z . -34.49 -31.78 10.96
N2 NAG Z . -35.41 -31.47 13.17
O3 NAG Z . -35.58 -33.47 15.12
O4 NAG Z . -37.13 -32.86 17.43
O5 NAG Z . -36.10 -29.57 16.23
O6 NAG Z . -37.52 -28.66 18.34
O7 NAG Z . -33.19 -31.18 12.89
C1 BMA Z . -36.33 -33.59 18.39
C2 BMA Z . -37.28 -34.47 19.19
C3 BMA Z . -36.50 -35.32 20.23
C4 BMA Z . -35.00 -35.53 19.91
C5 BMA Z . -34.64 -35.39 18.42
C6 BMA Z . -34.69 -36.71 17.64
O2 BMA Z . -38.03 -35.26 18.30
O3 BMA Z . -37.20 -36.52 20.37
O4 BMA Z . -34.30 -34.57 20.68
O5 BMA Z . -35.36 -34.40 17.73
O6 BMA Z . -36.05 -37.07 17.49
C1 NAG AA . -41.27 -18.39 -3.44
C2 NAG AA . -42.64 -17.72 -3.33
C3 NAG AA . -42.86 -16.77 -4.51
C4 NAG AA . -41.68 -15.82 -4.68
C5 NAG AA . -40.38 -16.63 -4.73
C6 NAG AA . -39.13 -15.80 -4.88
C7 NAG AA . -44.23 -19.18 -2.17
C8 NAG AA . -45.28 -20.24 -2.35
N2 NAG AA . -43.65 -18.73 -3.30
O3 NAG AA . -44.06 -16.08 -4.28
O4 NAG AA . -41.91 -15.12 -5.89
O5 NAG AA . -40.28 -17.39 -3.54
O6 NAG AA . -39.18 -14.71 -4.00
O7 NAG AA . -43.93 -18.77 -1.06
C1 NAG AA . -41.92 -13.70 -5.61
C2 NAG AA . -41.30 -12.97 -6.80
C3 NAG AA . -41.29 -11.48 -6.51
C4 NAG AA . -42.68 -10.97 -6.16
C5 NAG AA . -43.29 -11.87 -5.07
C6 NAG AA . -44.73 -11.56 -4.73
C7 NAG AA . -39.58 -14.09 -8.16
C8 NAG AA . -38.13 -14.49 -8.22
N2 NAG AA . -39.96 -13.45 -7.05
O3 NAG AA . -40.76 -10.84 -7.65
O4 NAG AA . -42.48 -9.64 -5.72
O5 NAG AA . -43.23 -13.23 -5.46
O6 NAG AA . -45.54 -11.78 -5.85
O7 NAG AA . -40.34 -14.35 -9.09
C1 BMA AA . -43.41 -8.69 -6.31
C2 BMA AA . -42.64 -7.83 -7.31
C3 BMA AA . -43.58 -6.71 -7.81
C4 BMA AA . -45.08 -7.04 -7.73
C5 BMA AA . -45.40 -8.54 -7.73
C6 BMA AA . -45.56 -9.13 -9.13
O2 BMA AA . -42.19 -8.64 -8.36
O3 BMA AA . -43.15 -6.39 -9.12
O4 BMA AA . -45.56 -6.41 -6.57
O5 BMA AA . -44.48 -9.34 -6.98
O6 BMA AA . -45.89 -10.49 -8.99
C1 NAG BA . -26.57 2.88 8.49
C2 NAG BA . -25.21 3.44 8.93
C3 NAG BA . -25.24 4.96 8.90
C4 NAG BA . -25.75 5.47 7.57
C5 NAG BA . -27.14 4.86 7.33
C6 NAG BA . -27.78 5.30 6.03
C7 NAG BA . -23.69 2.45 10.58
C8 NAG BA . -23.55 2.02 12.02
N2 NAG BA . -24.88 2.97 10.24
O3 NAG BA . -23.94 5.41 9.16
O4 NAG BA . -25.80 6.88 7.64
O5 NAG BA . -26.99 3.47 7.29
O6 NAG BA . -26.99 4.88 4.96
O7 NAG BA . -22.77 2.32 9.79
C1 NAG BA . -24.95 7.38 6.59
C2 NAG BA . -25.51 8.73 6.12
C3 NAG BA . -24.63 9.23 4.97
C4 NAG BA . -23.19 9.31 5.45
C5 NAG BA . -22.75 7.96 6.02
C6 NAG BA . -21.34 7.97 6.58
C7 NAG BA . -27.90 9.18 6.38
C8 NAG BA . -29.27 8.95 5.79
N2 NAG BA . -26.88 8.61 5.72
O3 NAG BA . -25.14 10.46 4.57
O4 NAG BA . -22.41 9.70 4.34
O5 NAG BA . -23.64 7.58 7.05
O6 NAG BA . -21.25 8.94 7.58
O7 NAG BA . -27.75 9.86 7.39
C1 BMA BA . -21.88 11.02 4.60
C2 BMA BA . -20.61 11.18 3.79
C3 BMA BA . -19.97 12.54 4.16
C4 BMA BA . -20.98 13.66 4.51
C5 BMA BA . -22.44 13.37 4.13
C6 BMA BA . -22.88 13.93 2.78
O2 BMA BA . -20.91 11.06 2.43
O3 BMA BA . -19.11 12.87 3.10
O4 BMA BA . -20.86 13.84 5.90
O5 BMA BA . -22.81 12.01 4.21
O6 BMA BA . -23.76 13.00 2.19
C1 MAN BA . -17.80 13.14 3.67
C2 MAN BA . -16.95 13.80 2.59
C3 MAN BA . -16.77 12.80 1.45
C4 MAN BA . -16.07 11.56 1.97
C5 MAN BA . -16.89 10.97 3.13
C6 MAN BA . -16.15 9.86 3.84
O2 MAN BA . -15.70 14.13 3.14
O3 MAN BA . -16.02 13.45 0.44
O4 MAN BA . -15.97 10.66 0.90
O5 MAN BA . -17.18 11.95 4.10
O6 MAN BA . -16.78 9.60 5.07
C1 MAN BA . -15.84 14.86 4.38
C2 MAN BA . -15.22 16.24 4.19
C3 MAN BA . -13.74 16.11 3.88
C4 MAN BA . -13.03 15.24 4.90
C5 MAN BA . -13.78 13.92 5.10
C6 MAN BA . -13.22 13.10 6.24
O2 MAN BA . -15.44 16.95 5.39
O3 MAN BA . -13.20 17.41 3.83
O4 MAN BA . -11.72 15.01 4.43
O5 MAN BA . -15.15 14.19 5.40
O6 MAN BA . -13.99 13.32 7.39
C1 MAN BA . -25.14 13.37 2.36
C2 MAN BA . -25.58 14.16 1.13
C3 MAN BA . -26.73 15.11 1.48
C4 MAN BA . -27.58 14.57 2.63
C5 MAN BA . -26.69 14.39 3.88
C6 MAN BA . -27.13 13.21 4.71
O2 MAN BA . -25.96 13.23 0.15
O3 MAN BA . -27.49 15.28 0.31
O4 MAN BA . -28.63 15.48 2.85
O5 MAN BA . -25.34 14.17 3.50
O6 MAN BA . -28.02 12.43 3.97
C1 NAG CA . -27.96 -28.54 23.26
C2 NAG CA . -27.67 -30.00 22.90
C3 NAG CA . -28.06 -30.89 24.07
C4 NAG CA . -27.40 -30.41 25.36
C5 NAG CA . -27.69 -28.93 25.57
C6 NAG CA . -26.99 -28.33 26.77
C7 NAG CA . -27.79 -30.95 20.64
C8 NAG CA . -28.73 -31.27 19.50
N2 NAG CA . -28.37 -30.38 21.71
O3 NAG CA . -27.70 -32.20 23.75
O4 NAG CA . -27.91 -31.19 26.43
O5 NAG CA . -27.26 -28.21 24.43
O6 NAG CA . -25.60 -28.44 26.60
O7 NAG CA . -26.59 -31.19 20.58
C1 NAG CA . -26.83 -32.00 26.94
C2 NAG CA . -27.00 -32.12 28.46
C3 NAG CA . -25.90 -33.00 29.03
C4 NAG CA . -25.84 -34.34 28.30
C5 NAG CA . -25.76 -34.08 26.78
C6 NAG CA . -25.74 -35.33 25.93
C7 NAG CA . -27.92 -30.34 29.90
C8 NAG CA . -27.67 -28.95 30.43
N2 NAG CA . -26.97 -30.81 29.08
O3 NAG CA . -26.14 -33.17 30.40
O4 NAG CA . -24.70 -35.01 28.77
O5 NAG CA . -26.86 -33.29 26.38
O6 NAG CA . -25.76 -34.98 24.57
O7 NAG CA . -28.92 -30.97 30.20
C1 BMA CA . -25.09 -36.26 29.38
C2 BMA CA . -24.21 -36.48 30.60
C3 BMA CA . -24.55 -37.84 31.27
C4 BMA CA . -25.96 -38.38 30.96
C5 BMA CA . -26.98 -37.31 30.55
C6 BMA CA . -27.79 -36.74 31.72
O2 BMA CA . -24.38 -35.40 31.47
O3 BMA CA . -24.31 -37.67 32.64
O4 BMA CA . -25.79 -39.33 29.92
O5 BMA CA . -26.45 -36.25 29.77
O6 BMA CA . -26.90 -36.13 32.62
C1 NAG DA . -43.97 -7.88 12.72
C2 NAG DA . -45.14 -7.42 11.87
C3 NAG DA . -46.32 -7.01 12.76
C4 NAG DA . -46.64 -8.10 13.77
C5 NAG DA . -45.35 -8.45 14.52
C6 NAG DA . -45.55 -9.51 15.60
C7 NAG DA . -44.51 -6.44 9.71
C8 NAG DA . -44.13 -5.16 9.02
N2 NAG DA . -44.77 -6.33 11.02
O3 NAG DA . -47.40 -6.74 11.92
O4 NAG DA . -47.60 -7.58 14.65
O5 NAG DA . -44.38 -8.90 13.60
O6 NAG DA . -44.36 -9.70 16.32
O7 NAG DA . -44.56 -7.50 9.10
C1 NAG DA . -48.85 -8.25 14.45
C2 NAG DA . -49.62 -8.17 15.77
C3 NAG DA . -51.02 -8.75 15.59
C4 NAG DA . -51.71 -8.08 14.42
C5 NAG DA . -50.84 -8.26 13.17
C6 NAG DA . -51.41 -7.66 11.90
C7 NAG DA . -48.30 -8.27 17.85
C8 NAG DA . -47.61 -9.20 18.81
N2 NAG DA . -48.90 -8.87 16.81
O3 NAG DA . -51.72 -8.54 16.80
O4 NAG DA . -52.98 -8.68 14.27
O5 NAG DA . -49.59 -7.64 13.42
O6 NAG DA . -50.46 -7.75 10.87
O7 NAG DA . -48.30 -7.07 18.02
C1 BMA DA . -53.99 -7.66 14.43
C2 BMA DA . -55.34 -8.27 14.06
C3 BMA DA . -56.44 -7.19 14.17
C4 BMA DA . -56.13 -6.04 15.15
C5 BMA DA . -55.10 -6.40 16.23
C6 BMA DA . -55.72 -7.07 17.46
O2 BMA DA . -55.57 -9.38 14.89
O3 BMA DA . -57.64 -7.88 14.48
O4 BMA DA . -55.68 -4.96 14.37
O5 BMA DA . -54.02 -7.19 15.77
O6 BMA DA . -54.67 -7.49 18.29
C1 NAG EA . -18.66 23.05 13.07
C2 NAG EA . -18.89 24.52 12.73
C3 NAG EA . -19.90 24.60 11.59
C4 NAG EA . -19.44 23.79 10.39
C5 NAG EA . -19.08 22.36 10.86
C6 NAG EA . -18.48 21.48 9.79
C7 NAG EA . -18.70 26.17 14.57
C8 NAG EA . -17.31 26.46 14.05
N2 NAG EA . -19.38 25.23 13.87
O3 NAG EA . -20.09 25.96 11.28
O4 NAG EA . -20.57 23.81 9.54
O5 NAG EA . -18.15 22.43 11.92
O6 NAG EA . -17.26 22.03 9.35
O7 NAG EA . -19.15 26.76 15.53
C1 NAG EA . -20.32 24.05 8.12
C2 NAG EA . -19.04 24.89 7.89
C3 NAG EA . -18.73 24.95 6.40
C4 NAG EA . -18.73 23.58 5.76
C5 NAG EA . -20.06 22.89 6.08
C6 NAG EA . -20.20 21.50 5.50
C7 NAG EA . -18.26 26.88 9.11
C8 NAG EA . -18.62 28.29 9.51
N2 NAG EA . -19.18 26.24 8.38
O3 NAG EA . -17.49 25.60 6.25
O4 NAG EA . -18.55 23.76 4.38
O5 NAG EA . -20.17 22.80 7.48
O6 NAG EA . -20.31 21.56 4.10
O7 NAG EA . -17.20 26.37 9.46
C1 NAG FA . -32.37 13.42 22.00
C2 NAG FA . -31.97 14.65 21.19
C3 NAG FA . -31.63 15.78 22.14
C4 NAG FA . -32.76 16.03 23.13
C5 NAG FA . -33.16 14.70 23.79
C6 NAG FA . -34.35 14.81 24.72
C7 NAG FA . -31.03 14.12 18.99
C8 NAG FA . -29.77 13.78 18.25
N2 NAG FA . -30.89 14.32 20.31
O3 NAG FA . -31.35 16.93 21.37
O4 NAG FA . -32.30 16.96 24.06
O5 NAG FA . -33.47 13.75 22.81
O6 NAG FA . -34.60 13.57 25.33
O7 NAG FA . -32.11 14.18 18.42
C1 NAG FA . -33.17 18.11 24.04
C2 NAG FA . -32.77 19.03 25.20
C3 NAG FA . -33.68 20.26 25.20
C4 NAG FA . -33.65 20.94 23.84
C5 NAG FA . -33.97 19.90 22.74
C6 NAG FA . -33.90 20.45 21.35
C7 NAG FA . -33.88 17.77 27.05
C8 NAG FA . -33.58 17.11 28.38
N2 NAG FA . -32.81 18.34 26.47
O3 NAG FA . -33.24 21.11 26.22
O4 NAG FA . -34.61 21.97 23.87
O5 NAG FA . -33.06 18.83 22.84
O6 NAG FA . -32.63 20.99 21.12
O7 NAG FA . -35.00 17.74 26.58
C1 BMA FA . -33.94 23.24 23.67
C2 BMA FA . -35.02 24.32 23.65
C3 BMA FA . -34.38 25.70 23.43
C4 BMA FA . -32.89 25.81 23.88
C5 BMA FA . -32.48 24.78 24.93
C6 BMA FA . -32.80 25.22 26.36
O2 BMA FA . -35.74 24.23 24.85
O3 BMA FA . -35.20 26.63 24.08
O4 BMA FA . -32.12 25.68 22.70
O5 BMA FA . -33.01 23.48 24.71
O6 BMA FA . -32.56 24.11 27.20
C1 NAG GA . -24.50 2.23 32.26
C2 NAG GA . -23.24 1.63 32.88
C3 NAG GA . -23.56 1.06 34.26
C4 NAG GA . -24.31 2.06 35.13
C5 NAG GA . -25.50 2.63 34.35
C6 NAG GA . -26.25 3.71 35.08
C7 NAG GA . -21.51 0.68 31.42
C8 NAG GA . -21.13 -0.54 30.60
N2 NAG GA . -22.69 0.60 32.05
O3 NAG GA . -22.34 0.69 34.86
O4 NAG GA . -24.75 1.34 36.27
O5 NAG GA . -25.03 3.18 33.15
O6 NAG GA . -27.09 4.40 34.18
O7 NAG GA . -20.76 1.64 31.50
C1 NAG GA . -24.21 1.95 37.46
C2 NAG GA . -25.27 1.87 38.56
C3 NAG GA . -24.71 2.52 39.82
C4 NAG GA . -23.40 1.87 40.23
C5 NAG GA . -22.44 1.90 39.03
C6 NAG GA . -21.11 1.22 39.25
C7 NAG GA . -27.66 1.86 38.01
C8 NAG GA . -28.82 2.72 37.60
N2 NAG GA . -26.50 2.51 38.18
O3 NAG GA . -25.70 2.42 40.81
O4 NAG GA . -22.92 2.59 41.34
O5 NAG GA . -23.06 1.28 37.91
O6 NAG GA . -20.38 1.21 38.04
O7 NAG GA . -27.78 0.66 38.16
C1 BMA GA . -22.54 1.71 42.43
C2 BMA GA . -23.45 1.98 43.62
C3 BMA GA . -22.99 1.14 44.82
C4 BMA GA . -22.24 -0.17 44.45
C5 BMA GA . -22.51 -0.67 43.03
C6 BMA GA . -23.71 -1.60 42.94
O2 BMA GA . -24.77 1.69 43.25
O3 BMA GA . -24.14 0.92 45.61
O4 BMA GA . -20.87 0.12 44.63
O5 BMA GA . -22.64 0.36 42.05
O6 BMA GA . -23.31 -2.87 43.41
C1 MAN GA . -23.79 1.03 47.01
C2 MAN GA . -24.88 1.86 47.70
C3 MAN GA . -24.29 2.65 48.87
C4 MAN GA . -23.15 1.88 49.54
C5 MAN GA . -22.03 1.66 48.51
C6 MAN GA . -21.37 0.31 48.70
O2 MAN GA . -25.88 0.96 48.13
O3 MAN GA . -25.34 2.92 49.77
O4 MAN GA . -22.72 2.66 50.63
O5 MAN GA . -22.56 1.68 47.20
O6 MAN GA . -20.24 0.25 47.86
C1 NAG HA . -22.83 21.25 13.42
C2 NAG HA . -23.75 20.85 12.26
C3 NAG HA . -23.58 21.96 11.23
C4 NAG HA . -24.06 23.27 11.82
C5 NAG HA . -23.35 23.54 13.16
C6 NAG HA . -23.90 24.72 13.92
C7 NAG HA . -24.25 18.49 11.74
C8 NAG HA . -23.72 17.26 11.06
N2 NAG HA . -23.45 19.57 11.68
O3 NAG HA . -24.28 21.57 10.08
O4 NAG HA . -23.77 24.28 10.88
O5 NAG HA . -23.40 22.40 14.00
O6 NAG HA . -25.29 24.52 14.15
O7 NAG HA . -25.34 18.49 12.30
C1 NAG HA . -24.98 24.81 10.32
C2 NAG HA . -24.59 25.92 9.34
C3 NAG HA . -25.82 26.44 8.59
C4 NAG HA . -26.54 25.27 7.92
C5 NAG HA . -26.88 24.24 9.00
C6 NAG HA . -27.60 23.01 8.48
C7 NAG HA . -22.69 27.43 9.77
C8 NAG HA . -22.22 28.59 10.62
N2 NAG HA . -23.94 27.01 10.04
O3 NAG HA . -25.38 27.39 7.65
O4 NAG HA . -27.70 25.78 7.31
O5 NAG HA . -25.68 23.80 9.61
O6 NAG HA . -26.75 22.31 7.59
O7 NAG HA . -21.99 26.94 8.91
C1 NAG IA . -34.43 2.39 7.82
C2 NAG IA . -33.69 2.74 6.52
C3 NAG IA . -34.51 3.67 5.63
C4 NAG IA . -35.93 3.14 5.47
C5 NAG IA . -36.53 2.89 6.85
C6 NAG IA . -37.94 2.35 6.84
C7 NAG IA . -31.81 4.31 7.36
C8 NAG IA . -32.71 5.35 8.00
N2 NAG IA . -32.33 3.21 6.74
O3 NAG IA . -33.86 3.78 4.39
O4 NAG IA . -36.65 4.13 4.77
O5 NAG IA . -35.72 1.93 7.51
O6 NAG IA . -37.98 1.17 6.08
O7 NAG IA . -30.60 4.48 7.41
C1 NAG IA . -37.12 3.57 3.52
C2 NAG IA . -38.38 4.34 3.12
C3 NAG IA . -38.89 3.83 1.77
C4 NAG IA . -37.76 3.88 0.74
C5 NAG IA . -36.56 3.11 1.28
C6 NAG IA . -35.37 3.08 0.35
C7 NAG IA . -39.86 5.25 4.85
C8 NAG IA . -40.93 4.90 5.86
N2 NAG IA . -39.41 4.23 4.12
O3 NAG IA . -39.99 4.62 1.40
O4 NAG IA . -38.25 3.34 -0.46
O5 NAG IA . -36.16 3.69 2.51
O6 NAG IA . -35.02 4.40 -0.01
O7 NAG IA . -39.44 6.40 4.74
C1 BMA IA . -38.35 4.39 -1.44
C2 BMA IA . -38.13 3.77 -2.82
C3 BMA IA . -38.19 4.87 -3.91
C4 BMA IA . -39.02 6.11 -3.52
C5 BMA IA . -40.07 5.86 -2.43
C6 BMA IA . -41.39 5.34 -2.97
O2 BMA IA . -39.08 2.76 -3.02
O3 BMA IA . -38.65 4.25 -5.08
O4 BMA IA . -38.09 7.11 -3.12
O5 BMA IA . -39.62 5.00 -1.38
O6 BMA IA . -42.20 5.00 -1.87
C1 NAG JA . 11.02 16.29 26.85
C2 NAG JA . 10.73 15.89 28.30
C3 NAG JA . 11.22 17.01 29.23
C4 NAG JA . 12.70 17.25 28.97
C5 NAG JA . 12.94 17.52 27.49
C6 NAG JA . 14.41 17.65 27.16
C7 NAG JA . 8.29 16.37 28.39
C8 NAG JA . 6.97 15.70 28.68
N2 NAG JA . 9.36 15.57 28.51
O3 NAG JA . 10.98 16.61 30.54
O4 NAG JA . 13.07 18.36 29.74
O5 NAG JA . 12.41 16.48 26.72
O6 NAG JA . 15.06 16.45 27.52
O7 NAG JA . 8.33 17.55 28.08
C1 NAG JA . 14.01 17.90 30.73
C2 NAG JA . 14.88 19.10 31.11
C3 NAG JA . 15.74 18.76 32.31
C4 NAG JA . 14.86 18.23 33.43
C5 NAG JA . 14.12 16.99 32.91
C6 NAG JA . 13.25 16.31 33.93
C7 NAG JA . 15.69 20.73 29.47
C8 NAG JA . 16.63 20.94 28.31
N2 NAG JA . 15.70 19.49 30.00
O3 NAG JA . 16.41 19.94 32.69
O4 NAG JA . 15.71 17.91 34.51
O5 NAG JA . 13.31 17.41 31.85
O6 NAG JA . 12.28 17.23 34.40
O7 NAG JA . 14.97 21.62 29.88
C1 BMA JA . 15.33 18.76 35.63
C2 BMA JA . 15.88 18.11 36.88
C3 BMA JA . 15.57 18.98 38.11
C4 BMA JA . 15.22 20.46 37.82
C5 BMA JA . 15.81 21.00 36.51
C6 BMA JA . 17.18 21.66 36.69
O2 BMA JA . 17.26 17.92 36.69
O3 BMA JA . 16.68 18.83 38.95
O4 BMA JA . 13.81 20.53 37.80
O5 BMA JA . 15.85 20.06 35.45
O6 BMA JA . 18.10 20.65 37.03
C1 MAN JA . 16.26 18.85 40.33
C2 MAN JA . 17.53 18.82 41.18
C3 MAN JA . 18.27 17.51 40.93
C4 MAN JA . 17.37 16.34 41.28
C5 MAN JA . 16.05 16.44 40.52
C6 MAN JA . 15.02 15.45 41.03
O2 MAN JA . 17.14 18.95 42.53
O3 MAN JA . 19.46 17.52 41.69
O4 MAN JA . 18.07 15.16 40.94
O5 MAN JA . 15.47 17.73 40.65
O6 MAN JA . 13.74 16.01 40.89
C1 MAN JA . 19.36 20.96 36.39
C2 MAN JA . 20.01 19.64 35.98
C3 MAN JA . 20.33 18.81 37.22
C4 MAN JA . 21.17 19.61 38.20
C5 MAN JA . 20.51 20.96 38.49
C6 MAN JA . 21.40 21.87 39.31
O2 MAN JA . 21.18 19.98 35.27
O3 MAN JA . 20.98 17.64 36.79
O4 MAN JA . 21.29 18.83 39.37
O5 MAN JA . 20.21 21.64 37.28
O6 MAN JA . 20.64 22.96 39.76
C1 NAG KA . -41.18 -22.91 6.27
C2 NAG KA . -42.58 -23.27 5.75
C3 NAG KA . -43.44 -23.70 6.92
C4 NAG KA . -42.77 -24.78 7.76
C5 NAG KA . -41.34 -24.36 8.10
C6 NAG KA . -40.55 -25.43 8.82
C7 NAG KA . -44.13 -22.29 4.09
C8 NAG KA . -44.64 -20.98 3.54
N2 NAG KA . -43.20 -22.17 5.06
O3 NAG KA . -44.68 -24.12 6.42
O4 NAG KA . -43.53 -24.92 8.93
O5 NAG KA . -40.65 -24.03 6.93
O6 NAG KA . -40.51 -26.59 8.03
O7 NAG KA . -44.53 -23.36 3.67
C1 NAG KA . -44.28 -26.15 8.86
C2 NAG KA . -44.38 -26.72 10.29
C3 NAG KA . -45.25 -27.97 10.28
C4 NAG KA . -46.60 -27.67 9.65
C5 NAG KA . -46.36 -27.08 8.24
C6 NAG KA . -47.63 -26.72 7.49
C7 NAG KA . -42.53 -26.39 11.87
C8 NAG KA . -41.13 -26.86 12.24
N2 NAG KA . -43.07 -27.01 10.81
O3 NAG KA . -45.37 -28.40 11.61
O4 NAG KA . -47.33 -28.87 9.60
O5 NAG KA . -45.58 -25.91 8.37
O6 NAG KA . -48.33 -25.73 8.22
O7 NAG KA . -43.09 -25.52 12.50
C1 BMA KA . -48.49 -28.74 10.43
C2 BMA KA . -49.55 -29.72 9.93
C3 BMA KA . -50.83 -29.57 10.77
C4 BMA KA . -50.61 -29.04 12.20
C5 BMA KA . -49.20 -29.24 12.75
C6 BMA KA . -48.99 -30.60 13.40
O2 BMA KA . -49.01 -31.01 9.97
O3 BMA KA . -51.45 -30.84 10.75
O4 BMA KA . -50.95 -27.67 12.16
O5 BMA KA . -48.17 -29.02 11.79
O6 BMA KA . -47.61 -30.76 13.65
C1 NAG LA . -44.84 -1.58 26.42
C2 NAG LA . -45.53 -0.81 27.55
C3 NAG LA . -46.40 -1.79 28.34
C4 NAG LA . -47.34 -2.59 27.42
C5 NAG LA . -46.58 -3.12 26.19
C6 NAG LA . -47.45 -3.75 25.13
C7 NAG LA . -43.68 -0.63 29.23
C8 NAG LA . -42.86 0.38 29.98
N2 NAG LA . -44.61 -0.10 28.40
O3 NAG LA . -47.08 -1.03 29.31
O4 NAG LA . -47.88 -3.70 28.12
O5 NAG LA . -45.85 -2.08 25.58
O6 NAG LA . -48.00 -4.96 25.59
O7 NAG LA . -43.48 -1.83 29.37
C1 NAG LA . -49.01 -3.35 28.96
C2 NAG LA . -50.34 -3.65 28.25
C3 NAG LA . -51.50 -3.38 29.21
C4 NAG LA . -51.31 -4.13 30.52
C5 NAG LA . -49.94 -3.78 31.11
C6 NAG LA . -49.62 -4.52 32.39
C7 NAG LA . -50.77 -3.39 25.84
C8 NAG LA . -50.91 -2.38 24.74
N2 NAG LA . -50.51 -2.88 27.05
O3 NAG LA . -52.69 -3.74 28.56
O4 NAG LA . -52.36 -3.73 31.38
O5 NAG LA . -48.95 -4.10 30.16
O6 NAG LA . -48.24 -4.45 32.64
O7 NAG LA . -50.87 -4.60 25.62
C1 NAG MA . 24.13 -12.35 35.86
C2 NAG MA . 23.64 -13.14 37.06
C3 NAG MA . 22.40 -12.47 37.64
C4 NAG MA . 22.61 -10.99 37.87
C5 NAG MA . 23.24 -10.33 36.63
C6 NAG MA . 23.61 -8.87 36.81
C7 NAG MA . 24.03 -15.57 37.12
C8 NAG MA . 23.53 -16.90 36.58
N2 NAG MA . 23.35 -14.50 36.68
O3 NAG MA . 22.05 -13.14 38.81
O4 NAG MA . 21.35 -10.44 38.15
O5 NAG MA . 24.41 -11.03 36.28
O6 NAG MA . 24.26 -8.41 35.65
O7 NAG MA . 24.97 -15.51 37.89
C1 NAG MA . 21.39 -9.78 39.43
C2 NAG MA . 20.41 -8.62 39.38
C3 NAG MA . 20.42 -7.90 40.72
C4 NAG MA . 20.09 -8.90 41.81
C5 NAG MA . 21.09 -10.07 41.75
C6 NAG MA . 20.85 -11.14 42.79
C7 NAG MA . 19.95 -7.47 37.24
C8 NAG MA . 20.48 -6.47 36.25
N2 NAG MA . 20.73 -7.70 38.32
O3 NAG MA . 19.50 -6.84 40.65
O4 NAG MA . 20.15 -8.22 43.05
O5 NAG MA . 21.02 -10.65 40.47
O6 NAG MA . 19.53 -11.61 42.68
O7 NAG MA . 18.87 -8.03 37.06
C1 BMA MA . 18.81 -8.16 43.58
C2 BMA MA . 18.91 -8.04 45.10
C3 BMA MA . 17.50 -7.93 45.72
C4 BMA MA . 16.38 -7.49 44.74
C5 BMA MA . 16.89 -6.61 43.60
C6 BMA MA . 16.99 -5.13 43.98
O2 BMA MA . 19.71 -6.92 45.39
O3 BMA MA . 17.63 -7.06 46.81
O4 BMA MA . 15.79 -8.68 44.25
O5 BMA MA . 18.13 -7.03 43.04
O6 BMA MA . 15.68 -4.66 44.19
C1 MAN MA . 17.61 -7.80 48.03
C2 MAN MA . 16.81 -7.00 49.04
C3 MAN MA . 17.50 -5.65 49.23
C4 MAN MA . 18.94 -5.86 49.68
C5 MAN MA . 19.67 -6.81 48.72
C6 MAN MA . 21.00 -7.23 49.28
O2 MAN MA . 16.77 -7.74 50.23
O3 MAN MA . 16.74 -4.91 50.15
O4 MAN MA . 19.55 -4.59 49.70
O5 MAN MA . 18.91 -7.99 48.52
O6 MAN MA . 21.76 -7.85 48.27
C1 NAG NA . 32.00 -8.74 11.54
C2 NAG NA . 32.82 -8.93 10.26
C3 NAG NA . 33.72 -10.16 10.38
C4 NAG NA . 34.55 -10.10 11.65
C5 NAG NA . 33.60 -9.88 12.84
C6 NAG NA . 34.32 -9.77 14.18
C7 NAG NA . 31.90 -8.17 8.11
C8 NAG NA . 30.94 -8.52 7.01
N2 NAG NA . 31.97 -9.07 9.11
O3 NAG NA . 34.52 -10.24 9.24
O4 NAG NA . 35.24 -11.32 11.76
O5 NAG NA . 32.88 -8.69 12.64
O6 NAG NA . 35.24 -8.72 14.14
O7 NAG NA . 32.57 -7.15 8.08
C1 NAG NA . 36.66 -11.08 11.72
C2 NAG NA . 37.35 -12.16 12.55
C3 NAG NA . 38.86 -11.98 12.49
C4 NAG NA . 39.31 -11.97 11.04
C5 NAG NA . 38.55 -10.88 10.29
C6 NAG NA . 38.91 -10.76 8.83
C7 NAG NA . 36.29 -13.20 14.51
C8 NAG NA . 35.91 -12.98 15.95
N2 NAG NA . 36.91 -12.17 13.92
O3 NAG NA . 39.45 -13.00 13.23
O4 NAG NA . 40.70 -11.76 11.02
O5 NAG NA . 37.16 -11.13 10.40
O6 NAG NA . 38.79 -12.01 8.22
O7 NAG NA . 36.04 -14.25 13.94
C1 BMA NA . 41.35 -12.96 10.52
C2 BMA NA . 42.70 -12.55 9.95
C3 BMA NA . 43.40 -13.80 9.35
C4 BMA NA . 42.96 -15.15 9.97
C5 BMA NA . 42.36 -15.03 11.38
C6 BMA NA . 43.41 -15.06 12.48
O2 BMA NA . 43.45 -11.94 10.96
O3 BMA NA . 44.78 -13.57 9.47
O4 BMA NA . 42.03 -15.71 9.07
O5 BMA NA . 41.52 -13.90 11.56
O6 BMA NA . 43.94 -16.37 12.54
C1 NAG OA . 28.90 -45.13 -12.12
C2 NAG OA . 30.34 -44.61 -12.23
C3 NAG OA . 30.58 -44.13 -13.65
C4 NAG OA . 30.26 -45.24 -14.64
C5 NAG OA . 28.86 -45.81 -14.37
C6 NAG OA . 28.50 -47.00 -15.23
C7 NAG OA . 31.26 -43.80 -10.12
C8 NAG OA . 31.42 -42.58 -9.24
N2 NAG OA . 30.59 -43.58 -11.27
O3 NAG OA . 31.91 -43.70 -13.73
O4 NAG OA . 30.34 -44.70 -15.94
O5 NAG OA . 28.75 -46.21 -13.01
O6 NAG OA . 27.30 -47.56 -14.78
O7 NAG OA . 31.72 -44.87 -9.80
C1 NAG OA . 31.56 -45.12 -16.57
C2 NAG OA . 31.31 -45.29 -18.07
C3 NAG OA . 32.60 -45.71 -18.77
C4 NAG OA . 33.73 -44.73 -18.43
C5 NAG OA . 33.83 -44.57 -16.91
C6 NAG OA . 34.88 -43.58 -16.45
C7 NAG OA . 29.05 -45.96 -18.81
C8 NAG OA . 28.12 -47.12 -18.97
N2 NAG OA . 30.27 -46.26 -18.31
O3 NAG OA . 32.36 -45.77 -20.14
O4 NAG OA . 34.91 -45.25 -18.98
O5 NAG OA . 32.58 -44.16 -16.40
O6 NAG OA . 34.78 -43.38 -15.07
O7 NAG OA . 28.72 -44.82 -19.12
C1 BMA OA . 35.45 -44.33 -19.96
C2 BMA OA . 36.31 -45.13 -20.92
C3 BMA OA . 36.93 -44.19 -22.00
C4 BMA OA . 36.17 -42.86 -22.22
C5 BMA OA . 34.69 -42.89 -21.81
C6 BMA OA . 33.73 -43.28 -22.94
O2 BMA OA . 35.52 -46.14 -21.48
O3 BMA OA . 37.04 -44.97 -23.16
O4 BMA OA . 36.89 -41.88 -21.49
O5 BMA OA . 34.41 -43.66 -20.65
O6 BMA OA . 34.02 -44.60 -23.32
C1 NAG PA . 12.60 -54.14 -10.08
C2 NAG PA . 12.80 -55.44 -9.30
C3 NAG PA . 11.48 -55.88 -8.67
C4 NAG PA . 10.85 -54.73 -7.88
C5 NAG PA . 10.75 -53.50 -8.77
C6 NAG PA . 10.16 -52.30 -8.07
C7 NAG PA . 14.55 -56.98 -10.06
C8 NAG PA . 14.86 -58.06 -11.07
N2 NAG PA . 13.31 -56.47 -10.15
O3 NAG PA . 11.74 -56.99 -7.86
O4 NAG PA . 9.58 -55.17 -7.46
O5 NAG PA . 12.04 -53.17 -9.23
O6 NAG PA . 10.92 -51.99 -6.94
O7 NAG PA . 15.36 -56.63 -9.23
C1 NAG PA . 9.57 -55.24 -6.03
C2 NAG PA . 8.13 -54.99 -5.55
C3 NAG PA . 8.06 -55.12 -4.03
C4 NAG PA . 8.58 -56.50 -3.63
C5 NAG PA . 10.01 -56.65 -4.18
C6 NAG PA . 10.67 -57.97 -3.85
C7 NAG PA . 6.69 -53.48 -6.87
C8 NAG PA . 6.37 -52.04 -7.15
N2 NAG PA . 7.67 -53.68 -5.97
O3 NAG PA . 6.73 -54.92 -3.64
O4 NAG PA . 8.54 -56.57 -2.23
O5 NAG PA . 9.97 -56.52 -5.59
O6 NAG PA . 9.90 -59.03 -4.37
O7 NAG PA . 6.08 -54.40 -7.41
C1 BMA PA . 7.63 -57.62 -1.86
C2 BMA PA . 7.81 -57.92 -0.37
C3 BMA PA . 6.87 -59.07 0.05
C4 BMA PA . 5.61 -59.22 -0.83
C5 BMA PA . 5.20 -57.95 -1.57
C6 BMA PA . 4.34 -57.01 -0.73
O2 BMA PA . 7.57 -56.73 0.34
O3 BMA PA . 6.56 -58.86 1.41
O4 BMA PA . 5.89 -60.28 -1.73
O5 BMA PA . 6.28 -57.23 -2.12
O6 BMA PA . 4.22 -55.80 -1.43
C1 NAG QA . 15.83 -38.31 13.56
C2 NAG QA . 15.90 -36.91 14.18
C3 NAG QA . 15.59 -36.98 15.67
C4 NAG QA . 14.29 -37.74 15.91
C5 NAG QA . 14.43 -39.12 15.27
C6 NAG QA . 13.22 -40.02 15.45
C7 NAG QA . 17.41 -35.14 13.37
C8 NAG QA . 18.86 -34.74 13.26
N2 NAG QA . 17.19 -36.33 13.97
O3 NAG QA . 15.51 -35.66 16.15
O4 NAG QA . 14.10 -37.81 17.30
O5 NAG QA . 14.62 -38.95 13.89
O6 NAG QA . 12.06 -39.32 15.07
O7 NAG QA . 16.52 -34.44 12.94
C1 NAG QA . 12.82 -37.21 17.59
C2 NAG QA . 12.24 -37.90 18.83
C3 NAG QA . 10.88 -37.29 19.13
C4 NAG QA . 11.00 -35.78 19.25
C5 NAG QA . 11.69 -35.21 18.02
C6 NAG QA . 11.91 -33.71 18.06
C7 NAG QA . 12.84 -40.24 19.30
C8 NAG QA . 12.58 -41.67 18.92
N2 NAG QA . 12.13 -39.32 18.61
O3 NAG QA . 10.39 -37.88 20.31
O4 NAG QA . 9.69 -35.26 19.40
O5 NAG QA . 12.94 -35.84 17.86
O6 NAG QA . 12.42 -33.35 19.33
O7 NAG QA . 13.65 -39.94 20.17
C1 BMA QA . 9.57 -34.71 20.73
C2 BMA QA . 8.68 -33.48 20.64
C3 BMA QA . 8.53 -32.85 22.04
C4 BMA QA . 8.81 -33.81 23.22
C5 BMA QA . 8.55 -35.27 22.89
C6 BMA QA . 7.06 -35.63 23.04
O2 BMA QA . 7.46 -33.86 20.09
O3 BMA QA . 7.23 -32.32 22.07
O4 BMA QA . 10.15 -33.60 23.61
O5 BMA QA . 9.00 -35.67 21.61
O6 BMA QA . 6.84 -36.93 22.53
C1 MAN QA . 7.29 -30.91 22.33
C2 MAN QA . 6.00 -30.51 23.03
C3 MAN QA . 4.82 -30.72 22.09
C4 MAN QA . 5.05 -29.98 20.78
C5 MAN QA . 6.39 -30.39 20.18
C6 MAN QA . 6.73 -29.56 18.96
O2 MAN QA . 6.13 -29.15 23.39
O3 MAN QA . 3.66 -30.28 22.75
O4 MAN QA . 3.97 -30.33 19.92
O5 MAN QA . 7.43 -30.19 21.14
O6 MAN QA . 6.15 -30.17 17.83
C1 MAN QA . 6.51 -29.08 24.78
C2 MAN QA . 5.92 -27.79 25.36
C3 MAN QA . 6.54 -26.59 24.66
C4 MAN QA . 8.06 -26.64 24.73
C5 MAN QA . 8.57 -27.99 24.22
C6 MAN QA . 10.06 -28.15 24.45
O2 MAN QA . 6.21 -27.80 26.73
O3 MAN QA . 6.02 -25.44 25.27
O4 MAN QA . 8.55 -25.57 23.95
O5 MAN QA . 7.92 -29.05 24.91
O6 MAN QA . 10.28 -28.34 25.83
C1 MAN QA . 7.52 -37.92 23.34
C2 MAN QA . 7.29 -39.28 22.69
C3 MAN QA . 5.81 -39.65 22.79
C4 MAN QA . 5.38 -39.67 24.24
C5 MAN QA . 5.67 -38.30 24.87
C6 MAN QA . 5.44 -38.31 26.37
O2 MAN QA . 8.10 -40.21 23.36
O3 MAN QA . 5.65 -40.91 22.17
O4 MAN QA . 4.00 -39.95 24.26
O5 MAN QA . 7.03 -37.93 24.66
O6 MAN QA . 6.66 -38.59 27.01
C1 NAG RA . 37.57 -35.68 -13.88
C2 NAG RA . 37.45 -35.09 -15.28
C3 NAG RA . 38.80 -35.23 -16.01
C4 NAG RA . 39.92 -34.64 -15.17
C5 NAG RA . 39.89 -35.26 -13.77
C6 NAG RA . 40.93 -34.71 -12.83
C7 NAG RA . 35.27 -35.16 -16.42
C8 NAG RA . 34.32 -36.05 -17.17
N2 NAG RA . 36.41 -35.75 -16.02
O3 NAG RA . 38.68 -34.58 -17.24
O4 NAG RA . 41.13 -34.93 -15.84
O5 NAG RA . 38.62 -35.04 -13.20
O6 NAG RA . 40.70 -33.34 -12.62
O7 NAG RA . 35.01 -33.99 -16.20
C1 NAG RA . 41.74 -33.70 -16.24
C2 NAG RA . 43.25 -33.90 -16.25
C3 NAG RA . 43.95 -32.64 -16.76
C4 NAG RA . 43.38 -32.23 -18.10
C5 NAG RA . 41.85 -32.09 -17.96
C6 NAG RA . 41.14 -31.68 -19.24
C7 NAG RA . 44.02 -35.51 -14.54
C8 NAG RA . 44.49 -35.63 -13.11
N2 NAG RA . 43.73 -34.25 -14.93
O3 NAG RA . 45.33 -32.90 -16.84
O4 NAG RA . 43.99 -31.03 -18.48
O5 NAG RA . 41.32 -33.32 -17.53
O6 NAG RA . 39.75 -31.77 -19.04
O7 NAG RA . 43.90 -36.48 -15.26
C1 BMA RA . 44.69 -31.23 -19.74
C2 BMA RA . 45.67 -30.08 -19.91
C3 BMA RA . 46.40 -30.23 -21.27
C4 BMA RA . 46.48 -31.68 -21.81
C5 BMA RA . 46.35 -32.76 -20.73
C6 BMA RA . 47.68 -33.11 -20.07
O2 BMA RA . 46.55 -30.08 -18.82
O3 BMA RA . 47.67 -29.64 -21.10
O4 BMA RA . 45.45 -31.79 -22.77
O5 BMA RA . 45.37 -32.48 -19.74
O6 BMA RA . 47.40 -33.99 -19.00
C1 NAG SA . 26.23 -54.22 4.16
C2 NAG SA . 25.73 -55.64 4.42
C3 NAG SA . 26.85 -56.49 5.00
C4 NAG SA . 28.14 -56.36 4.20
C5 NAG SA . 28.46 -54.88 4.03
C6 NAG SA . 29.75 -54.61 3.27
C7 NAG SA . 23.32 -55.68 4.93
C8 NAG SA . 22.32 -55.65 6.06
N2 NAG SA . 24.61 -55.64 5.32
O3 NAG SA . 26.39 -57.82 5.06
O4 NAG SA . 29.15 -57.02 4.92
O5 NAG SA . 27.39 -54.25 3.37
O6 NAG SA . 29.82 -55.43 2.14
O7 NAG SA . 22.97 -55.73 3.77
C1 NAG SA . 29.53 -58.22 4.22
C2 NAG SA . 31.00 -58.51 4.54
C3 NAG SA . 31.40 -59.87 3.97
C4 NAG SA . 30.41 -60.96 4.35
C5 NAG SA . 29.00 -60.51 3.97
C6 NAG SA . 27.92 -61.50 4.28
C7 NAG SA . 32.71 -56.75 4.75
C8 NAG SA . 33.51 -55.73 3.98
N2 NAG SA . 31.85 -57.49 4.02
O3 NAG SA . 32.70 -60.15 4.44
O4 NAG SA . 30.79 -62.13 3.68
O5 NAG SA . 28.72 -59.31 4.64
O6 NAG SA . 27.92 -61.79 5.67
O7 NAG SA . 32.87 -56.89 5.96
C1 NAG TA . 27.35 -41.85 26.89
C2 NAG TA . 26.25 -41.71 27.95
C3 NAG TA . 26.86 -41.23 29.25
C4 NAG TA . 27.98 -42.20 29.66
C5 NAG TA . 28.97 -42.38 28.50
C6 NAG TA . 30.06 -43.40 28.80
C7 NAG TA . 24.06 -41.23 26.98
C8 NAG TA . 23.12 -40.13 26.55
N2 NAG TA . 25.22 -40.82 27.49
O3 NAG TA . 25.85 -41.16 30.20
O4 NAG TA . 28.62 -41.62 30.78
O5 NAG TA . 28.28 -42.80 27.35
O6 NAG TA . 30.83 -43.60 27.63
O7 NAG TA . 23.77 -42.41 26.86
C1 NAG TA . 28.40 -42.47 31.93
C2 NAG TA . 29.38 -42.03 33.04
C3 NAG TA . 29.12 -42.83 34.31
C4 NAG TA . 27.65 -42.74 34.69
C5 NAG TA . 26.79 -43.18 33.50
C6 NAG TA . 25.30 -43.13 33.75
C7 NAG TA . 31.39 -43.26 32.22
C8 NAG TA . 32.83 -43.05 31.83
N2 NAG TA . 30.75 -42.15 32.61
O3 NAG TA . 29.97 -42.34 35.31
O4 NAG TA . 27.46 -43.58 35.81
O5 NAG TA . 27.08 -42.34 32.40
O6 NAG TA . 24.94 -41.83 34.19
O7 NAG TA . 30.88 -44.38 32.16
C1 BMA TA . 27.05 -42.77 36.94
C2 BMA TA . 26.46 -43.72 37.99
C3 BMA TA . 26.00 -42.91 39.23
C4 BMA TA . 26.69 -41.54 39.41
C5 BMA TA . 28.05 -41.40 38.72
C6 BMA TA . 29.24 -41.79 39.61
O2 BMA TA . 27.43 -44.69 38.29
O3 BMA TA . 26.18 -43.75 40.33
O4 BMA TA . 25.78 -40.58 38.90
O5 BMA TA . 28.16 -42.07 37.47
O6 BMA TA . 29.15 -43.16 39.91
C1 NAG UA . 38.26 -32.19 18.31
C2 NAG UA . 38.75 -30.82 17.86
C3 NAG UA . 40.23 -30.87 17.50
C4 NAG UA . 41.04 -31.50 18.65
C5 NAG UA . 40.39 -32.84 19.01
C6 NAG UA . 41.08 -33.58 20.13
C7 NAG UA . 37.39 -29.18 16.64
C8 NAG UA . 36.67 -28.90 15.34
N2 NAG UA . 38.00 -30.37 16.71
O3 NAG UA . 40.61 -29.56 17.20
O4 NAG UA . 42.36 -31.70 18.23
O5 NAG UA . 39.06 -32.61 19.39
O6 NAG UA . 40.26 -34.64 20.55
O7 NAG UA . 37.40 -28.36 17.54
C1 NAG UA . 43.16 -30.54 18.53
C2 NAG UA . 44.15 -30.85 19.66
C3 NAG UA . 44.89 -29.57 19.99
C4 NAG UA . 45.61 -29.05 18.74
C5 NAG UA . 44.60 -28.93 17.59
C6 NAG UA . 45.23 -28.55 16.26
C7 NAG UA . 44.04 -32.37 21.58
C8 NAG UA . 43.25 -32.77 22.80
N2 NAG UA . 43.52 -31.35 20.85
O3 NAG UA . 45.74 -29.87 21.06
O4 NAG UA . 46.17 -27.78 19.03
O5 NAG UA . 43.92 -30.16 17.41
O6 NAG UA . 44.28 -28.69 15.24
O7 NAG UA . 45.07 -32.95 21.27
C1 BMA UA . 47.49 -27.96 19.57
C2 BMA UA . 48.47 -28.22 18.43
C3 BMA UA . 49.86 -28.52 19.04
C4 BMA UA . 50.10 -27.95 20.45
C5 BMA UA . 49.22 -26.75 20.83
C6 BMA UA . 49.86 -25.39 20.53
O2 BMA UA . 48.47 -27.12 17.57
O3 BMA UA . 50.82 -28.09 18.09
O4 BMA UA . 49.89 -29.02 21.35
O5 BMA UA . 47.90 -26.79 20.28
O6 BMA UA . 49.92 -25.23 19.12
C1 MAN UA . 52.12 -28.55 18.53
C2 MAN UA . 53.11 -27.39 18.38
C3 MAN UA . 54.49 -27.93 17.99
C4 MAN UA . 54.76 -29.27 18.66
C5 MAN UA . 53.71 -30.29 18.22
C6 MAN UA . 53.29 -31.21 19.34
O2 MAN UA . 53.14 -26.73 19.61
O3 MAN UA . 55.44 -26.95 18.36
O4 MAN UA . 56.07 -29.66 18.29
O5 MAN UA . 52.54 -29.63 17.75
O6 MAN UA . 53.65 -30.64 20.57
C1 MAN UA . 49.72 -23.83 18.82
C2 MAN UA . 48.82 -23.74 17.59
C3 MAN UA . 49.53 -24.32 16.37
C4 MAN UA . 50.88 -23.64 16.18
C5 MAN UA . 51.70 -23.71 17.48
C6 MAN UA . 52.97 -22.89 17.38
O2 MAN UA . 48.50 -22.38 17.41
O3 MAN UA . 48.68 -24.14 15.26
O4 MAN UA . 51.53 -24.32 15.12
O5 MAN UA . 50.94 -23.19 18.56
O6 MAN UA . 53.75 -23.13 18.52
C1 NAG VA . 16.83 -46.29 12.83
C2 NAG VA . 15.34 -45.93 12.65
C3 NAG VA . 14.43 -46.95 13.36
C4 NAG VA . 14.83 -48.37 13.03
C5 NAG VA . 16.35 -48.55 13.25
C6 NAG VA . 16.86 -49.93 12.93
C7 NAG VA . 15.08 -43.81 14.11
C8 NAG VA . 15.56 -44.42 15.41
N2 NAG VA . 15.03 -44.55 12.97
O3 NAG VA . 13.11 -46.66 12.98
O4 NAG VA . 14.09 -49.22 13.87
O5 NAG VA . 17.03 -47.62 12.45
O6 NAG VA . 16.63 -50.21 11.57
O7 NAG VA . 14.76 -42.63 14.11
C1 NAG VA . 13.12 -49.93 13.08
C2 NAG VA . 12.89 -51.30 13.72
C3 NAG VA . 11.86 -52.07 12.92
C4 NAG VA . 10.58 -51.25 12.78
C5 NAG VA . 10.92 -49.87 12.21
C6 NAG VA . 9.73 -48.95 12.09
C7 NAG VA . 14.73 -52.31 15.01
C8 NAG VA . 16.01 -53.09 14.89
N2 NAG VA . 14.12 -52.04 13.84
O3 NAG VA . 11.62 -53.30 13.55
O4 NAG VA . 9.71 -51.96 11.95
O5 NAG VA . 11.90 -49.24 13.03
O6 NAG VA . 9.09 -48.85 13.34
O7 NAG VA . 14.30 -51.95 16.10
C1 NAG WA . 23.58 1.22 30.75
C2 NAG WA . 25.04 1.40 30.35
C3 NAG WA . 25.85 1.79 31.58
C4 NAG WA . 25.23 3.04 32.21
C5 NAG WA . 23.74 2.80 32.49
C6 NAG WA . 23.02 4.01 33.04
C7 NAG WA . 25.64 -1.01 30.18
C8 NAG WA . 26.23 -2.01 29.22
N2 NAG WA . 25.56 0.24 29.69
O3 NAG WA . 27.17 2.01 31.18
O4 NAG WA . 25.94 3.30 33.40
O5 NAG WA . 23.10 2.42 31.29
O6 NAG WA . 23.17 5.09 32.15
O7 NAG WA . 25.29 -1.35 31.30
C1 NAG WA . 26.66 4.54 33.21
C2 NAG WA . 26.79 5.22 34.58
C3 NAG WA . 27.62 6.49 34.45
C4 NAG WA . 28.94 6.21 33.73
C5 NAG WA . 28.66 5.47 32.41
C6 NAG WA . 29.90 5.08 31.64
C7 NAG WA . 24.90 4.82 36.11
C8 NAG WA . 23.53 5.31 36.51
N2 NAG WA . 25.49 5.51 35.11
O3 NAG WA . 27.83 6.99 35.74
O4 NAG WA . 29.54 7.46 33.50
O5 NAG WA . 27.94 4.29 32.70
O6 NAG WA . 30.77 4.35 32.48
O7 NAG WA . 25.42 3.87 36.66
C1 BMA WA . 30.87 7.48 34.09
C2 BMA WA . 31.11 8.89 34.63
C3 BMA WA . 32.53 8.98 35.23
C4 BMA WA . 33.15 7.64 35.67
C5 BMA WA . 32.14 6.53 35.97
C6 BMA WA . 31.71 6.47 37.44
O2 BMA WA . 30.11 9.18 35.57
O3 BMA WA . 32.46 9.92 36.27
O4 BMA WA . 34.01 7.25 34.60
O5 BMA WA . 30.98 6.54 35.14
O6 BMA WA . 31.11 7.70 37.79
C1 NAG XA . 22.33 -52.64 -11.97
C2 NAG XA . 22.28 -54.10 -12.45
C3 NAG XA . 23.71 -54.65 -12.54
C4 NAG XA . 24.61 -53.72 -13.33
C5 NAG XA . 24.50 -52.30 -12.78
C6 NAG XA . 25.32 -51.27 -13.53
C7 NAG XA . 20.45 -55.66 -11.95
C8 NAG XA . 19.76 -56.42 -10.84
N2 NAG XA . 21.49 -54.90 -11.56
O3 NAG XA . 23.61 -55.93 -13.11
O4 NAG XA . 25.94 -54.18 -13.19
O5 NAG XA . 23.14 -51.90 -12.83
O6 NAG XA . 24.93 -51.24 -14.88
O7 NAG XA . 20.05 -55.74 -13.10
C1 NAG XA . 26.34 -54.92 -14.36
C2 NAG XA . 27.77 -54.53 -14.74
C3 NAG XA . 28.23 -55.37 -15.93
C4 NAG XA . 28.05 -56.85 -15.63
C5 NAG XA . 26.60 -57.11 -15.22
C6 NAG XA . 26.32 -58.55 -14.84
C7 NAG XA . 28.69 -52.27 -14.43
C8 NAG XA . 28.64 -50.84 -14.92
N2 NAG XA . 27.87 -53.12 -15.06
O3 NAG XA . 29.56 -55.05 -16.19
O4 NAG XA . 28.39 -57.56 -16.80
O5 NAG XA . 26.29 -56.30 -14.10
O6 NAG XA . 27.14 -58.92 -13.75
O7 NAG XA . 29.43 -52.60 -13.52
C1 NAG YA . 37.57 -52.92 13.50
C2 NAG YA . 38.72 -53.36 14.41
C3 NAG YA . 39.79 -54.00 13.52
C4 NAG YA . 39.23 -55.05 12.56
C5 NAG YA . 37.90 -54.60 11.94
C6 NAG YA . 37.16 -55.70 11.20
C7 NAG YA . 39.89 -51.19 14.78
C8 NAG YA . 40.32 -50.24 15.88
N2 NAG YA . 39.24 -52.28 15.21
O3 NAG YA . 40.78 -54.53 14.37
O4 NAG YA . 40.18 -55.18 11.53
O5 NAG YA . 37.04 -54.08 12.92
O6 NAG YA . 35.92 -55.20 10.73
O7 NAG YA . 40.15 -50.94 13.61
C1 NAG YA . 40.98 -56.38 11.66
C2 NAG YA . 42.44 -55.92 11.65
C3 NAG YA . 43.36 -57.13 11.74
C4 NAG YA . 42.99 -57.94 12.98
C5 NAG YA . 41.50 -58.28 12.96
C6 NAG YA . 41.01 -59.05 14.17
C7 NAG YA . 42.81 -53.80 10.47
C8 NAG YA . 43.11 -53.17 9.13
N2 NAG YA . 42.72 -55.14 10.47
O3 NAG YA . 44.68 -56.68 11.78
O4 NAG YA . 43.79 -59.11 12.97
O5 NAG YA . 40.75 -57.08 12.86
O6 NAG YA . 41.56 -60.35 14.15
O7 NAG YA . 42.67 -53.12 11.49
C1 NAG ZA . -37.21 -13.87 -39.54
C2 NAG ZA . -38.17 -15.01 -39.16
C3 NAG ZA . -39.48 -14.48 -38.61
C4 NAG ZA . -39.24 -13.41 -37.55
C5 NAG ZA . -38.35 -12.32 -38.16
C6 NAG ZA . -38.08 -11.16 -37.23
C7 NAG ZA . -37.77 -16.98 -40.60
C8 NAG ZA . -38.23 -17.67 -41.86
N2 NAG ZA . -38.43 -15.84 -40.30
O3 NAG ZA . -40.20 -15.57 -38.09
O4 NAG ZA . -40.51 -12.90 -37.17
O5 NAG ZA . -37.12 -12.92 -38.51
O6 NAG ZA . -37.60 -11.64 -35.99
O7 NAG ZA . -36.85 -17.42 -39.93
C1 NAG AB . -32.84 -5.34 -49.00
C2 NAG AB . -33.95 -4.62 -49.78
C3 NAG AB . -33.59 -3.14 -49.93
C4 NAG AB . -33.28 -2.53 -48.56
C5 NAG AB . -32.21 -3.37 -47.86
C6 NAG AB . -31.85 -2.88 -46.48
C7 NAG AB . -35.23 -5.96 -51.40
C8 NAG AB . -35.21 -6.50 -52.81
N2 NAG AB . -34.15 -5.22 -51.07
O3 NAG AB . -34.66 -2.50 -50.57
O4 NAG AB . -32.86 -1.21 -48.79
O5 NAG AB . -32.66 -4.71 -47.76
O6 NAG AB . -32.99 -2.88 -45.67
O7 NAG AB . -36.15 -6.19 -50.63
C1 NAG BB . -20.01 -4.41 -54.13
C2 NAG BB . -20.00 -4.09 -55.63
C3 NAG BB . -19.99 -2.58 -55.82
C4 NAG BB . -21.12 -1.93 -55.05
C5 NAG BB . -21.06 -2.37 -53.59
C6 NAG BB . -22.18 -1.81 -52.73
C7 NAG BB . -18.96 -5.71 -57.16
C8 NAG BB . -17.64 -6.18 -57.73
N2 NAG BB . -18.88 -4.69 -56.30
O3 NAG BB . -20.07 -2.31 -57.20
O4 NAG BB . -20.96 -0.53 -55.17
O5 NAG BB . -21.12 -3.78 -53.53
O6 NAG BB . -23.41 -2.09 -53.33
O7 NAG BB . -20.01 -6.24 -57.48
C1 NAG CB . -28.31 -2.13 -35.07
C2 NAG CB . -28.63 -1.51 -36.44
C3 NAG CB . -28.37 -0.02 -36.43
C4 NAG CB . -29.06 0.66 -35.26
C5 NAG CB . -28.66 -0.06 -33.97
C6 NAG CB . -29.31 0.50 -32.72
C7 NAG CB . -28.37 -2.92 -38.45
C8 NAG CB . -27.38 -3.46 -39.44
N2 NAG CB . -27.86 -2.14 -37.49
O3 NAG CB . -28.79 0.50 -37.66
O4 NAG CB . -28.68 2.00 -35.25
O5 NAG CB . -29.00 -1.43 -34.07
O6 NAG CB . -28.97 -0.29 -31.61
O7 NAG CB . -29.56 -3.18 -38.54
C1 NAG DB . -7.06 -5.92 -53.28
C2 NAG DB . -6.91 -7.44 -53.43
C3 NAG DB . -6.33 -7.77 -54.79
C4 NAG DB . -7.17 -7.13 -55.89
C5 NAG DB . -7.28 -5.63 -55.63
C6 NAG DB . -8.12 -4.89 -56.64
C7 NAG DB . -6.55 -8.80 -51.41
C8 NAG DB . -5.53 -9.29 -50.42
N2 NAG DB . -6.08 -8.00 -52.39
O3 NAG DB . -6.28 -9.17 -54.91
O4 NAG DB . -6.52 -7.40 -57.12
O5 NAG DB . -7.83 -5.42 -54.35
O6 NAG DB . -9.39 -5.50 -56.72
O7 NAG DB . -7.73 -9.11 -51.32
C1 NAG EB . 40.33 28.39 0.72
C2 NAG EB . 39.61 29.67 0.25
C3 NAG EB . 40.59 30.82 0.06
C4 NAG EB . 41.46 30.98 1.30
C5 NAG EB . 42.15 29.64 1.59
C6 NAG EB . 43.07 29.68 2.79
C7 NAG EB . 37.57 29.36 -1.12
C8 NAG EB . 36.78 29.55 0.14
N2 NAG EB . 38.91 29.42 -0.99
O3 NAG EB . 39.85 31.98 -0.21
O4 NAG EB . 42.40 32.00 1.03
O5 NAG EB . 41.15 28.68 1.83
O6 NAG EB . 42.33 30.01 3.94
O7 NAG EB . 37.02 29.14 -2.19
C1 NAG FB . 41.01 9.18 -10.52
C2 NAG FB . 41.64 8.60 -11.80
C3 NAG FB . 42.33 7.27 -11.51
C4 NAG FB . 43.29 7.40 -10.34
C5 NAG FB . 42.51 7.96 -9.14
C6 NAG FB . 43.33 8.10 -7.88
C7 NAG FB . 40.60 9.08 -13.98
C8 NAG FB . 39.44 8.73 -14.87
N2 NAG FB . 40.63 8.42 -12.80
O3 NAG FB . 42.99 6.88 -12.68
O4 NAG FB . 43.81 6.13 -10.07
O5 NAG FB . 41.99 9.23 -9.49
O6 NAG FB . 42.52 8.62 -6.84
O7 NAG FB . 41.44 9.90 -14.30
C1 NAG GB . -3.29 35.39 -43.93
C2 NAG GB . -4.44 34.63 -44.61
C3 NAG GB . -4.43 34.94 -46.10
C4 NAG GB . -4.45 36.44 -46.34
C5 NAG GB . -3.32 37.09 -45.56
C6 NAG GB . -3.27 38.60 -45.70
C7 NAG GB . -5.15 32.50 -43.62
C8 NAG GB . -4.82 31.02 -43.52
N2 NAG GB . -4.31 33.21 -44.38
O3 NAG GB . -5.54 34.29 -46.68
O4 NAG GB . -4.33 36.64 -47.73
O5 NAG GB . -3.45 36.77 -44.20
O6 NAG GB . -2.20 39.10 -44.93
O7 NAG GB . -6.11 32.98 -43.05
C1 NAG HB . 20.09 34.21 -26.15
C2 NAG HB . 21.46 34.29 -25.48
C3 NAG HB . 21.68 35.68 -24.89
C4 NAG HB . 21.46 36.74 -25.96
C5 NAG HB . 20.07 36.53 -26.59
C6 NAG HB . 19.76 37.52 -27.69
C7 NAG HB . 22.41 32.20 -24.57
C8 NAG HB . 22.37 31.27 -23.38
N2 NAG HB . 21.60 33.27 -24.47
O3 NAG HB . 22.98 35.73 -24.36
O4 NAG HB . 21.56 38.00 -25.33
O5 NAG HB . 20.00 35.23 -27.13
O6 NAG HB . 20.76 37.45 -28.68
O7 NAG HB . 23.11 31.97 -25.53
C1 NAG IB . -36.38 -54.33 -7.56
C2 NAG IB . -37.61 -55.23 -7.44
C3 NAG IB . -38.20 -55.15 -6.04
C4 NAG IB . -37.12 -55.40 -4.99
C5 NAG IB . -35.95 -54.45 -5.24
C6 NAG IB . -34.81 -54.61 -4.25
C7 NAG IB . -38.88 -55.57 -9.54
C8 NAG IB . -38.10 -56.84 -9.73
N2 NAG IB . -38.59 -54.86 -8.43
O3 NAG IB . -39.24 -56.08 -5.95
O4 NAG IB . -37.71 -55.20 -3.73
O5 NAG IB . -35.46 -54.66 -6.54
O6 NAG IB . -33.77 -53.72 -4.59
O7 NAG IB . -39.72 -55.22 -10.36
C1 NAG JB . -43.95 -41.89 -7.74
C2 NAG JB . -45.44 -42.30 -7.84
C3 NAG JB . -46.06 -42.20 -6.45
C4 NAG JB . -45.25 -43.01 -5.43
C5 NAG JB . -43.77 -42.60 -5.51
C6 NAG JB . -42.86 -43.37 -4.60
C7 NAG JB . -46.69 -41.94 -9.92
C8 NAG JB . -47.39 -40.90 -10.77
N2 NAG JB . -46.14 -41.48 -8.78
O3 NAG JB . -47.38 -42.66 -6.53
O4 NAG JB . -45.79 -42.74 -4.16
O5 NAG JB . -43.33 -42.78 -6.85
O6 NAG JB . -42.93 -44.75 -4.90
O7 NAG JB . -46.63 -43.11 -10.26
C1 NAG KB . -24.07 -47.60 -1.19
C2 NAG KB . -25.44 -48.19 -0.86
C3 NAG KB . -25.80 -47.89 0.59
C4 NAG KB . -24.67 -48.37 1.51
C5 NAG KB . -23.35 -47.77 1.06
C6 NAG KB . -22.16 -48.22 1.87
C7 NAG KB . -27.12 -48.41 -2.65
C8 NAG KB . -28.16 -47.67 -3.45
N2 NAG KB . -26.47 -47.68 -1.73
O3 NAG KB . -27.02 -48.50 0.88
O4 NAG KB . -25.00 -47.97 2.82
O5 NAG KB . -23.12 -48.12 -0.29
O6 NAG KB . -20.97 -47.86 1.21
O7 NAG KB . -26.90 -49.60 -2.84
C1 NAG LB . -3.69 21.35 30.21
C2 NAG LB . -2.20 21.55 30.48
C3 NAG LB . -1.92 22.04 31.91
C4 NAG LB . -2.84 23.19 32.27
C5 NAG LB . -4.28 22.71 32.07
C6 NAG LB . -5.31 23.71 32.53
C7 NAG LB . -0.23 20.20 29.83
C8 NAG LB . 0.28 18.79 29.76
N2 NAG LB . -1.48 20.32 30.31
O3 NAG LB . -0.56 22.40 31.99
O4 NAG LB . -2.58 23.52 33.63
O5 NAG LB . -4.44 22.45 30.69
O6 NAG LB . -5.00 24.98 32.04
O7 NAG LB . 0.45 21.14 29.48
C1 NAG MB . -46.11 -25.69 32.46
C2 NAG MB . -46.11 -27.01 31.69
C3 NAG MB . -47.55 -27.47 31.44
C4 NAG MB . -48.34 -27.49 32.75
C5 NAG MB . -48.21 -26.13 33.44
C6 NAG MB . -48.93 -26.04 34.76
C7 NAG MB . -44.15 -27.35 30.25
C8 NAG MB . -43.59 -27.11 28.87
N2 NAG MB . -45.40 -26.89 30.46
O3 NAG MB . -47.51 -28.74 30.84
O4 NAG MB . -49.68 -27.78 32.42
O5 NAG MB . -46.85 -25.85 33.66
O6 NAG MB . -48.69 -24.78 35.36
O7 NAG MB . -43.50 -27.94 31.11
C1 NAG NB . -33.79 0.86 35.53
C2 NAG NB . -33.27 2.28 35.77
C3 NAG NB . -33.17 2.54 37.27
C4 NAG NB . -34.51 2.24 37.95
C5 NAG NB . -34.97 0.83 37.57
C6 NAG NB . -36.32 0.46 38.15
C7 NAG NB . -31.80 3.26 34.05
C8 NAG NB . -30.39 3.31 33.54
N2 NAG NB . -32.00 2.47 35.13
O3 NAG NB . -32.78 3.88 37.45
O4 NAG NB . -34.31 2.37 39.33
O5 NAG NB . -35.04 0.73 36.16
O6 NAG NB . -37.29 1.40 37.75
O7 NAG NB . -32.70 3.91 33.52
C1 NAG OB . 8.50 -37.64 -49.79
C2 NAG OB . 7.48 -36.88 -50.66
C3 NAG OB . 8.16 -36.13 -51.80
C4 NAG OB . 9.31 -35.28 -51.26
C5 NAG OB . 10.25 -36.18 -50.45
C6 NAG OB . 11.45 -35.45 -49.88
C7 NAG OB . 5.22 -37.89 -50.72
C8 NAG OB . 4.38 -38.92 -51.42
N2 NAG OB . 6.49 -37.79 -51.18
O3 NAG OB . 7.19 -35.35 -52.44
O4 NAG OB . 9.96 -34.70 -52.36
O5 NAG OB . 9.53 -36.76 -49.39
O6 NAG OB . 11.01 -34.36 -49.11
O7 NAG OB . 4.79 -37.22 -49.80
C1 NAG PB . 15.85 -47.96 -45.68
C2 NAG PB . 16.37 -49.38 -45.46
C3 NAG PB . 17.81 -49.32 -44.97
C4 NAG PB . 18.67 -48.45 -45.89
C5 NAG PB . 18.00 -47.09 -46.06
C6 NAG PB . 18.75 -46.14 -46.98
C7 NAG PB . 14.79 -51.17 -44.82
C8 NAG PB . 14.03 -51.74 -43.65
N2 NAG PB . 15.56 -50.10 -44.52
O3 NAG PB . 18.30 -50.64 -44.89
O4 NAG PB . 19.94 -48.34 -45.30
O5 NAG PB . 16.70 -47.27 -46.57
O6 NAG PB . 18.86 -46.73 -48.25
O7 NAG PB . 14.69 -51.63 -45.94
C1 NAG QB . 13.92 -56.97 -34.05
C2 NAG QB . 14.00 -58.41 -34.56
C3 NAG QB . 15.40 -58.96 -34.37
C4 NAG QB . 16.43 -58.02 -35.01
C5 NAG QB . 16.22 -56.60 -34.45
C6 NAG QB . 17.17 -55.59 -35.05
C7 NAG QB . 11.89 -59.69 -34.47
C8 NAG QB . 11.68 -59.28 -35.91
N2 NAG QB . 13.03 -59.24 -33.90
O3 NAG QB . 15.46 -60.25 -34.94
O4 NAG QB . 17.71 -58.53 -34.71
O5 NAG QB . 14.89 -56.19 -34.70
O6 NAG QB . 17.08 -55.63 -36.46
O7 NAG QB . 11.08 -60.39 -33.88
C1 NAG RB . 17.93 -35.95 -37.74
C2 NAG RB . 18.63 -37.19 -38.31
C3 NAG RB . 20.01 -37.36 -37.68
C4 NAG RB . 20.81 -36.07 -37.79
C5 NAG RB . 19.98 -34.92 -37.20
C6 NAG RB . 20.68 -33.57 -37.25
C7 NAG RB . 17.21 -39.05 -39.09
C8 NAG RB . 16.43 -40.25 -38.62
N2 NAG RB . 17.83 -38.37 -38.10
O3 NAG RB . 20.64 -38.43 -38.33
O4 NAG RB . 22.02 -36.26 -37.09
O5 NAG RB . 18.77 -34.82 -37.90
O6 NAG RB . 19.77 -32.56 -36.88
O7 NAG RB . 17.26 -38.74 -40.26
C1 NAG SB . 9.85 -57.88 -22.03
C2 NAG SB . 8.36 -58.17 -22.28
C3 NAG SB . 8.10 -59.68 -22.16
C4 NAG SB . 9.06 -60.45 -23.05
C5 NAG SB . 10.49 -60.06 -22.69
C6 NAG SB . 11.55 -60.77 -23.51
C7 NAG SB . 6.62 -56.53 -21.71
C8 NAG SB . 5.85 -55.91 -20.57
N2 NAG SB . 7.53 -57.46 -21.36
O3 NAG SB . 6.76 -59.90 -22.51
O4 NAG SB . 8.82 -61.83 -22.81
O5 NAG SB . 10.64 -58.67 -22.89
O6 NAG SB . 11.37 -60.48 -24.87
O7 NAG SB . 6.42 -56.20 -22.87
C1 NAG TB . 14.99 -28.04 36.53
C2 NAG TB . 14.19 -29.35 36.47
C3 NAG TB . 12.74 -29.10 36.89
C4 NAG TB . 12.70 -28.40 38.23
C5 NAG TB . 13.55 -27.13 38.17
C6 NAG TB . 13.56 -26.34 39.46
C7 NAG TB . 14.65 -31.16 34.87
C8 NAG TB . 14.60 -31.54 33.41
N2 NAG TB . 14.22 -29.92 35.15
O3 NAG TB . 12.08 -30.34 36.91
O4 NAG TB . 11.35 -28.12 38.52
O5 NAG TB . 14.87 -27.48 37.82
O6 NAG TB . 14.39 -25.21 39.33
O7 NAG TB . 15.06 -31.93 35.72
C1 NAG UB . 49.40 -51.93 -8.39
C2 NAG UB . 48.88 -52.25 -9.80
C3 NAG UB . 49.19 -53.71 -10.14
C4 NAG UB . 50.68 -53.98 -9.94
C5 NAG UB . 51.10 -53.55 -8.53
C6 NAG UB . 52.57 -53.75 -8.24
C7 NAG UB . 46.92 -50.99 -10.62
C8 NAG UB . 45.42 -50.93 -10.59
N2 NAG UB . 47.47 -52.00 -9.91
O3 NAG UB . 48.79 -53.93 -11.46
O4 NAG UB . 50.87 -55.36 -10.14
O5 NAG UB . 50.78 -52.19 -8.34
O6 NAG UB . 52.88 -53.21 -6.98
O7 NAG UB . 47.58 -50.19 -11.26
C1 NAG VB . 15.71 -35.07 32.34
C2 NAG VB . 15.35 -36.41 31.68
C3 NAG VB . 14.32 -37.15 32.52
C4 NAG VB . 14.80 -37.27 33.97
C5 NAG VB . 15.16 -35.88 34.49
C6 NAG VB . 15.67 -35.88 35.91
C7 NAG VB . 15.36 -36.70 29.22
C8 NAG VB . 16.61 -37.54 29.39
N2 NAG VB . 14.83 -36.21 30.34
O3 NAG VB . 14.09 -38.40 31.93
O4 NAG VB . 13.76 -37.85 34.71
O5 NAG VB . 16.16 -35.32 33.66
O6 NAG VB . 16.73 -36.80 36.03
O7 NAG VB . 14.89 -36.51 28.12
C1 NAG WB . 43.30 -39.61 17.76
C2 NAG WB . 43.15 -39.73 19.28
C3 NAG WB . 44.40 -39.21 19.99
C4 NAG WB . 45.66 -39.82 19.40
C5 NAG WB . 45.65 -39.61 17.88
C6 NAG WB . 46.87 -40.15 17.18
C7 NAG WB . 40.83 -39.60 20.13
C8 NAG WB . 40.80 -41.10 20.07
N2 NAG WB . 41.98 -39.02 19.74
O3 NAG WB . 44.27 -39.51 21.36
O4 NAG WB . 46.76 -39.19 20.02
O5 NAG WB . 44.50 -40.23 17.36
O6 NAG WB . 46.78 -39.86 15.80
O7 NAG WB . 39.87 -38.95 20.50
#